data_6RFM
#
_entry.id   6RFM
#
_entity_poly.entity_id   1
_entity_poly.type   'polypeptide(L)'
_entity_poly.pdbx_seq_one_letter_code
;GSRSFSLGEVSDMAAVEAAELEMTRQVLHAGARQDDAEPGVSGASAHWGQRALQGAQAVAAAQRLVHAIALMTQFGRAGS
;
_entity_poly.pdbx_strand_id   A
#
# COMPACT_ATOMS: atom_id res chain seq x y z
N GLY A 1 -69.56 -34.22 -5.72
CA GLY A 1 -70.99 -33.76 -5.69
C GLY A 1 -71.08 -32.26 -5.56
N SER A 2 -69.88 -31.67 -5.49
CA SER A 2 -69.68 -30.23 -5.33
C SER A 2 -69.89 -29.49 -6.64
N ARG A 3 -70.09 -30.25 -7.72
CA ARG A 3 -70.23 -29.71 -9.09
C ARG A 3 -68.94 -28.99 -9.49
N SER A 4 -67.82 -29.64 -9.19
CA SER A 4 -66.45 -29.16 -9.46
C SER A 4 -66.06 -28.12 -8.40
N PHE A 5 -65.02 -27.35 -8.70
CA PHE A 5 -64.54 -26.30 -7.80
C PHE A 5 -65.40 -25.05 -7.98
N SER A 6 -65.38 -24.19 -6.98
CA SER A 6 -66.08 -22.92 -7.05
C SER A 6 -65.12 -21.92 -7.65
N LEU A 7 -65.67 -20.99 -8.41
CA LEU A 7 -64.87 -20.02 -9.12
C LEU A 7 -64.23 -19.02 -8.16
N GLY A 8 -64.81 -18.90 -6.97
CA GLY A 8 -64.22 -18.03 -5.95
C GLY A 8 -62.94 -18.62 -5.41
N GLU A 9 -62.85 -19.94 -5.36
CA GLU A 9 -61.64 -20.61 -4.86
C GLU A 9 -60.53 -20.38 -5.87
N VAL A 10 -60.87 -20.43 -7.14
CA VAL A 10 -59.90 -20.20 -8.21
C VAL A 10 -59.43 -18.75 -8.19
N SER A 11 -60.32 -17.84 -7.83
CA SER A 11 -59.98 -16.43 -7.78
C SER A 11 -58.95 -16.15 -6.68
N ASP A 12 -59.11 -16.81 -5.55
CA ASP A 12 -58.17 -16.64 -4.44
C ASP A 12 -56.87 -17.36 -4.76
N MET A 13 -56.99 -18.50 -5.43
CA MET A 13 -55.83 -19.30 -5.81
C MET A 13 -54.94 -18.52 -6.77
N ALA A 14 -55.56 -17.74 -7.65
CA ALA A 14 -54.83 -16.93 -8.61
C ALA A 14 -54.01 -15.85 -7.90
N ALA A 15 -54.49 -15.38 -6.75
CA ALA A 15 -53.77 -14.39 -5.97
C ALA A 15 -52.51 -15.04 -5.38
N VAL A 16 -52.64 -16.28 -4.94
CA VAL A 16 -51.51 -17.04 -4.39
C VAL A 16 -50.50 -17.30 -5.50
N GLU A 17 -50.97 -17.69 -6.67
CA GLU A 17 -50.09 -17.95 -7.82
C GLU A 17 -49.27 -16.70 -8.13
N ALA A 18 -49.92 -15.55 -8.17
CA ALA A 18 -49.24 -14.30 -8.47
C ALA A 18 -48.21 -13.95 -7.37
N ALA A 19 -48.59 -14.21 -6.12
CA ALA A 19 -47.72 -13.92 -4.99
C ALA A 19 -46.47 -14.81 -5.04
N GLU A 20 -46.65 -16.10 -5.30
CA GLU A 20 -45.52 -17.02 -5.35
C GLU A 20 -44.58 -16.65 -6.47
N LEU A 21 -45.15 -16.29 -7.60
CA LEU A 21 -44.35 -15.87 -8.75
C LEU A 21 -43.46 -14.68 -8.40
N GLU A 22 -43.98 -13.70 -7.67
CA GLU A 22 -43.12 -12.60 -7.24
C GLU A 22 -42.19 -12.97 -6.08
N MET A 23 -42.63 -13.85 -5.19
CA MET A 23 -41.80 -14.31 -4.07
C MET A 23 -40.56 -15.02 -4.59
N THR A 24 -40.73 -15.74 -5.70
CA THR A 24 -39.63 -16.44 -6.34
C THR A 24 -38.51 -15.48 -6.71
N ARG A 25 -38.87 -14.25 -7.08
CA ARG A 25 -37.86 -13.25 -7.45
C ARG A 25 -37.05 -12.89 -6.22
N GLN A 26 -37.76 -12.72 -5.11
CA GLN A 26 -37.11 -12.31 -3.86
C GLN A 26 -36.11 -13.36 -3.38
N VAL A 27 -36.51 -14.63 -3.41
CA VAL A 27 -35.63 -15.69 -2.93
C VAL A 27 -34.42 -15.89 -3.82
N LEU A 28 -34.58 -15.70 -5.12
CA LEU A 28 -33.46 -15.81 -6.05
C LEU A 28 -32.45 -14.69 -5.81
N HIS A 29 -32.93 -13.49 -5.52
CA HIS A 29 -32.03 -12.38 -5.22
C HIS A 29 -31.41 -12.49 -3.83
N ALA A 30 -31.93 -13.41 -3.02
CA ALA A 30 -31.41 -13.69 -1.69
C ALA A 30 -30.56 -14.97 -1.74
N GLY A 31 -30.37 -15.49 -2.94
CA GLY A 31 -29.59 -16.71 -3.14
C GLY A 31 -28.11 -16.38 -3.29
N ALA A 32 -27.28 -17.41 -3.21
CA ALA A 32 -25.83 -17.32 -3.30
C ALA A 32 -25.24 -16.62 -2.09
N ARG A 33 -23.97 -16.87 -1.90
CA ARG A 33 -23.18 -16.26 -0.82
C ARG A 33 -21.90 -15.73 -1.40
N GLN A 34 -21.30 -14.79 -0.70
CA GLN A 34 -20.06 -14.15 -1.12
C GLN A 34 -18.82 -14.96 -0.78
N ASP A 35 -19.06 -16.19 -0.40
CA ASP A 35 -18.00 -17.10 0.05
C ASP A 35 -17.10 -17.48 -1.11
N ASP A 36 -17.69 -17.57 -2.29
CA ASP A 36 -16.99 -17.96 -3.52
C ASP A 36 -17.01 -16.81 -4.53
N ALA A 37 -17.10 -15.58 -4.02
CA ALA A 37 -17.28 -14.41 -4.88
C ALA A 37 -16.07 -13.45 -4.88
N GLU A 38 -14.88 -14.00 -5.02
CA GLU A 38 -13.69 -13.17 -5.10
C GLU A 38 -13.69 -12.34 -6.40
N PRO A 39 -13.24 -11.08 -6.33
CA PRO A 39 -13.24 -10.27 -7.56
C PRO A 39 -12.08 -10.63 -8.48
N GLY A 40 -12.21 -10.24 -9.74
CA GLY A 40 -11.17 -10.54 -10.73
C GLY A 40 -11.15 -9.61 -11.91
N VAL A 41 -12.32 -9.20 -12.36
CA VAL A 41 -12.42 -8.28 -13.50
C VAL A 41 -11.77 -6.94 -13.16
N SER A 42 -10.84 -6.51 -14.00
CA SER A 42 -10.17 -5.22 -13.84
C SER A 42 -9.78 -4.72 -15.22
N GLY A 43 -9.70 -3.41 -15.39
CA GLY A 43 -9.32 -2.85 -16.69
C GLY A 43 -8.93 -1.39 -16.62
N ALA A 44 -8.36 -0.96 -15.49
CA ALA A 44 -7.97 0.43 -15.32
C ALA A 44 -6.63 0.52 -14.60
N SER A 45 -5.71 1.30 -15.14
CA SER A 45 -4.40 1.48 -14.53
C SER A 45 -4.46 2.59 -13.49
N ALA A 46 -4.08 2.28 -12.26
CA ALA A 46 -4.04 3.29 -11.21
C ALA A 46 -3.04 4.35 -11.60
N HIS A 47 -3.46 5.60 -11.54
CA HIS A 47 -2.59 6.72 -11.85
C HIS A 47 -2.19 7.44 -10.57
N TRP A 48 -3.13 8.15 -9.96
CA TRP A 48 -2.88 8.85 -8.70
C TRP A 48 -2.51 7.87 -7.59
N GLY A 49 -3.00 6.64 -7.72
CA GLY A 49 -2.68 5.59 -6.77
C GLY A 49 -1.19 5.31 -6.70
N GLN A 50 -0.49 5.45 -7.83
CA GLN A 50 0.95 5.22 -7.83
C GLN A 50 1.65 6.24 -6.97
N ARG A 51 1.19 7.48 -7.00
CA ARG A 51 1.84 8.53 -6.22
C ARG A 51 1.64 8.25 -4.74
N ALA A 52 0.49 7.70 -4.40
CA ALA A 52 0.21 7.33 -3.02
C ALA A 52 1.13 6.20 -2.59
N LEU A 53 1.30 5.19 -3.44
CA LEU A 53 2.17 4.07 -3.12
C LEU A 53 3.63 4.52 -3.01
N GLN A 54 4.07 5.45 -3.85
CA GLN A 54 5.43 5.97 -3.73
C GLN A 54 5.66 6.61 -2.36
N GLY A 55 4.63 7.22 -1.82
CA GLY A 55 4.70 7.78 -0.48
C GLY A 55 4.81 6.63 0.49
N ALA A 56 3.95 5.64 0.35
CA ALA A 56 3.95 4.46 1.21
C ALA A 56 5.33 3.79 1.27
N GLN A 57 6.03 3.74 0.16
CA GLN A 57 7.36 3.14 0.12
C GLN A 57 8.38 3.98 0.89
N ALA A 58 8.32 5.30 0.73
CA ALA A 58 9.25 6.20 1.39
C ALA A 58 9.04 6.16 2.91
N VAL A 59 7.79 6.21 3.33
CA VAL A 59 7.45 6.19 4.75
C VAL A 59 7.75 4.84 5.36
N ALA A 60 7.71 3.78 4.55
CA ALA A 60 7.97 2.42 5.04
C ALA A 60 9.33 2.31 5.75
N ALA A 61 10.30 3.10 5.34
CA ALA A 61 11.60 3.08 6.01
C ALA A 61 11.46 3.58 7.46
N ALA A 62 10.62 4.58 7.66
CA ALA A 62 10.35 5.09 9.00
C ALA A 62 9.49 4.08 9.78
N GLN A 63 8.56 3.42 9.09
CA GLN A 63 7.68 2.45 9.73
C GLN A 63 8.43 1.24 10.25
N ARG A 64 9.30 0.67 9.43
CA ARG A 64 10.09 -0.50 9.86
C ARG A 64 10.98 -0.10 11.02
N LEU A 65 11.36 1.16 11.07
CA LEU A 65 12.16 1.70 12.16
C LEU A 65 11.32 1.84 13.44
N VAL A 66 10.16 2.48 13.38
CA VAL A 66 9.37 2.72 14.60
C VAL A 66 8.94 1.39 15.18
N HIS A 67 8.65 0.43 14.30
CA HIS A 67 8.26 -0.89 14.71
C HIS A 67 9.38 -1.55 15.49
N ALA A 68 10.62 -1.30 15.12
CA ALA A 68 11.76 -1.90 15.81
C ALA A 68 11.75 -1.50 17.29
N ILE A 69 11.49 -0.23 17.57
CA ILE A 69 11.48 0.23 18.96
C ILE A 69 10.23 -0.29 19.66
N ALA A 70 9.14 -0.42 18.93
CA ALA A 70 7.89 -0.93 19.49
C ALA A 70 8.12 -2.35 20.04
N LEU A 71 9.06 -3.07 19.45
CA LEU A 71 9.39 -4.41 19.93
C LEU A 71 10.22 -4.31 21.19
N MET A 72 11.17 -3.41 21.18
CA MET A 72 12.04 -3.23 22.34
C MET A 72 11.27 -2.78 23.55
N THR A 73 10.17 -2.10 23.31
CA THR A 73 9.40 -1.57 24.41
C THR A 73 8.47 -2.63 24.97
N GLN A 74 7.97 -3.52 24.13
CA GLN A 74 7.14 -4.62 24.63
C GLN A 74 8.03 -5.72 25.22
N PHE A 75 9.28 -5.84 24.77
CA PHE A 75 10.21 -6.78 25.35
C PHE A 75 10.81 -6.22 26.62
N GLY A 76 10.63 -4.92 26.84
CA GLY A 76 11.16 -4.27 28.01
C GLY A 76 12.67 -4.32 28.04
N ARG A 77 13.28 -4.41 26.86
CA ARG A 77 14.73 -4.60 26.65
C ARG A 77 15.36 -5.65 27.57
N ALA A 78 14.56 -6.66 27.91
CA ALA A 78 15.00 -7.77 28.74
C ALA A 78 15.55 -8.88 27.83
N GLY A 79 15.98 -9.98 28.43
CA GLY A 79 16.50 -11.11 27.66
C GLY A 79 17.59 -11.85 28.41
N SER A 80 18.47 -11.08 29.06
CA SER A 80 19.55 -11.65 29.86
C SER A 80 19.03 -12.36 31.10
N GLY A 1 16.83 -15.65 -18.06
CA GLY A 1 16.32 -14.26 -18.12
C GLY A 1 14.81 -14.16 -17.89
N SER A 2 14.37 -13.00 -17.42
CA SER A 2 12.97 -12.74 -17.07
C SER A 2 12.00 -12.57 -18.25
N ARG A 3 12.15 -13.38 -19.30
CA ARG A 3 11.30 -13.32 -20.52
C ARG A 3 11.20 -11.89 -21.06
N SER A 4 12.35 -11.30 -21.36
CA SER A 4 12.41 -9.91 -21.81
C SER A 4 11.63 -9.57 -23.07
N PHE A 5 11.58 -10.46 -24.06
CA PHE A 5 10.90 -10.16 -25.31
C PHE A 5 10.57 -11.40 -26.16
N SER A 6 9.34 -11.46 -26.65
CA SER A 6 8.90 -12.54 -27.55
C SER A 6 8.00 -11.89 -28.58
N LEU A 7 8.36 -12.05 -29.84
CA LEU A 7 7.68 -11.34 -30.93
C LEU A 7 6.19 -11.64 -31.06
N GLY A 8 5.80 -12.89 -30.86
CA GLY A 8 4.39 -13.23 -30.96
C GLY A 8 3.60 -12.66 -29.81
N GLU A 9 4.15 -12.80 -28.61
CA GLU A 9 3.48 -12.32 -27.40
C GLU A 9 3.32 -10.80 -27.44
N VAL A 10 4.33 -10.11 -27.95
CA VAL A 10 4.27 -8.65 -28.09
C VAL A 10 3.21 -8.25 -29.12
N SER A 11 3.02 -9.04 -30.16
CA SER A 11 2.00 -8.75 -31.16
C SER A 11 0.61 -8.90 -30.55
N ASP A 12 0.45 -9.93 -29.73
CA ASP A 12 -0.83 -10.19 -29.06
C ASP A 12 -1.06 -9.13 -27.98
N MET A 13 0.02 -8.66 -27.39
CA MET A 13 -0.06 -7.61 -26.37
C MET A 13 -0.61 -6.32 -26.95
N ALA A 14 -0.18 -5.99 -28.16
CA ALA A 14 -0.65 -4.77 -28.79
C ALA A 14 -2.14 -4.92 -29.16
N ALA A 15 -2.54 -6.13 -29.50
CA ALA A 15 -3.93 -6.40 -29.86
C ALA A 15 -4.85 -6.33 -28.63
N VAL A 16 -4.43 -6.94 -27.53
CA VAL A 16 -5.25 -6.95 -26.32
C VAL A 16 -5.36 -5.56 -25.71
N GLU A 17 -4.34 -4.76 -25.87
CA GLU A 17 -4.40 -3.36 -25.39
C GLU A 17 -5.59 -2.65 -26.02
N ALA A 18 -5.80 -2.85 -27.32
CA ALA A 18 -6.93 -2.24 -28.01
C ALA A 18 -8.25 -2.85 -27.54
N ALA A 19 -8.25 -4.16 -27.27
CA ALA A 19 -9.45 -4.85 -26.81
C ALA A 19 -9.87 -4.33 -25.43
N GLU A 20 -8.92 -4.15 -24.53
CA GLU A 20 -9.20 -3.65 -23.19
C GLU A 20 -9.81 -2.27 -23.30
N LEU A 21 -9.22 -1.43 -24.12
CA LEU A 21 -9.70 -0.08 -24.31
C LEU A 21 -11.15 -0.06 -24.80
N GLU A 22 -11.51 -0.89 -25.77
CA GLU A 22 -12.90 -0.90 -26.23
C GLU A 22 -13.84 -1.58 -25.23
N MET A 23 -13.38 -2.60 -24.52
CA MET A 23 -14.21 -3.27 -23.51
C MET A 23 -14.51 -2.34 -22.35
N THR A 24 -13.55 -1.48 -22.03
CA THR A 24 -13.74 -0.49 -20.96
C THR A 24 -14.96 0.37 -21.28
N ARG A 25 -15.17 0.67 -22.56
CA ARG A 25 -16.33 1.48 -22.94
C ARG A 25 -17.62 0.74 -22.65
N GLN A 26 -17.62 -0.54 -22.91
CA GLN A 26 -18.83 -1.35 -22.72
C GLN A 26 -19.18 -1.49 -21.24
N VAL A 27 -18.20 -1.74 -20.40
CA VAL A 27 -18.46 -1.95 -18.97
C VAL A 27 -18.92 -0.69 -18.27
N LEU A 28 -18.43 0.45 -18.71
CA LEU A 28 -18.84 1.74 -18.15
C LEU A 28 -20.29 2.07 -18.50
N HIS A 29 -20.82 1.43 -19.53
CA HIS A 29 -22.20 1.63 -19.93
C HIS A 29 -23.11 0.52 -19.36
N ALA A 30 -22.51 -0.47 -18.74
CA ALA A 30 -23.24 -1.63 -18.24
C ALA A 30 -23.79 -1.44 -16.81
N GLY A 31 -25.04 -1.85 -16.62
CA GLY A 31 -25.65 -1.80 -15.30
C GLY A 31 -25.41 -3.09 -14.56
N ALA A 32 -24.22 -3.28 -13.99
CA ALA A 32 -23.85 -4.48 -13.31
C ALA A 32 -22.99 -4.07 -12.13
N ARG A 33 -22.64 -5.05 -11.31
CA ARG A 33 -21.77 -4.84 -10.15
C ARG A 33 -20.34 -4.89 -10.66
N GLN A 34 -19.43 -4.30 -9.90
CA GLN A 34 -18.02 -4.25 -10.25
C GLN A 34 -17.19 -4.79 -9.08
N ASP A 35 -17.63 -5.91 -8.52
CA ASP A 35 -16.91 -6.53 -7.40
C ASP A 35 -15.61 -7.14 -7.95
N ASP A 36 -15.67 -7.60 -9.18
CA ASP A 36 -14.53 -8.22 -9.87
C ASP A 36 -13.66 -7.18 -10.59
N ALA A 37 -13.58 -5.99 -10.02
CA ALA A 37 -12.83 -4.88 -10.61
C ALA A 37 -11.74 -4.43 -9.63
N GLU A 38 -10.92 -5.38 -9.23
CA GLU A 38 -9.84 -5.11 -8.28
C GLU A 38 -8.86 -4.06 -8.85
N PRO A 39 -8.41 -3.11 -8.01
CA PRO A 39 -7.51 -2.09 -8.54
C PRO A 39 -6.09 -2.60 -8.77
N GLY A 40 -5.44 -2.03 -9.77
CA GLY A 40 -4.08 -2.39 -10.10
C GLY A 40 -3.47 -1.26 -10.89
N VAL A 41 -2.39 -1.56 -11.60
CA VAL A 41 -1.72 -0.57 -12.44
C VAL A 41 -2.54 -0.48 -13.73
N SER A 42 -2.60 0.70 -14.33
CA SER A 42 -3.35 0.89 -15.57
C SER A 42 -2.63 1.93 -16.40
N GLY A 43 -2.69 1.78 -17.72
CA GLY A 43 -2.01 2.69 -18.63
C GLY A 43 -0.59 2.25 -18.89
N ALA A 44 -0.05 2.63 -20.04
CA ALA A 44 1.32 2.26 -20.43
C ALA A 44 2.37 2.91 -19.51
N SER A 45 1.99 3.96 -18.81
CA SER A 45 2.88 4.65 -17.89
C SER A 45 2.13 5.12 -16.66
N ALA A 46 2.46 4.56 -15.51
CA ALA A 46 1.84 4.98 -14.26
C ALA A 46 2.48 6.27 -13.80
N HIS A 47 1.65 7.24 -13.51
CA HIS A 47 2.12 8.53 -13.02
C HIS A 47 1.76 8.78 -11.56
N TRP A 48 0.47 8.93 -11.28
CA TRP A 48 0.00 9.17 -9.91
C TRP A 48 0.39 8.03 -8.98
N GLY A 49 0.38 6.81 -9.51
CA GLY A 49 0.75 5.65 -8.73
C GLY A 49 2.19 5.71 -8.28
N GLN A 50 3.07 6.28 -9.10
CA GLN A 50 4.47 6.38 -8.72
C GLN A 50 4.63 7.39 -7.61
N ARG A 51 3.92 8.51 -7.70
CA ARG A 51 4.04 9.53 -6.67
C ARG A 51 3.54 8.96 -5.34
N ALA A 52 2.49 8.16 -5.41
CA ALA A 52 1.96 7.51 -4.21
C ALA A 52 2.96 6.51 -3.65
N LEU A 53 3.52 5.66 -4.50
CA LEU A 53 4.46 4.64 -4.03
C LEU A 53 5.73 5.27 -3.49
N GLN A 54 6.22 6.34 -4.07
CA GLN A 54 7.42 7.01 -3.54
C GLN A 54 7.19 7.45 -2.10
N GLY A 55 5.97 7.88 -1.80
CA GLY A 55 5.63 8.26 -0.44
C GLY A 55 5.60 7.01 0.40
N ALA A 56 4.91 5.98 -0.07
CA ALA A 56 4.80 4.71 0.65
C ALA A 56 6.17 4.11 0.99
N GLN A 57 7.14 4.24 0.09
CA GLN A 57 8.48 3.71 0.34
C GLN A 57 9.19 4.53 1.41
N ALA A 58 9.07 5.86 1.31
CA ALA A 58 9.74 6.74 2.26
C ALA A 58 9.17 6.50 3.66
N VAL A 59 7.85 6.40 3.76
CA VAL A 59 7.24 6.17 5.06
C VAL A 59 7.53 4.75 5.53
N ALA A 60 7.62 3.78 4.63
CA ALA A 60 7.90 2.40 5.03
C ALA A 60 9.24 2.29 5.76
N ALA A 61 10.21 3.09 5.34
CA ALA A 61 11.51 3.09 6.00
C ALA A 61 11.34 3.58 7.45
N ALA A 62 10.47 4.56 7.65
CA ALA A 62 10.17 5.05 9.00
C ALA A 62 9.34 4.02 9.78
N GLN A 63 8.42 3.35 9.11
CA GLN A 63 7.57 2.36 9.79
C GLN A 63 8.37 1.17 10.29
N ARG A 64 9.25 0.63 9.45
CA ARG A 64 10.05 -0.53 9.87
C ARG A 64 10.97 -0.13 11.02
N LEU A 65 11.32 1.15 11.05
CA LEU A 65 12.13 1.70 12.12
C LEU A 65 11.31 1.83 13.41
N VAL A 66 10.16 2.48 13.37
CA VAL A 66 9.39 2.70 14.59
C VAL A 66 8.95 1.37 15.18
N HIS A 67 8.64 0.43 14.32
CA HIS A 67 8.22 -0.89 14.75
C HIS A 67 9.36 -1.59 15.49
N ALA A 68 10.60 -1.34 15.10
CA ALA A 68 11.73 -1.96 15.77
C ALA A 68 11.78 -1.53 17.23
N ILE A 69 11.56 -0.24 17.49
CA ILE A 69 11.58 0.27 18.87
C ILE A 69 10.35 -0.21 19.62
N ALA A 70 9.23 -0.34 18.92
CA ALA A 70 8.00 -0.81 19.55
C ALA A 70 8.21 -2.21 20.14
N LEU A 71 9.15 -2.95 19.58
CA LEU A 71 9.48 -4.27 20.11
C LEU A 71 10.36 -4.10 21.34
N MET A 72 11.32 -3.20 21.26
CA MET A 72 12.23 -2.97 22.38
C MET A 72 11.50 -2.47 23.60
N THR A 73 10.37 -1.82 23.39
CA THR A 73 9.65 -1.27 24.53
C THR A 73 8.87 -2.35 25.26
N GLN A 74 8.32 -3.32 24.52
CA GLN A 74 7.61 -4.42 25.15
C GLN A 74 8.61 -5.47 25.67
N PHE A 75 9.74 -5.65 25.00
CA PHE A 75 10.76 -6.57 25.48
C PHE A 75 11.45 -5.97 26.70
N GLY A 76 11.47 -4.64 26.76
CA GLY A 76 12.03 -3.93 27.89
C GLY A 76 11.06 -3.82 29.05
N ARG A 77 9.96 -4.56 28.96
CA ARG A 77 8.93 -4.65 29.99
C ARG A 77 8.43 -3.29 30.48
N ALA A 78 8.27 -2.34 29.58
CA ALA A 78 7.79 -1.01 29.95
C ALA A 78 6.40 -1.07 30.59
N GLY A 79 5.60 -2.06 30.20
CA GLY A 79 4.28 -2.24 30.77
C GLY A 79 4.30 -3.07 32.05
N SER A 80 5.38 -2.93 32.83
CA SER A 80 5.65 -3.63 34.12
C SER A 80 5.57 -5.16 34.06
N GLY A 1 35.59 3.70 34.94
CA GLY A 1 35.96 2.77 33.83
C GLY A 1 37.46 2.74 33.57
N SER A 2 37.89 1.79 32.74
CA SER A 2 39.30 1.61 32.42
C SER A 2 39.41 0.93 31.06
N ARG A 3 40.62 0.80 30.54
CA ARG A 3 40.83 0.14 29.26
C ARG A 3 40.88 -1.37 29.49
N SER A 4 39.86 -2.07 29.02
CA SER A 4 39.76 -3.52 29.19
C SER A 4 40.04 -4.31 27.91
N PHE A 5 40.35 -3.60 26.82
CA PHE A 5 40.60 -4.23 25.52
C PHE A 5 41.60 -3.35 24.78
N SER A 6 42.26 -3.88 23.76
CA SER A 6 43.21 -3.05 23.01
C SER A 6 42.48 -2.29 21.93
N LEU A 7 42.76 -1.01 21.88
CA LEU A 7 42.10 -0.11 20.93
C LEU A 7 42.54 -0.41 19.51
N GLY A 8 43.71 -1.04 19.37
CA GLY A 8 44.18 -1.41 18.04
C GLY A 8 43.31 -2.47 17.40
N GLU A 9 42.77 -3.37 18.22
CA GLU A 9 41.90 -4.43 17.71
C GLU A 9 40.62 -3.79 17.18
N VAL A 10 40.12 -2.82 17.92
CA VAL A 10 38.89 -2.12 17.54
C VAL A 10 39.13 -1.21 16.33
N SER A 11 40.36 -0.76 16.14
CA SER A 11 40.68 0.08 14.99
C SER A 11 40.56 -0.76 13.72
N ASP A 12 41.01 -2.00 13.79
CA ASP A 12 40.92 -2.91 12.64
C ASP A 12 39.48 -3.39 12.49
N MET A 13 38.79 -3.50 13.63
CA MET A 13 37.38 -3.90 13.64
C MET A 13 36.56 -2.88 12.86
N ALA A 14 36.89 -1.60 13.01
CA ALA A 14 36.19 -0.54 12.28
C ALA A 14 36.48 -0.62 10.77
N ALA A 15 37.67 -1.07 10.42
CA ALA A 15 38.05 -1.17 9.02
C ALA A 15 37.31 -2.33 8.34
N VAL A 16 37.27 -3.48 9.00
CA VAL A 16 36.60 -4.65 8.44
C VAL A 16 35.10 -4.44 8.43
N GLU A 17 34.58 -3.71 9.40
CA GLU A 17 33.14 -3.35 9.43
C GLU A 17 32.76 -2.63 8.15
N ALA A 18 33.60 -1.69 7.71
CA ALA A 18 33.32 -0.95 6.48
C ALA A 18 33.34 -1.88 5.26
N ALA A 19 34.26 -2.85 5.28
CA ALA A 19 34.35 -3.82 4.20
C ALA A 19 33.13 -4.73 4.17
N GLU A 20 32.69 -5.17 5.34
CA GLU A 20 31.51 -6.04 5.45
C GLU A 20 30.30 -5.31 4.93
N LEU A 21 30.17 -4.05 5.30
CA LEU A 21 29.05 -3.24 4.83
C LEU A 21 28.99 -3.17 3.30
N GLU A 22 30.11 -2.93 2.62
CA GLU A 22 30.06 -2.91 1.16
C GLU A 22 29.92 -4.31 0.56
N MET A 23 30.49 -5.33 1.19
CA MET A 23 30.35 -6.70 0.70
C MET A 23 28.90 -7.14 0.85
N THR A 24 28.23 -6.68 1.90
CA THR A 24 26.82 -6.99 2.11
C THR A 24 26.02 -6.41 0.94
N ARG A 25 26.42 -5.23 0.48
CA ARG A 25 25.74 -4.63 -0.67
C ARG A 25 26.00 -5.47 -1.92
N GLN A 26 27.21 -5.99 -2.04
CA GLN A 26 27.55 -6.82 -3.20
C GLN A 26 26.76 -8.13 -3.22
N VAL A 27 26.72 -8.84 -2.10
CA VAL A 27 26.06 -10.15 -2.04
C VAL A 27 24.54 -10.07 -2.16
N LEU A 28 23.93 -9.06 -1.59
CA LEU A 28 22.47 -8.90 -1.67
C LEU A 28 22.02 -8.53 -3.08
N HIS A 29 22.95 -8.03 -3.89
CA HIS A 29 22.65 -7.66 -5.28
C HIS A 29 23.03 -8.80 -6.23
N ALA A 30 23.61 -9.86 -5.70
CA ALA A 30 24.09 -10.97 -6.52
C ALA A 30 23.09 -12.14 -6.54
N GLY A 31 22.97 -12.79 -7.68
CA GLY A 31 22.11 -13.95 -7.80
C GLY A 31 22.48 -14.72 -9.05
N ALA A 32 22.39 -16.04 -8.97
CA ALA A 32 22.75 -16.91 -10.10
C ALA A 32 21.85 -18.14 -10.10
N ARG A 33 20.65 -17.96 -9.58
CA ARG A 33 19.70 -19.06 -9.42
C ARG A 33 18.30 -18.78 -9.91
N GLN A 34 17.76 -17.64 -9.48
CA GLN A 34 16.40 -17.19 -9.82
C GLN A 34 15.35 -18.19 -9.29
N ASP A 35 15.68 -18.88 -8.21
CA ASP A 35 14.78 -19.88 -7.60
C ASP A 35 13.51 -19.23 -7.04
N ASP A 36 13.64 -17.97 -6.64
CA ASP A 36 12.53 -17.18 -6.09
C ASP A 36 12.78 -15.73 -6.44
N ALA A 37 12.37 -15.36 -7.64
CA ALA A 37 12.50 -13.98 -8.11
C ALA A 37 11.25 -13.61 -8.93
N GLU A 38 10.12 -14.20 -8.58
CA GLU A 38 8.89 -13.96 -9.33
C GLU A 38 8.30 -12.55 -9.05
N PRO A 39 7.97 -11.78 -10.09
CA PRO A 39 7.47 -10.41 -9.91
C PRO A 39 6.00 -10.26 -9.48
N GLY A 40 5.79 -10.03 -8.20
CA GLY A 40 4.45 -9.80 -7.65
C GLY A 40 3.86 -8.41 -7.91
N VAL A 41 3.96 -7.92 -9.14
CA VAL A 41 3.46 -6.58 -9.50
C VAL A 41 1.94 -6.62 -9.67
N SER A 42 1.24 -6.30 -8.60
CA SER A 42 -0.23 -6.34 -8.56
C SER A 42 -0.94 -5.06 -8.99
N GLY A 43 -0.20 -4.08 -9.48
CA GLY A 43 -0.82 -2.82 -9.89
C GLY A 43 -0.22 -2.30 -11.19
N ALA A 44 -1.06 -1.79 -12.08
CA ALA A 44 -0.60 -1.30 -13.38
C ALA A 44 -0.74 0.22 -13.56
N SER A 45 -1.95 0.74 -13.43
CA SER A 45 -2.19 2.17 -13.65
C SER A 45 -3.03 2.80 -12.55
N ALA A 46 -2.73 4.06 -12.25
CA ALA A 46 -3.44 4.84 -11.25
C ALA A 46 -2.98 6.27 -11.53
N HIS A 47 -3.65 7.27 -10.98
CA HIS A 47 -3.18 8.65 -11.11
C HIS A 47 -2.58 9.12 -9.79
N TRP A 48 -3.43 9.45 -8.82
CA TRP A 48 -2.98 9.88 -7.50
C TRP A 48 -2.36 8.75 -6.72
N GLY A 49 -2.79 7.53 -7.04
CA GLY A 49 -2.26 6.34 -6.40
C GLY A 49 -0.77 6.21 -6.61
N GLN A 50 -0.26 6.65 -7.76
CA GLN A 50 1.17 6.57 -8.03
C GLN A 50 1.94 7.42 -7.05
N ARG A 51 1.45 8.64 -6.82
CA ARG A 51 2.16 9.56 -5.92
C ARG A 51 2.04 9.07 -4.49
N ALA A 52 0.90 8.48 -4.17
CA ALA A 52 0.68 7.92 -2.85
C ALA A 52 1.67 6.77 -2.59
N LEU A 53 1.87 5.91 -3.57
CA LEU A 53 2.79 4.79 -3.41
C LEU A 53 4.21 5.29 -3.28
N GLN A 54 4.60 6.34 -3.99
CA GLN A 54 5.95 6.88 -3.85
C GLN A 54 6.17 7.34 -2.40
N GLY A 55 5.15 7.88 -1.79
CA GLY A 55 5.23 8.27 -0.40
C GLY A 55 5.32 7.03 0.46
N ALA A 56 4.49 6.04 0.16
CA ALA A 56 4.46 4.77 0.91
C ALA A 56 5.85 4.13 0.99
N GLN A 57 6.60 4.18 -0.09
CA GLN A 57 7.94 3.61 -0.11
C GLN A 57 8.88 4.34 0.85
N ALA A 58 8.83 5.66 0.83
CA ALA A 58 9.71 6.47 1.66
C ALA A 58 9.35 6.30 3.15
N VAL A 59 8.06 6.34 3.46
CA VAL A 59 7.62 6.22 4.84
C VAL A 59 7.85 4.82 5.37
N ALA A 60 7.87 3.81 4.49
CA ALA A 60 8.08 2.43 4.91
C ALA A 60 9.37 2.27 5.70
N ALA A 61 10.40 3.03 5.34
CA ALA A 61 11.67 2.99 6.06
C ALA A 61 11.46 3.48 7.51
N ALA A 62 10.63 4.50 7.67
CA ALA A 62 10.32 5.02 9.01
C ALA A 62 9.42 4.04 9.77
N GLN A 63 8.51 3.38 9.07
CA GLN A 63 7.61 2.42 9.71
C GLN A 63 8.35 1.21 10.25
N ARG A 64 9.23 0.63 9.44
CA ARG A 64 9.99 -0.54 9.90
C ARG A 64 10.90 -0.13 11.06
N LEU A 65 11.28 1.14 11.07
CA LEU A 65 12.08 1.70 12.14
C LEU A 65 11.25 1.84 13.43
N VAL A 66 10.09 2.48 13.37
CA VAL A 66 9.30 2.72 14.59
C VAL A 66 8.87 1.38 15.19
N HIS A 67 8.58 0.43 14.33
CA HIS A 67 8.20 -0.89 14.76
C HIS A 67 9.35 -1.56 15.51
N ALA A 68 10.58 -1.30 15.10
CA ALA A 68 11.72 -1.90 15.77
C ALA A 68 11.76 -1.49 17.24
N ILE A 69 11.54 -0.21 17.51
CA ILE A 69 11.57 0.26 18.90
C ILE A 69 10.36 -0.26 19.65
N ALA A 70 9.23 -0.39 18.96
CA ALA A 70 8.01 -0.91 19.58
C ALA A 70 8.27 -2.32 20.14
N LEU A 71 9.22 -3.03 19.55
CA LEU A 71 9.59 -4.35 20.04
C LEU A 71 10.53 -4.23 21.22
N MET A 72 11.47 -3.30 21.12
CA MET A 72 12.43 -3.09 22.19
C MET A 72 11.76 -2.65 23.46
N THR A 73 10.61 -2.01 23.33
CA THR A 73 9.95 -1.48 24.53
C THR A 73 9.24 -2.59 25.27
N GLN A 74 8.70 -3.57 24.54
CA GLN A 74 8.06 -4.71 25.20
C GLN A 74 9.10 -5.75 25.63
N PHE A 75 10.23 -5.84 24.95
CA PHE A 75 11.27 -6.78 25.36
C PHE A 75 12.06 -6.21 26.54
N GLY A 76 12.29 -4.91 26.52
CA GLY A 76 13.09 -4.25 27.55
C GLY A 76 12.39 -4.04 28.88
N ARG A 77 11.20 -4.61 29.04
CA ARG A 77 10.46 -4.49 30.30
C ARG A 77 11.12 -5.32 31.40
N ALA A 78 12.03 -6.20 30.97
CA ALA A 78 12.84 -7.06 31.86
C ALA A 78 12.06 -7.96 32.83
N GLY A 79 10.76 -8.07 32.63
CA GLY A 79 9.94 -8.91 33.50
C GLY A 79 10.07 -10.37 33.13
N SER A 80 11.16 -10.99 33.58
CA SER A 80 11.46 -12.40 33.36
C SER A 80 12.41 -12.95 34.40
N GLY A 1 11.15 30.60 -38.29
CA GLY A 1 11.40 31.92 -37.62
C GLY A 1 10.18 32.41 -36.90
N SER A 2 9.24 31.49 -36.78
CA SER A 2 7.96 31.75 -36.13
C SER A 2 8.16 31.76 -34.61
N ARG A 3 8.16 32.96 -34.03
CA ARG A 3 8.33 33.12 -32.59
C ARG A 3 6.95 33.33 -31.93
N SER A 4 5.93 32.79 -32.57
CA SER A 4 4.57 32.93 -32.07
C SER A 4 4.33 31.99 -30.89
N PHE A 5 3.68 32.51 -29.85
CA PHE A 5 3.35 31.75 -28.65
C PHE A 5 2.22 32.54 -28.00
N SER A 6 1.57 31.98 -27.00
CA SER A 6 0.49 32.68 -26.30
C SER A 6 0.90 32.83 -24.85
N LEU A 7 0.49 33.94 -24.26
CA LEU A 7 0.88 34.30 -22.91
C LEU A 7 0.13 33.49 -21.86
N GLY A 8 -1.00 32.91 -22.24
CA GLY A 8 -1.75 32.09 -21.31
C GLY A 8 -0.98 30.86 -20.91
N GLU A 9 -0.42 30.17 -21.90
CA GLU A 9 0.35 28.95 -21.64
C GLU A 9 1.53 29.27 -20.73
N VAL A 10 2.15 30.43 -20.95
CA VAL A 10 3.30 30.84 -20.16
C VAL A 10 2.88 31.16 -18.72
N SER A 11 1.69 31.70 -18.53
CA SER A 11 1.22 32.03 -17.20
C SER A 11 0.97 30.76 -16.39
N ASP A 12 0.39 29.75 -17.03
CA ASP A 12 0.13 28.48 -16.36
C ASP A 12 1.42 27.71 -16.17
N MET A 13 2.35 27.89 -17.10
CA MET A 13 3.67 27.26 -17.00
C MET A 13 4.39 27.82 -15.78
N ALA A 14 4.31 29.12 -15.56
CA ALA A 14 4.95 29.74 -14.42
C ALA A 14 4.30 29.25 -13.10
N ALA A 15 3.00 28.99 -13.15
CA ALA A 15 2.29 28.52 -11.97
C ALA A 15 2.74 27.10 -11.57
N VAL A 16 2.86 26.21 -12.54
CA VAL A 16 3.27 24.84 -12.26
C VAL A 16 4.75 24.79 -11.87
N GLU A 17 5.54 25.67 -12.47
CA GLU A 17 6.97 25.78 -12.12
C GLU A 17 7.09 26.09 -10.63
N ALA A 18 6.31 27.05 -10.15
CA ALA A 18 6.35 27.42 -8.75
C ALA A 18 5.90 26.25 -7.85
N ALA A 19 4.89 25.53 -8.31
CA ALA A 19 4.35 24.40 -7.56
C ALA A 19 5.37 23.28 -7.41
N GLU A 20 6.08 22.93 -8.48
CA GLU A 20 7.04 21.86 -8.38
C GLU A 20 8.27 22.30 -7.59
N LEU A 21 8.61 23.58 -7.66
CA LEU A 21 9.74 24.08 -6.89
C LEU A 21 9.46 23.94 -5.40
N GLU A 22 8.28 24.36 -4.94
CA GLU A 22 7.97 24.29 -3.52
C GLU A 22 7.76 22.86 -3.02
N MET A 23 7.19 21.97 -3.84
CA MET A 23 7.00 20.60 -3.40
C MET A 23 8.34 19.91 -3.24
N THR A 24 9.29 20.27 -4.08
CA THR A 24 10.61 19.66 -4.02
C THR A 24 11.28 20.03 -2.70
N ARG A 25 11.10 21.25 -2.24
CA ARG A 25 11.70 21.66 -0.96
C ARG A 25 11.09 20.85 0.16
N GLN A 26 9.79 20.60 0.06
CA GLN A 26 9.07 19.86 1.07
C GLN A 26 9.50 18.40 1.18
N VAL A 27 9.76 17.73 0.06
CA VAL A 27 10.17 16.31 0.08
C VAL A 27 11.63 16.10 0.46
N LEU A 28 12.44 17.10 0.25
CA LEU A 28 13.84 17.04 0.68
C LEU A 28 13.92 17.06 2.20
N HIS A 29 13.05 17.82 2.85
CA HIS A 29 13.01 17.84 4.31
C HIS A 29 12.20 16.65 4.81
N ALA A 30 11.04 16.47 4.19
CA ALA A 30 10.09 15.38 4.46
C ALA A 30 9.72 15.16 5.94
N GLY A 31 9.28 13.96 6.24
CA GLY A 31 8.83 13.58 7.56
C GLY A 31 7.67 12.63 7.34
N ALA A 32 7.17 11.99 8.38
CA ALA A 32 6.08 11.02 8.25
C ALA A 32 4.87 11.40 9.10
N ARG A 33 4.25 12.52 8.76
CA ARG A 33 3.05 12.97 9.48
C ARG A 33 1.88 12.10 9.05
N GLN A 34 1.79 11.93 7.74
CA GLN A 34 0.76 11.11 7.08
C GLN A 34 -0.68 11.51 7.42
N ASP A 35 -0.87 12.77 7.77
CA ASP A 35 -2.20 13.31 8.07
C ASP A 35 -3.02 13.34 6.79
N ASP A 36 -2.33 13.55 5.69
CA ASP A 36 -2.92 13.67 4.35
C ASP A 36 -2.31 12.73 3.34
N ALA A 37 -1.64 11.70 3.83
CA ALA A 37 -0.91 10.78 2.95
C ALA A 37 -1.50 9.37 3.00
N GLU A 38 -2.83 9.31 3.00
CA GLU A 38 -3.52 8.02 3.01
C GLU A 38 -3.44 7.38 1.61
N PRO A 39 -3.42 6.04 1.55
CA PRO A 39 -3.35 5.38 0.24
C PRO A 39 -4.70 5.34 -0.46
N GLY A 40 -4.69 5.02 -1.75
CA GLY A 40 -5.89 4.94 -2.53
C GLY A 40 -6.05 3.54 -3.06
N VAL A 41 -7.02 3.40 -3.93
CA VAL A 41 -7.37 2.11 -4.55
C VAL A 41 -6.33 1.78 -5.63
N SER A 42 -5.83 0.56 -5.60
CA SER A 42 -4.85 0.10 -6.59
C SER A 42 -5.57 -0.34 -7.87
N GLY A 43 -4.81 -0.48 -8.95
CA GLY A 43 -5.39 -0.89 -10.21
C GLY A 43 -4.27 -1.28 -11.16
N ALA A 44 -4.62 -1.71 -12.37
CA ALA A 44 -3.63 -2.11 -13.36
C ALA A 44 -2.80 -0.90 -13.83
N SER A 45 -3.35 0.29 -13.65
CA SER A 45 -2.66 1.53 -13.99
C SER A 45 -3.18 2.55 -12.98
N ALA A 46 -2.37 3.56 -12.70
CA ALA A 46 -2.71 4.61 -11.76
C ALA A 46 -1.87 5.80 -12.09
N HIS A 47 -2.40 6.98 -11.83
CA HIS A 47 -1.68 8.21 -12.09
C HIS A 47 -1.19 8.84 -10.77
N TRP A 48 -2.10 9.47 -10.05
CA TRP A 48 -1.81 10.08 -8.74
C TRP A 48 -1.44 8.99 -7.74
N GLY A 49 -1.97 7.80 -7.96
CA GLY A 49 -1.67 6.65 -7.12
C GLY A 49 -0.20 6.33 -7.07
N GLN A 50 0.54 6.64 -8.13
CA GLN A 50 1.97 6.36 -8.13
C GLN A 50 2.69 7.26 -7.14
N ARG A 51 2.23 8.49 -6.98
CA ARG A 51 2.86 9.40 -6.04
C ARG A 51 2.59 8.88 -4.63
N ALA A 52 1.39 8.36 -4.43
CA ALA A 52 1.01 7.80 -3.13
C ALA A 52 1.86 6.57 -2.81
N LEU A 53 2.07 5.70 -3.79
CA LEU A 53 2.89 4.51 -3.57
C LEU A 53 4.32 4.91 -3.27
N GLN A 54 4.84 5.94 -3.93
CA GLN A 54 6.21 6.39 -3.65
C GLN A 54 6.30 6.95 -2.23
N GLY A 55 5.21 7.56 -1.77
CA GLY A 55 5.16 8.03 -0.40
C GLY A 55 5.22 6.82 0.50
N ALA A 56 4.41 5.82 0.21
CA ALA A 56 4.38 4.58 0.98
C ALA A 56 5.77 3.92 1.05
N GLN A 57 6.53 3.98 -0.03
CA GLN A 57 7.89 3.42 -0.06
C GLN A 57 8.80 4.17 0.91
N ALA A 58 8.74 5.50 0.87
CA ALA A 58 9.60 6.33 1.70
C ALA A 58 9.24 6.19 3.18
N VAL A 59 7.96 6.25 3.49
CA VAL A 59 7.52 6.15 4.89
C VAL A 59 7.77 4.75 5.42
N ALA A 60 7.79 3.75 4.56
CA ALA A 60 8.05 2.37 5.00
C ALA A 60 9.38 2.26 5.74
N ALA A 61 10.36 3.07 5.37
CA ALA A 61 11.64 3.06 6.06
C ALA A 61 11.46 3.56 7.49
N ALA A 62 10.60 4.54 7.68
CA ALA A 62 10.29 5.05 9.02
C ALA A 62 9.43 4.04 9.78
N GLN A 63 8.51 3.38 9.10
CA GLN A 63 7.63 2.39 9.73
C GLN A 63 8.39 1.18 10.25
N ARG A 64 9.27 0.63 9.43
CA ARG A 64 10.07 -0.54 9.87
C ARG A 64 10.95 -0.13 11.04
N LEU A 65 11.31 1.14 11.08
CA LEU A 65 12.11 1.69 12.16
C LEU A 65 11.27 1.84 13.44
N VAL A 66 10.10 2.48 13.38
CA VAL A 66 9.31 2.72 14.59
C VAL A 66 8.89 1.38 15.18
N HIS A 67 8.59 0.43 14.32
CA HIS A 67 8.20 -0.89 14.75
C HIS A 67 9.35 -1.55 15.50
N ALA A 68 10.59 -1.31 15.08
CA ALA A 68 11.73 -1.91 15.75
C ALA A 68 11.77 -1.50 17.23
N ILE A 69 11.53 -0.21 17.49
CA ILE A 69 11.56 0.27 18.88
C ILE A 69 10.35 -0.24 19.63
N ALA A 70 9.23 -0.36 18.95
CA ALA A 70 8.00 -0.87 19.57
C ALA A 70 8.25 -2.28 20.12
N LEU A 71 9.18 -2.98 19.51
CA LEU A 71 9.54 -4.33 19.99
C LEU A 71 10.46 -4.20 21.16
N MET A 72 11.42 -3.29 21.08
CA MET A 72 12.36 -3.09 22.17
C MET A 72 11.68 -2.67 23.45
N THR A 73 10.54 -2.01 23.31
CA THR A 73 9.85 -1.50 24.49
C THR A 73 9.05 -2.61 25.14
N GLN A 74 8.48 -3.51 24.34
CA GLN A 74 7.74 -4.64 24.91
C GLN A 74 8.71 -5.73 25.37
N PHE A 75 9.90 -5.79 24.77
CA PHE A 75 10.91 -6.75 25.19
C PHE A 75 11.58 -6.27 26.47
N GLY A 76 11.51 -4.97 26.73
CA GLY A 76 12.22 -4.41 27.87
C GLY A 76 13.71 -4.59 27.67
N ARG A 77 14.09 -4.69 26.39
CA ARG A 77 15.45 -5.01 25.95
C ARG A 77 16.04 -6.27 26.61
N ALA A 78 15.18 -7.14 27.11
CA ALA A 78 15.62 -8.40 27.72
C ALA A 78 15.91 -9.41 26.60
N GLY A 79 16.66 -10.45 26.93
CA GLY A 79 16.99 -11.48 25.96
C GLY A 79 15.90 -12.53 25.85
N SER A 80 14.65 -12.09 25.84
CA SER A 80 13.47 -12.98 25.78
C SER A 80 12.23 -12.28 25.25
N GLY A 1 -26.89 -39.10 -16.04
CA GLY A 1 -27.53 -40.15 -15.18
C GLY A 1 -28.66 -40.89 -15.90
N SER A 2 -28.91 -42.11 -15.44
CA SER A 2 -29.96 -42.93 -16.03
C SER A 2 -31.30 -42.57 -15.40
N ARG A 3 -32.38 -42.87 -16.11
CA ARG A 3 -33.74 -42.62 -15.61
C ARG A 3 -34.41 -43.98 -15.50
N SER A 4 -33.58 -44.96 -15.20
CA SER A 4 -33.97 -46.35 -15.01
C SER A 4 -32.90 -46.81 -14.05
N PHE A 5 -33.17 -47.83 -13.24
CA PHE A 5 -32.23 -48.26 -12.21
C PHE A 5 -32.14 -49.76 -12.12
N SER A 6 -31.02 -50.23 -11.59
CA SER A 6 -30.75 -51.65 -11.38
C SER A 6 -31.21 -52.10 -9.99
N LEU A 7 -32.28 -51.47 -9.53
CA LEU A 7 -32.95 -51.73 -8.24
C LEU A 7 -32.15 -51.45 -6.96
N GLY A 8 -30.88 -51.82 -6.91
CA GLY A 8 -30.06 -51.54 -5.73
C GLY A 8 -29.90 -50.05 -5.52
N GLU A 9 -29.98 -49.31 -6.61
CA GLU A 9 -29.88 -47.85 -6.58
C GLU A 9 -31.05 -47.26 -5.79
N VAL A 10 -32.20 -47.92 -5.84
CA VAL A 10 -33.39 -47.44 -5.14
C VAL A 10 -33.23 -47.69 -3.64
N SER A 11 -32.49 -48.74 -3.29
CA SER A 11 -32.25 -49.04 -1.88
C SER A 11 -31.37 -47.96 -1.27
N ASP A 12 -30.42 -47.46 -2.04
CA ASP A 12 -29.53 -46.40 -1.59
C ASP A 12 -30.28 -45.07 -1.57
N MET A 13 -31.25 -44.94 -2.47
CA MET A 13 -32.06 -43.73 -2.58
C MET A 13 -32.84 -43.48 -1.28
N ALA A 14 -33.17 -44.54 -0.56
CA ALA A 14 -33.87 -44.42 0.72
C ALA A 14 -32.97 -43.70 1.75
N ALA A 15 -31.67 -43.93 1.65
CA ALA A 15 -30.72 -43.29 2.55
C ALA A 15 -30.59 -41.82 2.17
N VAL A 16 -30.64 -41.53 0.87
CA VAL A 16 -30.57 -40.15 0.38
C VAL A 16 -31.76 -39.37 0.91
N GLU A 17 -32.95 -39.97 0.83
CA GLU A 17 -34.16 -39.33 1.34
C GLU A 17 -34.01 -38.97 2.82
N ALA A 18 -33.53 -39.92 3.62
CA ALA A 18 -33.36 -39.67 5.05
C ALA A 18 -32.36 -38.54 5.28
N ALA A 19 -31.29 -38.54 4.50
CA ALA A 19 -30.23 -37.54 4.63
C ALA A 19 -30.73 -36.15 4.26
N GLU A 20 -31.42 -35.99 3.15
CA GLU A 20 -31.87 -34.67 2.74
C GLU A 20 -32.96 -34.17 3.68
N LEU A 21 -33.77 -35.08 4.20
CA LEU A 21 -34.82 -34.69 5.14
C LEU A 21 -34.19 -34.13 6.40
N GLU A 22 -33.19 -34.80 6.96
CA GLU A 22 -32.56 -34.28 8.19
C GLU A 22 -31.69 -33.06 7.91
N MET A 23 -31.07 -32.99 6.74
CA MET A 23 -30.27 -31.83 6.38
C MET A 23 -31.16 -30.61 6.31
N THR A 24 -32.35 -30.75 5.72
CA THR A 24 -33.29 -29.62 5.63
C THR A 24 -33.63 -29.08 7.03
N ARG A 25 -33.80 -29.96 7.98
CA ARG A 25 -34.14 -29.56 9.36
C ARG A 25 -33.01 -28.77 9.95
N GLN A 26 -31.80 -29.26 9.76
CA GLN A 26 -30.61 -28.57 10.26
C GLN A 26 -30.43 -27.23 9.55
N VAL A 27 -30.69 -27.22 8.25
CA VAL A 27 -30.59 -26.03 7.41
C VAL A 27 -31.54 -24.93 7.88
N LEU A 28 -32.72 -25.30 8.35
CA LEU A 28 -33.69 -24.31 8.83
C LEU A 28 -33.19 -23.59 10.09
N HIS A 29 -32.28 -24.21 10.82
CA HIS A 29 -31.70 -23.59 12.01
C HIS A 29 -30.39 -22.85 11.65
N ALA A 30 -29.83 -23.17 10.49
CA ALA A 30 -28.58 -22.56 10.03
C ALA A 30 -28.85 -21.19 9.37
N GLY A 31 -29.25 -20.22 10.17
CA GLY A 31 -29.58 -18.89 9.68
C GLY A 31 -28.40 -18.00 9.29
N ALA A 32 -27.58 -18.45 8.36
CA ALA A 32 -26.41 -17.70 7.90
C ALA A 32 -26.87 -16.65 6.86
N ARG A 33 -27.02 -15.42 7.32
CA ARG A 33 -27.44 -14.32 6.44
C ARG A 33 -26.40 -13.95 5.40
N GLN A 34 -25.13 -14.09 5.76
CA GLN A 34 -23.98 -13.74 4.88
C GLN A 34 -24.02 -12.25 4.52
N ASP A 35 -24.30 -11.40 5.49
CA ASP A 35 -24.38 -9.95 5.29
C ASP A 35 -23.00 -9.40 4.98
N ASP A 36 -21.99 -10.09 5.49
CA ASP A 36 -20.57 -9.72 5.37
C ASP A 36 -19.95 -9.96 3.97
N ALA A 37 -20.78 -9.98 2.94
CA ALA A 37 -20.37 -10.32 1.59
C ALA A 37 -19.96 -9.09 0.77
N GLU A 38 -19.21 -8.20 1.39
CA GLU A 38 -18.78 -6.97 0.72
C GLU A 38 -17.77 -7.27 -0.42
N PRO A 39 -17.93 -6.64 -1.59
CA PRO A 39 -17.03 -6.92 -2.72
C PRO A 39 -15.65 -6.25 -2.64
N GLY A 40 -14.62 -7.09 -2.69
CA GLY A 40 -13.24 -6.61 -2.64
C GLY A 40 -12.53 -6.55 -3.98
N VAL A 41 -13.12 -5.87 -4.95
CA VAL A 41 -12.51 -5.77 -6.29
C VAL A 41 -11.16 -5.01 -6.19
N SER A 42 -10.12 -5.59 -6.78
CA SER A 42 -8.77 -5.03 -6.70
C SER A 42 -8.48 -3.81 -7.57
N GLY A 43 -9.35 -3.55 -8.55
CA GLY A 43 -9.14 -2.43 -9.46
C GLY A 43 -8.18 -2.84 -10.58
N ALA A 44 -7.55 -1.87 -11.23
CA ALA A 44 -6.64 -2.16 -12.34
C ALA A 44 -5.52 -1.11 -12.53
N SER A 45 -5.87 0.17 -12.39
CA SER A 45 -4.89 1.24 -12.59
C SER A 45 -5.22 2.42 -11.69
N ALA A 46 -4.25 3.32 -11.52
CA ALA A 46 -4.44 4.49 -10.66
C ALA A 46 -3.54 5.62 -11.18
N HIS A 47 -3.92 6.86 -10.92
CA HIS A 47 -3.08 8.02 -11.27
C HIS A 47 -2.46 8.58 -9.99
N TRP A 48 -3.24 9.31 -9.21
CA TRP A 48 -2.78 9.92 -7.98
C TRP A 48 -2.36 8.88 -6.94
N GLY A 49 -2.92 7.68 -7.05
CA GLY A 49 -2.53 6.59 -6.16
C GLY A 49 -1.06 6.26 -6.32
N GLN A 50 -0.53 6.41 -7.53
CA GLN A 50 0.87 6.13 -7.79
C GLN A 50 1.74 7.14 -7.06
N ARG A 51 1.28 8.38 -7.01
CA ARG A 51 2.04 9.44 -6.35
C ARG A 51 2.11 9.13 -4.86
N ALA A 52 1.03 8.58 -4.34
CA ALA A 52 0.96 8.20 -2.93
C ALA A 52 1.86 7.00 -2.65
N LEU A 53 1.92 6.02 -3.54
CA LEU A 53 2.76 4.84 -3.32
C LEU A 53 4.23 5.24 -3.28
N GLN A 54 4.63 6.23 -4.06
CA GLN A 54 6.02 6.70 -4.01
C GLN A 54 6.35 7.17 -2.60
N GLY A 55 5.39 7.79 -1.94
CA GLY A 55 5.57 8.21 -0.57
C GLY A 55 5.58 6.99 0.33
N ALA A 56 4.68 6.04 0.08
CA ALA A 56 4.57 4.82 0.87
C ALA A 56 5.92 4.08 0.97
N GLN A 57 6.65 4.05 -0.13
CA GLN A 57 7.96 3.38 -0.16
C GLN A 57 8.97 4.08 0.76
N ALA A 58 8.98 5.40 0.72
CA ALA A 58 9.94 6.18 1.52
C ALA A 58 9.59 6.08 3.01
N VAL A 59 8.31 6.23 3.34
CA VAL A 59 7.86 6.20 4.73
C VAL A 59 8.03 4.80 5.30
N ALA A 60 7.98 3.78 4.46
CA ALA A 60 8.13 2.39 4.93
C ALA A 60 9.42 2.20 5.72
N ALA A 61 10.47 2.94 5.37
CA ALA A 61 11.73 2.86 6.10
C ALA A 61 11.53 3.38 7.54
N ALA A 62 10.73 4.43 7.69
CA ALA A 62 10.42 4.97 9.01
C ALA A 62 9.47 4.04 9.77
N GLN A 63 8.59 3.36 9.06
CA GLN A 63 7.63 2.45 9.69
C GLN A 63 8.32 1.21 10.25
N ARG A 64 9.22 0.62 9.48
CA ARG A 64 9.95 -0.54 9.97
C ARG A 64 10.85 -0.12 11.14
N LEU A 65 11.22 1.15 11.14
CA LEU A 65 12.03 1.71 12.21
C LEU A 65 11.19 1.89 13.48
N VAL A 66 10.02 2.51 13.40
CA VAL A 66 9.23 2.75 14.61
C VAL A 66 8.81 1.41 15.21
N HIS A 67 8.53 0.45 14.34
CA HIS A 67 8.17 -0.88 14.76
C HIS A 67 9.33 -1.53 15.49
N ALA A 68 10.56 -1.25 15.05
CA ALA A 68 11.72 -1.85 15.69
C ALA A 68 11.76 -1.46 17.18
N ILE A 69 11.55 -0.19 17.49
CA ILE A 69 11.60 0.26 18.88
C ILE A 69 10.41 -0.31 19.65
N ALA A 70 9.28 -0.42 18.98
CA ALA A 70 8.08 -0.96 19.61
C ALA A 70 8.36 -2.39 20.10
N LEU A 71 9.30 -3.07 19.43
CA LEU A 71 9.71 -4.41 19.85
C LEU A 71 10.71 -4.32 20.98
N MET A 72 11.65 -3.41 20.87
CA MET A 72 12.69 -3.25 21.89
C MET A 72 12.10 -2.93 23.23
N THR A 73 10.93 -2.33 23.23
CA THR A 73 10.36 -1.91 24.51
C THR A 73 9.75 -3.11 25.21
N GLN A 74 9.14 -4.02 24.46
CA GLN A 74 8.56 -5.22 25.05
C GLN A 74 9.60 -6.32 25.25
N PHE A 75 10.69 -6.31 24.47
CA PHE A 75 11.76 -7.28 24.65
C PHE A 75 12.73 -6.86 25.75
N GLY A 76 12.95 -5.56 25.89
CA GLY A 76 13.92 -5.06 26.85
C GLY A 76 13.42 -5.12 28.28
N ARG A 77 12.10 -5.10 28.46
CA ARG A 77 11.43 -5.21 29.75
C ARG A 77 12.09 -4.41 30.87
N ALA A 78 12.47 -3.17 30.57
CA ALA A 78 13.15 -2.31 31.51
C ALA A 78 12.53 -0.93 31.46
N GLY A 79 12.87 -0.09 32.43
CA GLY A 79 12.32 1.27 32.50
C GLY A 79 12.16 1.70 33.94
N SER A 80 11.77 0.74 34.78
CA SER A 80 11.59 0.93 36.24
C SER A 80 10.46 1.87 36.63
N GLY A 1 -27.12 -25.87 22.41
CA GLY A 1 -26.17 -25.69 21.28
C GLY A 1 -26.40 -24.38 20.54
N SER A 2 -25.99 -24.34 19.26
CA SER A 2 -26.15 -23.17 18.40
C SER A 2 -27.60 -23.02 17.94
N ARG A 3 -28.51 -22.88 18.89
CA ARG A 3 -29.94 -22.74 18.62
C ARG A 3 -30.36 -21.28 18.64
N SER A 4 -29.38 -20.39 18.59
CA SER A 4 -29.61 -18.95 18.63
C SER A 4 -28.36 -18.34 18.02
N PHE A 5 -28.42 -17.07 17.67
CA PHE A 5 -27.32 -16.33 17.06
C PHE A 5 -27.62 -14.88 17.40
N SER A 6 -26.65 -13.99 17.24
CA SER A 6 -26.88 -12.57 17.50
C SER A 6 -27.17 -11.86 16.20
N LEU A 7 -28.07 -10.92 16.32
CA LEU A 7 -28.50 -10.12 15.19
C LEU A 7 -27.36 -9.22 14.71
N GLY A 8 -26.42 -8.93 15.61
CA GLY A 8 -25.28 -8.12 15.24
C GLY A 8 -24.35 -8.88 14.30
N GLU A 9 -24.27 -10.19 14.47
CA GLU A 9 -23.42 -11.02 13.62
C GLU A 9 -24.04 -11.04 12.23
N VAL A 10 -25.36 -11.16 12.19
CA VAL A 10 -26.10 -11.18 10.92
C VAL A 10 -25.99 -9.83 10.21
N SER A 11 -25.92 -8.75 10.98
CA SER A 11 -25.82 -7.43 10.40
C SER A 11 -24.53 -7.26 9.60
N ASP A 12 -23.43 -7.77 10.14
CA ASP A 12 -22.15 -7.70 9.45
C ASP A 12 -22.11 -8.73 8.32
N MET A 13 -22.75 -9.88 8.55
CA MET A 13 -22.79 -10.95 7.55
C MET A 13 -23.53 -10.48 6.30
N ALA A 14 -24.56 -9.67 6.49
CA ALA A 14 -25.32 -9.14 5.37
C ALA A 14 -24.45 -8.25 4.48
N ALA A 15 -23.46 -7.59 5.08
CA ALA A 15 -22.55 -6.75 4.32
C ALA A 15 -21.64 -7.64 3.47
N VAL A 16 -21.25 -8.79 4.01
CA VAL A 16 -20.43 -9.76 3.29
C VAL A 16 -21.23 -10.34 2.13
N GLU A 17 -22.48 -10.71 2.39
CA GLU A 17 -23.36 -11.26 1.35
C GLU A 17 -23.50 -10.26 0.20
N ALA A 18 -23.70 -8.99 0.54
CA ALA A 18 -23.82 -7.95 -0.47
C ALA A 18 -22.53 -7.85 -1.30
N ALA A 19 -21.40 -7.83 -0.62
CA ALA A 19 -20.10 -7.75 -1.27
C ALA A 19 -19.84 -8.95 -2.19
N GLU A 20 -20.26 -10.15 -1.80
CA GLU A 20 -20.05 -11.33 -2.64
C GLU A 20 -20.79 -11.15 -3.96
N LEU A 21 -22.03 -10.71 -3.86
CA LEU A 21 -22.86 -10.47 -5.05
C LEU A 21 -22.25 -9.36 -5.91
N GLU A 22 -21.71 -8.34 -5.26
CA GLU A 22 -21.12 -7.21 -5.95
C GLU A 22 -19.78 -7.60 -6.60
N MET A 23 -19.04 -8.51 -5.99
CA MET A 23 -17.82 -9.03 -6.61
C MET A 23 -18.18 -9.93 -7.78
N THR A 24 -19.24 -10.72 -7.63
CA THR A 24 -19.67 -11.64 -8.68
C THR A 24 -20.02 -10.90 -9.98
N ARG A 25 -20.73 -9.78 -9.86
CA ARG A 25 -21.07 -9.02 -11.08
C ARG A 25 -19.80 -8.44 -11.72
N GLN A 26 -18.80 -8.12 -10.91
CA GLN A 26 -17.55 -7.58 -11.43
C GLN A 26 -16.68 -8.62 -12.15
N VAL A 27 -16.54 -9.80 -11.57
CA VAL A 27 -15.67 -10.84 -12.15
C VAL A 27 -16.18 -11.38 -13.48
N LEU A 28 -17.49 -11.38 -13.64
CA LEU A 28 -18.13 -11.82 -14.88
C LEU A 28 -17.86 -10.86 -16.05
N HIS A 29 -17.29 -9.70 -15.75
CA HIS A 29 -16.96 -8.71 -16.78
C HIS A 29 -15.43 -8.58 -16.94
N ALA A 30 -14.69 -9.57 -16.46
CA ALA A 30 -13.23 -9.53 -16.52
C ALA A 30 -12.67 -10.81 -17.18
N GLY A 31 -11.45 -10.73 -17.69
CA GLY A 31 -10.79 -11.88 -18.28
C GLY A 31 -9.82 -11.51 -19.38
N ALA A 32 -8.98 -12.47 -19.75
CA ALA A 32 -7.98 -12.35 -20.80
C ALA A 32 -7.67 -13.82 -21.09
N ARG A 33 -6.83 -14.10 -22.07
CA ARG A 33 -6.44 -15.48 -22.39
C ARG A 33 -4.93 -15.58 -22.33
N GLN A 34 -4.45 -16.80 -22.20
CA GLN A 34 -3.00 -17.07 -22.22
C GLN A 34 -2.81 -18.49 -22.70
N ASP A 35 -3.87 -18.99 -23.29
CA ASP A 35 -3.98 -20.40 -23.69
C ASP A 35 -3.15 -20.64 -24.95
N ASP A 36 -3.02 -19.60 -25.73
CA ASP A 36 -2.21 -19.57 -26.94
C ASP A 36 -1.17 -18.47 -26.77
N ALA A 37 -1.05 -18.05 -25.52
CA ALA A 37 -0.17 -16.95 -25.11
C ALA A 37 -0.34 -15.69 -25.99
N GLU A 38 -1.59 -15.25 -26.14
CA GLU A 38 -1.90 -14.06 -26.94
C GLU A 38 -1.09 -12.83 -26.48
N PRO A 39 -0.67 -11.97 -27.43
CA PRO A 39 0.05 -10.78 -27.02
C PRO A 39 -0.90 -9.70 -26.51
N GLY A 40 -0.36 -8.70 -25.86
CA GLY A 40 -1.16 -7.64 -25.32
C GLY A 40 -0.26 -6.44 -25.19
N VAL A 41 -0.85 -5.34 -24.78
CA VAL A 41 -0.16 -4.06 -24.62
C VAL A 41 -0.42 -3.60 -23.20
N SER A 42 0.61 -3.12 -22.52
CA SER A 42 0.47 -2.63 -21.15
C SER A 42 -0.43 -1.40 -21.10
N GLY A 43 -1.22 -1.29 -20.04
CA GLY A 43 -2.10 -0.15 -19.89
C GLY A 43 -1.34 1.13 -19.59
N ALA A 44 -2.00 2.27 -19.82
CA ALA A 44 -1.39 3.56 -19.56
C ALA A 44 -1.03 3.69 -18.08
N SER A 45 0.13 4.25 -17.80
CA SER A 45 0.59 4.38 -16.42
C SER A 45 -0.22 5.41 -15.63
N ALA A 46 -0.51 5.08 -14.38
CA ALA A 46 -1.20 5.98 -13.49
C ALA A 46 -0.27 7.16 -13.18
N HIS A 47 -0.82 8.30 -12.79
CA HIS A 47 0.01 9.45 -12.42
C HIS A 47 0.06 9.66 -10.90
N TRP A 48 -1.05 10.08 -10.32
CA TRP A 48 -1.13 10.35 -8.89
C TRP A 48 -0.86 9.11 -8.03
N GLY A 49 -1.19 7.94 -8.57
CA GLY A 49 -0.95 6.70 -7.85
C GLY A 49 0.54 6.49 -7.63
N GLN A 50 1.36 6.93 -8.58
CA GLN A 50 2.80 6.79 -8.44
C GLN A 50 3.30 7.68 -7.34
N ARG A 51 2.75 8.88 -7.26
CA ARG A 51 3.18 9.83 -6.23
C ARG A 51 2.85 9.27 -4.85
N ALA A 52 1.69 8.64 -4.76
CA ALA A 52 1.26 8.02 -3.50
C ALA A 52 2.18 6.86 -3.14
N LEU A 53 2.50 5.98 -4.09
CA LEU A 53 3.35 4.84 -3.81
C LEU A 53 4.76 5.28 -3.45
N GLN A 54 5.28 6.33 -4.07
CA GLN A 54 6.61 6.82 -3.72
C GLN A 54 6.63 7.27 -2.26
N GLY A 55 5.53 7.83 -1.81
CA GLY A 55 5.40 8.23 -0.43
C GLY A 55 5.42 6.98 0.42
N ALA A 56 4.62 5.99 0.04
CA ALA A 56 4.53 4.72 0.76
C ALA A 56 5.91 4.06 0.93
N GLN A 57 6.75 4.15 -0.09
CA GLN A 57 8.10 3.58 -0.01
C GLN A 57 8.96 4.33 0.99
N ALA A 58 8.91 5.66 0.95
CA ALA A 58 9.72 6.48 1.85
C ALA A 58 9.29 6.30 3.30
N VAL A 59 7.99 6.30 3.53
CA VAL A 59 7.47 6.16 4.89
C VAL A 59 7.74 4.75 5.40
N ALA A 60 7.77 3.75 4.53
CA ALA A 60 8.00 2.37 4.95
C ALA A 60 9.33 2.24 5.70
N ALA A 61 10.33 3.02 5.32
CA ALA A 61 11.62 3.00 6.01
C ALA A 61 11.45 3.50 7.46
N ALA A 62 10.60 4.49 7.65
CA ALA A 62 10.29 5.01 8.98
C ALA A 62 9.42 4.00 9.76
N GLN A 63 8.54 3.30 9.06
CA GLN A 63 7.64 2.35 9.73
C GLN A 63 8.41 1.15 10.26
N ARG A 64 9.30 0.58 9.46
CA ARG A 64 10.09 -0.56 9.91
C ARG A 64 10.97 -0.12 11.08
N LEU A 65 11.31 1.15 11.10
CA LEU A 65 12.09 1.72 12.18
C LEU A 65 11.26 1.86 13.45
N VAL A 66 10.09 2.50 13.38
CA VAL A 66 9.29 2.74 14.59
C VAL A 66 8.87 1.41 15.19
N HIS A 67 8.57 0.45 14.33
CA HIS A 67 8.19 -0.86 14.76
C HIS A 67 9.33 -1.53 15.50
N ALA A 68 10.56 -1.28 15.08
CA ALA A 68 11.70 -1.90 15.74
C ALA A 68 11.73 -1.50 17.22
N ILE A 69 11.56 -0.22 17.51
CA ILE A 69 11.61 0.23 18.90
C ILE A 69 10.40 -0.29 19.65
N ALA A 70 9.26 -0.36 18.99
CA ALA A 70 8.03 -0.84 19.61
C ALA A 70 8.24 -2.26 20.14
N LEU A 71 9.16 -3.00 19.51
CA LEU A 71 9.50 -4.36 19.98
C LEU A 71 10.47 -4.30 21.13
N MET A 72 11.48 -3.43 21.00
CA MET A 72 12.53 -3.30 22.02
C MET A 72 11.96 -2.92 23.36
N THR A 73 10.79 -2.31 23.35
CA THR A 73 10.23 -1.86 24.61
C THR A 73 9.60 -3.04 25.34
N GLN A 74 9.10 -3.99 24.58
CA GLN A 74 8.49 -5.20 25.14
C GLN A 74 9.58 -6.16 25.55
N PHE A 75 10.60 -6.22 24.71
CA PHE A 75 11.78 -7.03 24.98
C PHE A 75 12.56 -6.41 26.13
N GLY A 76 12.20 -5.18 26.50
CA GLY A 76 12.86 -4.48 27.58
C GLY A 76 12.54 -5.11 28.91
N ARG A 77 11.38 -5.76 28.99
CA ARG A 77 10.92 -6.50 30.17
C ARG A 77 11.16 -5.78 31.50
N ALA A 78 10.92 -4.48 31.50
CA ALA A 78 11.17 -3.64 32.67
C ALA A 78 10.03 -2.62 32.79
N GLY A 79 10.04 -1.86 33.88
CA GLY A 79 9.02 -0.87 34.12
C GLY A 79 8.78 -0.71 35.61
N SER A 80 8.80 -1.85 36.30
CA SER A 80 8.64 -1.90 37.75
C SER A 80 9.81 -1.30 38.54
N GLY A 1 -7.88 -21.36 -58.24
CA GLY A 1 -8.62 -20.44 -59.17
C GLY A 1 -8.08 -19.02 -59.13
N SER A 2 -8.63 -18.18 -60.01
CA SER A 2 -8.21 -16.78 -60.12
C SER A 2 -9.39 -15.99 -60.66
N ARG A 3 -9.41 -14.68 -60.41
CA ARG A 3 -10.49 -13.82 -60.89
C ARG A 3 -9.87 -12.63 -61.62
N SER A 4 -10.06 -12.57 -62.92
CA SER A 4 -9.58 -11.43 -63.70
C SER A 4 -10.69 -10.39 -63.62
N PHE A 5 -10.32 -9.12 -63.61
CA PHE A 5 -11.31 -8.04 -63.54
C PHE A 5 -10.91 -6.92 -64.50
N SER A 6 -11.89 -6.34 -65.15
CA SER A 6 -11.69 -5.27 -66.13
C SER A 6 -11.70 -3.88 -65.50
N LEU A 7 -11.19 -3.82 -64.27
CA LEU A 7 -11.05 -2.60 -63.45
C LEU A 7 -12.34 -1.86 -63.04
N GLY A 8 -13.30 -1.71 -63.96
CA GLY A 8 -14.56 -1.07 -63.62
C GLY A 8 -15.31 -1.91 -62.60
N GLU A 9 -15.05 -3.20 -62.61
CA GLU A 9 -15.65 -4.13 -61.66
C GLU A 9 -15.21 -3.83 -60.24
N VAL A 10 -14.00 -3.30 -60.09
CA VAL A 10 -13.47 -2.96 -58.77
C VAL A 10 -14.19 -1.71 -58.27
N SER A 11 -14.50 -0.80 -59.18
CA SER A 11 -15.23 0.41 -58.82
C SER A 11 -16.65 0.07 -58.42
N ASP A 12 -17.23 -0.92 -59.10
CA ASP A 12 -18.58 -1.38 -58.80
C ASP A 12 -18.59 -2.07 -57.45
N MET A 13 -17.51 -2.76 -57.14
CA MET A 13 -17.38 -3.49 -55.88
C MET A 13 -17.49 -2.52 -54.70
N ALA A 14 -16.88 -1.36 -54.86
CA ALA A 14 -16.91 -0.33 -53.81
C ALA A 14 -18.33 0.21 -53.64
N ALA A 15 -19.12 0.22 -54.72
CA ALA A 15 -20.49 0.68 -54.65
C ALA A 15 -21.33 -0.34 -53.86
N VAL A 16 -21.03 -1.62 -54.04
CA VAL A 16 -21.73 -2.67 -53.30
C VAL A 16 -21.41 -2.52 -51.81
N GLU A 17 -20.14 -2.30 -51.49
CA GLU A 17 -19.74 -2.11 -50.10
C GLU A 17 -20.47 -0.93 -49.49
N ALA A 18 -20.57 0.17 -50.23
CA ALA A 18 -21.25 1.36 -49.74
C ALA A 18 -22.74 1.06 -49.48
N ALA A 19 -23.35 0.28 -50.35
CA ALA A 19 -24.77 -0.07 -50.20
C ALA A 19 -24.98 -0.92 -48.94
N GLU A 20 -24.11 -1.90 -48.71
CA GLU A 20 -24.24 -2.75 -47.52
C GLU A 20 -24.06 -1.92 -46.27
N LEU A 21 -23.09 -1.02 -46.32
CA LEU A 21 -22.81 -0.15 -45.17
C LEU A 21 -23.99 0.77 -44.87
N GLU A 22 -24.56 1.42 -45.87
CA GLU A 22 -25.66 2.34 -45.59
C GLU A 22 -26.92 1.59 -45.15
N MET A 23 -27.14 0.38 -45.66
CA MET A 23 -28.27 -0.42 -45.21
C MET A 23 -28.09 -0.76 -43.75
N THR A 24 -26.88 -1.13 -43.36
CA THR A 24 -26.59 -1.44 -41.95
C THR A 24 -26.81 -0.20 -41.07
N ARG A 25 -26.44 0.97 -41.55
CA ARG A 25 -26.66 2.19 -40.75
C ARG A 25 -28.14 2.45 -40.61
N GLN A 26 -28.87 2.23 -41.69
CA GLN A 26 -30.32 2.45 -41.69
C GLN A 26 -31.04 1.55 -40.69
N VAL A 27 -30.71 0.26 -40.70
CA VAL A 27 -31.40 -0.68 -39.80
C VAL A 27 -31.06 -0.41 -38.33
N LEU A 28 -29.82 -0.04 -38.05
CA LEU A 28 -29.42 0.28 -36.67
C LEU A 28 -30.14 1.51 -36.16
N HIS A 29 -30.23 2.56 -36.97
CA HIS A 29 -30.90 3.80 -36.56
C HIS A 29 -32.41 3.61 -36.43
N ALA A 30 -32.97 2.70 -37.21
CA ALA A 30 -34.40 2.42 -37.15
C ALA A 30 -34.73 1.63 -35.88
N GLY A 31 -33.75 0.86 -35.40
CA GLY A 31 -33.97 0.05 -34.21
C GLY A 31 -33.74 0.77 -32.90
N ALA A 32 -32.75 1.65 -32.85
CA ALA A 32 -32.42 2.37 -31.64
C ALA A 32 -31.60 3.58 -32.01
N ARG A 33 -31.33 4.38 -31.00
CA ARG A 33 -30.47 5.56 -31.12
C ARG A 33 -29.23 5.31 -30.32
N GLN A 34 -28.14 5.95 -30.72
CA GLN A 34 -26.87 5.82 -30.04
C GLN A 34 -26.47 7.21 -29.57
N ASP A 35 -27.49 8.03 -29.39
CA ASP A 35 -27.34 9.44 -28.99
C ASP A 35 -26.69 9.52 -27.61
N ASP A 36 -26.92 8.48 -26.80
CA ASP A 36 -26.40 8.42 -25.43
C ASP A 36 -26.11 6.96 -25.10
N ALA A 37 -25.31 6.34 -25.95
CA ALA A 37 -24.98 4.92 -25.80
C ALA A 37 -23.48 4.76 -25.55
N GLU A 38 -22.95 5.56 -24.64
CA GLU A 38 -21.52 5.47 -24.35
C GLU A 38 -21.18 4.11 -23.70
N PRO A 39 -19.98 3.57 -23.98
CA PRO A 39 -19.62 2.29 -23.37
C PRO A 39 -19.10 2.45 -21.95
N GLY A 40 -18.84 1.33 -21.28
CA GLY A 40 -18.26 1.37 -19.94
C GLY A 40 -16.79 1.73 -20.03
N VAL A 41 -16.52 3.03 -20.14
CA VAL A 41 -15.16 3.55 -20.28
C VAL A 41 -14.27 3.13 -19.11
N SER A 42 -13.01 2.83 -19.44
CA SER A 42 -12.03 2.40 -18.46
C SER A 42 -10.77 3.24 -18.70
N GLY A 43 -9.87 3.27 -17.73
CA GLY A 43 -8.66 4.06 -17.85
C GLY A 43 -7.57 3.54 -16.95
N ALA A 44 -6.58 4.38 -16.66
CA ALA A 44 -5.46 3.99 -15.82
C ALA A 44 -5.97 3.57 -14.44
N SER A 45 -5.60 2.38 -14.01
CA SER A 45 -6.05 1.81 -12.74
C SER A 45 -5.65 2.66 -11.53
N ALA A 46 -4.56 3.38 -11.66
CA ALA A 46 -4.07 4.25 -10.60
C ALA A 46 -3.24 5.37 -11.20
N HIS A 47 -3.74 6.60 -11.12
CA HIS A 47 -2.95 7.76 -11.56
C HIS A 47 -2.37 8.44 -10.31
N TRP A 48 -3.24 9.04 -9.50
CA TRP A 48 -2.80 9.70 -8.27
C TRP A 48 -2.18 8.70 -7.31
N GLY A 49 -2.63 7.46 -7.43
CA GLY A 49 -2.13 6.37 -6.61
C GLY A 49 -0.63 6.13 -6.80
N GLN A 50 -0.10 6.45 -7.97
CA GLN A 50 1.32 6.26 -8.22
C GLN A 50 2.15 7.15 -7.31
N ARG A 51 1.67 8.37 -7.09
CA ARG A 51 2.41 9.31 -6.26
C ARG A 51 2.32 8.86 -4.81
N ALA A 52 1.15 8.34 -4.46
CA ALA A 52 0.92 7.82 -3.11
C ALA A 52 1.81 6.61 -2.82
N LEU A 53 2.00 5.72 -3.79
CA LEU A 53 2.85 4.55 -3.59
C LEU A 53 4.30 4.97 -3.36
N GLN A 54 4.76 6.01 -4.04
CA GLN A 54 6.12 6.50 -3.81
C GLN A 54 6.26 7.01 -2.38
N GLY A 55 5.20 7.62 -1.86
CA GLY A 55 5.20 8.08 -0.49
C GLY A 55 5.21 6.88 0.44
N ALA A 56 4.40 5.88 0.12
CA ALA A 56 4.31 4.66 0.93
C ALA A 56 5.70 3.99 1.11
N GLN A 57 6.53 4.05 0.08
CA GLN A 57 7.85 3.50 0.16
C GLN A 57 8.79 4.28 1.01
N ALA A 58 8.70 5.63 0.89
CA ALA A 58 9.50 6.49 1.68
C ALA A 58 9.15 6.36 3.17
N VAL A 59 7.86 6.35 3.47
CA VAL A 59 7.41 6.23 4.86
C VAL A 59 7.71 4.84 5.40
N ALA A 60 7.77 3.83 4.53
CA ALA A 60 8.04 2.46 4.98
C ALA A 60 9.38 2.36 5.71
N ALA A 61 10.35 3.19 5.32
CA ALA A 61 11.64 3.22 6.00
C ALA A 61 11.46 3.67 7.46
N ALA A 62 10.57 4.62 7.69
CA ALA A 62 10.25 5.08 9.03
C ALA A 62 9.43 4.01 9.77
N GLN A 63 8.54 3.33 9.07
CA GLN A 63 7.69 2.32 9.70
C GLN A 63 8.48 1.11 10.21
N ARG A 64 9.37 0.60 9.38
CA ARG A 64 10.20 -0.55 9.77
C ARG A 64 11.05 -0.15 10.97
N LEU A 65 11.36 1.14 11.05
CA LEU A 65 12.13 1.68 12.15
C LEU A 65 11.29 1.81 13.42
N VAL A 66 10.14 2.45 13.35
CA VAL A 66 9.34 2.69 14.56
C VAL A 66 8.89 1.35 15.17
N HIS A 67 8.58 0.40 14.32
CA HIS A 67 8.17 -0.91 14.77
C HIS A 67 9.31 -1.59 15.52
N ALA A 68 10.56 -1.34 15.13
CA ALA A 68 11.68 -1.95 15.80
C ALA A 68 11.71 -1.51 17.28
N ILE A 69 11.52 -0.22 17.54
CA ILE A 69 11.55 0.27 18.91
C ILE A 69 10.32 -0.20 19.66
N ALA A 70 9.21 -0.33 18.96
CA ALA A 70 7.98 -0.81 19.58
C ALA A 70 8.22 -2.21 20.19
N LEU A 71 9.16 -2.94 19.61
CA LEU A 71 9.52 -4.27 20.14
C LEU A 71 10.47 -4.12 21.31
N MET A 72 11.45 -3.24 21.16
CA MET A 72 12.43 -3.03 22.22
C MET A 72 11.79 -2.54 23.48
N THR A 73 10.66 -1.87 23.35
CA THR A 73 10.03 -1.28 24.52
C THR A 73 9.24 -2.35 25.28
N GLN A 74 8.66 -3.31 24.57
CA GLN A 74 7.98 -4.40 25.26
C GLN A 74 8.97 -5.48 25.73
N PHE A 75 10.11 -5.62 25.05
CA PHE A 75 11.13 -6.55 25.48
C PHE A 75 11.94 -5.98 26.64
N GLY A 76 12.16 -4.67 26.64
CA GLY A 76 12.93 -4.03 27.69
C GLY A 76 12.27 -4.05 29.05
N ARG A 77 10.94 -4.24 29.07
CA ARG A 77 10.20 -4.32 30.33
C ARG A 77 10.02 -5.79 30.71
N ALA A 78 10.69 -6.66 29.96
CA ALA A 78 10.65 -8.10 30.17
C ALA A 78 9.21 -8.64 30.15
N GLY A 79 8.41 -8.16 29.20
CA GLY A 79 7.02 -8.57 29.10
C GLY A 79 6.85 -9.93 28.45
N SER A 80 7.52 -10.95 28.99
CA SER A 80 7.51 -12.32 28.45
C SER A 80 6.19 -13.05 28.68
N GLY A 1 -37.59 20.22 -49.16
CA GLY A 1 -37.97 19.26 -50.24
C GLY A 1 -38.59 17.98 -49.69
N SER A 2 -39.41 17.34 -50.53
CA SER A 2 -40.07 16.10 -50.16
C SER A 2 -39.07 14.95 -50.05
N ARG A 3 -39.38 13.97 -49.22
CA ARG A 3 -38.53 12.79 -49.03
C ARG A 3 -39.44 11.58 -49.09
N SER A 4 -38.86 10.40 -49.28
CA SER A 4 -39.63 9.17 -49.35
C SER A 4 -38.79 8.04 -48.78
N PHE A 5 -39.45 7.02 -48.27
CA PHE A 5 -38.83 5.85 -47.66
C PHE A 5 -39.96 4.84 -47.65
N SER A 6 -39.69 3.58 -47.37
CA SER A 6 -40.77 2.58 -47.31
C SER A 6 -41.17 2.40 -45.87
N LEU A 7 -42.46 2.36 -45.64
CA LEU A 7 -43.00 2.27 -44.29
C LEU A 7 -42.61 0.96 -43.61
N GLY A 8 -42.39 -0.09 -44.41
CA GLY A 8 -41.97 -1.36 -43.85
C GLY A 8 -40.58 -1.31 -43.25
N GLU A 9 -39.72 -0.46 -43.81
CA GLU A 9 -38.34 -0.32 -43.32
C GLU A 9 -38.40 0.23 -41.90
N VAL A 10 -39.35 1.13 -41.66
CA VAL A 10 -39.50 1.77 -40.36
C VAL A 10 -40.05 0.78 -39.34
N SER A 11 -40.85 -0.18 -39.78
CA SER A 11 -41.38 -1.19 -38.86
C SER A 11 -40.24 -2.04 -38.31
N ASP A 12 -39.29 -2.38 -39.18
CA ASP A 12 -38.14 -3.18 -38.78
C ASP A 12 -37.17 -2.33 -38.00
N MET A 13 -37.12 -1.05 -38.32
CA MET A 13 -36.27 -0.09 -37.61
C MET A 13 -36.71 -0.02 -36.15
N ALA A 14 -38.01 0.05 -35.92
CA ALA A 14 -38.53 0.12 -34.56
C ALA A 14 -38.23 -1.17 -33.79
N ALA A 15 -38.24 -2.29 -34.49
CA ALA A 15 -37.98 -3.58 -33.85
C ALA A 15 -36.53 -3.68 -33.38
N VAL A 16 -35.59 -3.28 -34.22
CA VAL A 16 -34.17 -3.37 -33.86
C VAL A 16 -33.83 -2.32 -32.81
N GLU A 17 -34.45 -1.16 -32.90
CA GLU A 17 -34.26 -0.10 -31.90
C GLU A 17 -34.70 -0.61 -30.52
N ALA A 18 -35.82 -1.31 -30.46
CA ALA A 18 -36.31 -1.85 -29.20
C ALA A 18 -35.33 -2.89 -28.64
N ALA A 19 -34.73 -3.67 -29.53
CA ALA A 19 -33.77 -4.69 -29.13
C ALA A 19 -32.51 -4.03 -28.53
N GLU A 20 -32.02 -2.99 -29.19
CA GLU A 20 -30.83 -2.28 -28.71
C GLU A 20 -31.11 -1.67 -27.34
N LEU A 21 -32.29 -1.10 -27.22
CA LEU A 21 -32.72 -0.49 -25.96
C LEU A 21 -32.73 -1.51 -24.82
N GLU A 22 -33.24 -2.72 -25.05
CA GLU A 22 -33.23 -3.73 -23.99
C GLU A 22 -31.82 -4.29 -23.76
N MET A 23 -31.00 -4.38 -24.81
CA MET A 23 -29.62 -4.83 -24.66
C MET A 23 -28.87 -3.86 -23.76
N THR A 24 -29.17 -2.58 -23.90
CA THR A 24 -28.56 -1.54 -23.06
C THR A 24 -28.90 -1.78 -21.58
N ARG A 25 -30.10 -2.24 -21.30
CA ARG A 25 -30.49 -2.52 -19.90
C ARG A 25 -29.65 -3.67 -19.40
N GLN A 26 -29.53 -4.69 -20.24
CA GLN A 26 -28.78 -5.89 -19.87
C GLN A 26 -27.32 -5.59 -19.54
N VAL A 27 -26.66 -4.78 -20.35
CA VAL A 27 -25.25 -4.46 -20.10
C VAL A 27 -25.04 -3.58 -18.88
N LEU A 28 -25.97 -2.66 -18.64
CA LEU A 28 -25.88 -1.78 -17.47
C LEU A 28 -26.04 -2.57 -16.17
N HIS A 29 -26.98 -3.51 -16.15
CA HIS A 29 -27.21 -4.31 -14.95
C HIS A 29 -26.14 -5.38 -14.74
N ALA A 30 -25.31 -5.61 -15.74
CA ALA A 30 -24.25 -6.61 -15.63
C ALA A 30 -23.06 -6.10 -14.80
N GLY A 31 -23.03 -4.82 -14.47
CA GLY A 31 -21.94 -4.25 -13.70
C GLY A 31 -22.37 -3.66 -12.38
N ALA A 32 -21.56 -3.84 -11.35
CA ALA A 32 -21.82 -3.33 -10.02
C ALA A 32 -20.46 -3.18 -9.35
N ARG A 33 -20.36 -2.24 -8.43
CA ARG A 33 -19.12 -2.02 -7.69
C ARG A 33 -19.05 -3.02 -6.54
N GLN A 34 -17.90 -3.65 -6.38
CA GLN A 34 -17.69 -4.60 -5.28
C GLN A 34 -17.21 -3.83 -4.07
N ASP A 35 -18.07 -2.94 -3.59
CA ASP A 35 -17.81 -2.02 -2.46
C ASP A 35 -16.69 -1.01 -2.74
N ASP A 36 -15.48 -1.50 -2.97
CA ASP A 36 -14.29 -0.65 -3.19
C ASP A 36 -13.16 -1.41 -3.89
N ALA A 37 -13.52 -2.51 -4.54
CA ALA A 37 -12.52 -3.37 -5.17
C ALA A 37 -12.37 -3.08 -6.67
N GLU A 38 -12.26 -1.80 -7.01
CA GLU A 38 -12.03 -1.42 -8.40
C GLU A 38 -10.56 -1.72 -8.74
N PRO A 39 -10.27 -2.20 -9.96
CA PRO A 39 -8.88 -2.51 -10.30
C PRO A 39 -8.03 -1.26 -10.59
N GLY A 40 -8.69 -0.13 -10.73
CA GLY A 40 -8.02 1.13 -10.98
C GLY A 40 -9.12 2.17 -11.09
N VAL A 41 -8.87 3.38 -10.62
CA VAL A 41 -9.90 4.42 -10.64
C VAL A 41 -10.35 4.68 -12.08
N SER A 42 -11.65 4.49 -12.31
CA SER A 42 -12.26 4.67 -13.63
C SER A 42 -11.60 3.83 -14.73
N GLY A 43 -10.90 2.76 -14.33
CA GLY A 43 -10.21 1.91 -15.29
C GLY A 43 -9.03 2.60 -15.96
N ALA A 44 -8.56 3.69 -15.37
CA ALA A 44 -7.47 4.48 -15.94
C ALA A 44 -6.25 4.49 -15.02
N SER A 45 -5.11 4.86 -15.57
CA SER A 45 -3.88 4.97 -14.79
C SER A 45 -4.05 6.01 -13.69
N ALA A 46 -3.88 5.59 -12.44
CA ALA A 46 -4.04 6.49 -11.31
C ALA A 46 -3.03 7.64 -11.42
N HIS A 47 -3.48 8.86 -11.18
CA HIS A 47 -2.59 10.01 -11.17
C HIS A 47 -2.11 10.25 -9.73
N TRP A 48 -3.04 10.66 -8.87
CA TRP A 48 -2.71 10.97 -7.47
C TRP A 48 -2.21 9.75 -6.71
N GLY A 49 -2.72 8.60 -7.11
CA GLY A 49 -2.34 7.33 -6.52
C GLY A 49 -0.85 7.08 -6.62
N GLN A 50 -0.22 7.55 -7.68
CA GLN A 50 1.23 7.36 -7.86
C GLN A 50 1.97 8.11 -6.78
N ARG A 51 1.57 9.34 -6.52
CA ARG A 51 2.25 10.15 -5.51
C ARG A 51 2.05 9.52 -4.15
N ALA A 52 0.88 8.94 -3.95
CA ALA A 52 0.57 8.27 -2.70
C ALA A 52 1.48 7.03 -2.54
N LEU A 53 1.64 6.25 -3.61
CA LEU A 53 2.49 5.07 -3.52
C LEU A 53 3.94 5.46 -3.32
N GLN A 54 4.40 6.51 -3.97
CA GLN A 54 5.78 6.97 -3.78
C GLN A 54 6.01 7.35 -2.32
N GLY A 55 4.98 7.91 -1.70
CA GLY A 55 5.05 8.26 -0.30
C GLY A 55 5.12 6.99 0.53
N ALA A 56 4.25 6.04 0.22
CA ALA A 56 4.20 4.76 0.93
C ALA A 56 5.57 4.06 0.96
N GLN A 57 6.29 4.13 -0.15
CA GLN A 57 7.62 3.51 -0.22
C GLN A 57 8.61 4.19 0.73
N ALA A 58 8.58 5.52 0.74
CA ALA A 58 9.51 6.30 1.56
C ALA A 58 9.19 6.15 3.06
N VAL A 59 7.92 6.24 3.41
CA VAL A 59 7.51 6.15 4.81
C VAL A 59 7.78 4.75 5.34
N ALA A 60 7.78 3.75 4.47
CA ALA A 60 8.04 2.38 4.90
C ALA A 60 9.38 2.26 5.65
N ALA A 61 10.35 3.10 5.31
CA ALA A 61 11.64 3.10 6.00
C ALA A 61 11.46 3.58 7.45
N ALA A 62 10.59 4.55 7.65
CA ALA A 62 10.27 5.04 8.99
C ALA A 62 9.42 4.02 9.76
N GLN A 63 8.59 3.27 9.05
CA GLN A 63 7.69 2.32 9.70
C GLN A 63 8.43 1.11 10.24
N ARG A 64 9.32 0.56 9.43
CA ARG A 64 10.12 -0.58 9.86
C ARG A 64 11.01 -0.15 11.04
N LEU A 65 11.33 1.14 11.08
CA LEU A 65 12.11 1.71 12.16
C LEU A 65 11.27 1.85 13.44
N VAL A 66 10.10 2.48 13.37
CA VAL A 66 9.30 2.72 14.58
C VAL A 66 8.89 1.39 15.18
N HIS A 67 8.61 0.43 14.33
CA HIS A 67 8.23 -0.89 14.76
C HIS A 67 9.37 -1.54 15.53
N ALA A 68 10.61 -1.29 15.12
CA ALA A 68 11.75 -1.89 15.79
C ALA A 68 11.78 -1.49 17.27
N ILE A 69 11.55 -0.22 17.56
CA ILE A 69 11.57 0.25 18.94
C ILE A 69 10.34 -0.28 19.69
N ALA A 70 9.22 -0.37 18.99
CA ALA A 70 7.99 -0.87 19.60
C ALA A 70 8.19 -2.29 20.12
N LEU A 71 9.11 -3.02 19.52
CA LEU A 71 9.44 -4.38 19.97
C LEU A 71 10.31 -4.31 21.19
N MET A 72 11.27 -3.40 21.16
CA MET A 72 12.18 -3.26 22.30
C MET A 72 11.45 -2.83 23.54
N THR A 73 10.35 -2.13 23.37
CA THR A 73 9.63 -1.62 24.53
C THR A 73 8.77 -2.72 25.13
N GLN A 74 8.23 -3.60 24.31
CA GLN A 74 7.44 -4.73 24.84
C GLN A 74 8.36 -5.86 25.30
N PHE A 75 9.58 -5.94 24.77
CA PHE A 75 10.53 -6.96 25.21
C PHE A 75 11.18 -6.54 26.54
N GLY A 76 11.28 -5.23 26.76
CA GLY A 76 11.89 -4.71 27.98
C GLY A 76 13.41 -4.85 28.01
N ARG A 77 13.95 -5.50 27.00
CA ARG A 77 15.39 -5.79 26.92
C ARG A 77 16.25 -4.57 26.60
N ALA A 78 15.63 -3.42 26.47
CA ALA A 78 16.36 -2.17 26.24
C ALA A 78 17.19 -1.83 27.49
N GLY A 79 16.69 -2.24 28.66
CA GLY A 79 17.40 -1.98 29.91
C GLY A 79 17.29 -0.53 30.34
N SER A 80 17.90 0.36 29.58
CA SER A 80 17.93 1.80 29.86
C SER A 80 16.60 2.48 29.58
N GLY A 1 14.42 -26.88 -16.39
CA GLY A 1 13.99 -25.51 -15.95
C GLY A 1 12.48 -25.43 -15.81
N SER A 2 11.86 -26.47 -16.37
CA SER A 2 10.41 -26.61 -16.38
C SER A 2 9.85 -26.81 -14.97
N ARG A 3 10.63 -27.44 -14.11
CA ARG A 3 10.25 -27.63 -12.71
C ARG A 3 11.52 -27.89 -11.90
N SER A 4 11.67 -27.16 -10.81
CA SER A 4 12.82 -27.32 -9.92
C SER A 4 12.34 -26.84 -8.56
N PHE A 5 12.96 -27.29 -7.49
CA PHE A 5 12.58 -26.89 -6.14
C PHE A 5 13.72 -27.23 -5.19
N SER A 6 13.83 -26.49 -4.09
CA SER A 6 14.85 -26.72 -3.08
C SER A 6 14.22 -27.09 -1.76
N LEU A 7 13.21 -27.96 -1.85
CA LEU A 7 12.44 -28.52 -0.72
C LEU A 7 11.62 -27.52 0.12
N GLY A 8 12.18 -26.39 0.51
CA GLY A 8 11.39 -25.37 1.21
C GLY A 8 10.34 -24.86 0.27
N GLU A 9 10.70 -24.83 -1.01
CA GLU A 9 9.78 -24.42 -2.08
C GLU A 9 8.54 -25.30 -2.08
N VAL A 10 8.72 -26.59 -1.78
CA VAL A 10 7.62 -27.54 -1.78
C VAL A 10 6.71 -27.29 -0.58
N SER A 11 7.31 -26.90 0.55
CA SER A 11 6.52 -26.59 1.73
C SER A 11 5.70 -25.32 1.53
N ASP A 12 6.29 -24.33 0.89
CA ASP A 12 5.59 -23.08 0.63
C ASP A 12 4.51 -23.32 -0.44
N MET A 13 4.81 -24.21 -1.38
CA MET A 13 3.85 -24.57 -2.42
C MET A 13 2.65 -25.31 -1.81
N ALA A 14 2.89 -26.05 -0.72
CA ALA A 14 1.80 -26.75 -0.04
C ALA A 14 0.86 -25.73 0.61
N ALA A 15 1.40 -24.58 1.00
CA ALA A 15 0.58 -23.51 1.57
C ALA A 15 -0.28 -22.90 0.46
N VAL A 16 0.26 -22.81 -0.75
CA VAL A 16 -0.49 -22.29 -1.90
C VAL A 16 -1.63 -23.25 -2.21
N GLU A 17 -1.35 -24.55 -2.20
CA GLU A 17 -2.38 -25.56 -2.44
C GLU A 17 -3.49 -25.43 -1.41
N ALA A 18 -3.11 -25.26 -0.15
CA ALA A 18 -4.09 -25.12 0.92
C ALA A 18 -4.95 -23.87 0.71
N ALA A 19 -4.32 -22.79 0.25
CA ALA A 19 -5.02 -21.55 -0.01
C ALA A 19 -6.02 -21.73 -1.15
N GLU A 20 -5.60 -22.39 -2.22
CA GLU A 20 -6.48 -22.62 -3.37
C GLU A 20 -7.68 -23.43 -2.94
N LEU A 21 -7.42 -24.48 -2.17
CA LEU A 21 -8.48 -25.37 -1.69
C LEU A 21 -9.49 -24.62 -0.82
N GLU A 22 -9.03 -23.77 0.10
CA GLU A 22 -9.97 -23.05 0.95
C GLU A 22 -10.67 -21.90 0.21
N MET A 23 -9.97 -21.22 -0.69
CA MET A 23 -10.56 -20.10 -1.44
C MET A 23 -11.70 -20.59 -2.29
N THR A 24 -11.55 -21.77 -2.87
CA THR A 24 -12.59 -22.37 -3.71
C THR A 24 -13.93 -22.43 -2.96
N ARG A 25 -13.88 -22.66 -1.66
CA ARG A 25 -15.09 -22.77 -0.85
C ARG A 25 -15.86 -21.47 -0.77
N GLN A 26 -15.15 -20.36 -0.66
CA GLN A 26 -15.82 -19.06 -0.64
C GLN A 26 -16.23 -18.69 -2.06
N VAL A 27 -15.37 -19.00 -3.01
CA VAL A 27 -15.60 -18.71 -4.43
C VAL A 27 -16.90 -19.33 -4.93
N LEU A 28 -17.21 -20.54 -4.49
CA LEU A 28 -18.43 -21.23 -4.91
C LEU A 28 -19.71 -20.52 -4.45
N HIS A 29 -19.60 -19.67 -3.44
CA HIS A 29 -20.76 -18.97 -2.89
C HIS A 29 -20.63 -17.44 -3.03
N ALA A 30 -19.69 -16.98 -3.85
CA ALA A 30 -19.50 -15.54 -4.05
C ALA A 30 -19.05 -15.16 -5.46
N GLY A 31 -18.09 -15.91 -6.01
CA GLY A 31 -17.57 -15.60 -7.33
C GLY A 31 -18.31 -16.28 -8.45
N ALA A 32 -18.79 -17.50 -8.20
CA ALA A 32 -19.54 -18.29 -9.18
C ALA A 32 -18.81 -18.43 -10.53
N ARG A 33 -17.73 -19.18 -10.51
CA ARG A 33 -16.85 -19.42 -11.64
C ARG A 33 -16.20 -18.15 -12.17
N GLN A 34 -15.94 -18.11 -13.48
CA GLN A 34 -15.26 -16.99 -14.13
C GLN A 34 -15.88 -16.72 -15.49
N ASP A 35 -17.14 -17.07 -15.64
CA ASP A 35 -17.84 -16.95 -16.92
C ASP A 35 -17.87 -15.48 -17.37
N ASP A 36 -17.86 -14.57 -16.41
CA ASP A 36 -17.91 -13.11 -16.68
C ASP A 36 -16.77 -12.39 -15.93
N ALA A 37 -15.64 -13.07 -15.74
CA ALA A 37 -14.53 -12.51 -14.94
C ALA A 37 -13.29 -12.18 -15.76
N GLU A 38 -13.48 -11.53 -16.89
CA GLU A 38 -12.37 -11.13 -17.75
C GLU A 38 -11.53 -10.02 -17.09
N PRO A 39 -10.20 -9.99 -17.38
CA PRO A 39 -9.35 -8.94 -16.80
C PRO A 39 -9.50 -7.60 -17.50
N GLY A 40 -8.97 -6.56 -16.89
CA GLY A 40 -9.04 -5.22 -17.45
C GLY A 40 -7.85 -4.90 -18.32
N VAL A 41 -7.66 -3.60 -18.51
CA VAL A 41 -6.60 -3.08 -19.37
C VAL A 41 -5.71 -2.17 -18.53
N SER A 42 -4.47 -1.96 -18.96
CA SER A 42 -3.51 -1.14 -18.23
C SER A 42 -2.86 -0.15 -19.18
N GLY A 43 -2.24 0.89 -18.62
CA GLY A 43 -1.58 1.91 -19.43
C GLY A 43 -1.95 3.33 -19.03
N ALA A 44 -1.59 3.72 -17.81
CA ALA A 44 -1.88 5.05 -17.31
C ALA A 44 -0.67 5.56 -16.52
N SER A 45 -0.41 6.85 -16.58
CA SER A 45 0.74 7.45 -15.88
C SER A 45 0.52 7.52 -14.37
N ALA A 46 -0.75 7.53 -13.96
CA ALA A 46 -1.13 7.57 -12.55
C ALA A 46 -0.31 8.54 -11.70
N HIS A 47 -0.19 9.80 -12.12
CA HIS A 47 0.66 10.76 -11.39
C HIS A 47 0.35 10.81 -9.89
N TRP A 48 -0.93 10.86 -9.51
CA TRP A 48 -1.29 10.87 -8.12
C TRP A 48 -0.86 9.60 -7.39
N GLY A 49 -0.96 8.47 -8.06
CA GLY A 49 -0.55 7.19 -7.48
C GLY A 49 0.96 7.14 -7.35
N GLN A 50 1.67 7.74 -8.29
CA GLN A 50 3.12 7.79 -8.22
C GLN A 50 3.52 8.60 -7.01
N ARG A 51 2.90 9.75 -6.83
CA ARG A 51 3.22 10.60 -5.68
C ARG A 51 2.87 9.89 -4.38
N ALA A 52 1.77 9.16 -4.39
CA ALA A 52 1.35 8.42 -3.22
C ALA A 52 2.39 7.34 -2.87
N LEU A 53 2.84 6.61 -3.88
CA LEU A 53 3.83 5.56 -3.65
C LEU A 53 5.16 6.14 -3.20
N GLN A 54 5.59 7.27 -3.77
CA GLN A 54 6.83 7.91 -3.32
C GLN A 54 6.78 8.15 -1.81
N GLY A 55 5.63 8.57 -1.33
CA GLY A 55 5.45 8.80 0.09
C GLY A 55 5.44 7.47 0.82
N ALA A 56 4.64 6.53 0.35
CA ALA A 56 4.52 5.22 0.97
C ALA A 56 5.87 4.50 1.12
N GLN A 57 6.75 4.66 0.14
CA GLN A 57 8.06 4.02 0.19
C GLN A 57 8.93 4.70 1.23
N ALA A 58 8.90 6.03 1.26
CA ALA A 58 9.71 6.80 2.20
C ALA A 58 9.26 6.51 3.64
N VAL A 59 7.96 6.51 3.86
CA VAL A 59 7.44 6.25 5.20
C VAL A 59 7.67 4.81 5.58
N ALA A 60 7.70 3.89 4.64
CA ALA A 60 7.91 2.47 4.96
C ALA A 60 9.25 2.28 5.70
N ALA A 61 10.25 3.06 5.34
CA ALA A 61 11.54 2.99 6.02
C ALA A 61 11.37 3.47 7.47
N ALA A 62 10.53 4.47 7.68
CA ALA A 62 10.24 4.96 9.02
C ALA A 62 9.37 3.97 9.80
N GLN A 63 8.50 3.24 9.11
CA GLN A 63 7.61 2.29 9.77
C GLN A 63 8.40 1.08 10.28
N ARG A 64 9.27 0.54 9.45
CA ARG A 64 10.07 -0.61 9.89
C ARG A 64 10.97 -0.17 11.04
N LEU A 65 11.31 1.11 11.06
CA LEU A 65 12.11 1.69 12.13
C LEU A 65 11.28 1.83 13.42
N VAL A 66 10.11 2.45 13.36
CA VAL A 66 9.32 2.68 14.57
C VAL A 66 8.91 1.34 15.16
N HIS A 67 8.64 0.38 14.30
CA HIS A 67 8.28 -0.95 14.74
C HIS A 67 9.43 -1.59 15.52
N ALA A 68 10.67 -1.33 15.11
CA ALA A 68 11.80 -1.91 15.80
C ALA A 68 11.82 -1.44 17.26
N ILE A 69 11.56 -0.16 17.48
CA ILE A 69 11.54 0.37 18.84
C ILE A 69 10.30 -0.12 19.57
N ALA A 70 9.20 -0.27 18.86
CA ALA A 70 7.95 -0.74 19.48
C ALA A 70 8.17 -2.12 20.11
N LEU A 71 9.12 -2.86 19.56
CA LEU A 71 9.45 -4.18 20.13
C LEU A 71 10.26 -3.97 21.38
N MET A 72 11.22 -3.06 21.33
CA MET A 72 12.05 -2.79 22.48
C MET A 72 11.24 -2.25 23.64
N THR A 73 10.14 -1.59 23.34
CA THR A 73 9.32 -0.99 24.38
C THR A 73 8.42 -2.00 25.05
N GLN A 74 8.29 -3.18 24.45
CA GLN A 74 7.50 -4.26 25.07
C GLN A 74 8.41 -5.39 25.58
N PHE A 75 9.52 -5.66 24.92
CA PHE A 75 10.43 -6.69 25.36
C PHE A 75 11.28 -6.18 26.51
N GLY A 76 11.60 -4.89 26.49
CA GLY A 76 12.35 -4.28 27.59
C GLY A 76 11.47 -4.00 28.78
N ARG A 77 10.19 -4.34 28.66
CA ARG A 77 9.21 -4.16 29.72
C ARG A 77 8.38 -5.45 29.82
N ALA A 78 9.01 -6.56 29.49
CA ALA A 78 8.33 -7.84 29.47
C ALA A 78 7.82 -8.22 30.87
N GLY A 79 6.56 -8.60 30.95
CA GLY A 79 5.96 -9.01 32.21
C GLY A 79 4.67 -9.76 31.99
N SER A 80 4.67 -10.60 30.95
CA SER A 80 3.48 -11.39 30.57
C SER A 80 3.36 -12.67 31.36
N GLY A 1 -12.25 39.59 -20.72
CA GLY A 1 -12.67 40.09 -19.38
C GLY A 1 -11.48 40.56 -18.56
N SER A 2 -11.74 41.14 -17.39
CA SER A 2 -10.67 41.59 -16.51
C SER A 2 -9.90 40.38 -15.99
N ARG A 3 -8.58 40.41 -16.11
CA ARG A 3 -7.72 39.32 -15.61
C ARG A 3 -6.67 39.90 -14.66
N SER A 4 -6.94 41.10 -14.20
CA SER A 4 -6.08 41.74 -13.20
C SER A 4 -6.61 41.22 -11.88
N PHE A 5 -5.75 41.10 -10.88
CA PHE A 5 -6.16 40.63 -9.57
C PHE A 5 -5.64 41.57 -8.49
N SER A 6 -6.43 41.76 -7.45
CA SER A 6 -6.12 42.66 -6.35
C SER A 6 -5.39 41.95 -5.22
N LEU A 7 -4.58 40.97 -5.59
CA LEU A 7 -3.74 40.16 -4.70
C LEU A 7 -4.44 39.30 -3.65
N GLY A 8 -5.30 39.87 -2.82
CA GLY A 8 -6.03 39.09 -1.83
C GLY A 8 -6.96 38.11 -2.52
N GLU A 9 -7.41 38.51 -3.70
CA GLU A 9 -8.29 37.69 -4.51
C GLU A 9 -7.60 36.40 -4.94
N VAL A 10 -6.27 36.41 -5.03
CA VAL A 10 -5.50 35.22 -5.40
C VAL A 10 -5.52 34.24 -4.21
N SER A 11 -5.51 34.76 -3.01
CA SER A 11 -5.56 33.92 -1.81
C SER A 11 -6.92 33.26 -1.72
N ASP A 12 -7.96 34.01 -2.04
CA ASP A 12 -9.31 33.50 -2.02
C ASP A 12 -9.47 32.47 -3.12
N MET A 13 -8.84 32.73 -4.26
CA MET A 13 -8.89 31.83 -5.41
C MET A 13 -8.25 30.49 -5.11
N ALA A 14 -7.22 30.48 -4.27
CA ALA A 14 -6.56 29.24 -3.88
C ALA A 14 -7.55 28.35 -3.11
N ALA A 15 -8.45 28.96 -2.35
CA ALA A 15 -9.46 28.21 -1.63
C ALA A 15 -10.52 27.69 -2.62
N VAL A 16 -10.81 28.48 -3.64
CA VAL A 16 -11.76 28.07 -4.67
C VAL A 16 -11.20 26.85 -5.42
N GLU A 17 -9.92 26.90 -5.75
CA GLU A 17 -9.29 25.77 -6.44
C GLU A 17 -9.45 24.48 -5.63
N ALA A 18 -9.23 24.57 -4.33
CA ALA A 18 -9.34 23.39 -3.47
C ALA A 18 -10.78 22.86 -3.49
N ALA A 19 -11.75 23.76 -3.43
CA ALA A 19 -13.16 23.39 -3.43
C ALA A 19 -13.56 22.76 -4.77
N GLU A 20 -13.10 23.34 -5.88
CA GLU A 20 -13.42 22.81 -7.20
C GLU A 20 -12.83 21.42 -7.34
N LEU A 21 -11.60 21.25 -6.87
CA LEU A 21 -10.93 19.95 -6.97
C LEU A 21 -11.68 18.85 -6.22
N GLU A 22 -12.16 19.12 -5.02
CA GLU A 22 -12.89 18.08 -4.28
C GLU A 22 -14.30 17.88 -4.87
N MET A 23 -14.93 18.95 -5.35
CA MET A 23 -16.26 18.81 -5.97
C MET A 23 -16.15 17.97 -7.23
N THR A 24 -15.07 18.14 -7.98
CA THR A 24 -14.85 17.35 -9.19
C THR A 24 -14.83 15.86 -8.87
N ARG A 25 -14.28 15.49 -7.73
CA ARG A 25 -14.26 14.06 -7.36
C ARG A 25 -15.69 13.59 -7.11
N GLN A 26 -16.44 14.38 -6.36
CA GLN A 26 -17.81 14.01 -6.01
C GLN A 26 -18.73 13.89 -7.23
N VAL A 27 -18.64 14.82 -8.16
CA VAL A 27 -19.51 14.78 -9.35
C VAL A 27 -19.19 13.59 -10.25
N LEU A 28 -17.91 13.25 -10.39
CA LEU A 28 -17.51 12.11 -11.22
C LEU A 28 -17.95 10.80 -10.58
N HIS A 29 -17.91 10.74 -9.25
CA HIS A 29 -18.31 9.54 -8.53
C HIS A 29 -19.84 9.37 -8.52
N ALA A 30 -20.54 10.43 -8.88
CA ALA A 30 -22.01 10.42 -8.95
C ALA A 30 -22.46 10.60 -10.41
N GLY A 31 -21.57 10.29 -11.34
CA GLY A 31 -21.88 10.45 -12.74
C GLY A 31 -22.94 9.50 -13.26
N ALA A 32 -23.52 9.80 -14.40
CA ALA A 32 -24.55 9.00 -15.00
C ALA A 32 -24.41 9.20 -16.50
N ARG A 33 -25.12 8.37 -17.25
CA ARG A 33 -25.11 8.36 -18.70
C ARG A 33 -23.71 8.18 -19.28
N GLN A 34 -23.56 8.51 -20.55
CA GLN A 34 -22.32 8.40 -21.28
C GLN A 34 -22.31 9.62 -22.19
N ASP A 35 -22.75 10.74 -21.60
CA ASP A 35 -22.92 12.00 -22.31
C ASP A 35 -21.58 12.56 -22.77
N ASP A 36 -20.55 12.27 -22.00
CA ASP A 36 -19.18 12.74 -22.28
C ASP A 36 -18.23 11.59 -21.94
N ALA A 37 -18.41 10.47 -22.63
CA ALA A 37 -17.62 9.27 -22.37
C ALA A 37 -16.47 9.15 -23.38
N GLU A 38 -15.79 10.24 -23.65
CA GLU A 38 -14.70 10.24 -24.62
C GLU A 38 -13.47 9.47 -24.09
N PRO A 39 -12.81 8.69 -24.95
CA PRO A 39 -11.67 7.89 -24.48
C PRO A 39 -10.34 8.65 -24.30
N GLY A 40 -9.71 8.39 -23.18
CA GLY A 40 -8.42 9.01 -22.87
C GLY A 40 -7.24 8.11 -23.23
N VAL A 41 -6.72 8.25 -24.44
CA VAL A 41 -5.56 7.45 -24.87
C VAL A 41 -4.31 7.86 -24.08
N SER A 42 -4.27 9.11 -23.64
CA SER A 42 -3.16 9.62 -22.83
C SER A 42 -3.58 9.52 -21.37
N GLY A 43 -2.61 9.34 -20.49
CA GLY A 43 -2.92 9.20 -19.07
C GLY A 43 -3.09 7.75 -18.67
N ALA A 44 -2.94 6.85 -19.64
CA ALA A 44 -3.03 5.41 -19.41
C ALA A 44 -1.75 4.85 -18.75
N SER A 45 -1.20 5.60 -17.81
CA SER A 45 0.00 5.23 -17.08
C SER A 45 -0.14 5.93 -15.74
N ALA A 46 0.29 5.27 -14.67
CA ALA A 46 0.14 5.84 -13.34
C ALA A 46 1.00 7.08 -13.16
N HIS A 47 0.38 8.24 -12.96
CA HIS A 47 1.13 9.45 -12.63
C HIS A 47 0.94 9.80 -11.14
N TRP A 48 -0.28 10.08 -10.74
CA TRP A 48 -0.56 10.42 -9.34
C TRP A 48 -0.21 9.24 -8.43
N GLY A 49 -0.37 8.04 -8.98
CA GLY A 49 -0.06 6.83 -8.25
C GLY A 49 1.42 6.74 -7.88
N GLN A 50 2.28 7.32 -8.69
CA GLN A 50 3.72 7.29 -8.40
C GLN A 50 4.00 8.10 -7.15
N ARG A 51 3.32 9.23 -7.02
CA ARG A 51 3.55 10.09 -5.86
C ARG A 51 3.15 9.34 -4.60
N ALA A 52 2.03 8.63 -4.69
CA ALA A 52 1.53 7.86 -3.58
C ALA A 52 2.50 6.72 -3.22
N LEU A 53 2.97 6.00 -4.23
CA LEU A 53 3.88 4.89 -3.98
C LEU A 53 5.21 5.40 -3.43
N GLN A 54 5.73 6.51 -3.94
CA GLN A 54 6.98 7.05 -3.43
C GLN A 54 6.84 7.49 -1.98
N GLY A 55 5.66 7.96 -1.61
CA GLY A 55 5.40 8.32 -0.23
C GLY A 55 5.44 7.05 0.59
N ALA A 56 4.74 6.03 0.13
CA ALA A 56 4.70 4.74 0.81
C ALA A 56 6.12 4.17 1.01
N GLN A 57 6.98 4.34 0.02
CA GLN A 57 8.36 3.85 0.12
C GLN A 57 9.12 4.61 1.21
N ALA A 58 8.98 5.93 1.21
CA ALA A 58 9.69 6.77 2.17
C ALA A 58 9.22 6.48 3.59
N VAL A 59 7.91 6.38 3.77
CA VAL A 59 7.38 6.11 5.10
C VAL A 59 7.69 4.68 5.52
N ALA A 60 7.81 3.75 4.59
CA ALA A 60 8.11 2.36 4.94
C ALA A 60 9.43 2.27 5.71
N ALA A 61 10.39 3.11 5.35
CA ALA A 61 11.67 3.15 6.07
C ALA A 61 11.43 3.60 7.51
N ALA A 62 10.52 4.54 7.71
CA ALA A 62 10.18 5.01 9.04
C ALA A 62 9.35 3.95 9.80
N GLN A 63 8.49 3.21 9.10
CA GLN A 63 7.66 2.21 9.76
C GLN A 63 8.47 1.03 10.26
N ARG A 64 9.36 0.51 9.43
CA ARG A 64 10.21 -0.62 9.84
C ARG A 64 11.06 -0.18 11.02
N LEU A 65 11.34 1.11 11.08
CA LEU A 65 12.10 1.69 12.17
C LEU A 65 11.25 1.84 13.45
N VAL A 66 10.09 2.47 13.36
CA VAL A 66 9.29 2.72 14.57
C VAL A 66 8.85 1.40 15.19
N HIS A 67 8.52 0.43 14.35
CA HIS A 67 8.13 -0.87 14.82
C HIS A 67 9.30 -1.53 15.54
N ALA A 68 10.53 -1.32 15.07
CA ALA A 68 11.67 -1.95 15.70
C ALA A 68 11.78 -1.51 17.15
N ILE A 69 11.58 -0.22 17.41
CA ILE A 69 11.67 0.30 18.78
C ILE A 69 10.48 -0.20 19.57
N ALA A 70 9.32 -0.28 18.93
CA ALA A 70 8.12 -0.75 19.62
C ALA A 70 8.35 -2.17 20.17
N LEU A 71 9.23 -2.92 19.53
CA LEU A 71 9.57 -4.26 20.01
C LEU A 71 10.54 -4.15 21.14
N MET A 72 11.50 -3.25 21.03
CA MET A 72 12.48 -3.06 22.10
C MET A 72 11.81 -2.60 23.38
N THR A 73 10.69 -1.90 23.25
CA THR A 73 10.02 -1.36 24.43
C THR A 73 9.15 -2.39 25.12
N GLN A 74 8.87 -3.49 24.44
CA GLN A 74 8.10 -4.58 25.05
C GLN A 74 9.03 -5.75 25.43
N PHE A 75 10.16 -5.90 24.75
CA PHE A 75 11.12 -6.94 25.07
C PHE A 75 12.10 -6.50 26.15
N GLY A 76 12.10 -5.20 26.45
CA GLY A 76 13.01 -4.65 27.44
C GLY A 76 14.39 -4.40 26.89
N ARG A 77 14.91 -5.38 26.14
CA ARG A 77 16.21 -5.31 25.45
C ARG A 77 17.39 -4.94 26.37
N ALA A 78 17.26 -5.32 27.64
CA ALA A 78 18.31 -5.07 28.61
C ALA A 78 19.57 -5.85 28.21
N GLY A 79 20.74 -5.22 28.39
CA GLY A 79 22.00 -5.86 28.02
C GLY A 79 22.29 -7.12 28.83
N SER A 80 21.81 -7.15 30.08
CA SER A 80 22.00 -8.28 31.01
C SER A 80 23.45 -8.50 31.44
N GLY A 1 -7.55 -7.91 -49.91
CA GLY A 1 -7.55 -7.05 -48.69
C GLY A 1 -8.83 -6.22 -48.57
N SER A 2 -9.64 -6.55 -47.56
CA SER A 2 -10.90 -5.83 -47.32
C SER A 2 -11.38 -5.98 -45.87
N ARG A 3 -11.46 -7.22 -45.40
CA ARG A 3 -11.87 -7.52 -44.01
C ARG A 3 -10.99 -8.66 -43.49
N SER A 4 -9.69 -8.44 -43.49
CA SER A 4 -8.74 -9.45 -43.05
C SER A 4 -7.48 -8.67 -42.68
N PHE A 5 -6.62 -9.29 -41.86
CA PHE A 5 -5.39 -8.67 -41.40
C PHE A 5 -4.49 -9.82 -40.98
N SER A 6 -3.21 -9.56 -40.77
CA SER A 6 -2.26 -10.57 -40.33
C SER A 6 -1.86 -10.28 -38.90
N LEU A 7 -1.62 -11.35 -38.16
CA LEU A 7 -1.32 -11.24 -36.73
C LEU A 7 0.05 -10.61 -36.49
N GLY A 8 0.91 -10.64 -37.50
CA GLY A 8 2.21 -9.99 -37.37
C GLY A 8 2.03 -8.49 -37.31
N GLU A 9 1.06 -7.98 -38.06
CA GLU A 9 0.78 -6.54 -38.08
C GLU A 9 0.26 -6.10 -36.71
N VAL A 10 -0.49 -6.99 -36.07
CA VAL A 10 -1.04 -6.72 -34.74
C VAL A 10 0.09 -6.67 -33.70
N SER A 11 1.17 -7.40 -33.95
CA SER A 11 2.30 -7.40 -33.04
C SER A 11 2.98 -6.03 -33.07
N ASP A 12 3.08 -5.46 -34.27
CA ASP A 12 3.67 -4.12 -34.42
C ASP A 12 2.68 -3.05 -33.95
N MET A 13 1.39 -3.36 -34.07
CA MET A 13 0.34 -2.45 -33.63
C MET A 13 0.47 -2.15 -32.14
N ALA A 14 0.79 -3.18 -31.35
CA ALA A 14 0.95 -3.01 -29.92
C ALA A 14 2.15 -2.09 -29.60
N ALA A 15 3.19 -2.17 -30.42
CA ALA A 15 4.39 -1.37 -30.21
C ALA A 15 4.14 0.10 -30.54
N VAL A 16 3.50 0.35 -31.67
CA VAL A 16 3.23 1.72 -32.11
C VAL A 16 2.21 2.38 -31.20
N GLU A 17 1.25 1.61 -30.72
CA GLU A 17 0.25 2.13 -29.77
C GLU A 17 0.95 2.74 -28.56
N ALA A 18 1.92 2.03 -28.01
CA ALA A 18 2.64 2.52 -26.85
C ALA A 18 3.39 3.81 -27.19
N ALA A 19 3.95 3.86 -28.39
CA ALA A 19 4.71 5.01 -28.84
C ALA A 19 3.83 6.24 -29.05
N GLU A 20 2.69 6.09 -29.70
CA GLU A 20 1.82 7.25 -29.94
C GLU A 20 1.15 7.70 -28.65
N LEU A 21 0.85 6.76 -27.76
CA LEU A 21 0.27 7.12 -26.47
C LEU A 21 1.26 7.99 -25.70
N GLU A 22 2.55 7.65 -25.74
CA GLU A 22 3.53 8.49 -25.08
C GLU A 22 3.83 9.78 -25.85
N MET A 23 3.78 9.75 -27.17
CA MET A 23 4.02 10.96 -27.96
C MET A 23 2.97 12.00 -27.67
N THR A 24 1.73 11.57 -27.47
CA THR A 24 0.63 12.49 -27.13
C THR A 24 0.97 13.31 -25.87
N ARG A 25 1.71 12.69 -24.96
CA ARG A 25 2.09 13.36 -23.70
C ARG A 25 3.10 14.43 -23.99
N GLN A 26 4.07 14.12 -24.84
CA GLN A 26 5.09 15.11 -25.22
C GLN A 26 4.42 16.26 -25.95
N VAL A 27 3.47 15.90 -26.80
CA VAL A 27 2.69 16.85 -27.58
C VAL A 27 1.94 17.83 -26.68
N LEU A 28 1.38 17.34 -25.59
CA LEU A 28 0.65 18.19 -24.63
C LEU A 28 1.58 19.13 -23.87
N HIS A 29 2.86 18.81 -23.82
CA HIS A 29 3.86 19.67 -23.17
C HIS A 29 4.53 20.60 -24.18
N ALA A 30 4.17 20.46 -25.45
CA ALA A 30 4.78 21.22 -26.53
C ALA A 30 3.76 22.18 -27.16
N GLY A 31 4.24 23.05 -28.03
CA GLY A 31 3.36 23.96 -28.73
C GLY A 31 2.71 23.23 -29.89
N ALA A 32 1.39 23.11 -29.87
CA ALA A 32 0.64 22.42 -30.89
C ALA A 32 -0.60 23.28 -31.04
N ARG A 33 -1.25 23.15 -32.18
CA ARG A 33 -2.45 23.93 -32.50
C ARG A 33 -3.65 23.46 -31.68
N GLN A 34 -3.63 22.19 -31.32
CA GLN A 34 -4.73 21.54 -30.58
C GLN A 34 -6.05 21.60 -31.36
N ASP A 35 -5.94 21.53 -32.69
CA ASP A 35 -7.11 21.51 -33.59
C ASP A 35 -7.94 20.25 -33.36
N ASP A 36 -7.25 19.22 -32.87
CA ASP A 36 -7.84 17.91 -32.61
C ASP A 36 -7.37 17.50 -31.22
N ALA A 37 -8.01 18.12 -30.24
CA ALA A 37 -7.73 17.84 -28.83
C ALA A 37 -9.03 17.37 -28.14
N GLU A 38 -9.74 16.47 -28.80
CA GLU A 38 -11.01 15.98 -28.27
C GLU A 38 -10.82 15.27 -26.92
N PRO A 39 -11.75 15.50 -25.97
CA PRO A 39 -11.59 14.87 -24.66
C PRO A 39 -11.96 13.40 -24.68
N GLY A 40 -11.59 12.69 -23.61
CA GLY A 40 -11.89 11.27 -23.50
C GLY A 40 -10.79 10.39 -24.04
N VAL A 41 -10.17 10.85 -25.12
CA VAL A 41 -9.07 10.12 -25.77
C VAL A 41 -7.92 9.98 -24.75
N SER A 42 -7.65 11.05 -24.02
CA SER A 42 -6.62 11.04 -22.99
C SER A 42 -7.10 10.29 -21.74
N GLY A 43 -6.40 9.24 -21.37
CA GLY A 43 -6.75 8.49 -20.16
C GLY A 43 -5.54 7.78 -19.54
N ALA A 44 -5.24 6.61 -20.07
CA ALA A 44 -4.10 5.78 -19.61
C ALA A 44 -4.20 5.40 -18.11
N SER A 45 -3.06 5.11 -17.51
CA SER A 45 -3.00 4.66 -16.11
C SER A 45 -2.98 5.83 -15.12
N ALA A 46 -3.28 5.53 -13.86
CA ALA A 46 -3.30 6.53 -12.80
C ALA A 46 -1.96 7.22 -12.68
N HIS A 47 -1.96 8.52 -12.38
CA HIS A 47 -0.71 9.24 -12.14
C HIS A 47 -0.51 9.52 -10.64
N TRP A 48 -1.46 10.21 -10.03
CA TRP A 48 -1.36 10.60 -8.62
C TRP A 48 -1.26 9.39 -7.69
N GLY A 49 -1.94 8.31 -8.05
CA GLY A 49 -1.90 7.10 -7.25
C GLY A 49 -0.50 6.52 -7.21
N GLN A 50 0.23 6.65 -8.30
CA GLN A 50 1.59 6.14 -8.37
C GLN A 50 2.48 6.97 -7.46
N ARG A 51 2.27 8.28 -7.48
CA ARG A 51 3.08 9.17 -6.64
C ARG A 51 2.84 8.84 -5.17
N ALA A 52 1.62 8.50 -4.84
CA ALA A 52 1.26 8.13 -3.47
C ALA A 52 1.96 6.83 -3.05
N LEU A 53 2.00 5.85 -3.94
CA LEU A 53 2.65 4.57 -3.61
C LEU A 53 4.15 4.78 -3.44
N GLN A 54 4.76 5.68 -4.19
CA GLN A 54 6.19 5.95 -4.02
C GLN A 54 6.44 6.56 -2.64
N GLY A 55 5.48 7.32 -2.16
CA GLY A 55 5.56 7.87 -0.82
C GLY A 55 5.50 6.72 0.16
N ALA A 56 4.59 5.78 -0.07
CA ALA A 56 4.43 4.62 0.79
C ALA A 56 5.75 3.84 0.96
N GLN A 57 6.52 3.73 -0.12
CA GLN A 57 7.79 3.04 -0.06
C GLN A 57 8.80 3.80 0.80
N ALA A 58 8.85 5.11 0.65
CA ALA A 58 9.80 5.94 1.40
C ALA A 58 9.47 5.94 2.89
N VAL A 59 8.18 6.10 3.21
CA VAL A 59 7.75 6.13 4.61
C VAL A 59 7.93 4.76 5.25
N ALA A 60 7.88 3.70 4.46
CA ALA A 60 8.04 2.34 4.99
C ALA A 60 9.36 2.18 5.75
N ALA A 61 10.39 2.93 5.37
CA ALA A 61 11.66 2.89 6.07
C ALA A 61 11.49 3.41 7.51
N ALA A 62 10.68 4.45 7.67
CA ALA A 62 10.38 5.00 8.99
C ALA A 62 9.46 4.05 9.77
N GLN A 63 8.56 3.38 9.06
CA GLN A 63 7.61 2.47 9.71
C GLN A 63 8.32 1.23 10.27
N ARG A 64 9.21 0.64 9.49
CA ARG A 64 9.95 -0.53 9.98
C ARG A 64 10.85 -0.10 11.14
N LEU A 65 11.24 1.17 11.14
CA LEU A 65 12.05 1.74 12.21
C LEU A 65 11.23 1.89 13.48
N VAL A 66 10.05 2.52 13.41
CA VAL A 66 9.25 2.76 14.62
C VAL A 66 8.84 1.41 15.22
N HIS A 67 8.55 0.47 14.35
CA HIS A 67 8.18 -0.86 14.77
C HIS A 67 9.34 -1.51 15.49
N ALA A 68 10.58 -1.25 15.06
CA ALA A 68 11.74 -1.85 15.71
C ALA A 68 11.77 -1.48 17.19
N ILE A 69 11.55 -0.21 17.50
CA ILE A 69 11.59 0.23 18.90
C ILE A 69 10.40 -0.34 19.66
N ALA A 70 9.27 -0.44 18.98
CA ALA A 70 8.06 -0.99 19.61
C ALA A 70 8.34 -2.43 20.08
N LEU A 71 9.27 -3.09 19.42
CA LEU A 71 9.67 -4.45 19.83
C LEU A 71 10.66 -4.38 20.96
N MET A 72 11.61 -3.46 20.87
CA MET A 72 12.63 -3.31 21.91
C MET A 72 12.01 -3.01 23.24
N THR A 73 10.85 -2.39 23.24
CA THR A 73 10.25 -2.01 24.52
C THR A 73 9.63 -3.21 25.20
N GLN A 74 9.03 -4.10 24.43
CA GLN A 74 8.43 -5.31 24.97
C GLN A 74 9.48 -6.42 25.18
N PHE A 75 10.58 -6.39 24.44
CA PHE A 75 11.65 -7.35 24.61
C PHE A 75 12.60 -6.95 25.74
N GLY A 76 12.78 -5.66 25.93
CA GLY A 76 13.66 -5.18 26.98
C GLY A 76 13.07 -5.35 28.36
N ARG A 77 11.74 -5.42 28.42
CA ARG A 77 10.98 -5.64 29.66
C ARG A 77 11.40 -4.75 30.83
N ALA A 78 11.80 -3.51 30.52
CA ALA A 78 12.25 -2.55 31.53
C ALA A 78 11.08 -1.88 32.28
N GLY A 79 9.97 -2.58 32.40
CA GLY A 79 8.79 -2.03 33.06
C GLY A 79 8.87 -2.17 34.57
N SER A 80 9.81 -1.43 35.17
CA SER A 80 10.02 -1.43 36.62
C SER A 80 9.26 -0.30 37.29
N GLY A 1 -3.22 -14.15 -35.01
CA GLY A 1 -4.01 -15.34 -35.43
C GLY A 1 -5.23 -14.99 -36.27
N SER A 2 -6.10 -15.98 -36.51
CA SER A 2 -7.30 -15.74 -37.29
C SER A 2 -8.36 -15.08 -36.41
N ARG A 3 -9.23 -14.29 -37.03
CA ARG A 3 -10.30 -13.64 -36.27
C ARG A 3 -11.50 -14.57 -36.13
N SER A 4 -11.59 -15.52 -37.05
CA SER A 4 -12.66 -16.52 -37.05
C SER A 4 -12.09 -17.72 -37.78
N PHE A 5 -12.53 -18.92 -37.42
CA PHE A 5 -12.00 -20.13 -38.02
C PHE A 5 -12.76 -20.50 -39.30
N SER A 6 -12.11 -21.29 -40.15
CA SER A 6 -12.72 -21.79 -41.38
C SER A 6 -12.58 -23.31 -41.40
N LEU A 7 -12.98 -23.90 -40.29
CA LEU A 7 -12.98 -25.35 -40.01
C LEU A 7 -11.63 -26.08 -39.99
N GLY A 8 -10.76 -25.83 -40.96
CA GLY A 8 -9.44 -26.45 -40.94
C GLY A 8 -8.68 -25.97 -39.72
N GLU A 9 -8.88 -24.70 -39.39
CA GLU A 9 -8.22 -24.09 -38.24
C GLU A 9 -8.67 -24.73 -36.93
N VAL A 10 -9.85 -25.31 -36.90
CA VAL A 10 -10.35 -25.94 -35.67
C VAL A 10 -9.54 -27.22 -35.43
N SER A 11 -9.15 -27.88 -36.51
CA SER A 11 -8.33 -29.08 -36.40
C SER A 11 -6.94 -28.70 -35.91
N ASP A 12 -6.46 -27.55 -36.36
CA ASP A 12 -5.15 -27.07 -35.95
C ASP A 12 -5.22 -26.70 -34.47
N MET A 13 -6.35 -26.15 -34.05
CA MET A 13 -6.55 -25.76 -32.65
C MET A 13 -6.52 -26.99 -31.76
N ALA A 14 -7.11 -28.08 -32.24
CA ALA A 14 -7.16 -29.32 -31.48
C ALA A 14 -5.74 -29.87 -31.30
N ALA A 15 -4.88 -29.63 -32.29
CA ALA A 15 -3.50 -30.07 -32.19
C ALA A 15 -2.77 -29.29 -31.10
N VAL A 16 -3.07 -28.00 -30.97
CA VAL A 16 -2.47 -27.16 -29.94
C VAL A 16 -2.95 -27.64 -28.56
N GLU A 17 -4.24 -27.87 -28.43
CA GLU A 17 -4.79 -28.35 -27.16
C GLU A 17 -4.17 -29.68 -26.77
N ALA A 18 -4.02 -30.58 -27.72
CA ALA A 18 -3.41 -31.88 -27.46
C ALA A 18 -1.94 -31.71 -27.04
N ALA A 19 -1.25 -30.77 -27.67
CA ALA A 19 0.15 -30.51 -27.35
C ALA A 19 0.29 -30.01 -25.91
N GLU A 20 -0.59 -29.12 -25.48
CA GLU A 20 -0.52 -28.60 -24.11
C GLU A 20 -0.82 -29.70 -23.10
N LEU A 21 -1.81 -30.52 -23.41
CA LEU A 21 -2.16 -31.62 -22.53
C LEU A 21 -0.99 -32.59 -22.39
N GLU A 22 -0.34 -32.92 -23.49
CA GLU A 22 0.78 -33.85 -23.41
C GLU A 22 2.10 -33.25 -22.93
N MET A 23 2.37 -31.98 -23.19
CA MET A 23 3.64 -31.39 -22.76
C MET A 23 3.73 -31.42 -21.25
N THR A 24 2.58 -31.29 -20.60
CA THR A 24 2.54 -31.29 -19.15
C THR A 24 3.00 -32.64 -18.62
N ARG A 25 2.75 -33.71 -19.36
CA ARG A 25 3.20 -35.04 -18.93
C ARG A 25 4.72 -35.10 -19.03
N GLN A 26 5.27 -34.51 -20.08
CA GLN A 26 6.71 -34.58 -20.31
C GLN A 26 7.48 -33.85 -19.20
N VAL A 27 7.02 -32.67 -18.81
CA VAL A 27 7.72 -31.89 -17.81
C VAL A 27 7.67 -32.53 -16.42
N LEU A 28 6.57 -33.19 -16.11
CA LEU A 28 6.41 -33.87 -14.81
C LEU A 28 7.26 -35.14 -14.71
N HIS A 29 7.64 -35.70 -15.86
CA HIS A 29 8.52 -36.88 -15.87
C HIS A 29 9.98 -36.45 -16.00
N ALA A 30 10.19 -35.14 -16.07
CA ALA A 30 11.52 -34.56 -16.19
C ALA A 30 11.67 -33.50 -15.08
N GLY A 31 12.26 -32.37 -15.40
CA GLY A 31 12.40 -31.30 -14.44
C GLY A 31 13.00 -30.08 -15.10
N ALA A 32 12.93 -28.94 -14.44
CA ALA A 32 13.49 -27.70 -14.92
C ALA A 32 13.74 -26.91 -13.65
N ARG A 33 14.43 -25.80 -13.77
CA ARG A 33 14.75 -24.96 -12.61
C ARG A 33 13.52 -24.27 -12.02
N GLN A 34 12.53 -24.00 -12.87
CA GLN A 34 11.28 -23.28 -12.53
C GLN A 34 11.46 -22.06 -11.60
N ASP A 35 12.61 -21.42 -11.73
CA ASP A 35 12.99 -20.26 -10.91
C ASP A 35 12.29 -19.02 -11.46
N ASP A 36 11.94 -19.09 -12.74
CA ASP A 36 11.35 -17.99 -13.50
C ASP A 36 9.82 -18.02 -13.45
N ALA A 37 9.28 -18.72 -12.47
CA ALA A 37 7.83 -18.95 -12.37
C ALA A 37 7.02 -17.80 -11.74
N GLU A 38 7.48 -16.57 -11.87
CA GLU A 38 6.78 -15.41 -11.30
C GLU A 38 6.01 -14.64 -12.38
N PRO A 39 4.80 -14.14 -12.04
CA PRO A 39 4.06 -13.38 -13.06
C PRO A 39 4.62 -11.98 -13.27
N GLY A 40 4.38 -11.45 -14.46
CA GLY A 40 4.84 -10.13 -14.82
C GLY A 40 3.77 -9.08 -14.57
N VAL A 41 3.92 -7.98 -15.27
CA VAL A 41 3.00 -6.84 -15.14
C VAL A 41 2.25 -6.64 -16.45
N SER A 42 1.00 -7.07 -16.48
CA SER A 42 0.14 -6.93 -17.67
C SER A 42 -0.24 -5.48 -17.94
N GLY A 43 -0.08 -4.64 -16.92
CA GLY A 43 -0.36 -3.21 -17.06
C GLY A 43 -1.67 -2.80 -16.41
N ALA A 44 -1.67 -1.63 -15.79
CA ALA A 44 -2.86 -1.09 -15.14
C ALA A 44 -2.70 0.43 -15.01
N SER A 45 -3.81 1.16 -15.11
CA SER A 45 -3.79 2.61 -15.00
C SER A 45 -3.95 3.06 -13.55
N ALA A 46 -2.85 3.48 -12.92
CA ALA A 46 -2.87 3.90 -11.52
C ALA A 46 -2.12 5.20 -11.26
N HIS A 47 -2.24 6.18 -12.15
CA HIS A 47 -1.44 7.42 -12.05
C HIS A 47 -1.32 8.04 -10.62
N TRP A 48 -2.45 8.31 -9.98
CA TRP A 48 -2.41 8.89 -8.64
C TRP A 48 -1.81 7.92 -7.62
N GLY A 49 -2.04 6.64 -7.85
CA GLY A 49 -1.50 5.60 -6.98
C GLY A 49 0.01 5.50 -7.10
N GLN A 50 0.55 5.75 -8.28
CA GLN A 50 1.99 5.73 -8.49
C GLN A 50 2.63 6.80 -7.62
N ARG A 51 1.98 7.95 -7.54
CA ARG A 51 2.52 9.04 -6.74
C ARG A 51 2.38 8.72 -5.26
N ALA A 52 1.30 8.05 -4.90
CA ALA A 52 1.07 7.66 -3.51
C ALA A 52 2.09 6.62 -3.05
N LEU A 53 2.38 5.64 -3.91
CA LEU A 53 3.32 4.58 -3.55
C LEU A 53 4.72 5.13 -3.33
N GLN A 54 5.11 6.16 -4.05
CA GLN A 54 6.43 6.76 -3.82
C GLN A 54 6.54 7.26 -2.39
N GLY A 55 5.44 7.78 -1.85
CA GLY A 55 5.40 8.21 -0.48
C GLY A 55 5.43 6.99 0.42
N ALA A 56 4.63 5.99 0.09
CA ALA A 56 4.56 4.75 0.86
C ALA A 56 5.93 4.10 1.03
N GLN A 57 6.75 4.14 0.00
CA GLN A 57 8.10 3.56 0.07
C GLN A 57 8.99 4.36 1.03
N ALA A 58 8.92 5.69 0.93
CA ALA A 58 9.74 6.54 1.78
C ALA A 58 9.35 6.38 3.25
N VAL A 59 8.06 6.36 3.52
CA VAL A 59 7.58 6.23 4.89
C VAL A 59 7.81 4.82 5.41
N ALA A 60 7.85 3.83 4.53
CA ALA A 60 8.07 2.44 4.96
C ALA A 60 9.38 2.30 5.73
N ALA A 61 10.40 3.07 5.36
CA ALA A 61 11.66 3.05 6.07
C ALA A 61 11.46 3.54 7.51
N ALA A 62 10.62 4.54 7.70
CA ALA A 62 10.29 5.05 9.03
C ALA A 62 9.41 4.04 9.79
N GLN A 63 8.50 3.37 9.09
CA GLN A 63 7.62 2.41 9.73
C GLN A 63 8.36 1.20 10.25
N ARG A 64 9.24 0.62 9.44
CA ARG A 64 10.01 -0.54 9.87
C ARG A 64 10.91 -0.14 11.04
N LEU A 65 11.28 1.13 11.06
CA LEU A 65 12.07 1.69 12.14
C LEU A 65 11.25 1.83 13.43
N VAL A 66 10.09 2.47 13.37
CA VAL A 66 9.31 2.71 14.60
C VAL A 66 8.88 1.39 15.20
N HIS A 67 8.55 0.43 14.34
CA HIS A 67 8.17 -0.90 14.77
C HIS A 67 9.32 -1.57 15.50
N ALA A 68 10.56 -1.32 15.07
CA ALA A 68 11.70 -1.95 15.73
C ALA A 68 11.76 -1.52 17.19
N ILE A 69 11.56 -0.24 17.47
CA ILE A 69 11.62 0.25 18.85
C ILE A 69 10.42 -0.26 19.63
N ALA A 70 9.27 -0.37 18.97
CA ALA A 70 8.07 -0.86 19.62
C ALA A 70 8.31 -2.26 20.19
N LEU A 71 9.24 -3.00 19.57
CA LEU A 71 9.60 -4.33 20.07
C LEU A 71 10.57 -4.20 21.22
N MET A 72 11.52 -3.30 21.10
CA MET A 72 12.51 -3.09 22.14
C MET A 72 11.87 -2.65 23.43
N THR A 73 10.75 -1.97 23.33
CA THR A 73 10.12 -1.43 24.53
C THR A 73 9.43 -2.54 25.29
N GLN A 74 8.81 -3.48 24.57
CA GLN A 74 8.15 -4.60 25.24
C GLN A 74 9.20 -5.64 25.66
N PHE A 75 10.33 -5.73 24.96
CA PHE A 75 11.40 -6.61 25.38
C PHE A 75 12.04 -6.03 26.64
N GLY A 76 12.03 -4.72 26.75
CA GLY A 76 12.52 -4.03 27.93
C GLY A 76 11.48 -4.01 29.04
N ARG A 77 10.38 -4.72 28.81
CA ARG A 77 9.26 -4.86 29.73
C ARG A 77 8.72 -3.52 30.24
N ALA A 78 8.71 -2.53 29.36
CA ALA A 78 8.20 -1.20 29.68
C ALA A 78 6.96 -0.95 28.83
N GLY A 79 6.04 -0.15 29.35
CA GLY A 79 4.81 0.16 28.62
C GLY A 79 5.03 1.28 27.61
N SER A 80 6.14 1.18 26.85
CA SER A 80 6.58 2.21 25.90
C SER A 80 6.82 3.55 26.62
N GLY A 1 -5.32 -0.64 -0.47
CA GLY A 1 -5.90 -1.76 0.34
C GLY A 1 -5.23 -1.90 1.71
N SER A 2 -5.28 -3.12 2.25
CA SER A 2 -4.72 -3.43 3.56
C SER A 2 -3.82 -4.65 3.45
N ARG A 3 -2.92 -4.83 4.40
CA ARG A 3 -2.03 -5.98 4.43
C ARG A 3 -1.90 -6.42 5.87
N SER A 4 -1.52 -7.67 6.07
CA SER A 4 -1.34 -8.24 7.41
C SER A 4 -0.48 -9.46 7.17
N PHE A 5 -0.15 -10.21 8.22
CA PHE A 5 0.66 -11.41 8.10
C PHE A 5 0.00 -12.55 8.87
N SER A 6 0.11 -13.75 8.34
CA SER A 6 -0.43 -14.96 8.96
C SER A 6 0.49 -15.54 10.04
N LEU A 7 1.22 -14.65 10.70
CA LEU A 7 2.17 -14.95 11.79
C LEU A 7 3.41 -15.77 11.39
N GLY A 8 3.23 -16.87 10.66
CA GLY A 8 4.36 -17.67 10.22
C GLY A 8 5.24 -16.88 9.28
N GLU A 9 4.63 -15.94 8.58
CA GLU A 9 5.34 -15.06 7.65
C GLU A 9 6.44 -14.28 8.36
N VAL A 10 6.17 -13.90 9.61
CA VAL A 10 7.12 -13.09 10.38
C VAL A 10 8.36 -13.91 10.72
N SER A 11 8.18 -15.20 10.93
CA SER A 11 9.32 -16.06 11.25
C SER A 11 10.23 -16.19 10.04
N ASP A 12 9.64 -16.27 8.87
CA ASP A 12 10.42 -16.36 7.63
C ASP A 12 11.05 -15.01 7.31
N MET A 13 10.33 -13.95 7.65
CA MET A 13 10.79 -12.58 7.40
C MET A 13 12.12 -12.32 8.09
N ALA A 14 12.31 -12.91 9.25
CA ALA A 14 13.56 -12.76 9.99
C ALA A 14 14.73 -13.35 9.19
N ALA A 15 14.48 -14.44 8.48
CA ALA A 15 15.49 -15.07 7.67
C ALA A 15 15.76 -14.22 6.42
N VAL A 16 14.70 -13.65 5.85
CA VAL A 16 14.85 -12.78 4.67
C VAL A 16 15.67 -11.56 5.03
N GLU A 17 15.37 -10.93 6.16
CA GLU A 17 16.11 -9.76 6.57
C GLU A 17 17.59 -10.08 6.81
N ALA A 18 17.86 -11.24 7.39
CA ALA A 18 19.23 -11.68 7.60
C ALA A 18 19.91 -11.89 6.24
N ALA A 19 19.16 -12.43 5.28
CA ALA A 19 19.68 -12.66 3.94
C ALA A 19 19.99 -11.32 3.25
N GLU A 20 19.12 -10.33 3.40
CA GLU A 20 19.36 -9.01 2.79
C GLU A 20 20.65 -8.44 3.31
N LEU A 21 20.83 -8.57 4.60
CA LEU A 21 22.03 -8.07 5.27
C LEU A 21 23.30 -8.74 4.74
N GLU A 22 23.30 -10.05 4.57
CA GLU A 22 24.50 -10.72 4.03
C GLU A 22 24.66 -10.46 2.52
N MET A 23 23.56 -10.30 1.80
CA MET A 23 23.63 -10.00 0.37
C MET A 23 24.29 -8.64 0.19
N THR A 24 23.99 -7.73 1.09
CA THR A 24 24.60 -6.40 1.06
C THR A 24 26.12 -6.52 1.21
N ARG A 25 26.59 -7.46 2.01
CA ARG A 25 28.04 -7.65 2.15
C ARG A 25 28.59 -8.15 0.83
N GLN A 26 27.89 -9.11 0.24
CA GLN A 26 28.34 -9.72 -1.01
C GLN A 26 28.43 -8.72 -2.17
N VAL A 27 27.43 -7.85 -2.31
CA VAL A 27 27.45 -6.88 -3.40
C VAL A 27 28.55 -5.84 -3.21
N LEU A 28 28.78 -5.41 -1.97
CA LEU A 28 29.83 -4.44 -1.68
C LEU A 28 31.20 -5.05 -1.95
N HIS A 29 31.34 -6.34 -1.68
CA HIS A 29 32.60 -7.04 -1.94
C HIS A 29 32.79 -7.24 -3.44
N ALA A 30 31.70 -7.40 -4.18
CA ALA A 30 31.77 -7.56 -5.63
C ALA A 30 32.20 -6.24 -6.30
N GLY A 31 31.72 -5.12 -5.78
CA GLY A 31 32.15 -3.82 -6.29
C GLY A 31 31.13 -2.71 -6.14
N ALA A 32 31.62 -1.49 -6.31
CA ALA A 32 30.82 -0.27 -6.17
C ALA A 32 30.20 0.18 -7.50
N ARG A 33 29.97 -0.77 -8.40
CA ARG A 33 29.50 -0.43 -9.75
C ARG A 33 28.13 -1.00 -10.06
N GLN A 34 27.27 -0.14 -10.57
CA GLN A 34 25.92 -0.51 -10.99
C GLN A 34 25.70 0.06 -12.39
N ASP A 35 26.80 0.23 -13.11
CA ASP A 35 26.78 0.83 -14.46
C ASP A 35 26.02 -0.08 -15.44
N ASP A 36 25.97 -1.37 -15.14
CA ASP A 36 25.35 -2.37 -16.02
C ASP A 36 24.12 -2.98 -15.34
N ALA A 37 23.40 -2.14 -14.62
CA ALA A 37 22.20 -2.58 -13.90
C ALA A 37 20.97 -1.92 -14.52
N GLU A 38 20.92 -1.92 -15.84
CA GLU A 38 19.80 -1.29 -16.54
C GLU A 38 18.47 -2.04 -16.27
N PRO A 39 17.34 -1.31 -16.24
CA PRO A 39 16.07 -1.99 -16.02
C PRO A 39 15.58 -2.66 -17.30
N GLY A 40 14.79 -3.71 -17.14
CA GLY A 40 14.29 -4.47 -18.27
C GLY A 40 12.78 -4.51 -18.41
N VAL A 41 12.16 -5.53 -17.83
CA VAL A 41 10.72 -5.71 -17.94
C VAL A 41 9.98 -4.79 -16.97
N SER A 42 9.05 -4.01 -17.51
CA SER A 42 8.20 -3.07 -16.77
C SER A 42 8.98 -1.87 -16.20
N GLY A 43 8.25 -0.93 -15.61
CA GLY A 43 8.86 0.27 -15.08
C GLY A 43 7.83 1.17 -14.45
N ALA A 44 8.25 2.34 -14.00
CA ALA A 44 7.35 3.30 -13.38
C ALA A 44 6.40 3.89 -14.44
N SER A 45 5.19 4.23 -14.02
CA SER A 45 4.18 4.81 -14.91
C SER A 45 3.40 5.82 -14.09
N ALA A 46 2.46 6.53 -14.71
CA ALA A 46 1.63 7.57 -14.09
C ALA A 46 2.42 8.81 -13.70
N HIS A 47 1.69 9.85 -13.31
CA HIS A 47 2.31 11.10 -12.90
C HIS A 47 2.26 11.30 -11.38
N TRP A 48 1.10 11.67 -10.86
CA TRP A 48 0.92 11.92 -9.43
C TRP A 48 1.13 10.66 -8.60
N GLY A 49 0.81 9.52 -9.22
CA GLY A 49 0.96 8.24 -8.54
C GLY A 49 2.40 7.97 -8.14
N GLN A 50 3.35 8.43 -8.94
CA GLN A 50 4.76 8.22 -8.63
C GLN A 50 5.14 8.96 -7.37
N ARG A 51 4.70 10.21 -7.26
CA ARG A 51 5.05 11.02 -6.11
C ARG A 51 4.43 10.42 -4.85
N ALA A 52 3.23 9.88 -4.99
CA ALA A 52 2.57 9.22 -3.88
C ALA A 52 3.33 7.96 -3.46
N LEU A 53 3.74 7.14 -4.42
CA LEU A 53 4.48 5.92 -4.10
C LEU A 53 5.84 6.24 -3.51
N GLN A 54 6.51 7.28 -3.99
CA GLN A 54 7.81 7.67 -3.43
C GLN A 54 7.65 8.01 -1.96
N GLY A 55 6.53 8.60 -1.60
CA GLY A 55 6.25 8.91 -0.22
C GLY A 55 6.06 7.61 0.52
N ALA A 56 5.24 6.72 -0.03
CA ALA A 56 4.97 5.42 0.59
C ALA A 56 6.24 4.60 0.85
N GLN A 57 7.23 4.71 -0.02
CA GLN A 57 8.49 4.00 0.19
C GLN A 57 9.32 4.68 1.28
N ALA A 58 9.38 6.00 1.26
CA ALA A 58 10.15 6.74 2.24
C ALA A 58 9.59 6.51 3.64
N VAL A 59 8.27 6.53 3.76
CA VAL A 59 7.64 6.31 5.05
C VAL A 59 7.80 4.86 5.45
N ALA A 60 7.85 3.93 4.51
CA ALA A 60 7.98 2.51 4.86
C ALA A 60 9.27 2.25 5.66
N ALA A 61 10.33 2.96 5.32
CA ALA A 61 11.59 2.84 6.06
C ALA A 61 11.38 3.34 7.50
N ALA A 62 10.59 4.38 7.65
CA ALA A 62 10.27 4.91 8.98
C ALA A 62 9.34 3.96 9.75
N GLN A 63 8.46 3.25 9.05
CA GLN A 63 7.52 2.34 9.70
C GLN A 63 8.23 1.13 10.25
N ARG A 64 9.14 0.55 9.46
CA ARG A 64 9.90 -0.61 9.96
C ARG A 64 10.79 -0.15 11.11
N LEU A 65 11.19 1.11 11.07
CA LEU A 65 12.00 1.69 12.12
C LEU A 65 11.19 1.84 13.41
N VAL A 66 10.02 2.46 13.36
CA VAL A 66 9.23 2.69 14.58
C VAL A 66 8.84 1.36 15.19
N HIS A 67 8.57 0.39 14.34
CA HIS A 67 8.23 -0.94 14.78
C HIS A 67 9.39 -1.57 15.53
N ALA A 68 10.62 -1.31 15.11
CA ALA A 68 11.77 -1.87 15.77
C ALA A 68 11.81 -1.44 17.24
N ILE A 69 11.62 -0.16 17.50
CA ILE A 69 11.67 0.34 18.88
C ILE A 69 10.47 -0.18 19.65
N ALA A 70 9.34 -0.30 18.99
CA ALA A 70 8.13 -0.80 19.64
C ALA A 70 8.38 -2.20 20.21
N LEU A 71 9.31 -2.93 19.61
CA LEU A 71 9.69 -4.25 20.12
C LEU A 71 10.68 -4.12 21.25
N MET A 72 11.65 -3.23 21.08
CA MET A 72 12.70 -3.02 22.09
C MET A 72 12.13 -2.58 23.40
N THR A 73 10.96 -1.99 23.37
CA THR A 73 10.39 -1.47 24.62
C THR A 73 9.78 -2.61 25.42
N GLN A 74 9.41 -3.68 24.72
CA GLN A 74 8.85 -4.87 25.35
C GLN A 74 9.93 -5.84 25.73
N PHE A 75 10.88 -6.03 24.83
CA PHE A 75 12.03 -6.88 25.08
C PHE A 75 12.88 -6.24 26.17
N GLY A 76 12.68 -4.95 26.36
CA GLY A 76 13.46 -4.20 27.34
C GLY A 76 12.66 -3.87 28.58
N ARG A 77 11.41 -4.35 28.62
CA ARG A 77 10.47 -4.11 29.72
C ARG A 77 10.64 -2.71 30.32
N ALA A 78 10.48 -1.70 29.47
CA ALA A 78 10.75 -0.30 29.82
C ALA A 78 9.79 0.36 30.85
N GLY A 79 9.79 -0.15 32.07
CA GLY A 79 9.00 0.44 33.15
C GLY A 79 9.71 1.63 33.75
N SER A 80 9.93 2.65 32.91
CA SER A 80 10.65 3.89 33.23
C SER A 80 12.13 3.66 33.55
N GLY A 1 -32.34 -11.70 30.86
CA GLY A 1 -31.88 -12.90 31.64
C GLY A 1 -32.05 -14.16 30.83
N SER A 2 -32.84 -13.97 29.77
CA SER A 2 -33.20 -15.04 28.82
C SER A 2 -32.04 -15.35 27.87
N ARG A 3 -31.06 -14.45 27.84
CA ARG A 3 -29.88 -14.55 26.96
C ARG A 3 -30.28 -14.60 25.47
N SER A 4 -31.47 -14.08 25.17
CA SER A 4 -31.94 -13.97 23.80
C SER A 4 -31.38 -12.68 23.25
N PHE A 5 -31.19 -12.63 21.94
CA PHE A 5 -30.76 -11.40 21.30
C PHE A 5 -31.91 -10.41 21.37
N SER A 6 -31.61 -9.13 21.39
CA SER A 6 -32.63 -8.10 21.38
C SER A 6 -33.04 -7.87 19.96
N LEU A 7 -34.29 -7.49 19.81
CA LEU A 7 -34.87 -7.24 18.50
C LEU A 7 -34.28 -5.97 17.92
N GLY A 8 -33.72 -5.12 18.78
CA GLY A 8 -33.07 -3.91 18.30
C GLY A 8 -31.81 -4.24 17.53
N GLU A 9 -31.14 -5.32 17.93
CA GLU A 9 -29.91 -5.74 17.26
C GLU A 9 -30.26 -6.17 15.83
N VAL A 10 -31.42 -6.77 15.67
CA VAL A 10 -31.87 -7.24 14.36
C VAL A 10 -32.26 -6.04 13.48
N SER A 11 -32.83 -5.01 14.09
CA SER A 11 -33.18 -3.80 13.35
C SER A 11 -31.92 -3.11 12.84
N ASP A 12 -30.90 -3.09 13.68
CA ASP A 12 -29.63 -2.47 13.30
C ASP A 12 -28.94 -3.33 12.26
N MET A 13 -29.07 -4.64 12.38
CA MET A 13 -28.45 -5.60 11.45
C MET A 13 -28.95 -5.36 10.03
N ALA A 14 -30.23 -5.08 9.89
CA ALA A 14 -30.83 -4.84 8.58
C ALA A 14 -30.20 -3.60 7.94
N ALA A 15 -29.85 -2.62 8.77
CA ALA A 15 -29.22 -1.41 8.29
C ALA A 15 -27.78 -1.71 7.84
N VAL A 16 -27.10 -2.61 8.55
CA VAL A 16 -25.72 -2.99 8.19
C VAL A 16 -25.74 -3.69 6.84
N GLU A 17 -26.68 -4.62 6.65
CA GLU A 17 -26.79 -5.36 5.39
C GLU A 17 -26.99 -4.39 4.24
N ALA A 18 -27.90 -3.45 4.40
CA ALA A 18 -28.17 -2.48 3.34
C ALA A 18 -26.93 -1.61 3.08
N ALA A 19 -26.25 -1.22 4.16
CA ALA A 19 -25.08 -0.36 4.06
C ALA A 19 -23.93 -1.04 3.33
N GLU A 20 -23.61 -2.29 3.67
CA GLU A 20 -22.49 -2.95 3.01
C GLU A 20 -22.81 -3.23 1.55
N LEU A 21 -24.07 -3.54 1.25
CA LEU A 21 -24.47 -3.78 -0.13
C LEU A 21 -24.28 -2.51 -0.95
N GLU A 22 -24.69 -1.37 -0.42
CA GLU A 22 -24.49 -0.12 -1.17
C GLU A 22 -23.05 0.34 -1.18
N MET A 23 -22.29 0.08 -0.12
CA MET A 23 -20.88 0.47 -0.09
C MET A 23 -20.12 -0.33 -1.14
N THR A 24 -20.53 -1.57 -1.36
CA THR A 24 -19.92 -2.40 -2.41
C THR A 24 -20.10 -1.69 -3.76
N ARG A 25 -21.23 -1.04 -3.97
CA ARG A 25 -21.43 -0.32 -5.23
C ARG A 25 -20.48 0.86 -5.30
N GLN A 26 -20.28 1.56 -4.19
CA GLN A 26 -19.39 2.73 -4.18
C GLN A 26 -17.95 2.35 -4.50
N VAL A 27 -17.45 1.28 -3.90
CA VAL A 27 -16.06 0.89 -4.09
C VAL A 27 -15.77 0.40 -5.50
N LEU A 28 -16.75 -0.24 -6.12
CA LEU A 28 -16.62 -0.69 -7.51
C LEU A 28 -16.61 0.47 -8.50
N HIS A 29 -17.15 1.62 -8.09
CA HIS A 29 -17.13 2.82 -8.93
C HIS A 29 -15.94 3.72 -8.56
N ALA A 30 -15.19 3.34 -7.54
CA ALA A 30 -14.05 4.11 -7.07
C ALA A 30 -12.78 3.69 -7.81
N GLY A 31 -11.67 4.35 -7.49
CA GLY A 31 -10.40 3.99 -8.09
C GLY A 31 -9.86 2.73 -7.43
N ALA A 32 -9.05 1.97 -8.16
CA ALA A 32 -8.51 0.75 -7.67
C ALA A 32 -7.56 1.01 -6.54
N ARG A 33 -7.81 0.18 -5.56
CA ARG A 33 -7.06 0.11 -4.30
C ARG A 33 -5.55 -0.04 -4.52
N GLN A 34 -5.16 -1.14 -5.15
CA GLN A 34 -3.76 -1.43 -5.49
C GLN A 34 -2.78 -1.29 -4.29
N ASP A 35 -3.27 -1.57 -3.09
CA ASP A 35 -2.48 -1.39 -1.86
C ASP A 35 -1.29 -2.34 -1.82
N ASP A 36 -1.51 -3.53 -2.36
CA ASP A 36 -0.46 -4.56 -2.46
C ASP A 36 -0.60 -5.10 -3.88
N ALA A 37 -0.95 -4.20 -4.78
CA ALA A 37 -1.19 -4.49 -6.19
C ALA A 37 -2.14 -5.69 -6.36
N GLU A 38 -3.20 -5.68 -5.56
CA GLU A 38 -4.15 -6.78 -5.50
C GLU A 38 -4.85 -7.03 -6.84
N PRO A 39 -5.06 -8.30 -7.21
CA PRO A 39 -5.78 -8.56 -8.46
C PRO A 39 -7.27 -8.30 -8.34
N GLY A 40 -7.95 -8.33 -9.48
CA GLY A 40 -9.40 -8.12 -9.49
C GLY A 40 -9.75 -6.65 -9.56
N VAL A 41 -9.28 -5.88 -8.59
CA VAL A 41 -9.53 -4.44 -8.56
C VAL A 41 -8.17 -3.75 -8.65
N SER A 42 -7.70 -3.59 -9.88
CA SER A 42 -6.40 -3.01 -10.18
C SER A 42 -6.55 -2.16 -11.44
N GLY A 43 -5.51 -1.44 -11.82
CA GLY A 43 -5.56 -0.60 -13.01
C GLY A 43 -4.28 -0.75 -13.81
N ALA A 44 -4.37 -0.48 -15.11
CA ALA A 44 -3.20 -0.60 -15.99
C ALA A 44 -2.23 0.57 -15.81
N SER A 45 -2.73 1.66 -15.23
CA SER A 45 -1.92 2.85 -15.01
C SER A 45 -2.58 3.64 -13.90
N ALA A 46 -1.84 4.55 -13.28
CA ALA A 46 -2.33 5.38 -12.19
C ALA A 46 -1.69 6.75 -12.36
N HIS A 47 -2.36 7.80 -11.90
CA HIS A 47 -1.80 9.16 -11.98
C HIS A 47 -1.32 9.61 -10.60
N TRP A 48 -2.25 9.99 -9.74
CA TRP A 48 -1.92 10.44 -8.39
C TRP A 48 -1.37 9.31 -7.54
N GLY A 49 -1.76 8.09 -7.89
CA GLY A 49 -1.28 6.90 -7.21
C GLY A 49 0.24 6.80 -7.26
N GLN A 50 0.84 7.25 -8.35
CA GLN A 50 2.29 7.18 -8.49
C GLN A 50 2.97 7.98 -7.38
N ARG A 51 2.44 9.16 -7.07
CA ARG A 51 3.06 10.00 -6.04
C ARG A 51 2.78 9.43 -4.68
N ALA A 52 1.60 8.83 -4.51
CA ALA A 52 1.24 8.21 -3.26
C ALA A 52 2.19 7.05 -2.95
N LEU A 53 2.47 6.21 -3.95
CA LEU A 53 3.35 5.07 -3.77
C LEU A 53 4.76 5.55 -3.44
N GLN A 54 5.24 6.61 -4.06
CA GLN A 54 6.57 7.12 -3.71
C GLN A 54 6.63 7.51 -2.24
N GLY A 55 5.52 8.02 -1.74
CA GLY A 55 5.43 8.36 -0.34
C GLY A 55 5.43 7.10 0.49
N ALA A 56 4.60 6.14 0.12
CA ALA A 56 4.44 4.89 0.87
C ALA A 56 5.79 4.15 1.05
N GLN A 57 6.65 4.19 0.05
CA GLN A 57 7.93 3.54 0.15
C GLN A 57 8.92 4.30 0.99
N ALA A 58 8.86 5.60 0.89
CA ALA A 58 9.73 6.43 1.70
C ALA A 58 9.37 6.30 3.18
N VAL A 59 8.07 6.34 3.47
CA VAL A 59 7.59 6.22 4.85
C VAL A 59 7.83 4.80 5.37
N ALA A 60 7.82 3.80 4.50
CA ALA A 60 8.03 2.42 4.93
C ALA A 60 9.35 2.27 5.69
N ALA A 61 10.37 3.03 5.31
CA ALA A 61 11.65 3.00 6.00
C ALA A 61 11.48 3.49 7.45
N ALA A 62 10.63 4.49 7.65
CA ALA A 62 10.32 4.99 8.98
C ALA A 62 9.45 4.00 9.75
N GLN A 63 8.55 3.30 9.05
CA GLN A 63 7.65 2.36 9.71
C GLN A 63 8.39 1.15 10.25
N ARG A 64 9.28 0.58 9.45
CA ARG A 64 10.07 -0.57 9.90
C ARG A 64 10.95 -0.14 11.07
N LEU A 65 11.28 1.14 11.11
CA LEU A 65 12.08 1.71 12.19
C LEU A 65 11.24 1.86 13.46
N VAL A 66 10.07 2.49 13.38
CA VAL A 66 9.27 2.72 14.59
C VAL A 66 8.85 1.38 15.20
N HIS A 67 8.55 0.43 14.34
CA HIS A 67 8.18 -0.89 14.76
C HIS A 67 9.34 -1.54 15.50
N ALA A 68 10.57 -1.28 15.08
CA ALA A 68 11.73 -1.88 15.75
C ALA A 68 11.75 -1.48 17.22
N ILE A 69 11.54 -0.20 17.51
CA ILE A 69 11.58 0.26 18.89
C ILE A 69 10.37 -0.27 19.65
N ALA A 70 9.25 -0.39 18.98
CA ALA A 70 8.03 -0.92 19.60
C ALA A 70 8.31 -2.34 20.14
N LEU A 71 9.24 -3.04 19.53
CA LEU A 71 9.64 -4.36 20.00
C LEU A 71 10.61 -4.25 21.16
N MET A 72 11.55 -3.33 21.03
CA MET A 72 12.55 -3.12 22.07
C MET A 72 11.93 -2.72 23.38
N THR A 73 10.77 -2.10 23.31
CA THR A 73 10.15 -1.62 24.54
C THR A 73 9.50 -2.76 25.29
N GLN A 74 8.92 -3.71 24.57
CA GLN A 74 8.33 -4.88 25.23
C GLN A 74 9.41 -5.89 25.61
N PHE A 75 10.52 -5.92 24.88
CA PHE A 75 11.63 -6.78 25.24
C PHE A 75 12.36 -6.20 26.44
N GLY A 76 12.42 -4.88 26.52
CA GLY A 76 13.08 -4.22 27.63
C GLY A 76 12.26 -4.32 28.91
N ARG A 77 10.94 -4.24 28.76
CA ARG A 77 9.96 -4.39 29.88
C ARG A 77 10.43 -3.76 31.20
N ALA A 78 10.87 -2.52 31.09
CA ALA A 78 11.39 -1.78 32.22
C ALA A 78 10.26 -1.36 33.17
N GLY A 79 10.64 -0.95 34.37
CA GLY A 79 9.67 -0.54 35.38
C GLY A 79 10.21 -0.87 36.76
N SER A 80 10.85 -2.02 36.87
CA SER A 80 11.44 -2.48 38.13
C SER A 80 12.70 -1.71 38.49
N GLY A 1 -17.96 23.79 -12.50
CA GLY A 1 -16.76 23.43 -11.69
C GLY A 1 -17.06 23.32 -10.20
N SER A 2 -18.31 23.65 -9.88
CA SER A 2 -18.82 23.60 -8.51
C SER A 2 -18.79 22.17 -7.99
N ARG A 3 -18.64 22.01 -6.69
CA ARG A 3 -18.55 20.69 -6.07
C ARG A 3 -19.56 20.64 -4.94
N SER A 4 -19.99 19.45 -4.59
CA SER A 4 -21.00 19.26 -3.53
C SER A 4 -20.34 19.11 -2.17
N PHE A 5 -19.02 19.25 -2.13
CA PHE A 5 -18.26 19.08 -0.90
C PHE A 5 -17.19 20.16 -0.82
N SER A 6 -16.83 20.52 0.41
CA SER A 6 -15.78 21.49 0.67
C SER A 6 -14.47 20.70 0.71
N LEU A 7 -13.32 21.37 0.62
CA LEU A 7 -12.05 20.67 0.44
C LEU A 7 -11.08 20.58 1.64
N GLY A 8 -11.34 21.31 2.71
CA GLY A 8 -10.45 21.26 3.86
C GLY A 8 -10.67 19.94 4.58
N GLU A 9 -11.92 19.53 4.54
CA GLU A 9 -12.39 18.30 5.16
C GLU A 9 -11.78 17.11 4.44
N VAL A 10 -11.63 17.21 3.13
CA VAL A 10 -11.03 16.14 2.33
C VAL A 10 -9.56 15.95 2.74
N SER A 11 -8.92 17.03 3.13
CA SER A 11 -7.52 16.95 3.55
C SER A 11 -7.42 16.24 4.90
N ASP A 12 -8.37 16.52 5.78
CA ASP A 12 -8.39 15.89 7.12
C ASP A 12 -8.81 14.43 6.97
N MET A 13 -9.67 14.16 6.00
CA MET A 13 -10.15 12.82 5.72
C MET A 13 -8.97 11.92 5.36
N ALA A 14 -8.05 12.44 4.57
CA ALA A 14 -6.89 11.67 4.17
C ALA A 14 -5.98 11.38 5.37
N ALA A 15 -5.93 12.32 6.32
CA ALA A 15 -5.10 12.17 7.50
C ALA A 15 -5.67 11.10 8.44
N VAL A 16 -6.97 11.17 8.70
CA VAL A 16 -7.60 10.22 9.60
C VAL A 16 -7.63 8.82 8.97
N GLU A 17 -7.81 8.75 7.67
CA GLU A 17 -7.77 7.46 6.96
C GLU A 17 -6.44 6.77 7.22
N ALA A 18 -5.35 7.52 7.16
CA ALA A 18 -4.03 6.94 7.38
C ALA A 18 -3.92 6.38 8.80
N ALA A 19 -4.50 7.07 9.76
CA ALA A 19 -4.48 6.64 11.16
C ALA A 19 -5.31 5.36 11.34
N GLU A 20 -6.48 5.32 10.72
CA GLU A 20 -7.35 4.14 10.82
C GLU A 20 -6.68 2.93 10.18
N LEU A 21 -6.10 3.15 9.01
CA LEU A 21 -5.42 2.08 8.29
C LEU A 21 -4.25 1.53 9.09
N GLU A 22 -3.48 2.38 9.74
CA GLU A 22 -2.37 1.87 10.55
C GLU A 22 -2.87 1.23 11.84
N MET A 23 -4.01 1.68 12.36
CA MET A 23 -4.58 1.07 13.57
C MET A 23 -4.97 -0.39 13.30
N THR A 24 -5.48 -0.68 12.10
CA THR A 24 -5.81 -2.07 11.73
C THR A 24 -4.58 -2.97 11.83
N ARG A 25 -3.42 -2.41 11.58
CA ARG A 25 -2.15 -3.15 11.64
C ARG A 25 -1.79 -3.45 13.08
N GLN A 26 -2.07 -2.51 13.97
CA GLN A 26 -1.81 -2.73 15.40
C GLN A 26 -2.75 -3.84 15.86
N VAL A 27 -3.99 -3.75 15.39
CA VAL A 27 -5.04 -4.72 15.69
C VAL A 27 -4.64 -6.12 15.22
N LEU A 28 -4.02 -6.22 14.06
CA LEU A 28 -3.55 -7.50 13.52
C LEU A 28 -2.40 -8.10 14.32
N HIS A 29 -1.82 -7.33 15.22
CA HIS A 29 -0.74 -7.82 16.07
C HIS A 29 -1.13 -7.74 17.55
N ALA A 30 -2.40 -7.51 17.82
CA ALA A 30 -2.88 -7.34 19.18
C ALA A 30 -3.47 -8.64 19.72
N GLY A 31 -3.13 -8.98 20.95
CA GLY A 31 -3.67 -10.15 21.61
C GLY A 31 -5.03 -9.84 22.20
N ALA A 32 -5.93 -9.34 21.36
CA ALA A 32 -7.27 -8.94 21.76
C ALA A 32 -8.21 -9.19 20.59
N ARG A 33 -9.10 -8.24 20.33
CA ARG A 33 -10.08 -8.40 19.27
C ARG A 33 -9.51 -8.10 17.89
N GLN A 34 -9.02 -9.13 17.21
CA GLN A 34 -8.66 -9.03 15.80
C GLN A 34 -9.95 -9.32 14.99
N ASP A 35 -11.05 -8.99 15.66
CA ASP A 35 -12.42 -9.22 15.20
C ASP A 35 -12.81 -8.26 14.09
N ASP A 36 -12.04 -7.17 13.98
CA ASP A 36 -12.26 -6.14 12.98
C ASP A 36 -10.92 -5.90 12.31
N ALA A 37 -10.55 -6.87 11.50
CA ALA A 37 -9.28 -6.84 10.78
C ALA A 37 -9.54 -7.32 9.36
N GLU A 38 -10.71 -7.01 8.85
CA GLU A 38 -11.09 -7.44 7.50
C GLU A 38 -10.17 -6.81 6.43
N PRO A 39 -9.77 -7.61 5.41
CA PRO A 39 -8.91 -7.03 4.38
C PRO A 39 -9.67 -6.14 3.42
N GLY A 40 -8.98 -5.16 2.86
CA GLY A 40 -9.58 -4.24 1.93
C GLY A 40 -9.28 -4.59 0.50
N VAL A 41 -9.55 -3.62 -0.35
CA VAL A 41 -9.40 -3.74 -1.79
C VAL A 41 -7.92 -3.63 -2.16
N SER A 42 -7.44 -4.53 -3.00
CA SER A 42 -6.05 -4.52 -3.45
C SER A 42 -5.97 -5.11 -4.85
N GLY A 43 -4.83 -4.95 -5.50
CA GLY A 43 -4.64 -5.49 -6.84
C GLY A 43 -5.02 -4.51 -7.93
N ALA A 44 -5.34 -5.05 -9.10
CA ALA A 44 -5.71 -4.28 -10.31
C ALA A 44 -4.59 -3.36 -10.82
N SER A 45 -4.87 -2.66 -11.91
CA SER A 45 -3.91 -1.74 -12.51
C SER A 45 -4.09 -0.36 -11.91
N ALA A 46 -3.00 0.39 -11.74
CA ALA A 46 -3.05 1.71 -11.15
C ALA A 46 -2.22 2.69 -11.94
N HIS A 47 -2.68 3.93 -12.06
CA HIS A 47 -1.92 4.99 -12.70
C HIS A 47 -1.38 5.94 -11.62
N TRP A 48 -2.26 6.75 -11.06
CA TRP A 48 -1.88 7.70 -10.00
C TRP A 48 -1.38 6.99 -8.75
N GLY A 49 -1.90 5.78 -8.54
CA GLY A 49 -1.50 4.95 -7.42
C GLY A 49 -0.01 4.65 -7.42
N GLN A 50 0.61 4.60 -8.60
CA GLN A 50 2.03 4.31 -8.68
C GLN A 50 2.86 5.37 -7.96
N ARG A 51 2.42 6.62 -8.04
CA ARG A 51 3.15 7.70 -7.38
C ARG A 51 2.88 7.67 -5.89
N ALA A 52 1.67 7.24 -5.52
CA ALA A 52 1.33 7.12 -4.10
C ALA A 52 2.17 6.03 -3.44
N LEU A 53 2.43 4.94 -4.16
CA LEU A 53 3.23 3.85 -3.62
C LEU A 53 4.65 4.32 -3.35
N GLN A 54 5.16 5.25 -4.16
CA GLN A 54 6.50 5.78 -3.89
C GLN A 54 6.56 6.48 -2.53
N GLY A 55 5.45 7.04 -2.09
CA GLY A 55 5.37 7.65 -0.77
C GLY A 55 5.34 6.53 0.24
N ALA A 56 4.55 5.49 -0.05
CA ALA A 56 4.46 4.32 0.84
C ALA A 56 5.85 3.70 1.10
N GLN A 57 6.69 3.69 0.09
CA GLN A 57 8.05 3.17 0.24
C GLN A 57 8.88 4.05 1.15
N ALA A 58 8.76 5.37 0.98
CA ALA A 58 9.54 6.31 1.78
C ALA A 58 9.12 6.22 3.25
N VAL A 59 7.81 6.18 3.49
CA VAL A 59 7.31 6.10 4.86
C VAL A 59 7.65 4.73 5.44
N ALA A 60 7.70 3.69 4.62
CA ALA A 60 8.00 2.34 5.10
C ALA A 60 9.36 2.28 5.81
N ALA A 61 10.30 3.10 5.38
CA ALA A 61 11.60 3.14 6.04
C ALA A 61 11.45 3.64 7.48
N ALA A 62 10.57 4.61 7.69
CA ALA A 62 10.27 5.11 9.03
C ALA A 62 9.42 4.08 9.81
N GLN A 63 8.53 3.40 9.11
CA GLN A 63 7.63 2.43 9.76
C GLN A 63 8.39 1.21 10.26
N ARG A 64 9.28 0.67 9.45
CA ARG A 64 10.06 -0.50 9.88
C ARG A 64 10.94 -0.11 11.05
N LEU A 65 11.30 1.17 11.09
CA LEU A 65 12.11 1.72 12.17
C LEU A 65 11.28 1.85 13.45
N VAL A 66 10.13 2.51 13.40
CA VAL A 66 9.35 2.73 14.62
C VAL A 66 8.92 1.40 15.20
N HIS A 67 8.59 0.46 14.33
CA HIS A 67 8.20 -0.86 14.75
C HIS A 67 9.35 -1.54 15.48
N ALA A 68 10.58 -1.33 15.04
CA ALA A 68 11.71 -1.96 15.69
C ALA A 68 11.77 -1.56 17.18
N ILE A 69 11.57 -0.28 17.47
CA ILE A 69 11.61 0.17 18.86
C ILE A 69 10.38 -0.30 19.60
N ALA A 70 9.25 -0.39 18.91
CA ALA A 70 8.01 -0.85 19.53
C ALA A 70 8.22 -2.27 20.08
N LEU A 71 9.10 -3.03 19.44
CA LEU A 71 9.38 -4.38 19.90
C LEU A 71 10.27 -4.34 21.12
N MET A 72 11.28 -3.50 21.07
CA MET A 72 12.20 -3.37 22.19
C MET A 72 11.48 -2.87 23.42
N THR A 73 10.45 -2.07 23.21
CA THR A 73 9.77 -1.48 24.35
C THR A 73 8.80 -2.47 24.94
N GLN A 74 8.24 -3.35 24.13
CA GLN A 74 7.38 -4.39 24.68
C GLN A 74 8.22 -5.52 25.27
N PHE A 75 9.39 -5.80 24.71
CA PHE A 75 10.26 -6.84 25.27
C PHE A 75 10.74 -6.42 26.65
N GLY A 76 10.99 -5.13 26.82
CA GLY A 76 11.43 -4.61 28.11
C GLY A 76 10.39 -4.72 29.21
N ARG A 77 9.14 -5.00 28.85
CA ARG A 77 8.05 -5.14 29.83
C ARG A 77 7.34 -6.49 29.66
N ALA A 78 8.01 -7.42 29.01
CA ALA A 78 7.46 -8.74 28.73
C ALA A 78 7.39 -9.68 29.96
N GLY A 79 7.68 -9.15 31.14
CA GLY A 79 7.65 -9.95 32.35
C GLY A 79 6.24 -10.19 32.88
N SER A 80 5.30 -10.46 31.97
CA SER A 80 3.88 -10.69 32.31
C SER A 80 3.59 -12.04 32.93
N GLY A 1 -27.47 -23.97 4.95
CA GLY A 1 -26.87 -24.36 3.64
C GLY A 1 -26.83 -25.87 3.41
N SER A 2 -26.19 -26.26 2.31
CA SER A 2 -26.07 -27.65 1.89
C SER A 2 -25.41 -28.52 2.97
N ARG A 3 -25.86 -29.76 3.11
CA ARG A 3 -25.39 -30.64 4.18
C ARG A 3 -24.72 -31.92 3.72
N SER A 4 -23.41 -31.98 3.96
CA SER A 4 -22.56 -33.15 3.67
C SER A 4 -22.44 -33.52 2.20
N PHE A 5 -21.64 -34.55 1.94
CA PHE A 5 -21.36 -34.96 0.57
C PHE A 5 -22.45 -35.86 -0.06
N SER A 6 -23.70 -35.40 -0.01
CA SER A 6 -24.81 -36.16 -0.58
C SER A 6 -25.02 -35.83 -2.06
N LEU A 7 -23.90 -35.53 -2.71
CA LEU A 7 -23.79 -35.21 -4.16
C LEU A 7 -24.58 -33.99 -4.66
N GLY A 8 -25.91 -34.02 -4.56
CA GLY A 8 -26.69 -32.88 -5.02
C GLY A 8 -26.41 -31.69 -4.14
N GLU A 9 -26.13 -31.99 -2.87
CA GLU A 9 -25.78 -30.97 -1.89
C GLU A 9 -24.48 -30.29 -2.29
N VAL A 10 -23.55 -31.06 -2.86
CA VAL A 10 -22.24 -30.53 -3.22
C VAL A 10 -22.37 -29.60 -4.43
N SER A 11 -23.27 -29.94 -5.34
CA SER A 11 -23.51 -29.12 -6.51
C SER A 11 -24.10 -27.78 -6.11
N ASP A 12 -24.98 -27.81 -5.12
CA ASP A 12 -25.60 -26.58 -4.62
C ASP A 12 -24.58 -25.78 -3.84
N MET A 13 -23.71 -26.49 -3.12
CA MET A 13 -22.68 -25.84 -2.31
C MET A 13 -21.76 -25.00 -3.18
N ALA A 14 -21.46 -25.50 -4.37
CA ALA A 14 -20.61 -24.78 -5.32
C ALA A 14 -21.28 -23.48 -5.78
N ALA A 15 -22.60 -23.49 -5.86
CA ALA A 15 -23.34 -22.28 -6.25
C ALA A 15 -23.29 -21.26 -5.11
N VAL A 16 -23.37 -21.75 -3.87
CA VAL A 16 -23.29 -20.88 -2.69
C VAL A 16 -21.90 -20.28 -2.61
N GLU A 17 -20.87 -21.08 -2.86
CA GLU A 17 -19.49 -20.60 -2.84
C GLU A 17 -19.32 -19.48 -3.87
N ALA A 18 -19.88 -19.67 -5.05
CA ALA A 18 -19.77 -18.66 -6.10
C ALA A 18 -20.50 -17.37 -5.67
N ALA A 19 -21.64 -17.52 -5.01
CA ALA A 19 -22.40 -16.38 -4.53
C ALA A 19 -21.62 -15.58 -3.49
N GLU A 20 -20.96 -16.27 -2.56
CA GLU A 20 -20.18 -15.59 -1.52
C GLU A 20 -19.05 -14.80 -2.17
N LEU A 21 -18.39 -15.43 -3.12
CA LEU A 21 -17.27 -14.80 -3.83
C LEU A 21 -17.70 -13.56 -4.60
N GLU A 22 -18.85 -13.59 -5.28
CA GLU A 22 -19.29 -12.40 -6.00
C GLU A 22 -19.86 -11.34 -5.05
N MET A 23 -20.48 -11.75 -3.95
CA MET A 23 -21.01 -10.80 -2.97
C MET A 23 -19.88 -10.02 -2.32
N THR A 24 -18.74 -10.67 -2.16
CA THR A 24 -17.55 -10.02 -1.61
C THR A 24 -17.20 -8.79 -2.46
N ARG A 25 -17.36 -8.91 -3.78
CA ARG A 25 -17.01 -7.79 -4.66
C ARG A 25 -17.98 -6.64 -4.45
N GLN A 26 -19.24 -6.96 -4.20
CA GLN A 26 -20.25 -5.92 -3.99
C GLN A 26 -19.96 -5.13 -2.71
N VAL A 27 -19.62 -5.83 -1.64
CA VAL A 27 -19.41 -5.17 -0.35
C VAL A 27 -18.16 -4.30 -0.34
N LEU A 28 -17.14 -4.70 -1.09
CA LEU A 28 -15.92 -3.90 -1.19
C LEU A 28 -16.27 -2.52 -1.75
N HIS A 29 -16.93 -2.51 -2.91
CA HIS A 29 -17.33 -1.26 -3.56
C HIS A 29 -18.32 -0.46 -2.70
N ALA A 30 -19.20 -1.15 -2.00
CA ALA A 30 -20.23 -0.51 -1.19
C ALA A 30 -19.67 0.23 0.02
N GLY A 31 -18.47 -0.13 0.46
CA GLY A 31 -17.86 0.54 1.60
C GLY A 31 -17.22 -0.36 2.64
N ALA A 32 -16.43 -1.34 2.20
CA ALA A 32 -15.71 -2.20 3.15
C ALA A 32 -14.47 -1.43 3.64
N ARG A 33 -14.73 -0.50 4.55
CA ARG A 33 -13.74 0.40 5.08
C ARG A 33 -13.06 1.11 3.91
N GLN A 34 -11.75 0.94 3.76
CA GLN A 34 -11.01 1.50 2.65
C GLN A 34 -10.05 0.40 2.20
N ASP A 35 -10.47 -0.84 2.38
CA ASP A 35 -9.65 -2.01 2.05
C ASP A 35 -9.48 -2.11 0.54
N ASP A 36 -10.48 -1.61 -0.18
CA ASP A 36 -10.46 -1.57 -1.64
C ASP A 36 -11.05 -0.23 -2.08
N ALA A 37 -10.38 0.84 -1.69
CA ALA A 37 -10.82 2.19 -2.02
C ALA A 37 -10.10 2.65 -3.30
N GLU A 38 -10.01 1.77 -4.28
CA GLU A 38 -9.30 2.07 -5.52
C GLU A 38 -10.22 1.90 -6.74
N PRO A 39 -9.98 2.68 -7.81
CA PRO A 39 -10.82 2.55 -9.02
C PRO A 39 -10.46 1.36 -9.90
N GLY A 40 -9.49 0.56 -9.46
CA GLY A 40 -9.03 -0.58 -10.22
C GLY A 40 -7.53 -0.53 -10.41
N VAL A 41 -6.90 -1.69 -10.43
CA VAL A 41 -5.44 -1.81 -10.57
C VAL A 41 -4.98 -1.50 -12.01
N SER A 42 -5.85 -1.76 -12.98
CA SER A 42 -5.51 -1.57 -14.38
C SER A 42 -5.42 -0.08 -14.75
N GLY A 43 -4.53 0.25 -15.68
CA GLY A 43 -4.37 1.62 -16.13
C GLY A 43 -2.98 1.86 -16.69
N ALA A 44 -1.98 1.29 -16.01
CA ALA A 44 -0.55 1.35 -16.42
C ALA A 44 0.05 2.77 -16.50
N SER A 45 -0.70 3.79 -16.08
CA SER A 45 -0.21 5.16 -16.08
C SER A 45 -0.92 5.92 -14.97
N ALA A 46 -0.18 6.76 -14.26
CA ALA A 46 -0.74 7.56 -13.17
C ALA A 46 0.22 8.72 -12.92
N HIS A 47 -0.30 9.85 -12.44
CA HIS A 47 0.56 10.98 -12.06
C HIS A 47 0.59 11.14 -10.54
N TRP A 48 -0.57 11.44 -9.95
CA TRP A 48 -0.69 11.61 -8.51
C TRP A 48 -0.23 10.38 -7.75
N GLY A 49 -0.64 9.23 -8.26
CA GLY A 49 -0.29 7.95 -7.68
C GLY A 49 1.20 7.69 -7.62
N GLN A 50 1.98 8.24 -8.55
CA GLN A 50 3.42 8.04 -8.53
C GLN A 50 4.04 8.71 -7.33
N ARG A 51 3.60 9.91 -7.01
CA ARG A 51 4.15 10.61 -5.85
C ARG A 51 3.66 9.93 -4.58
N ALA A 52 2.47 9.37 -4.63
CA ALA A 52 1.94 8.63 -3.49
C ALA A 52 2.81 7.39 -3.24
N LEU A 53 3.15 6.66 -4.29
CA LEU A 53 3.97 5.47 -4.14
C LEU A 53 5.36 5.84 -3.63
N GLN A 54 5.94 6.94 -4.12
CA GLN A 54 7.25 7.35 -3.64
C GLN A 54 7.19 7.72 -2.15
N GLY A 55 6.07 8.27 -1.73
CA GLY A 55 5.88 8.60 -0.34
C GLY A 55 5.83 7.31 0.45
N ALA A 56 5.04 6.36 -0.01
CA ALA A 56 4.90 5.07 0.64
C ALA A 56 6.27 4.38 0.82
N GLN A 57 7.13 4.50 -0.18
CA GLN A 57 8.46 3.88 -0.10
C GLN A 57 9.29 4.54 1.00
N ALA A 58 9.26 5.86 1.05
CA ALA A 58 10.05 6.60 2.02
C ALA A 58 9.54 6.36 3.44
N VAL A 59 8.23 6.38 3.62
CA VAL A 59 7.66 6.19 4.96
C VAL A 59 7.85 4.76 5.41
N ALA A 60 7.92 3.80 4.48
CA ALA A 60 8.11 2.40 4.86
C ALA A 60 9.41 2.24 5.68
N ALA A 61 10.42 3.02 5.35
CA ALA A 61 11.67 2.99 6.09
C ALA A 61 11.45 3.47 7.53
N ALA A 62 10.58 4.46 7.70
CA ALA A 62 10.25 4.97 9.02
C ALA A 62 9.36 3.99 9.78
N GLN A 63 8.46 3.29 9.09
CA GLN A 63 7.57 2.35 9.75
C GLN A 63 8.33 1.13 10.26
N ARG A 64 9.22 0.57 9.46
CA ARG A 64 10.00 -0.59 9.91
C ARG A 64 10.89 -0.18 11.08
N LEU A 65 11.24 1.10 11.11
CA LEU A 65 12.03 1.67 12.18
C LEU A 65 11.20 1.83 13.46
N VAL A 66 10.03 2.47 13.38
CA VAL A 66 9.24 2.71 14.60
C VAL A 66 8.82 1.39 15.21
N HIS A 67 8.52 0.42 14.36
CA HIS A 67 8.16 -0.91 14.82
C HIS A 67 9.33 -1.57 15.52
N ALA A 68 10.56 -1.31 15.06
CA ALA A 68 11.73 -1.91 15.70
C ALA A 68 11.83 -1.45 17.16
N ILE A 69 11.59 -0.18 17.41
CA ILE A 69 11.67 0.35 18.78
C ILE A 69 10.50 -0.18 19.58
N ALA A 70 9.35 -0.34 18.94
CA ALA A 70 8.17 -0.84 19.62
C ALA A 70 8.47 -2.24 20.20
N LEU A 71 9.41 -2.94 19.58
CA LEU A 71 9.80 -4.26 20.08
C LEU A 71 10.77 -4.10 21.23
N MET A 72 11.70 -3.18 21.10
CA MET A 72 12.68 -2.94 22.16
C MET A 72 12.00 -2.52 23.44
N THR A 73 10.88 -1.83 23.32
CA THR A 73 10.23 -1.30 24.52
C THR A 73 9.53 -2.43 25.25
N GLN A 74 8.95 -3.37 24.53
CA GLN A 74 8.30 -4.51 25.17
C GLN A 74 9.31 -5.59 25.54
N PHE A 75 10.43 -5.69 24.85
CA PHE A 75 11.45 -6.68 25.20
C PHE A 75 12.14 -6.30 26.50
N GLY A 76 12.30 -5.00 26.72
CA GLY A 76 12.95 -4.54 27.94
C GLY A 76 12.09 -4.72 29.18
N ARG A 77 10.78 -4.74 29.01
CA ARG A 77 9.84 -4.90 30.12
C ARG A 77 8.66 -5.77 29.70
N ALA A 78 8.94 -7.03 29.42
CA ALA A 78 7.91 -7.96 28.97
C ALA A 78 6.90 -8.24 30.09
N GLY A 79 5.63 -8.35 29.71
CA GLY A 79 4.58 -8.61 30.69
C GLY A 79 4.40 -10.09 30.97
N SER A 80 5.24 -10.92 30.36
CA SER A 80 5.22 -12.38 30.53
C SER A 80 6.50 -12.97 29.97
N GLY A 1 -9.15 18.52 -16.24
CA GLY A 1 -9.84 19.17 -15.10
C GLY A 1 -9.88 18.31 -13.85
N SER A 2 -10.35 18.91 -12.75
CA SER A 2 -10.46 18.20 -11.48
C SER A 2 -11.74 17.38 -11.46
N ARG A 3 -11.71 16.23 -10.76
CA ARG A 3 -12.93 15.42 -10.65
C ARG A 3 -13.96 16.20 -9.84
N SER A 4 -15.22 15.94 -10.11
CA SER A 4 -16.33 16.59 -9.42
C SER A 4 -17.33 15.49 -9.13
N PHE A 5 -18.23 15.74 -8.20
CA PHE A 5 -19.23 14.74 -7.80
C PHE A 5 -20.37 15.47 -7.11
N SER A 6 -21.54 14.83 -7.05
CA SER A 6 -22.74 15.39 -6.44
C SER A 6 -22.81 15.13 -4.94
N LEU A 7 -21.63 15.04 -4.32
CA LEU A 7 -21.43 14.85 -2.87
C LEU A 7 -21.95 13.57 -2.22
N GLY A 8 -23.17 13.14 -2.50
CA GLY A 8 -23.69 11.91 -1.94
C GLY A 8 -22.87 10.73 -2.46
N GLU A 9 -22.37 10.90 -3.67
CA GLU A 9 -21.55 9.88 -4.32
C GLU A 9 -20.24 9.66 -3.57
N VAL A 10 -19.81 10.63 -2.77
CA VAL A 10 -18.58 10.49 -2.00
C VAL A 10 -18.83 9.54 -0.82
N SER A 11 -20.04 9.55 -0.30
CA SER A 11 -20.40 8.65 0.79
C SER A 11 -20.43 7.23 0.25
N ASP A 12 -20.93 7.09 -0.97
CA ASP A 12 -20.98 5.78 -1.62
C ASP A 12 -19.57 5.33 -1.97
N MET A 13 -18.71 6.28 -2.30
CA MET A 13 -17.31 5.99 -2.65
C MET A 13 -16.58 5.35 -1.47
N ALA A 14 -16.90 5.81 -0.27
CA ALA A 14 -16.29 5.25 0.93
C ALA A 14 -16.69 3.78 1.09
N ALA A 15 -17.91 3.45 0.67
CA ALA A 15 -18.38 2.08 0.73
C ALA A 15 -17.65 1.23 -0.32
N VAL A 16 -17.35 1.81 -1.48
CA VAL A 16 -16.60 1.10 -2.52
C VAL A 16 -15.19 0.80 -2.04
N GLU A 17 -14.56 1.79 -1.42
CA GLU A 17 -13.20 1.62 -0.89
C GLU A 17 -13.18 0.52 0.16
N ALA A 18 -14.18 0.51 1.04
CA ALA A 18 -14.26 -0.53 2.07
C ALA A 18 -14.51 -1.90 1.41
N ALA A 19 -15.36 -1.92 0.39
CA ALA A 19 -15.71 -3.15 -0.29
C ALA A 19 -14.51 -3.77 -0.99
N GLU A 20 -13.73 -3.00 -1.73
CA GLU A 20 -12.59 -3.57 -2.45
C GLU A 20 -11.53 -4.08 -1.47
N LEU A 21 -11.42 -3.43 -0.32
CA LEU A 21 -10.47 -3.87 0.69
C LEU A 21 -10.87 -5.26 1.21
N GLU A 22 -12.14 -5.46 1.52
CA GLU A 22 -12.56 -6.78 2.01
C GLU A 22 -12.59 -7.79 0.87
N MET A 23 -12.86 -7.34 -0.35
CA MET A 23 -12.83 -8.22 -1.51
C MET A 23 -11.43 -8.80 -1.64
N THR A 24 -10.41 -7.97 -1.47
CA THR A 24 -9.02 -8.42 -1.55
C THR A 24 -8.72 -9.48 -0.50
N ARG A 25 -9.24 -9.29 0.70
CA ARG A 25 -9.03 -10.24 1.81
C ARG A 25 -9.61 -11.59 1.45
N GLN A 26 -10.79 -11.55 0.89
CA GLN A 26 -11.47 -12.77 0.45
C GLN A 26 -10.72 -13.42 -0.71
N VAL A 27 -10.29 -12.59 -1.67
CA VAL A 27 -9.58 -13.02 -2.87
C VAL A 27 -8.29 -13.78 -2.55
N LEU A 28 -7.58 -13.36 -1.51
CA LEU A 28 -6.33 -14.01 -1.13
C LEU A 28 -6.53 -15.46 -0.69
N HIS A 29 -7.75 -15.82 -0.36
CA HIS A 29 -8.10 -17.17 0.07
C HIS A 29 -9.11 -17.80 -0.90
N ALA A 30 -9.18 -17.28 -2.12
CA ALA A 30 -10.14 -17.75 -3.11
C ALA A 30 -9.48 -17.99 -4.49
N GLY A 31 -10.28 -18.50 -5.42
CA GLY A 31 -9.79 -18.75 -6.77
C GLY A 31 -9.91 -17.52 -7.65
N ALA A 32 -8.94 -16.62 -7.56
CA ALA A 32 -8.91 -15.42 -8.35
C ALA A 32 -7.56 -15.41 -9.06
N ARG A 33 -7.60 -15.24 -10.36
CA ARG A 33 -6.41 -15.24 -11.21
C ARG A 33 -6.53 -14.13 -12.24
N GLN A 34 -5.42 -13.75 -12.86
CA GLN A 34 -5.40 -12.77 -13.96
C GLN A 34 -5.61 -13.53 -15.26
N ASP A 35 -6.50 -14.52 -15.20
CA ASP A 35 -6.78 -15.51 -16.24
C ASP A 35 -5.59 -16.39 -16.64
N ASP A 36 -4.54 -15.76 -17.13
CA ASP A 36 -3.32 -16.45 -17.59
C ASP A 36 -2.13 -15.55 -17.32
N ALA A 37 -2.20 -14.84 -16.20
CA ALA A 37 -1.16 -13.93 -15.75
C ALA A 37 -0.77 -12.90 -16.81
N GLU A 38 -1.78 -12.29 -17.42
CA GLU A 38 -1.58 -11.30 -18.47
C GLU A 38 -0.60 -10.20 -18.03
N PRO A 39 0.43 -9.91 -18.87
CA PRO A 39 1.39 -8.89 -18.47
C PRO A 39 0.90 -7.45 -18.69
N GLY A 40 1.03 -6.64 -17.66
CA GLY A 40 0.66 -5.25 -17.74
C GLY A 40 1.20 -4.47 -16.57
N VAL A 41 1.70 -3.28 -16.83
CA VAL A 41 2.25 -2.41 -15.79
C VAL A 41 1.47 -1.10 -15.77
N SER A 42 0.80 -0.85 -14.65
CA SER A 42 -0.12 0.29 -14.44
C SER A 42 -1.38 0.13 -15.29
N GLY A 43 -2.49 0.70 -14.81
CA GLY A 43 -3.74 0.61 -15.56
C GLY A 43 -3.78 1.59 -16.72
N ALA A 44 -2.83 2.51 -16.71
CA ALA A 44 -2.68 3.54 -17.75
C ALA A 44 -1.35 4.24 -17.50
N SER A 45 -1.34 5.12 -16.50
CA SER A 45 -0.13 5.85 -16.10
C SER A 45 -0.28 6.32 -14.67
N ALA A 46 -1.37 7.08 -14.45
CA ALA A 46 -1.73 7.71 -13.16
C ALA A 46 -0.74 8.80 -12.74
N HIS A 47 -1.26 9.86 -12.13
CA HIS A 47 -0.40 10.94 -11.64
C HIS A 47 -0.27 10.90 -10.12
N TRP A 48 -1.32 11.32 -9.42
CA TRP A 48 -1.33 11.39 -7.97
C TRP A 48 -1.09 10.04 -7.30
N GLY A 49 -1.51 8.96 -7.96
CA GLY A 49 -1.30 7.63 -7.42
C GLY A 49 0.18 7.31 -7.31
N GLN A 50 0.98 7.81 -8.24
CA GLN A 50 2.41 7.59 -8.19
C GLN A 50 2.97 8.32 -6.99
N ARG A 51 2.55 9.55 -6.81
CA ARG A 51 3.06 10.39 -5.71
C ARG A 51 2.71 9.75 -4.37
N ALA A 52 1.52 9.19 -4.29
CA ALA A 52 1.07 8.53 -3.07
C ALA A 52 1.95 7.30 -2.77
N LEU A 53 2.20 6.47 -3.79
CA LEU A 53 3.02 5.29 -3.58
C LEU A 53 4.46 5.69 -3.26
N GLN A 54 4.98 6.73 -3.89
CA GLN A 54 6.34 7.19 -3.60
C GLN A 54 6.46 7.57 -2.14
N GLY A 55 5.40 8.15 -1.60
CA GLY A 55 5.36 8.50 -0.19
C GLY A 55 5.35 7.22 0.62
N ALA A 56 4.47 6.30 0.26
CA ALA A 56 4.35 5.02 0.96
C ALA A 56 5.69 4.27 1.06
N GLN A 57 6.50 4.33 0.01
CA GLN A 57 7.80 3.67 0.02
C GLN A 57 8.78 4.38 0.96
N ALA A 58 8.77 5.70 0.94
CA ALA A 58 9.68 6.49 1.78
C ALA A 58 9.33 6.31 3.25
N VAL A 59 8.04 6.37 3.56
CA VAL A 59 7.60 6.23 4.95
C VAL A 59 7.82 4.81 5.45
N ALA A 60 7.83 3.83 4.54
CA ALA A 60 8.03 2.44 4.94
C ALA A 60 9.35 2.27 5.71
N ALA A 61 10.37 3.05 5.35
CA ALA A 61 11.64 3.00 6.05
C ALA A 61 11.46 3.47 7.50
N ALA A 62 10.62 4.48 7.70
CA ALA A 62 10.32 5.00 9.03
C ALA A 62 9.42 4.01 9.79
N GLN A 63 8.55 3.29 9.08
CA GLN A 63 7.65 2.34 9.71
C GLN A 63 8.40 1.12 10.24
N ARG A 64 9.29 0.56 9.43
CA ARG A 64 10.08 -0.59 9.88
C ARG A 64 10.95 -0.16 11.05
N LEU A 65 11.29 1.12 11.08
CA LEU A 65 12.07 1.70 12.16
C LEU A 65 11.24 1.84 13.43
N VAL A 66 10.07 2.46 13.36
CA VAL A 66 9.27 2.69 14.58
C VAL A 66 8.86 1.37 15.18
N HIS A 67 8.57 0.40 14.32
CA HIS A 67 8.20 -0.92 14.75
C HIS A 67 9.36 -1.57 15.50
N ALA A 68 10.59 -1.31 15.09
CA ALA A 68 11.74 -1.90 15.76
C ALA A 68 11.78 -1.46 17.23
N ILE A 69 11.55 -0.18 17.48
CA ILE A 69 11.58 0.32 18.86
C ILE A 69 10.38 -0.19 19.61
N ALA A 70 9.24 -0.33 18.94
CA ALA A 70 8.04 -0.85 19.58
C ALA A 70 8.31 -2.24 20.16
N LEU A 71 9.27 -2.95 19.58
CA LEU A 71 9.65 -4.27 20.10
C LEU A 71 10.58 -4.10 21.28
N MET A 72 11.52 -3.18 21.16
CA MET A 72 12.47 -2.93 22.24
C MET A 72 11.79 -2.45 23.49
N THR A 73 10.65 -1.81 23.34
CA THR A 73 9.98 -1.25 24.50
C THR A 73 9.27 -2.33 25.29
N GLN A 74 8.76 -3.34 24.60
CA GLN A 74 8.15 -4.47 25.29
C GLN A 74 9.22 -5.45 25.77
N PHE A 75 10.30 -5.63 25.00
CA PHE A 75 11.38 -6.51 25.41
C PHE A 75 12.13 -5.93 26.60
N GLY A 76 12.06 -4.63 26.77
CA GLY A 76 12.69 -3.99 27.93
C GLY A 76 12.00 -4.32 29.23
N ARG A 77 10.83 -4.99 29.15
CA ARG A 77 10.08 -5.39 30.34
C ARG A 77 9.59 -6.84 30.24
N ALA A 78 10.19 -7.62 29.34
CA ALA A 78 9.77 -9.02 29.16
C ALA A 78 10.97 -9.85 28.73
N GLY A 79 11.04 -11.09 29.18
CA GLY A 79 12.15 -11.97 28.82
C GLY A 79 12.09 -12.39 27.36
N SER A 80 10.89 -12.29 26.78
CA SER A 80 10.62 -12.63 25.38
C SER A 80 9.30 -12.01 24.97
N GLY A 1 17.63 4.04 12.78
CA GLY A 1 17.16 4.52 11.44
C GLY A 1 17.90 3.82 10.32
N SER A 2 18.61 2.78 10.75
CA SER A 2 19.40 1.95 9.86
C SER A 2 18.52 1.16 8.91
N ARG A 3 18.90 1.12 7.64
CA ARG A 3 18.19 0.33 6.64
C ARG A 3 18.93 -0.99 6.43
N SER A 4 20.20 -0.98 6.78
CA SER A 4 21.04 -2.18 6.73
C SER A 4 20.92 -2.81 8.11
N PHE A 5 21.20 -4.10 8.22
CA PHE A 5 21.08 -4.78 9.51
C PHE A 5 22.05 -4.19 10.54
N SER A 6 21.52 -3.78 11.67
CA SER A 6 22.30 -3.20 12.76
C SER A 6 22.92 -4.24 13.68
N LEU A 7 23.40 -5.32 13.08
CA LEU A 7 24.07 -6.46 13.77
C LEU A 7 23.26 -7.25 14.80
N GLY A 8 22.74 -6.59 15.83
CA GLY A 8 21.88 -7.28 16.79
C GLY A 8 20.59 -7.65 16.08
N GLU A 9 20.30 -6.87 15.04
CA GLU A 9 19.13 -7.08 14.19
C GLU A 9 19.21 -8.44 13.47
N VAL A 10 20.42 -8.94 13.23
CA VAL A 10 20.61 -10.23 12.57
C VAL A 10 20.07 -11.35 13.48
N SER A 11 20.19 -11.19 14.79
CA SER A 11 19.69 -12.20 15.72
C SER A 11 18.16 -12.24 15.70
N ASP A 12 17.54 -11.07 15.57
CA ASP A 12 16.08 -10.98 15.51
C ASP A 12 15.60 -11.46 14.16
N MET A 13 16.42 -11.24 13.15
CA MET A 13 16.12 -11.69 11.79
C MET A 13 16.04 -13.21 11.78
N ALA A 14 16.97 -13.87 12.46
CA ALA A 14 16.96 -15.32 12.54
C ALA A 14 15.72 -15.82 13.30
N ALA A 15 15.26 -15.04 14.26
CA ALA A 15 14.09 -15.41 15.05
C ALA A 15 12.82 -15.31 14.22
N VAL A 16 12.66 -14.22 13.49
CA VAL A 16 11.46 -14.02 12.68
C VAL A 16 11.44 -14.97 11.50
N GLU A 17 12.61 -15.29 10.98
CA GLU A 17 12.73 -16.29 9.90
C GLU A 17 12.13 -17.62 10.37
N ALA A 18 12.45 -18.03 11.58
CA ALA A 18 11.92 -19.27 12.12
C ALA A 18 10.39 -19.16 12.32
N ALA A 19 9.96 -17.98 12.75
CA ALA A 19 8.54 -17.74 13.02
C ALA A 19 7.71 -17.77 11.72
N GLU A 20 8.18 -17.14 10.66
CA GLU A 20 7.42 -17.14 9.42
C GLU A 20 7.43 -18.53 8.81
N LEU A 21 8.51 -19.27 9.00
CA LEU A 21 8.56 -20.64 8.50
C LEU A 21 7.48 -21.48 9.15
N GLU A 22 7.28 -21.36 10.46
CA GLU A 22 6.21 -22.12 11.09
C GLU A 22 4.83 -21.56 10.77
N MET A 23 4.70 -20.26 10.59
CA MET A 23 3.41 -19.67 10.23
C MET A 23 3.00 -20.12 8.83
N THR A 24 3.97 -20.31 7.95
CA THR A 24 3.71 -20.80 6.60
C THR A 24 3.03 -22.18 6.69
N ARG A 25 3.41 -22.98 7.67
CA ARG A 25 2.80 -24.30 7.82
C ARG A 25 1.34 -24.14 8.21
N GLN A 26 1.06 -23.19 9.10
CA GLN A 26 -0.31 -22.99 9.57
C GLN A 26 -1.23 -22.55 8.42
N VAL A 27 -0.77 -21.61 7.60
CA VAL A 27 -1.61 -21.09 6.53
C VAL A 27 -1.85 -22.10 5.41
N LEU A 28 -0.85 -22.92 5.13
CA LEU A 28 -0.98 -23.96 4.10
C LEU A 28 -1.93 -25.07 4.53
N HIS A 29 -2.15 -25.22 5.83
CA HIS A 29 -3.05 -26.24 6.35
C HIS A 29 -4.45 -25.67 6.61
N ALA A 30 -4.58 -24.36 6.45
CA ALA A 30 -5.86 -23.68 6.67
C ALA A 30 -6.76 -23.86 5.45
N GLY A 31 -8.04 -23.56 5.62
CA GLY A 31 -9.00 -23.65 4.52
C GLY A 31 -8.97 -22.44 3.61
N ALA A 32 -7.78 -22.03 3.21
CA ALA A 32 -7.58 -20.84 2.38
C ALA A 32 -7.98 -21.12 0.94
N ARG A 33 -9.21 -20.76 0.60
CA ARG A 33 -9.71 -20.93 -0.77
C ARG A 33 -9.19 -19.78 -1.63
N GLN A 34 -8.78 -20.11 -2.84
CA GLN A 34 -8.18 -19.14 -3.76
C GLN A 34 -8.84 -19.28 -5.13
N ASP A 35 -10.04 -19.80 -5.10
CA ASP A 35 -10.82 -20.06 -6.31
C ASP A 35 -11.15 -18.75 -7.03
N ASP A 36 -11.23 -17.66 -6.26
CA ASP A 36 -11.56 -16.34 -6.79
C ASP A 36 -10.37 -15.38 -6.63
N ALA A 37 -9.15 -15.90 -6.78
CA ALA A 37 -7.93 -15.11 -6.53
C ALA A 37 -7.13 -14.81 -7.81
N GLU A 38 -7.82 -14.39 -8.86
CA GLU A 38 -7.13 -14.04 -10.11
C GLU A 38 -6.26 -12.80 -9.92
N PRO A 39 -5.04 -12.78 -10.51
CA PRO A 39 -4.15 -11.62 -10.33
C PRO A 39 -4.54 -10.40 -11.18
N GLY A 40 -5.36 -9.54 -10.62
CA GLY A 40 -5.81 -8.31 -11.29
C GLY A 40 -4.76 -7.20 -11.36
N VAL A 41 -3.64 -7.50 -12.00
CA VAL A 41 -2.55 -6.53 -12.15
C VAL A 41 -2.97 -5.44 -13.13
N SER A 42 -2.77 -4.19 -12.76
CA SER A 42 -3.12 -3.05 -13.60
C SER A 42 -2.13 -1.93 -13.31
N GLY A 43 -2.09 -0.92 -14.16
CA GLY A 43 -1.18 0.20 -13.99
C GLY A 43 -1.70 1.40 -14.75
N ALA A 44 -1.13 2.57 -14.47
CA ALA A 44 -1.48 3.86 -15.10
C ALA A 44 -2.93 4.35 -14.87
N SER A 45 -3.81 3.51 -14.33
CA SER A 45 -5.21 3.85 -14.09
C SER A 45 -5.42 4.82 -12.91
N ALA A 46 -4.35 5.38 -12.38
CA ALA A 46 -4.43 6.30 -11.25
C ALA A 46 -3.44 7.43 -11.50
N HIS A 47 -3.83 8.66 -11.17
CA HIS A 47 -2.92 9.80 -11.30
C HIS A 47 -2.42 10.22 -9.90
N TRP A 48 -3.27 10.87 -9.13
CA TRP A 48 -2.94 11.32 -7.79
C TRP A 48 -2.58 10.14 -6.88
N GLY A 49 -3.18 8.99 -7.18
CA GLY A 49 -2.91 7.78 -6.44
C GLY A 49 -1.44 7.40 -6.45
N GLN A 50 -0.75 7.69 -7.55
CA GLN A 50 0.66 7.36 -7.65
C GLN A 50 1.46 8.12 -6.62
N ARG A 51 1.14 9.39 -6.40
CA ARG A 51 1.89 10.20 -5.44
C ARG A 51 1.68 9.65 -4.04
N ALA A 52 0.47 9.17 -3.78
CA ALA A 52 0.17 8.58 -2.49
C ALA A 52 0.99 7.30 -2.28
N LEU A 53 1.05 6.45 -3.31
CA LEU A 53 1.81 5.21 -3.20
C LEU A 53 3.30 5.50 -3.06
N GLN A 54 3.82 6.52 -3.74
CA GLN A 54 5.22 6.89 -3.60
C GLN A 54 5.52 7.31 -2.16
N GLY A 55 4.54 7.91 -1.51
CA GLY A 55 4.69 8.29 -0.12
C GLY A 55 4.81 7.03 0.69
N ALA A 56 3.94 6.06 0.44
CA ALA A 56 3.94 4.78 1.15
C ALA A 56 5.30 4.09 1.10
N GLN A 57 5.97 4.18 -0.04
CA GLN A 57 7.29 3.56 -0.18
C GLN A 57 8.34 4.25 0.69
N ALA A 58 8.30 5.58 0.72
CA ALA A 58 9.28 6.36 1.47
C ALA A 58 9.09 6.19 2.98
N VAL A 59 7.84 6.23 3.42
CA VAL A 59 7.52 6.12 4.84
C VAL A 59 7.83 4.72 5.36
N ALA A 60 7.79 3.73 4.49
CA ALA A 60 8.05 2.34 4.90
C ALA A 60 9.37 2.19 5.69
N ALA A 61 10.41 2.93 5.31
CA ALA A 61 11.68 2.89 6.03
C ALA A 61 11.51 3.42 7.46
N ALA A 62 10.68 4.43 7.64
CA ALA A 62 10.38 4.97 8.95
C ALA A 62 9.50 3.99 9.74
N GLN A 63 8.65 3.25 9.06
CA GLN A 63 7.74 2.33 9.72
C GLN A 63 8.46 1.14 10.29
N ARG A 64 9.35 0.54 9.50
CA ARG A 64 10.13 -0.60 10.00
C ARG A 64 10.97 -0.12 11.19
N LEU A 65 11.34 1.14 11.17
CA LEU A 65 12.12 1.73 12.25
C LEU A 65 11.27 1.90 13.51
N VAL A 66 10.10 2.52 13.40
CA VAL A 66 9.28 2.77 14.59
C VAL A 66 8.85 1.43 15.18
N HIS A 67 8.59 0.48 14.31
CA HIS A 67 8.21 -0.85 14.72
C HIS A 67 9.34 -1.50 15.49
N ALA A 68 10.59 -1.25 15.09
CA ALA A 68 11.72 -1.86 15.76
C ALA A 68 11.71 -1.47 17.24
N ILE A 69 11.52 -0.19 17.54
CA ILE A 69 11.53 0.26 18.94
C ILE A 69 10.30 -0.29 19.65
N ALA A 70 9.19 -0.40 18.93
CA ALA A 70 7.98 -0.92 19.51
C ALA A 70 8.23 -2.35 20.01
N LEU A 71 9.13 -3.07 19.36
CA LEU A 71 9.49 -4.42 19.80
C LEU A 71 10.44 -4.37 20.97
N MET A 72 11.42 -3.48 20.90
CA MET A 72 12.42 -3.33 21.95
C MET A 72 11.79 -3.01 23.28
N THR A 73 10.61 -2.42 23.24
CA THR A 73 9.96 -2.02 24.49
C THR A 73 9.23 -3.20 25.13
N GLN A 74 8.94 -4.21 24.34
CA GLN A 74 8.32 -5.45 24.83
C GLN A 74 9.41 -6.40 25.25
N PHE A 75 10.50 -6.36 24.52
CA PHE A 75 11.71 -7.10 24.86
C PHE A 75 12.23 -6.54 26.18
N GLY A 76 11.87 -5.30 26.47
CA GLY A 76 12.28 -4.67 27.73
C GLY A 76 11.47 -5.17 28.91
N ARG A 77 10.50 -6.04 28.64
CA ARG A 77 9.65 -6.64 29.66
C ARG A 77 9.70 -8.16 29.54
N ALA A 78 10.59 -8.66 28.70
CA ALA A 78 10.71 -10.09 28.47
C ALA A 78 11.40 -10.74 29.68
N GLY A 79 11.12 -12.01 29.90
CA GLY A 79 11.71 -12.73 31.03
C GLY A 79 13.12 -13.22 30.75
N SER A 80 13.70 -12.80 29.62
CA SER A 80 15.04 -13.21 29.21
C SER A 80 16.13 -12.48 29.98
N GLY A 1 29.78 27.96 -9.76
CA GLY A 1 29.03 28.14 -11.03
C GLY A 1 29.87 27.86 -12.26
N SER A 2 29.30 28.23 -13.43
CA SER A 2 29.90 28.05 -14.77
C SER A 2 30.05 26.55 -15.09
N ARG A 3 30.70 26.27 -16.23
CA ARG A 3 30.92 24.89 -16.70
C ARG A 3 29.58 24.13 -16.81
N SER A 4 28.59 24.82 -17.37
CA SER A 4 27.25 24.26 -17.53
C SER A 4 26.67 24.84 -18.81
N PHE A 5 25.57 24.26 -19.26
CA PHE A 5 24.87 24.76 -20.43
C PHE A 5 24.14 26.06 -20.06
N SER A 6 23.73 26.82 -21.05
CA SER A 6 22.96 28.02 -20.83
C SER A 6 21.50 27.66 -21.08
N LEU A 7 20.62 28.43 -20.46
CA LEU A 7 19.20 28.15 -20.53
C LEU A 7 18.62 28.56 -21.87
N GLY A 8 19.38 29.33 -22.65
CA GLY A 8 18.93 29.72 -23.98
C GLY A 8 18.94 28.50 -24.87
N GLU A 9 19.98 27.69 -24.76
CA GLU A 9 20.10 26.47 -25.56
C GLU A 9 18.95 25.53 -25.21
N VAL A 10 18.61 25.48 -23.93
CA VAL A 10 17.53 24.61 -23.46
C VAL A 10 16.18 25.10 -24.00
N SER A 11 16.03 26.40 -24.13
CA SER A 11 14.76 26.96 -24.61
C SER A 11 14.52 26.58 -26.07
N ASP A 12 15.56 26.67 -26.89
CA ASP A 12 15.44 26.32 -28.31
C ASP A 12 15.31 24.82 -28.46
N MET A 13 15.98 24.08 -27.59
CA MET A 13 15.93 22.61 -27.61
C MET A 13 14.52 22.13 -27.29
N ALA A 14 13.85 22.79 -26.36
CA ALA A 14 12.49 22.43 -25.99
C ALA A 14 11.52 22.77 -27.14
N ALA A 15 11.80 23.86 -27.83
CA ALA A 15 10.95 24.31 -28.92
C ALA A 15 10.99 23.33 -30.09
N VAL A 16 12.18 22.90 -30.48
CA VAL A 16 12.33 21.99 -31.61
C VAL A 16 11.79 20.61 -31.25
N GLU A 17 11.98 20.19 -30.00
CA GLU A 17 11.44 18.91 -29.53
C GLU A 17 9.93 18.88 -29.70
N ALA A 18 9.27 19.96 -29.28
CA ALA A 18 7.81 20.01 -29.38
C ALA A 18 7.36 19.92 -30.85
N ALA A 19 8.10 20.58 -31.73
CA ALA A 19 7.76 20.60 -33.14
C ALA A 19 7.93 19.21 -33.78
N GLU A 20 9.04 18.54 -33.53
CA GLU A 20 9.25 17.23 -34.15
C GLU A 20 8.31 16.19 -33.52
N LEU A 21 7.97 16.36 -32.25
CA LEU A 21 7.06 15.44 -31.58
C LEU A 21 5.70 15.47 -32.26
N GLU A 22 5.17 16.64 -32.58
CA GLU A 22 3.88 16.69 -33.27
C GLU A 22 4.01 16.26 -34.74
N MET A 23 5.09 16.64 -35.40
CA MET A 23 5.26 16.28 -36.81
C MET A 23 5.31 14.78 -37.00
N THR A 24 5.98 14.07 -36.10
CA THR A 24 6.07 12.61 -36.19
C THR A 24 4.69 11.95 -36.21
N ARG A 25 3.75 12.53 -35.47
CA ARG A 25 2.40 11.97 -35.38
C ARG A 25 1.69 12.11 -36.71
N GLN A 26 1.77 13.30 -37.26
CA GLN A 26 1.12 13.61 -38.54
C GLN A 26 1.75 12.74 -39.62
N VAL A 27 3.06 12.58 -39.52
CA VAL A 27 3.82 11.73 -40.43
C VAL A 27 3.32 10.28 -40.39
N LEU A 28 3.18 9.73 -39.19
CA LEU A 28 2.71 8.36 -39.03
C LEU A 28 1.30 8.18 -39.57
N HIS A 29 0.42 9.14 -39.27
CA HIS A 29 -0.96 9.07 -39.72
C HIS A 29 -1.09 9.27 -41.23
N ALA A 30 -0.07 9.84 -41.86
CA ALA A 30 -0.06 10.01 -43.31
C ALA A 30 0.25 8.69 -44.02
N GLY A 31 0.50 7.64 -43.24
CA GLY A 31 0.77 6.32 -43.80
C GLY A 31 2.24 5.96 -43.83
N ALA A 32 3.05 6.69 -43.09
CA ALA A 32 4.49 6.42 -43.00
C ALA A 32 4.78 5.27 -42.02
N ARG A 33 4.47 4.06 -42.46
CA ARG A 33 4.60 2.89 -41.63
C ARG A 33 4.96 1.68 -42.45
N GLN A 34 5.56 0.69 -41.81
CA GLN A 34 5.95 -0.57 -42.45
C GLN A 34 4.84 -1.60 -42.27
N ASP A 35 3.67 -1.09 -41.93
CA ASP A 35 2.45 -1.83 -41.53
C ASP A 35 2.65 -2.57 -40.20
N ASP A 36 3.76 -3.28 -40.08
CA ASP A 36 4.22 -3.93 -38.83
C ASP A 36 4.87 -2.85 -37.95
N ALA A 37 4.16 -1.74 -37.81
CA ALA A 37 4.59 -0.60 -37.02
C ALA A 37 3.70 -0.52 -35.77
N GLU A 38 3.59 -1.64 -35.08
CA GLU A 38 2.78 -1.71 -33.86
C GLU A 38 3.38 -0.81 -32.77
N PRO A 39 2.54 -0.22 -31.91
CA PRO A 39 3.05 0.63 -30.84
C PRO A 39 3.62 -0.21 -29.70
N GLY A 40 4.26 0.45 -28.74
CA GLY A 40 4.83 -0.25 -27.62
C GLY A 40 3.79 -0.46 -26.57
N VAL A 41 4.29 -0.91 -25.44
CA VAL A 41 3.46 -1.28 -24.30
C VAL A 41 3.15 -0.07 -23.44
N SER A 42 2.07 0.62 -23.81
CA SER A 42 1.57 1.79 -23.07
C SER A 42 2.64 2.88 -22.93
N GLY A 43 2.60 3.61 -21.82
CA GLY A 43 3.55 4.68 -21.56
C GLY A 43 3.98 4.65 -20.11
N ALA A 44 4.34 5.80 -19.57
CA ALA A 44 4.77 5.90 -18.17
C ALA A 44 3.66 5.35 -17.25
N SER A 45 4.06 4.56 -16.27
CA SER A 45 3.12 3.94 -15.34
C SER A 45 2.55 4.96 -14.34
N ALA A 46 1.49 5.63 -14.76
CA ALA A 46 0.78 6.68 -13.99
C ALA A 46 1.63 7.94 -13.82
N HIS A 47 0.98 9.02 -13.39
CA HIS A 47 1.69 10.28 -13.13
C HIS A 47 1.82 10.53 -11.63
N TRP A 48 0.73 10.95 -11.00
CA TRP A 48 0.73 11.27 -9.57
C TRP A 48 0.95 10.04 -8.71
N GLY A 49 0.55 8.89 -9.23
CA GLY A 49 0.72 7.64 -8.52
C GLY A 49 2.18 7.34 -8.24
N GLN A 50 3.06 7.74 -9.14
CA GLN A 50 4.48 7.49 -8.95
C GLN A 50 5.00 8.25 -7.74
N ARG A 51 4.64 9.52 -7.63
CA ARG A 51 5.11 10.33 -6.52
C ARG A 51 4.53 9.82 -5.21
N ALA A 52 3.29 9.35 -5.27
CA ALA A 52 2.63 8.79 -4.11
C ALA A 52 3.38 7.53 -3.63
N LEU A 53 3.74 6.66 -4.56
CA LEU A 53 4.45 5.44 -4.20
C LEU A 53 5.83 5.78 -3.66
N GLN A 54 6.51 6.77 -4.21
CA GLN A 54 7.81 7.17 -3.68
C GLN A 54 7.70 7.59 -2.22
N GLY A 55 6.58 8.21 -1.87
CA GLY A 55 6.32 8.59 -0.50
C GLY A 55 6.13 7.34 0.31
N ALA A 56 5.30 6.43 -0.19
CA ALA A 56 5.02 5.15 0.49
C ALA A 56 6.31 4.37 0.80
N GLN A 57 7.27 4.40 -0.10
CA GLN A 57 8.54 3.72 0.12
C GLN A 57 9.36 4.43 1.20
N ALA A 58 9.40 5.75 1.14
CA ALA A 58 10.17 6.53 2.09
C ALA A 58 9.60 6.36 3.50
N VAL A 59 8.29 6.41 3.62
CA VAL A 59 7.66 6.26 4.92
C VAL A 59 7.81 4.82 5.40
N ALA A 60 7.84 3.85 4.50
CA ALA A 60 7.98 2.45 4.90
C ALA A 60 9.28 2.24 5.69
N ALA A 61 10.32 2.98 5.32
CA ALA A 61 11.59 2.90 6.04
C ALA A 61 11.40 3.41 7.48
N ALA A 62 10.58 4.43 7.64
CA ALA A 62 10.26 4.96 8.97
C ALA A 62 9.34 4.00 9.75
N GLN A 63 8.44 3.32 9.06
CA GLN A 63 7.50 2.42 9.72
C GLN A 63 8.21 1.19 10.26
N ARG A 64 9.10 0.60 9.48
CA ARG A 64 9.85 -0.56 9.95
C ARG A 64 10.76 -0.14 11.09
N LEU A 65 11.17 1.12 11.06
CA LEU A 65 12.00 1.69 12.11
C LEU A 65 11.20 1.85 13.41
N VAL A 66 10.03 2.48 13.37
CA VAL A 66 9.26 2.71 14.59
C VAL A 66 8.86 1.38 15.21
N HIS A 67 8.57 0.42 14.36
CA HIS A 67 8.22 -0.91 14.79
C HIS A 67 9.39 -1.55 15.54
N ALA A 68 10.61 -1.29 15.10
CA ALA A 68 11.77 -1.87 15.76
C ALA A 68 11.81 -1.46 17.23
N ILE A 69 11.60 -0.17 17.52
CA ILE A 69 11.65 0.31 18.89
C ILE A 69 10.46 -0.23 19.66
N ALA A 70 9.33 -0.35 18.99
CA ALA A 70 8.12 -0.88 19.63
C ALA A 70 8.39 -2.28 20.17
N LEU A 71 9.34 -3.00 19.57
CA LEU A 71 9.74 -4.33 20.07
C LEU A 71 10.70 -4.21 21.22
N MET A 72 11.65 -3.29 21.09
CA MET A 72 12.69 -3.09 22.11
C MET A 72 12.10 -2.72 23.43
N THR A 73 10.91 -2.15 23.41
CA THR A 73 10.29 -1.72 24.65
C THR A 73 9.69 -2.91 25.38
N GLN A 74 9.31 -3.93 24.64
CA GLN A 74 8.75 -5.15 25.21
C GLN A 74 9.87 -6.03 25.69
N PHE A 75 10.95 -6.01 24.92
CA PHE A 75 12.18 -6.69 25.30
C PHE A 75 12.74 -6.00 26.54
N GLY A 76 12.33 -4.75 26.73
CA GLY A 76 12.77 -3.96 27.87
C GLY A 76 11.75 -4.01 29.00
N ARG A 77 10.73 -4.85 28.81
CA ARG A 77 9.64 -5.05 29.76
C ARG A 77 9.06 -3.73 30.30
N ALA A 78 8.95 -2.75 29.41
CA ALA A 78 8.44 -1.44 29.76
C ALA A 78 7.12 -1.19 29.02
N GLY A 79 6.41 -0.15 29.42
CA GLY A 79 5.15 0.19 28.79
C GLY A 79 4.58 1.47 29.35
N SER A 80 4.52 1.54 30.68
CA SER A 80 3.99 2.73 31.41
C SER A 80 2.56 3.09 31.02
N GLY A 1 18.47 12.38 12.82
CA GLY A 1 17.85 11.16 13.43
C GLY A 1 17.54 11.39 14.90
N SER A 2 18.15 12.50 15.35
CA SER A 2 18.12 13.03 16.72
C SER A 2 18.93 12.17 17.69
N ARG A 3 19.47 12.80 18.73
CA ARG A 3 20.30 12.07 19.71
C ARG A 3 19.46 11.53 20.87
N SER A 4 18.17 11.85 20.86
CA SER A 4 17.27 11.44 21.93
C SER A 4 15.85 11.53 21.39
N PHE A 5 14.93 10.80 22.00
CA PHE A 5 13.52 10.81 21.62
C PHE A 5 12.75 10.39 22.86
N SER A 6 11.47 10.70 22.91
CA SER A 6 10.64 10.32 24.06
C SER A 6 10.04 8.95 23.83
N LEU A 7 10.38 8.05 24.75
CA LEU A 7 9.96 6.65 24.66
C LEU A 7 8.44 6.49 24.73
N GLY A 8 7.78 7.30 25.52
CA GLY A 8 6.34 7.20 25.67
C GLY A 8 5.58 7.52 24.40
N GLU A 9 6.09 8.49 23.63
CA GLU A 9 5.43 8.88 22.39
C GLU A 9 5.49 7.70 21.42
N VAL A 10 6.62 7.01 21.43
CA VAL A 10 6.80 5.85 20.54
C VAL A 10 5.93 4.68 21.00
N SER A 11 5.72 4.56 22.30
CA SER A 11 4.86 3.49 22.80
C SER A 11 3.41 3.68 22.38
N ASP A 12 2.93 4.91 22.35
CA ASP A 12 1.55 5.17 21.91
C ASP A 12 1.49 5.04 20.39
N MET A 13 2.55 5.47 19.72
CA MET A 13 2.63 5.38 18.26
C MET A 13 2.69 3.92 17.82
N ALA A 14 3.19 3.05 18.70
CA ALA A 14 3.24 1.62 18.42
C ALA A 14 1.82 1.03 18.37
N ALA A 15 0.92 1.60 19.15
CA ALA A 15 -0.46 1.13 19.16
C ALA A 15 -1.10 1.48 17.82
N VAL A 16 -0.74 2.65 17.30
CA VAL A 16 -1.24 3.09 15.99
C VAL A 16 -0.70 2.15 14.91
N GLU A 17 0.57 1.83 14.96
CA GLU A 17 1.17 0.91 13.97
C GLU A 17 0.45 -0.43 14.00
N ALA A 18 0.19 -0.95 15.18
CA ALA A 18 -0.49 -2.24 15.31
C ALA A 18 -1.88 -2.18 14.66
N ALA A 19 -2.57 -1.06 14.86
CA ALA A 19 -3.91 -0.88 14.31
C ALA A 19 -3.85 -0.80 12.79
N GLU A 20 -2.91 -0.06 12.24
CA GLU A 20 -2.80 0.06 10.77
C GLU A 20 -2.48 -1.30 10.18
N LEU A 21 -1.57 -2.01 10.81
CA LEU A 21 -1.15 -3.33 10.32
C LEU A 21 -2.31 -4.32 10.33
N GLU A 22 -3.15 -4.32 11.35
CA GLU A 22 -4.28 -5.23 11.34
C GLU A 22 -5.38 -4.76 10.39
N MET A 23 -5.58 -3.45 10.24
CA MET A 23 -6.58 -2.95 9.30
C MET A 23 -6.18 -3.28 7.88
N THR A 24 -4.89 -3.30 7.61
CA THR A 24 -4.36 -3.68 6.29
C THR A 24 -4.85 -5.08 5.93
N ARG A 25 -4.95 -5.97 6.91
CA ARG A 25 -5.43 -7.32 6.63
C ARG A 25 -6.89 -7.26 6.22
N GLN A 26 -7.68 -6.47 6.94
CA GLN A 26 -9.12 -6.39 6.66
C GLN A 26 -9.42 -5.83 5.27
N VAL A 27 -8.70 -4.80 4.86
CA VAL A 27 -8.96 -4.19 3.55
C VAL A 27 -8.57 -5.11 2.40
N LEU A 28 -7.55 -5.93 2.62
CA LEU A 28 -7.17 -6.92 1.62
C LEU A 28 -8.22 -8.03 1.54
N HIS A 29 -8.79 -8.39 2.67
CA HIS A 29 -9.81 -9.43 2.74
C HIS A 29 -11.15 -8.94 2.19
N ALA A 30 -11.27 -7.64 1.95
CA ALA A 30 -12.49 -7.07 1.38
C ALA A 30 -12.63 -7.44 -0.11
N GLY A 31 -11.57 -8.02 -0.68
CA GLY A 31 -11.60 -8.52 -2.04
C GLY A 31 -10.86 -7.67 -3.05
N ALA A 32 -11.16 -6.37 -3.13
CA ALA A 32 -10.55 -5.50 -4.09
C ALA A 32 -10.75 -4.07 -3.60
N ARG A 33 -9.97 -3.16 -4.16
CA ARG A 33 -10.10 -1.74 -3.88
C ARG A 33 -11.32 -1.30 -4.65
N GLN A 34 -12.08 -0.38 -4.09
CA GLN A 34 -13.27 0.15 -4.74
C GLN A 34 -13.17 1.65 -4.59
N ASP A 35 -12.02 2.18 -4.98
CA ASP A 35 -11.73 3.61 -4.85
C ASP A 35 -12.78 4.44 -5.58
N ASP A 36 -13.26 3.91 -6.70
CA ASP A 36 -14.41 4.46 -7.44
C ASP A 36 -15.10 3.26 -8.09
N ALA A 37 -15.08 2.16 -7.35
CA ALA A 37 -15.61 0.85 -7.80
C ALA A 37 -15.11 0.43 -9.21
N GLU A 38 -13.89 0.84 -9.54
CA GLU A 38 -13.32 0.55 -10.85
C GLU A 38 -13.05 -0.94 -11.10
N PRO A 39 -13.33 -1.43 -12.33
CA PRO A 39 -12.96 -2.81 -12.61
C PRO A 39 -11.45 -2.93 -12.82
N GLY A 40 -10.93 -4.14 -12.64
CA GLY A 40 -9.50 -4.38 -12.76
C GLY A 40 -8.97 -4.42 -14.19
N VAL A 41 -8.87 -3.28 -14.83
CA VAL A 41 -8.37 -3.18 -16.20
C VAL A 41 -6.83 -3.11 -16.21
N SER A 42 -6.20 -3.99 -16.97
CA SER A 42 -4.75 -3.98 -17.09
C SER A 42 -4.34 -2.74 -17.88
N GLY A 43 -3.32 -2.04 -17.40
CA GLY A 43 -2.85 -0.85 -18.09
C GLY A 43 -3.58 0.42 -17.73
N ALA A 44 -4.20 0.45 -16.54
CA ALA A 44 -4.95 1.63 -16.06
C ALA A 44 -4.13 2.94 -16.03
N SER A 45 -2.80 2.82 -15.98
CA SER A 45 -1.89 3.97 -16.06
C SER A 45 -2.17 5.10 -15.04
N ALA A 46 -2.41 4.73 -13.80
CA ALA A 46 -2.64 5.72 -12.73
C ALA A 46 -1.44 6.66 -12.65
N HIS A 47 -1.69 7.95 -12.46
CA HIS A 47 -0.61 8.90 -12.24
C HIS A 47 -0.55 9.31 -10.77
N TRP A 48 -1.70 9.70 -10.20
CA TRP A 48 -1.75 10.12 -8.82
C TRP A 48 -1.34 9.03 -7.84
N GLY A 49 -1.77 7.82 -8.13
CA GLY A 49 -1.44 6.67 -7.29
C GLY A 49 0.06 6.43 -7.23
N GLN A 50 0.77 6.76 -8.30
CA GLN A 50 2.21 6.58 -8.35
C GLN A 50 2.89 7.57 -7.42
N ARG A 51 2.33 8.77 -7.33
CA ARG A 51 2.88 9.80 -6.44
C ARG A 51 2.64 9.39 -5.01
N ALA A 52 1.50 8.76 -4.77
CA ALA A 52 1.16 8.29 -3.43
C ALA A 52 2.09 7.14 -3.05
N LEU A 53 2.26 6.17 -3.95
CA LEU A 53 3.10 5.02 -3.64
C LEU A 53 4.57 5.42 -3.48
N GLN A 54 5.06 6.39 -4.23
CA GLN A 54 6.45 6.79 -4.06
C GLN A 54 6.68 7.41 -2.67
N GLY A 55 5.64 7.96 -2.09
CA GLY A 55 5.72 8.45 -0.72
C GLY A 55 5.68 7.26 0.21
N ALA A 56 4.79 6.30 -0.08
CA ALA A 56 4.65 5.08 0.73
C ALA A 56 5.97 4.32 0.85
N GLN A 57 6.73 4.28 -0.23
CA GLN A 57 8.03 3.60 -0.22
C GLN A 57 9.00 4.28 0.74
N ALA A 58 9.00 5.61 0.74
CA ALA A 58 9.90 6.38 1.58
C ALA A 58 9.51 6.27 3.06
N VAL A 59 8.23 6.40 3.35
CA VAL A 59 7.77 6.35 4.73
C VAL A 59 7.92 4.95 5.30
N ALA A 60 7.89 3.92 4.46
CA ALA A 60 8.03 2.55 4.94
C ALA A 60 9.35 2.34 5.70
N ALA A 61 10.37 3.11 5.36
CA ALA A 61 11.64 3.04 6.08
C ALA A 61 11.45 3.53 7.52
N ALA A 62 10.55 4.50 7.70
CA ALA A 62 10.23 5.03 9.02
C ALA A 62 9.42 4.00 9.80
N GLN A 63 8.53 3.31 9.11
CA GLN A 63 7.63 2.35 9.76
C GLN A 63 8.37 1.13 10.28
N ARG A 64 9.25 0.57 9.46
CA ARG A 64 10.04 -0.58 9.91
C ARG A 64 10.93 -0.17 11.08
N LEU A 65 11.26 1.11 11.13
CA LEU A 65 12.06 1.67 12.19
C LEU A 65 11.25 1.83 13.48
N VAL A 66 10.07 2.44 13.41
CA VAL A 66 9.28 2.68 14.63
C VAL A 66 8.87 1.34 15.21
N HIS A 67 8.54 0.39 14.34
CA HIS A 67 8.17 -0.93 14.77
C HIS A 67 9.33 -1.61 15.48
N ALA A 68 10.56 -1.33 15.06
CA ALA A 68 11.72 -1.93 15.71
C ALA A 68 11.79 -1.47 17.17
N ILE A 69 11.55 -0.19 17.42
CA ILE A 69 11.60 0.34 18.79
C ILE A 69 10.39 -0.16 19.57
N ALA A 70 9.27 -0.33 18.89
CA ALA A 70 8.06 -0.84 19.54
C ALA A 70 8.34 -2.22 20.16
N LEU A 71 9.31 -2.92 19.60
CA LEU A 71 9.70 -4.22 20.16
C LEU A 71 10.63 -4.00 21.34
N MET A 72 11.55 -3.07 21.20
CA MET A 72 12.50 -2.78 22.26
C MET A 72 11.82 -2.26 23.49
N THR A 73 10.67 -1.64 23.32
CA THR A 73 9.99 -1.05 24.48
C THR A 73 9.35 -2.14 25.30
N GLN A 74 8.82 -3.17 24.66
CA GLN A 74 8.21 -4.26 25.40
C GLN A 74 9.28 -5.24 25.90
N PHE A 75 10.34 -5.44 25.14
CA PHE A 75 11.42 -6.30 25.58
C PHE A 75 12.20 -5.64 26.72
N GLY A 76 12.27 -4.32 26.70
CA GLY A 76 12.94 -3.57 27.74
C GLY A 76 12.06 -3.30 28.93
N ARG A 77 10.90 -3.96 28.98
CA ARG A 77 9.93 -3.85 30.08
C ARG A 77 9.52 -2.39 30.38
N ALA A 78 9.49 -1.58 29.35
CA ALA A 78 9.10 -0.18 29.44
C ALA A 78 7.65 -0.05 28.93
N GLY A 79 7.29 1.13 28.47
CA GLY A 79 5.94 1.38 27.99
C GLY A 79 5.44 2.76 28.40
N SER A 80 5.85 3.20 29.58
CA SER A 80 5.48 4.51 30.11
C SER A 80 6.67 5.22 30.74
N GLY A 1 11.83 -4.64 41.76
CA GLY A 1 11.98 -3.37 42.51
C GLY A 1 10.63 -2.72 42.81
N SER A 2 10.67 -1.49 43.33
CA SER A 2 9.46 -0.74 43.70
C SER A 2 8.56 -0.46 42.49
N ARG A 3 9.11 -0.61 41.28
CA ARG A 3 8.39 -0.41 40.02
C ARG A 3 7.23 -1.40 39.82
N SER A 4 7.11 -2.36 40.71
CA SER A 4 5.99 -3.32 40.65
C SER A 4 4.74 -2.68 41.24
N PHE A 5 4.83 -1.42 41.65
CA PHE A 5 3.70 -0.73 42.24
C PHE A 5 3.77 0.79 42.04
N SER A 6 4.72 1.44 42.72
CA SER A 6 4.91 2.91 42.69
C SER A 6 3.67 3.80 42.87
N LEU A 7 2.55 3.22 43.28
CA LEU A 7 1.25 3.89 43.50
C LEU A 7 0.60 4.47 42.23
N GLY A 8 1.29 5.35 41.52
CA GLY A 8 0.75 5.94 40.31
C GLY A 8 0.64 4.94 39.18
N GLU A 9 1.62 4.04 39.08
CA GLU A 9 1.61 3.05 38.00
C GLU A 9 0.44 2.09 38.19
N VAL A 10 -0.02 1.92 39.43
CA VAL A 10 -1.16 1.05 39.72
C VAL A 10 -2.43 1.64 39.11
N SER A 11 -2.54 2.95 39.11
CA SER A 11 -3.72 3.61 38.53
C SER A 11 -3.77 3.42 37.03
N ASP A 12 -2.62 3.51 36.39
CA ASP A 12 -2.54 3.34 34.94
C ASP A 12 -2.75 1.88 34.60
N MET A 13 -2.30 1.00 35.48
CA MET A 13 -2.47 -0.44 35.30
C MET A 13 -3.95 -0.78 35.39
N ALA A 14 -4.68 -0.13 36.29
CA ALA A 14 -6.11 -0.37 36.42
C ALA A 14 -6.86 0.15 35.18
N ALA A 15 -6.36 1.22 34.58
CA ALA A 15 -6.99 1.79 33.40
C ALA A 15 -6.81 0.87 32.19
N VAL A 16 -5.60 0.37 31.98
CA VAL A 16 -5.32 -0.49 30.84
C VAL A 16 -5.98 -1.86 31.02
N GLU A 17 -6.09 -2.29 32.26
CA GLU A 17 -6.77 -3.57 32.59
C GLU A 17 -8.17 -3.60 31.98
N ALA A 18 -8.90 -2.49 32.08
CA ALA A 18 -10.26 -2.43 31.53
C ALA A 18 -10.23 -2.64 30.01
N ALA A 19 -9.23 -2.09 29.36
CA ALA A 19 -9.08 -2.23 27.92
C ALA A 19 -8.68 -3.66 27.55
N GLU A 20 -7.77 -4.24 28.31
CA GLU A 20 -7.31 -5.61 28.04
C GLU A 20 -8.48 -6.59 28.17
N LEU A 21 -9.29 -6.35 29.18
CA LEU A 21 -10.48 -7.18 29.41
C LEU A 21 -11.43 -7.15 28.22
N GLU A 22 -11.71 -5.97 27.66
CA GLU A 22 -12.59 -5.91 26.50
C GLU A 22 -11.89 -6.41 25.24
N MET A 23 -10.58 -6.20 25.13
CA MET A 23 -9.81 -6.71 23.99
C MET A 23 -9.93 -8.22 23.95
N THR A 24 -9.86 -8.85 25.11
CA THR A 24 -9.99 -10.29 25.22
C THR A 24 -11.35 -10.75 24.70
N ARG A 25 -12.40 -9.98 24.96
CA ARG A 25 -13.73 -10.34 24.45
C ARG A 25 -13.71 -10.21 22.93
N GLN A 26 -13.10 -9.14 22.45
CA GLN A 26 -13.06 -8.87 21.01
C GLN A 26 -12.32 -9.96 20.24
N VAL A 27 -11.17 -10.39 20.73
CA VAL A 27 -10.40 -11.43 20.02
C VAL A 27 -11.09 -12.78 20.02
N LEU A 28 -11.79 -13.10 21.09
CA LEU A 28 -12.53 -14.36 21.16
C LEU A 28 -13.70 -14.34 20.19
N HIS A 29 -14.34 -13.19 20.04
CA HIS A 29 -15.46 -13.06 19.11
C HIS A 29 -14.97 -13.11 17.67
N ALA A 30 -13.75 -12.65 17.45
CA ALA A 30 -13.14 -12.62 16.12
C ALA A 30 -12.46 -13.96 15.75
N GLY A 31 -12.75 -15.02 16.48
CA GLY A 31 -12.16 -16.32 16.22
C GLY A 31 -12.68 -16.96 14.94
N ALA A 32 -11.96 -16.78 13.84
CA ALA A 32 -12.35 -17.32 12.56
C ALA A 32 -11.07 -17.84 11.88
N ARG A 33 -11.24 -18.26 10.64
CA ARG A 33 -10.16 -18.79 9.83
C ARG A 33 -9.26 -17.67 9.33
N GLN A 34 -8.02 -18.00 9.02
CA GLN A 34 -7.06 -17.01 8.51
C GLN A 34 -6.14 -17.70 7.52
N ASP A 35 -6.65 -18.77 6.92
CA ASP A 35 -5.86 -19.59 6.00
C ASP A 35 -5.79 -18.91 4.64
N ASP A 36 -6.82 -18.15 4.32
CA ASP A 36 -6.95 -17.45 3.04
C ASP A 36 -6.18 -16.12 3.00
N ALA A 37 -5.18 -15.99 3.87
CA ALA A 37 -4.42 -14.75 4.02
C ALA A 37 -3.06 -14.78 3.30
N GLU A 38 -2.95 -15.64 2.31
CA GLU A 38 -1.69 -15.79 1.55
C GLU A 38 -1.37 -14.52 0.73
N PRO A 39 -0.08 -14.15 0.63
CA PRO A 39 0.27 -12.91 -0.08
C PRO A 39 0.19 -12.99 -1.62
N GLY A 40 -0.65 -12.13 -2.18
CA GLY A 40 -0.82 -12.05 -3.63
C GLY A 40 0.03 -10.98 -4.29
N VAL A 41 1.22 -11.35 -4.75
CA VAL A 41 2.12 -10.40 -5.43
C VAL A 41 1.61 -10.18 -6.86
N SER A 42 1.49 -8.92 -7.26
CA SER A 42 1.00 -8.57 -8.60
C SER A 42 1.66 -7.28 -9.07
N GLY A 43 1.45 -6.93 -10.34
CA GLY A 43 2.03 -5.72 -10.89
C GLY A 43 1.35 -4.48 -10.36
N ALA A 44 2.12 -3.51 -9.90
CA ALA A 44 1.59 -2.28 -9.31
C ALA A 44 0.64 -1.52 -10.23
N SER A 45 0.94 -1.51 -11.52
CA SER A 45 0.11 -0.84 -12.54
C SER A 45 -0.21 0.61 -12.13
N ALA A 46 -1.40 1.08 -12.53
CA ALA A 46 -1.94 2.40 -12.14
C ALA A 46 -1.15 3.62 -12.60
N HIS A 47 -1.81 4.76 -12.50
CA HIS A 47 -1.20 6.03 -12.82
C HIS A 47 -0.90 6.81 -11.53
N TRP A 48 -1.94 7.39 -10.95
CA TRP A 48 -1.83 8.16 -9.71
C TRP A 48 -1.39 7.28 -8.55
N GLY A 49 -1.76 6.02 -8.61
CA GLY A 49 -1.41 5.06 -7.57
C GLY A 49 0.08 4.93 -7.37
N GLN A 50 0.84 5.09 -8.44
CA GLN A 50 2.30 4.97 -8.35
C GLN A 50 2.89 6.07 -7.48
N ARG A 51 2.30 7.25 -7.53
CA ARG A 51 2.80 8.37 -6.74
C ARG A 51 2.44 8.17 -5.27
N ALA A 52 1.32 7.53 -5.03
CA ALA A 52 0.91 7.23 -3.66
C ALA A 52 1.80 6.12 -3.09
N LEU A 53 2.01 5.07 -3.87
CA LEU A 53 2.82 3.94 -3.41
C LEU A 53 4.27 4.33 -3.23
N GLN A 54 4.81 5.20 -4.07
CA GLN A 54 6.20 5.60 -3.88
C GLN A 54 6.39 6.36 -2.57
N GLY A 55 5.32 7.02 -2.11
CA GLY A 55 5.37 7.65 -0.81
C GLY A 55 5.35 6.56 0.22
N ALA A 56 4.48 5.58 0.05
CA ALA A 56 4.38 4.44 0.97
C ALA A 56 5.73 3.74 1.13
N GLN A 57 6.49 3.61 0.06
CA GLN A 57 7.80 2.98 0.11
C GLN A 57 8.79 3.81 0.93
N ALA A 58 8.77 5.12 0.72
CA ALA A 58 9.69 6.02 1.42
C ALA A 58 9.38 6.02 2.92
N VAL A 59 8.10 6.11 3.26
CA VAL A 59 7.70 6.15 4.66
C VAL A 59 7.90 4.79 5.31
N ALA A 60 7.87 3.71 4.53
CA ALA A 60 8.04 2.36 5.06
C ALA A 60 9.35 2.20 5.82
N ALA A 61 10.39 2.94 5.40
CA ALA A 61 11.67 2.88 6.11
C ALA A 61 11.49 3.42 7.55
N ALA A 62 10.69 4.46 7.70
CA ALA A 62 10.39 5.02 9.01
C ALA A 62 9.46 4.09 9.79
N GLN A 63 8.56 3.41 9.10
CA GLN A 63 7.62 2.52 9.77
C GLN A 63 8.31 1.29 10.33
N ARG A 64 9.17 0.67 9.53
CA ARG A 64 9.90 -0.50 10.01
C ARG A 64 10.83 -0.09 11.15
N LEU A 65 11.22 1.17 11.15
CA LEU A 65 12.06 1.74 12.20
C LEU A 65 11.24 1.90 13.49
N VAL A 66 10.08 2.54 13.43
CA VAL A 66 9.30 2.77 14.64
C VAL A 66 8.87 1.43 15.22
N HIS A 67 8.55 0.50 14.34
CA HIS A 67 8.18 -0.83 14.76
C HIS A 67 9.34 -1.52 15.45
N ALA A 68 10.57 -1.27 15.02
CA ALA A 68 11.72 -1.89 15.66
C ALA A 68 11.78 -1.51 17.14
N ILE A 69 11.55 -0.25 17.46
CA ILE A 69 11.60 0.19 18.86
C ILE A 69 10.40 -0.35 19.60
N ALA A 70 9.27 -0.48 18.91
CA ALA A 70 8.06 -1.01 19.52
C ALA A 70 8.34 -2.44 20.00
N LEU A 71 9.28 -3.12 19.35
CA LEU A 71 9.66 -4.47 19.76
C LEU A 71 10.59 -4.37 20.95
N MET A 72 11.55 -3.48 20.88
CA MET A 72 12.50 -3.32 21.99
C MET A 72 11.81 -2.95 23.27
N THR A 73 10.69 -2.26 23.15
CA THR A 73 10.00 -1.78 24.34
C THR A 73 9.16 -2.90 24.95
N GLN A 74 8.63 -3.79 24.14
CA GLN A 74 7.90 -4.93 24.67
C GLN A 74 8.90 -6.03 25.10
N PHE A 75 10.05 -6.13 24.45
CA PHE A 75 11.05 -7.11 24.82
C PHE A 75 11.63 -6.77 26.20
N GLY A 76 11.82 -5.48 26.44
CA GLY A 76 12.39 -5.04 27.71
C GLY A 76 11.49 -5.19 28.93
N ARG A 77 10.22 -5.54 28.70
CA ARG A 77 9.27 -5.74 29.80
C ARG A 77 8.70 -7.16 29.82
N ALA A 78 9.11 -7.97 28.84
CA ALA A 78 8.60 -9.33 28.74
C ALA A 78 9.28 -10.25 29.75
N GLY A 79 8.51 -11.15 30.34
CA GLY A 79 9.04 -12.13 31.28
C GLY A 79 8.87 -13.53 30.72
N SER A 80 8.57 -13.60 29.43
CA SER A 80 8.31 -14.86 28.72
C SER A 80 8.46 -14.74 27.21
N GLY A 1 3.24 -10.12 -11.25
CA GLY A 1 3.76 -9.64 -12.58
C GLY A 1 4.01 -8.15 -12.62
N SER A 2 3.73 -7.52 -11.48
CA SER A 2 3.93 -6.08 -11.32
C SER A 2 5.41 -5.73 -11.44
N ARG A 3 5.69 -4.55 -11.99
CA ARG A 3 7.06 -4.09 -12.19
C ARG A 3 7.06 -2.60 -11.95
N SER A 4 8.22 -2.04 -11.63
CA SER A 4 8.36 -0.61 -11.44
C SER A 4 8.15 0.14 -12.76
N PHE A 5 7.84 1.41 -12.67
CA PHE A 5 7.69 2.28 -13.84
C PHE A 5 9.03 2.34 -14.57
N SER A 6 9.01 2.65 -15.85
CA SER A 6 10.23 2.75 -16.62
C SER A 6 10.82 4.12 -16.41
N LEU A 7 12.12 4.16 -16.30
CA LEU A 7 12.83 5.41 -16.06
C LEU A 7 12.82 6.26 -17.32
N GLY A 8 12.56 5.62 -18.46
CA GLY A 8 12.45 6.34 -19.71
C GLY A 8 11.22 7.23 -19.69
N GLU A 9 10.14 6.75 -19.09
CA GLU A 9 8.90 7.54 -19.00
C GLU A 9 9.18 8.79 -18.18
N VAL A 10 9.98 8.63 -17.13
CA VAL A 10 10.32 9.75 -16.25
C VAL A 10 11.21 10.75 -17.00
N SER A 11 12.08 10.24 -17.86
CA SER A 11 12.97 11.10 -18.64
C SER A 11 12.17 11.89 -19.66
N ASP A 12 11.20 11.24 -20.28
CA ASP A 12 10.35 11.89 -21.26
C ASP A 12 9.49 12.93 -20.54
N MET A 13 9.11 12.62 -19.31
CA MET A 13 8.30 13.54 -18.50
C MET A 13 9.11 14.79 -18.15
N ALA A 14 10.40 14.61 -17.91
CA ALA A 14 11.26 15.73 -17.57
C ALA A 14 11.40 16.66 -18.78
N ALA A 15 11.32 16.09 -19.98
CA ALA A 15 11.39 16.89 -21.20
C ALA A 15 10.13 17.77 -21.30
N VAL A 16 8.99 17.23 -20.88
CA VAL A 16 7.74 18.00 -20.88
C VAL A 16 7.86 19.13 -19.88
N GLU A 17 8.37 18.84 -18.69
CA GLU A 17 8.54 19.87 -17.67
C GLU A 17 9.44 20.99 -18.17
N ALA A 18 10.52 20.62 -18.86
CA ALA A 18 11.44 21.61 -19.42
C ALA A 18 10.77 22.45 -20.52
N ALA A 19 9.96 21.79 -21.35
CA ALA A 19 9.26 22.48 -22.43
C ALA A 19 8.27 23.49 -21.87
N GLU A 20 7.53 23.09 -20.85
CA GLU A 20 6.55 23.98 -20.22
C GLU A 20 7.27 25.19 -19.67
N LEU A 21 8.38 24.94 -18.99
CA LEU A 21 9.16 26.02 -18.39
C LEU A 21 9.66 27.02 -19.43
N GLU A 22 10.18 26.55 -20.56
CA GLU A 22 10.66 27.50 -21.57
C GLU A 22 9.51 28.19 -22.30
N MET A 23 8.40 27.49 -22.53
CA MET A 23 7.25 28.11 -23.21
C MET A 23 6.67 29.21 -22.34
N THR A 24 6.61 28.98 -21.03
CA THR A 24 6.07 29.95 -20.08
C THR A 24 6.75 31.31 -20.23
N ARG A 25 8.02 31.31 -20.59
CA ARG A 25 8.80 32.55 -20.73
C ARG A 25 8.20 33.44 -21.81
N GLN A 26 7.93 32.85 -22.96
CA GLN A 26 7.34 33.61 -24.08
C GLN A 26 5.89 33.90 -23.78
N VAL A 27 5.21 32.92 -23.20
CA VAL A 27 3.79 33.00 -22.87
C VAL A 27 3.46 34.18 -21.96
N LEU A 28 4.25 34.40 -20.92
CA LEU A 28 3.98 35.50 -19.97
C LEU A 28 4.00 36.87 -20.65
N HIS A 29 4.92 37.06 -21.59
CA HIS A 29 5.00 38.32 -22.31
C HIS A 29 3.91 38.46 -23.37
N ALA A 30 3.31 37.34 -23.76
CA ALA A 30 2.24 37.35 -24.75
C ALA A 30 0.87 37.57 -24.08
N GLY A 31 0.74 37.12 -22.84
CA GLY A 31 -0.51 37.24 -22.11
C GLY A 31 -0.74 36.05 -21.21
N ALA A 32 -1.89 35.42 -21.34
CA ALA A 32 -2.23 34.24 -20.56
C ALA A 32 -3.19 33.39 -21.40
N ARG A 33 -2.95 32.08 -21.41
CA ARG A 33 -3.72 31.10 -22.14
C ARG A 33 -3.92 31.36 -23.65
N GLN A 34 -4.75 30.51 -24.24
CA GLN A 34 -5.14 30.57 -25.64
C GLN A 34 -6.66 30.33 -25.59
N ASP A 35 -7.24 30.76 -24.48
CA ASP A 35 -8.65 30.54 -24.09
C ASP A 35 -8.97 29.08 -23.75
N ASP A 36 -8.74 28.19 -24.70
CA ASP A 36 -9.01 26.75 -24.56
C ASP A 36 -7.92 25.99 -23.80
N ALA A 37 -7.06 26.76 -23.13
CA ALA A 37 -5.89 26.23 -22.46
C ALA A 37 -6.17 26.00 -20.98
N GLU A 38 -7.25 25.26 -20.72
CA GLU A 38 -7.59 24.85 -19.37
C GLU A 38 -6.52 23.83 -18.93
N PRO A 39 -6.08 23.88 -17.67
CA PRO A 39 -5.03 22.97 -17.22
C PRO A 39 -5.54 21.55 -16.95
N GLY A 40 -4.60 20.62 -16.84
CA GLY A 40 -4.93 19.23 -16.58
C GLY A 40 -3.75 18.52 -15.98
N VAL A 41 -3.72 17.21 -16.14
CA VAL A 41 -2.63 16.37 -15.63
C VAL A 41 -1.35 16.60 -16.46
N SER A 42 -1.55 17.01 -17.71
CA SER A 42 -0.46 17.27 -18.67
C SER A 42 0.47 16.08 -18.91
N GLY A 43 -0.06 14.88 -18.69
CA GLY A 43 0.73 13.67 -18.92
C GLY A 43 -0.20 12.46 -18.93
N ALA A 44 0.24 11.39 -19.57
CA ALA A 44 -0.56 10.17 -19.64
C ALA A 44 -0.42 9.36 -18.35
N SER A 45 0.71 9.55 -17.67
CA SER A 45 0.97 8.85 -16.42
C SER A 45 0.12 9.47 -15.32
N ALA A 46 -0.31 8.64 -14.37
CA ALA A 46 -1.05 9.15 -13.23
C ALA A 46 -0.09 10.06 -12.45
N HIS A 47 -0.62 11.05 -11.75
CA HIS A 47 0.23 11.95 -10.97
C HIS A 47 0.14 11.67 -9.46
N TRP A 48 -0.97 12.07 -8.86
CA TRP A 48 -1.13 11.98 -7.39
C TRP A 48 -1.02 10.56 -6.85
N GLY A 49 -1.44 9.58 -7.64
CA GLY A 49 -1.33 8.20 -7.22
C GLY A 49 0.13 7.80 -7.04
N GLN A 50 0.99 8.33 -7.89
CA GLN A 50 2.42 8.03 -7.79
C GLN A 50 3.02 8.75 -6.61
N ARG A 51 2.59 9.98 -6.38
CA ARG A 51 3.09 10.75 -5.24
C ARG A 51 2.74 10.02 -3.95
N ALA A 52 1.57 9.40 -3.92
CA ALA A 52 1.11 8.66 -2.76
C ALA A 52 1.88 7.36 -2.60
N LEU A 53 2.02 6.59 -3.66
CA LEU A 53 2.72 5.30 -3.57
C LEU A 53 4.21 5.50 -3.27
N GLN A 54 4.83 6.52 -3.85
CA GLN A 54 6.24 6.77 -3.59
C GLN A 54 6.41 7.26 -2.15
N GLY A 55 5.38 7.92 -1.63
CA GLY A 55 5.39 8.34 -0.25
C GLY A 55 5.33 7.09 0.61
N ALA A 56 4.44 6.17 0.28
CA ALA A 56 4.28 4.92 1.03
C ALA A 56 5.61 4.16 1.13
N GLN A 57 6.41 4.22 0.08
CA GLN A 57 7.69 3.57 0.07
C GLN A 57 8.72 4.26 0.93
N ALA A 58 8.72 5.58 0.89
CA ALA A 58 9.63 6.34 1.70
C ALA A 58 9.30 6.19 3.19
N VAL A 59 8.02 6.28 3.53
CA VAL A 59 7.59 6.17 4.91
C VAL A 59 7.81 4.76 5.42
N ALA A 60 7.81 3.76 4.54
CA ALA A 60 8.01 2.38 4.96
C ALA A 60 9.34 2.21 5.70
N ALA A 61 10.34 3.01 5.35
CA ALA A 61 11.62 2.97 6.05
C ALA A 61 11.44 3.46 7.50
N ALA A 62 10.60 4.46 7.68
CA ALA A 62 10.30 4.98 9.01
C ALA A 62 9.41 4.00 9.78
N GLN A 63 8.54 3.29 9.07
CA GLN A 63 7.64 2.33 9.71
C GLN A 63 8.40 1.12 10.25
N ARG A 64 9.29 0.57 9.44
CA ARG A 64 10.08 -0.58 9.91
C ARG A 64 10.97 -0.14 11.07
N LEU A 65 11.30 1.14 11.09
CA LEU A 65 12.09 1.72 12.16
C LEU A 65 11.24 1.85 13.43
N VAL A 66 10.07 2.48 13.36
CA VAL A 66 9.27 2.71 14.58
C VAL A 66 8.86 1.36 15.17
N HIS A 67 8.59 0.40 14.31
CA HIS A 67 8.23 -0.92 14.74
C HIS A 67 9.38 -1.57 15.51
N ALA A 68 10.61 -1.30 15.10
CA ALA A 68 11.76 -1.88 15.78
C ALA A 68 11.78 -1.45 17.25
N ILE A 69 11.53 -0.17 17.51
CA ILE A 69 11.55 0.33 18.89
C ILE A 69 10.34 -0.20 19.63
N ALA A 70 9.21 -0.34 18.93
CA ALA A 70 8.00 -0.85 19.55
C ALA A 70 8.27 -2.26 20.14
N LEU A 71 9.23 -2.96 19.56
CA LEU A 71 9.61 -4.28 20.09
C LEU A 71 10.51 -4.11 21.28
N MET A 72 11.47 -3.20 21.18
CA MET A 72 12.40 -2.96 22.28
C MET A 72 11.69 -2.50 23.52
N THR A 73 10.56 -1.83 23.35
CA THR A 73 9.85 -1.26 24.49
C THR A 73 9.10 -2.31 25.28
N GLN A 74 8.92 -3.48 24.68
CA GLN A 74 8.30 -4.60 25.38
C GLN A 74 9.35 -5.68 25.71
N PHE A 75 10.32 -5.89 24.84
CA PHE A 75 11.36 -6.89 25.08
C PHE A 75 12.23 -6.48 26.26
N GLY A 76 12.37 -5.17 26.48
CA GLY A 76 13.16 -4.67 27.58
C GLY A 76 12.63 -5.06 28.95
N ARG A 77 11.38 -5.53 29.00
CA ARG A 77 10.77 -6.00 30.26
C ARG A 77 10.11 -7.35 30.05
N ALA A 78 10.60 -8.11 29.08
CA ALA A 78 10.01 -9.42 28.77
C ALA A 78 10.43 -10.47 29.80
N GLY A 79 11.48 -10.21 30.56
CA GLY A 79 11.97 -11.14 31.56
C GLY A 79 12.83 -12.24 30.96
N SER A 80 12.31 -12.87 29.90
CA SER A 80 13.02 -13.92 29.17
C SER A 80 14.30 -13.41 28.53
N GLY A 1 -1.81 11.59 -57.72
CA GLY A 1 -2.15 13.01 -58.06
C GLY A 1 -2.27 13.84 -56.81
N SER A 2 -2.26 13.08 -55.71
CA SER A 2 -2.34 13.59 -54.32
C SER A 2 -3.61 14.40 -54.07
N ARG A 3 -4.74 13.90 -54.55
CA ARG A 3 -6.05 14.54 -54.33
C ARG A 3 -7.02 13.47 -53.90
N SER A 4 -7.83 13.79 -52.91
CA SER A 4 -8.85 12.88 -52.35
C SER A 4 -8.27 11.57 -51.82
N PHE A 5 -9.15 10.64 -51.50
CA PHE A 5 -8.80 9.33 -50.98
C PHE A 5 -10.03 8.47 -51.25
N SER A 6 -9.92 7.17 -51.08
CA SER A 6 -11.06 6.28 -51.21
C SER A 6 -11.45 5.81 -49.83
N LEU A 7 -12.74 5.66 -49.65
CA LEU A 7 -13.33 5.30 -48.37
C LEU A 7 -12.90 3.90 -47.93
N GLY A 8 -12.62 3.03 -48.89
CA GLY A 8 -12.16 1.70 -48.56
C GLY A 8 -10.79 1.75 -47.90
N GLU A 9 -9.92 2.59 -48.44
CA GLU A 9 -8.56 2.71 -47.90
C GLU A 9 -8.61 3.23 -46.48
N VAL A 10 -9.55 4.13 -46.19
CA VAL A 10 -9.70 4.68 -44.84
C VAL A 10 -10.25 3.61 -43.89
N SER A 11 -11.10 2.73 -44.40
CA SER A 11 -11.64 1.66 -43.57
C SER A 11 -10.53 0.69 -43.19
N ASP A 12 -9.65 0.43 -44.13
CA ASP A 12 -8.50 -0.46 -43.88
C ASP A 12 -7.45 0.26 -43.03
N MET A 13 -7.37 1.57 -43.17
CA MET A 13 -6.43 2.40 -42.40
C MET A 13 -6.71 2.25 -40.91
N ALA A 14 -7.98 2.19 -40.56
CA ALA A 14 -8.38 2.04 -39.16
C ALA A 14 -7.87 0.70 -38.58
N ALA A 15 -7.77 -0.30 -39.44
CA ALA A 15 -7.27 -1.61 -39.01
C ALA A 15 -5.76 -1.52 -38.78
N VAL A 16 -5.07 -0.72 -39.59
CA VAL A 16 -3.62 -0.53 -39.43
C VAL A 16 -3.36 0.24 -38.12
N GLU A 17 -4.17 1.26 -37.86
CA GLU A 17 -4.04 2.04 -36.63
C GLU A 17 -4.22 1.12 -35.41
N ALA A 18 -5.21 0.24 -35.47
CA ALA A 18 -5.44 -0.70 -34.38
C ALA A 18 -4.26 -1.66 -34.23
N ALA A 19 -3.70 -2.10 -35.35
CA ALA A 19 -2.59 -3.04 -35.36
C ALA A 19 -1.34 -2.43 -34.73
N GLU A 20 -0.99 -1.19 -35.08
CA GLU A 20 0.22 -0.59 -34.50
C GLU A 20 0.01 -0.31 -33.02
N LEU A 21 -1.21 0.02 -32.62
CA LEU A 21 -1.50 0.25 -31.21
C LEU A 21 -1.34 -1.03 -30.39
N GLU A 22 -1.74 -2.17 -30.95
CA GLU A 22 -1.52 -3.43 -30.22
C GLU A 22 -0.04 -3.88 -30.34
N MET A 23 0.62 -3.58 -31.44
CA MET A 23 2.04 -3.95 -31.58
C MET A 23 2.88 -3.18 -30.58
N THR A 24 2.46 -1.96 -30.25
CA THR A 24 3.15 -1.14 -29.24
C THR A 24 3.26 -1.91 -27.92
N ARG A 25 2.32 -2.80 -27.65
CA ARG A 25 2.32 -3.58 -26.41
C ARG A 25 3.47 -4.57 -26.42
N GLN A 26 3.68 -5.22 -27.56
CA GLN A 26 4.77 -6.19 -27.71
C GLN A 26 6.11 -5.45 -27.76
N VAL A 27 6.09 -4.28 -28.37
CA VAL A 27 7.27 -3.42 -28.48
C VAL A 27 7.78 -3.06 -27.08
N LEU A 28 6.86 -2.79 -26.15
CA LEU A 28 7.25 -2.46 -24.77
C LEU A 28 7.79 -3.66 -24.00
N HIS A 29 7.59 -4.85 -24.53
CA HIS A 29 8.09 -6.08 -23.89
C HIS A 29 9.45 -6.47 -24.49
N ALA A 30 9.85 -5.80 -25.55
CA ALA A 30 11.13 -6.08 -26.20
C ALA A 30 12.26 -5.45 -25.38
N GLY A 31 13.45 -6.03 -25.43
CA GLY A 31 14.59 -5.46 -24.72
C GLY A 31 14.99 -4.16 -25.41
N ALA A 32 15.14 -4.26 -26.72
CA ALA A 32 15.44 -3.14 -27.60
C ALA A 32 15.34 -3.73 -28.99
N ARG A 33 15.30 -2.86 -29.99
CA ARG A 33 15.25 -3.24 -31.37
C ARG A 33 15.78 -2.02 -32.11
N GLN A 34 16.13 -2.17 -33.37
CA GLN A 34 16.73 -1.06 -34.13
C GLN A 34 16.20 -1.06 -35.55
N ASP A 35 15.02 -1.61 -35.72
CA ASP A 35 14.39 -1.74 -37.04
C ASP A 35 14.20 -0.38 -37.68
N ASP A 36 14.01 0.63 -36.84
CA ASP A 36 13.89 2.02 -37.29
C ASP A 36 14.60 2.91 -36.25
N ALA A 37 15.72 2.39 -35.76
CA ALA A 37 16.55 3.06 -34.74
C ALA A 37 15.72 3.57 -33.55
N GLU A 38 14.81 2.73 -33.10
CA GLU A 38 13.83 3.07 -32.07
C GLU A 38 14.38 3.33 -30.65
N PRO A 39 13.66 4.14 -29.85
CA PRO A 39 14.05 4.38 -28.46
C PRO A 39 13.63 3.20 -27.56
N GLY A 40 14.07 3.21 -26.30
CA GLY A 40 13.76 2.13 -25.39
C GLY A 40 12.71 2.38 -24.31
N VAL A 41 13.03 3.20 -23.33
CA VAL A 41 12.14 3.40 -22.18
C VAL A 41 11.02 4.41 -22.44
N SER A 42 9.88 3.92 -22.93
CA SER A 42 8.70 4.76 -23.17
C SER A 42 7.48 4.30 -22.34
N GLY A 43 7.61 3.16 -21.67
CA GLY A 43 6.50 2.59 -20.92
C GLY A 43 6.13 3.22 -19.58
N ALA A 44 5.61 4.43 -19.62
CA ALA A 44 5.18 5.12 -18.40
C ALA A 44 3.83 4.55 -17.93
N SER A 45 3.62 4.52 -16.62
CA SER A 45 2.37 4.02 -16.05
C SER A 45 2.04 4.71 -14.73
N ALA A 46 0.74 4.83 -14.45
CA ALA A 46 0.17 5.47 -13.25
C ALA A 46 0.46 6.97 -13.11
N HIS A 47 -0.50 7.69 -12.58
CA HIS A 47 -0.35 9.13 -12.35
C HIS A 47 -0.25 9.49 -10.86
N TRP A 48 -1.39 9.48 -10.19
CA TRP A 48 -1.45 9.81 -8.77
C TRP A 48 -0.68 8.78 -7.96
N GLY A 49 -0.70 7.57 -8.48
CA GLY A 49 -0.02 6.45 -7.85
C GLY A 49 1.47 6.66 -7.71
N GLN A 50 2.09 7.39 -8.63
CA GLN A 50 3.53 7.62 -8.56
C GLN A 50 3.86 8.41 -7.31
N ARG A 51 3.16 9.50 -7.07
CA ARG A 51 3.44 10.32 -5.89
C ARG A 51 3.05 9.57 -4.63
N ALA A 52 1.98 8.81 -4.69
CA ALA A 52 1.54 8.03 -3.55
C ALA A 52 2.61 7.01 -3.17
N LEU A 53 3.15 6.29 -4.15
CA LEU A 53 4.18 5.30 -3.88
C LEU A 53 5.46 5.95 -3.37
N GLN A 54 5.85 7.09 -3.91
CA GLN A 54 7.05 7.77 -3.42
C GLN A 54 6.95 8.05 -1.93
N GLY A 55 5.76 8.45 -1.50
CA GLY A 55 5.52 8.69 -0.09
C GLY A 55 5.55 7.38 0.66
N ALA A 56 4.81 6.40 0.16
CA ALA A 56 4.72 5.09 0.80
C ALA A 56 6.10 4.44 1.01
N GLN A 57 7.01 4.63 0.07
CA GLN A 57 8.35 4.05 0.19
C GLN A 57 9.15 4.79 1.25
N ALA A 58 9.05 6.11 1.25
CA ALA A 58 9.80 6.93 2.20
C ALA A 58 9.32 6.64 3.62
N VAL A 59 8.01 6.55 3.80
CA VAL A 59 7.46 6.29 5.13
C VAL A 59 7.74 4.85 5.53
N ALA A 60 7.81 3.92 4.58
CA ALA A 60 8.06 2.51 4.91
C ALA A 60 9.38 2.36 5.68
N ALA A 61 10.37 3.17 5.33
CA ALA A 61 11.65 3.15 6.04
C ALA A 61 11.45 3.58 7.50
N ALA A 62 10.56 4.55 7.70
CA ALA A 62 10.23 5.01 9.05
C ALA A 62 9.37 3.97 9.80
N GLN A 63 8.49 3.27 9.09
CA GLN A 63 7.63 2.28 9.73
C GLN A 63 8.41 1.07 10.22
N ARG A 64 9.29 0.54 9.39
CA ARG A 64 10.11 -0.62 9.79
C ARG A 64 10.98 -0.21 10.98
N LEU A 65 11.29 1.07 11.05
CA LEU A 65 12.07 1.63 12.14
C LEU A 65 11.23 1.78 13.42
N VAL A 66 10.07 2.40 13.35
CA VAL A 66 9.28 2.66 14.56
C VAL A 66 8.85 1.33 15.18
N HIS A 67 8.54 0.36 14.34
CA HIS A 67 8.15 -0.94 14.81
C HIS A 67 9.31 -1.61 15.54
N ALA A 68 10.53 -1.36 15.10
CA ALA A 68 11.69 -1.97 15.76
C ALA A 68 11.77 -1.47 17.21
N ILE A 69 11.57 -0.17 17.42
CA ILE A 69 11.65 0.39 18.77
C ILE A 69 10.47 -0.09 19.58
N ALA A 70 9.31 -0.23 18.95
CA ALA A 70 8.12 -0.71 19.63
C ALA A 70 8.39 -2.07 20.27
N LEU A 71 9.32 -2.82 19.68
CA LEU A 71 9.69 -4.12 20.25
C LEU A 71 10.66 -3.93 21.39
N MET A 72 11.61 -3.04 21.21
CA MET A 72 12.59 -2.76 22.26
C MET A 72 11.91 -2.25 23.51
N THR A 73 10.80 -1.56 23.34
CA THR A 73 10.10 -0.95 24.48
C THR A 73 9.31 -1.98 25.27
N GLN A 74 9.10 -3.16 24.69
CA GLN A 74 8.42 -4.24 25.40
C GLN A 74 9.39 -5.34 25.81
N PHE A 75 10.49 -5.52 25.10
CA PHE A 75 11.49 -6.49 25.49
C PHE A 75 12.36 -5.91 26.61
N GLY A 76 12.68 -4.63 26.52
CA GLY A 76 13.57 -4.00 27.49
C GLY A 76 12.93 -3.67 28.82
N ARG A 77 11.61 -3.75 28.91
CA ARG A 77 10.92 -3.45 30.17
C ARG A 77 10.74 -4.71 31.03
N ALA A 78 11.26 -5.83 30.56
CA ALA A 78 11.17 -7.08 31.30
C ALA A 78 12.24 -7.07 32.40
N GLY A 79 11.83 -7.38 33.63
CA GLY A 79 12.78 -7.41 34.74
C GLY A 79 12.43 -8.49 35.76
N SER A 80 12.05 -9.67 35.26
CA SER A 80 11.65 -10.78 36.13
C SER A 80 12.85 -11.49 36.77
N GLY A 1 4.98 17.60 -28.39
CA GLY A 1 6.15 16.67 -28.38
C GLY A 1 5.73 15.22 -28.58
N SER A 2 6.67 14.37 -29.03
CA SER A 2 6.38 12.96 -29.24
C SER A 2 6.05 12.30 -27.90
N ARG A 3 5.00 11.49 -27.90
CA ARG A 3 4.55 10.80 -26.67
C ARG A 3 4.41 9.30 -26.90
N SER A 4 3.89 8.95 -28.07
CA SER A 4 3.67 7.57 -28.53
C SER A 4 2.61 6.75 -27.76
N PHE A 5 2.66 6.74 -26.43
CA PHE A 5 1.71 5.99 -25.62
C PHE A 5 1.70 6.59 -24.22
N SER A 6 0.70 6.25 -23.42
CA SER A 6 0.63 6.71 -22.05
C SER A 6 1.25 5.65 -21.16
N LEU A 7 2.19 6.10 -20.35
CA LEU A 7 2.98 5.23 -19.48
C LEU A 7 2.12 4.51 -18.43
N GLY A 8 1.02 5.14 -18.05
CA GLY A 8 0.14 4.53 -17.06
C GLY A 8 -0.48 3.24 -17.56
N GLU A 9 -0.87 3.21 -18.82
CA GLU A 9 -1.52 2.01 -19.37
C GLU A 9 -0.56 0.84 -19.34
N VAL A 10 0.70 1.08 -19.66
CA VAL A 10 1.71 0.02 -19.68
C VAL A 10 2.04 -0.43 -18.26
N SER A 11 1.97 0.49 -17.31
CA SER A 11 2.22 0.14 -15.91
C SER A 11 1.12 -0.79 -15.42
N ASP A 12 -0.11 -0.50 -15.82
CA ASP A 12 -1.25 -1.31 -15.42
C ASP A 12 -1.25 -2.62 -16.21
N MET A 13 -0.74 -2.59 -17.43
CA MET A 13 -0.65 -3.77 -18.31
C MET A 13 0.23 -4.83 -17.68
N ALA A 14 1.28 -4.40 -17.00
CA ALA A 14 2.20 -5.31 -16.34
C ALA A 14 1.47 -6.04 -15.22
N ALA A 15 0.53 -5.37 -14.58
CA ALA A 15 -0.26 -5.97 -13.52
C ALA A 15 -1.22 -7.00 -14.10
N VAL A 16 -1.78 -6.71 -15.28
CA VAL A 16 -2.70 -7.64 -15.94
C VAL A 16 -1.96 -8.92 -16.29
N GLU A 17 -0.78 -8.79 -16.89
CA GLU A 17 0.01 -9.96 -17.26
C GLU A 17 0.38 -10.78 -16.03
N ALA A 18 0.83 -10.12 -14.97
CA ALA A 18 1.18 -10.83 -13.75
C ALA A 18 -0.03 -11.56 -13.18
N ALA A 19 -1.19 -10.91 -13.24
CA ALA A 19 -2.41 -11.47 -12.71
C ALA A 19 -2.86 -12.69 -13.50
N GLU A 20 -2.88 -12.62 -14.82
CA GLU A 20 -3.35 -13.76 -15.61
C GLU A 20 -2.35 -14.92 -15.54
N LEU A 21 -1.07 -14.63 -15.42
CA LEU A 21 -0.06 -15.67 -15.28
C LEU A 21 -0.30 -16.46 -14.00
N GLU A 22 -0.61 -15.77 -12.91
CA GLU A 22 -0.93 -16.50 -11.68
C GLU A 22 -2.33 -17.12 -11.72
N MET A 23 -3.27 -16.46 -12.39
CA MET A 23 -4.63 -17.03 -12.53
C MET A 23 -4.55 -18.36 -13.23
N THR A 24 -3.60 -18.51 -14.15
CA THR A 24 -3.41 -19.78 -14.87
C THR A 24 -3.13 -20.92 -13.89
N ARG A 25 -2.44 -20.62 -12.79
CA ARG A 25 -2.15 -21.65 -11.78
C ARG A 25 -3.46 -22.01 -11.10
N GLN A 26 -4.20 -20.99 -10.69
CA GLN A 26 -5.45 -21.18 -9.96
C GLN A 26 -6.51 -21.93 -10.76
N VAL A 27 -6.68 -21.60 -12.03
CA VAL A 27 -7.71 -22.26 -12.85
C VAL A 27 -7.44 -23.75 -13.02
N LEU A 28 -6.16 -24.12 -13.07
CA LEU A 28 -5.76 -25.52 -13.19
C LEU A 28 -5.96 -26.29 -11.89
N HIS A 29 -6.03 -25.57 -10.77
CA HIS A 29 -6.29 -26.20 -9.47
C HIS A 29 -7.79 -26.17 -9.16
N ALA A 30 -8.56 -25.51 -10.00
CA ALA A 30 -10.01 -25.37 -9.82
C ALA A 30 -10.74 -26.31 -10.78
N GLY A 31 -12.03 -26.49 -10.55
CA GLY A 31 -12.83 -27.36 -11.41
C GLY A 31 -13.21 -26.70 -12.72
N ALA A 32 -13.39 -25.37 -12.71
CA ALA A 32 -13.76 -24.62 -13.91
C ALA A 32 -13.43 -23.14 -13.73
N ARG A 33 -12.34 -22.69 -14.35
CA ARG A 33 -11.93 -21.29 -14.34
C ARG A 33 -11.75 -20.78 -12.90
N GLN A 34 -11.76 -19.47 -12.70
CA GLN A 34 -11.63 -18.87 -11.37
C GLN A 34 -12.76 -17.86 -11.16
N ASP A 35 -13.99 -18.37 -11.17
CA ASP A 35 -15.22 -17.60 -10.95
C ASP A 35 -15.41 -16.40 -11.89
N ASP A 36 -14.62 -16.40 -12.95
CA ASP A 36 -14.60 -15.36 -13.99
C ASP A 36 -14.25 -13.96 -13.42
N ALA A 37 -13.43 -14.00 -12.37
CA ALA A 37 -12.97 -12.80 -11.66
C ALA A 37 -11.71 -12.27 -12.37
N GLU A 38 -11.85 -12.11 -13.67
CA GLU A 38 -10.80 -11.61 -14.53
C GLU A 38 -10.39 -10.14 -14.18
N PRO A 39 -9.15 -9.74 -14.51
CA PRO A 39 -8.68 -8.41 -14.06
C PRO A 39 -9.15 -7.18 -14.84
N GLY A 40 -9.72 -7.35 -16.02
CA GLY A 40 -10.13 -6.22 -16.84
C GLY A 40 -11.53 -5.74 -16.53
N VAL A 41 -12.05 -6.32 -15.47
CA VAL A 41 -13.40 -6.05 -14.97
C VAL A 41 -13.56 -4.58 -14.52
N SER A 42 -12.46 -3.88 -14.29
CA SER A 42 -12.52 -2.48 -13.87
C SER A 42 -11.33 -1.62 -14.32
N GLY A 43 -10.12 -2.13 -14.14
CA GLY A 43 -8.92 -1.36 -14.47
C GLY A 43 -8.58 -0.35 -13.38
N ALA A 44 -9.48 0.59 -13.16
CA ALA A 44 -9.37 1.61 -12.11
C ALA A 44 -8.04 2.39 -12.11
N SER A 45 -7.54 2.72 -13.30
CA SER A 45 -6.31 3.48 -13.44
C SER A 45 -6.39 4.78 -12.64
N ALA A 46 -5.28 5.14 -11.98
CA ALA A 46 -5.27 6.26 -11.05
C ALA A 46 -4.09 7.19 -11.27
N HIS A 47 -4.24 8.44 -10.87
CA HIS A 47 -3.11 9.39 -10.86
C HIS A 47 -2.62 9.62 -9.42
N TRP A 48 -3.50 10.17 -8.59
CA TRP A 48 -3.17 10.47 -7.20
C TRP A 48 -2.82 9.21 -6.39
N GLY A 49 -3.38 8.08 -6.78
CA GLY A 49 -3.08 6.82 -6.09
C GLY A 49 -1.62 6.45 -6.30
N GLN A 50 -1.09 6.77 -7.46
CA GLN A 50 0.31 6.46 -7.77
C GLN A 50 1.19 7.33 -6.89
N ARG A 51 0.81 8.57 -6.70
CA ARG A 51 1.59 9.47 -5.84
C ARG A 51 1.54 8.99 -4.39
N ALA A 52 0.40 8.43 -4.01
CA ALA A 52 0.25 7.90 -2.66
C ALA A 52 1.17 6.69 -2.44
N LEU A 53 1.32 5.84 -3.44
CA LEU A 53 2.20 4.68 -3.30
C LEU A 53 3.64 5.15 -3.16
N GLN A 54 4.02 6.23 -3.85
CA GLN A 54 5.38 6.76 -3.70
C GLN A 54 5.63 7.16 -2.25
N GLY A 55 4.59 7.67 -1.61
CA GLY A 55 4.68 8.04 -0.22
C GLY A 55 4.83 6.80 0.61
N ALA A 56 4.02 5.78 0.33
CA ALA A 56 4.05 4.51 1.05
C ALA A 56 5.47 3.91 1.06
N GLN A 57 6.17 4.01 -0.07
CA GLN A 57 7.53 3.49 -0.16
C GLN A 57 8.49 4.23 0.76
N ALA A 58 8.38 5.55 0.77
CA ALA A 58 9.28 6.39 1.57
C ALA A 58 9.01 6.22 3.07
N VAL A 59 7.74 6.20 3.44
CA VAL A 59 7.36 6.07 4.86
C VAL A 59 7.70 4.70 5.38
N ALA A 60 7.74 3.70 4.51
CA ALA A 60 8.06 2.33 4.92
C ALA A 60 9.39 2.26 5.67
N ALA A 61 10.35 3.09 5.30
CA ALA A 61 11.64 3.13 5.99
C ALA A 61 11.45 3.62 7.44
N ALA A 62 10.56 4.57 7.64
CA ALA A 62 10.26 5.07 8.98
C ALA A 62 9.45 4.02 9.76
N GLN A 63 8.54 3.33 9.07
CA GLN A 63 7.70 2.32 9.72
C GLN A 63 8.50 1.14 10.24
N ARG A 64 9.40 0.61 9.41
CA ARG A 64 10.23 -0.53 9.84
C ARG A 64 11.09 -0.11 11.02
N LEU A 65 11.40 1.17 11.09
CA LEU A 65 12.17 1.72 12.18
C LEU A 65 11.32 1.85 13.45
N VAL A 66 10.16 2.48 13.38
CA VAL A 66 9.35 2.73 14.58
C VAL A 66 8.91 1.40 15.18
N HIS A 67 8.61 0.45 14.32
CA HIS A 67 8.21 -0.87 14.74
C HIS A 67 9.35 -1.53 15.51
N ALA A 68 10.59 -1.30 15.11
CA ALA A 68 11.71 -1.92 15.79
C ALA A 68 11.72 -1.52 17.27
N ILE A 69 11.51 -0.25 17.57
CA ILE A 69 11.53 0.21 18.96
C ILE A 69 10.30 -0.30 19.69
N ALA A 70 9.18 -0.38 18.98
CA ALA A 70 7.94 -0.85 19.57
C ALA A 70 8.14 -2.28 20.12
N LEU A 71 9.02 -3.03 19.48
CA LEU A 71 9.32 -4.39 19.93
C LEU A 71 10.22 -4.34 21.14
N MET A 72 11.21 -3.48 21.10
CA MET A 72 12.14 -3.37 22.21
C MET A 72 11.46 -2.91 23.47
N THR A 73 10.38 -2.17 23.30
CA THR A 73 9.69 -1.61 24.46
C THR A 73 8.76 -2.66 25.05
N GLN A 74 8.16 -3.49 24.21
CA GLN A 74 7.30 -4.56 24.73
C GLN A 74 8.13 -5.74 25.23
N PHE A 75 9.34 -5.93 24.71
CA PHE A 75 10.20 -6.99 25.20
C PHE A 75 10.96 -6.55 26.46
N GLY A 76 11.01 -5.25 26.70
CA GLY A 76 11.76 -4.72 27.83
C GLY A 76 13.25 -4.86 27.61
N ARG A 77 13.67 -4.87 26.34
CA ARG A 77 15.07 -5.12 25.98
C ARG A 77 15.64 -3.96 25.17
N ALA A 78 15.23 -2.75 25.52
CA ALA A 78 15.73 -1.55 24.87
C ALA A 78 17.21 -1.31 25.21
N GLY A 79 17.67 -1.90 26.31
CA GLY A 79 19.05 -1.73 26.73
C GLY A 79 19.26 -0.43 27.46
N SER A 80 18.99 0.67 26.76
CA SER A 80 19.11 2.02 27.33
C SER A 80 18.05 2.26 28.39
N GLY A 1 -10.91 -14.80 9.12
CA GLY A 1 -11.02 -16.02 9.98
C GLY A 1 -9.80 -16.93 9.90
N SER A 2 -8.81 -16.64 10.75
CA SER A 2 -7.58 -17.41 10.79
C SER A 2 -7.28 -17.82 12.23
N ARG A 3 -6.37 -18.79 12.38
CA ARG A 3 -5.96 -19.28 13.71
C ARG A 3 -5.33 -18.15 14.53
N SER A 4 -4.62 -17.29 13.84
CA SER A 4 -4.00 -16.10 14.42
C SER A 4 -3.63 -15.32 13.18
N PHE A 5 -3.66 -13.98 13.25
CA PHE A 5 -3.37 -13.19 12.06
C PHE A 5 -1.89 -13.23 11.67
N SER A 6 -1.04 -13.41 12.68
CA SER A 6 0.43 -13.53 12.60
C SER A 6 1.25 -12.89 11.47
N LEU A 7 2.26 -12.14 11.88
CA LEU A 7 3.11 -11.37 10.96
C LEU A 7 3.73 -12.20 9.84
N GLY A 8 4.05 -13.47 10.10
CA GLY A 8 4.60 -14.33 9.06
C GLY A 8 3.55 -14.63 8.01
N GLU A 9 2.32 -14.91 8.45
CA GLU A 9 1.23 -15.22 7.54
C GLU A 9 0.92 -14.00 6.69
N VAL A 10 1.00 -12.81 7.30
CA VAL A 10 0.76 -11.55 6.59
C VAL A 10 1.82 -11.33 5.51
N SER A 11 3.04 -11.76 5.77
CA SER A 11 4.11 -11.60 4.78
C SER A 11 3.82 -12.45 3.56
N ASP A 12 3.33 -13.66 3.80
CA ASP A 12 2.99 -14.58 2.71
C ASP A 12 1.69 -14.16 2.04
N MET A 13 0.81 -13.49 2.79
CA MET A 13 -0.48 -13.02 2.29
C MET A 13 -0.32 -12.09 1.10
N ALA A 14 0.77 -11.33 1.09
CA ALA A 14 1.04 -10.42 -0.03
C ALA A 14 1.25 -11.22 -1.33
N ALA A 15 1.84 -12.41 -1.21
CA ALA A 15 2.07 -13.26 -2.38
C ALA A 15 0.75 -13.92 -2.79
N VAL A 16 -0.09 -14.24 -1.82
CA VAL A 16 -1.39 -14.85 -2.09
C VAL A 16 -2.24 -13.85 -2.88
N GLU A 17 -2.28 -12.60 -2.43
CA GLU A 17 -3.06 -11.58 -3.13
C GLU A 17 -2.57 -11.43 -4.57
N ALA A 18 -1.27 -11.42 -4.77
CA ALA A 18 -0.71 -11.29 -6.11
C ALA A 18 -1.16 -12.45 -7.01
N ALA A 19 -1.16 -13.66 -6.45
CA ALA A 19 -1.55 -14.84 -7.19
C ALA A 19 -3.04 -14.82 -7.51
N GLU A 20 -3.87 -14.47 -6.54
CA GLU A 20 -5.32 -14.42 -6.74
C GLU A 20 -5.65 -13.40 -7.81
N LEU A 21 -5.02 -12.25 -7.71
CA LEU A 21 -5.24 -11.18 -8.68
C LEU A 21 -4.88 -11.62 -10.09
N GLU A 22 -3.78 -12.32 -10.27
CA GLU A 22 -3.44 -12.78 -11.63
C GLU A 22 -4.32 -13.93 -12.09
N MET A 23 -4.72 -14.82 -11.19
CA MET A 23 -5.60 -15.92 -11.56
C MET A 23 -6.94 -15.37 -12.01
N THR A 24 -7.41 -14.32 -11.36
CA THR A 24 -8.67 -13.67 -11.74
C THR A 24 -8.60 -13.16 -13.18
N ARG A 25 -7.45 -12.62 -13.58
CA ARG A 25 -7.29 -12.14 -14.96
C ARG A 25 -7.39 -13.32 -15.90
N GLN A 26 -6.65 -14.35 -15.54
CA GLN A 26 -6.59 -15.57 -16.36
C GLN A 26 -7.95 -16.24 -16.56
N VAL A 27 -8.75 -16.35 -15.51
CA VAL A 27 -10.07 -16.99 -15.63
C VAL A 27 -11.05 -16.13 -16.44
N LEU A 28 -10.97 -14.82 -16.31
CA LEU A 28 -11.83 -13.91 -17.09
C LEU A 28 -11.45 -13.89 -18.56
N HIS A 29 -10.23 -14.33 -18.87
CA HIS A 29 -9.78 -14.41 -20.25
C HIS A 29 -10.08 -15.80 -20.83
N ALA A 30 -10.63 -16.67 -20.01
CA ALA A 30 -10.96 -18.03 -20.42
C ALA A 30 -12.47 -18.17 -20.66
N GLY A 31 -12.87 -19.23 -21.33
CA GLY A 31 -14.28 -19.48 -21.56
C GLY A 31 -14.89 -20.16 -20.36
N ALA A 32 -15.81 -19.50 -19.68
CA ALA A 32 -16.44 -20.02 -18.51
C ALA A 32 -17.90 -19.58 -18.56
N ARG A 33 -18.65 -20.06 -17.59
CA ARG A 33 -20.08 -19.78 -17.48
C ARG A 33 -20.27 -18.40 -16.86
N GLN A 34 -21.43 -17.81 -17.08
CA GLN A 34 -21.76 -16.49 -16.52
C GLN A 34 -22.88 -16.68 -15.51
N ASP A 35 -22.70 -17.65 -14.62
CA ASP A 35 -23.69 -17.94 -13.58
C ASP A 35 -23.64 -16.87 -12.51
N ASP A 36 -22.45 -16.36 -12.25
CA ASP A 36 -22.23 -15.38 -11.18
C ASP A 36 -22.27 -13.97 -11.69
N ALA A 37 -21.30 -13.81 -12.54
CA ALA A 37 -20.99 -12.60 -13.30
C ALA A 37 -21.11 -11.29 -12.46
N GLU A 38 -20.57 -11.32 -11.25
CA GLU A 38 -20.68 -10.16 -10.36
C GLU A 38 -19.89 -8.95 -10.89
N PRO A 39 -20.37 -7.72 -10.62
CA PRO A 39 -19.64 -6.56 -11.09
C PRO A 39 -18.46 -6.18 -10.21
N GLY A 40 -17.48 -5.54 -10.81
CA GLY A 40 -16.30 -5.11 -10.08
C GLY A 40 -15.71 -3.89 -10.75
N VAL A 41 -15.33 -2.91 -9.94
CA VAL A 41 -14.71 -1.70 -10.47
C VAL A 41 -13.38 -2.09 -11.13
N SER A 42 -13.11 -1.52 -12.28
CA SER A 42 -11.92 -1.87 -13.05
C SER A 42 -11.25 -0.61 -13.57
N GLY A 43 -9.99 -0.74 -14.01
CA GLY A 43 -9.24 0.39 -14.51
C GLY A 43 -7.81 0.02 -14.85
N ALA A 44 -7.23 -0.84 -14.03
CA ALA A 44 -5.86 -1.37 -14.23
C ALA A 44 -4.77 -0.31 -14.40
N SER A 45 -5.05 0.92 -13.96
CA SER A 45 -4.12 2.02 -14.09
C SER A 45 -4.41 3.01 -12.97
N ALA A 46 -3.45 3.88 -12.69
CA ALA A 46 -3.63 4.88 -11.64
C ALA A 46 -2.68 6.04 -11.93
N HIS A 47 -3.13 7.27 -11.66
CA HIS A 47 -2.25 8.43 -11.78
C HIS A 47 -1.86 8.93 -10.39
N TRP A 48 -2.83 9.45 -9.65
CA TRP A 48 -2.60 9.97 -8.30
C TRP A 48 -2.12 8.88 -7.35
N GLY A 49 -2.55 7.66 -7.62
CA GLY A 49 -2.14 6.52 -6.81
C GLY A 49 -0.63 6.32 -6.85
N GLN A 50 -0.01 6.65 -7.97
CA GLN A 50 1.44 6.49 -8.10
C GLN A 50 2.14 7.44 -7.14
N ARG A 51 1.63 8.65 -7.02
CA ARG A 51 2.25 9.62 -6.12
C ARG A 51 2.06 9.19 -4.67
N ALA A 52 0.90 8.61 -4.39
CA ALA A 52 0.63 8.10 -3.05
C ALA A 52 1.58 6.95 -2.71
N LEU A 53 1.79 6.04 -3.65
CA LEU A 53 2.69 4.91 -3.41
C LEU A 53 4.12 5.38 -3.22
N GLN A 54 4.55 6.42 -3.95
CA GLN A 54 5.90 6.96 -3.73
C GLN A 54 6.08 7.38 -2.28
N GLY A 55 5.02 7.91 -1.70
CA GLY A 55 5.04 8.29 -0.29
C GLY A 55 5.11 7.04 0.55
N ALA A 56 4.25 6.08 0.26
CA ALA A 56 4.21 4.81 1.01
C ALA A 56 5.59 4.12 1.08
N GLN A 57 6.33 4.18 -0.01
CA GLN A 57 7.67 3.58 -0.06
C GLN A 57 8.64 4.33 0.86
N ALA A 58 8.58 5.65 0.84
CA ALA A 58 9.48 6.46 1.64
C ALA A 58 9.16 6.31 3.13
N VAL A 59 7.89 6.35 3.48
CA VAL A 59 7.48 6.24 4.88
C VAL A 59 7.75 4.85 5.41
N ALA A 60 7.77 3.84 4.55
CA ALA A 60 8.04 2.46 4.98
C ALA A 60 9.38 2.36 5.71
N ALA A 61 10.35 3.19 5.31
CA ALA A 61 11.64 3.20 5.97
C ALA A 61 11.51 3.68 7.42
N ALA A 62 10.59 4.60 7.67
CA ALA A 62 10.30 5.06 9.02
C ALA A 62 9.45 4.02 9.77
N GLN A 63 8.54 3.36 9.08
CA GLN A 63 7.66 2.38 9.72
C GLN A 63 8.41 1.16 10.23
N ARG A 64 9.29 0.62 9.40
CA ARG A 64 10.10 -0.54 9.80
C ARG A 64 10.96 -0.15 11.01
N LEU A 65 11.29 1.12 11.08
CA LEU A 65 12.10 1.66 12.17
C LEU A 65 11.28 1.81 13.45
N VAL A 66 10.11 2.45 13.38
CA VAL A 66 9.31 2.67 14.59
C VAL A 66 8.89 1.34 15.18
N HIS A 67 8.61 0.38 14.31
CA HIS A 67 8.23 -0.94 14.73
C HIS A 67 9.36 -1.60 15.51
N ALA A 68 10.61 -1.35 15.11
CA ALA A 68 11.73 -1.95 15.80
C ALA A 68 11.77 -1.50 17.27
N ILE A 69 11.55 -0.22 17.51
CA ILE A 69 11.57 0.30 18.89
C ILE A 69 10.32 -0.17 19.62
N ALA A 70 9.22 -0.33 18.91
CA ALA A 70 7.98 -0.80 19.52
C ALA A 70 8.24 -2.18 20.15
N LEU A 71 9.18 -2.93 19.59
CA LEU A 71 9.54 -4.24 20.15
C LEU A 71 10.39 -4.05 21.37
N MET A 72 11.37 -3.17 21.27
CA MET A 72 12.27 -2.91 22.40
C MET A 72 11.51 -2.36 23.58
N THR A 73 10.43 -1.66 23.31
CA THR A 73 9.68 -1.02 24.39
C THR A 73 8.68 -1.97 25.01
N GLN A 74 8.36 -3.05 24.32
CA GLN A 74 7.51 -4.09 24.92
C GLN A 74 8.39 -5.17 25.55
N PHE A 75 9.63 -5.31 25.09
CA PHE A 75 10.57 -6.22 25.74
C PHE A 75 11.04 -5.58 27.06
N GLY A 76 11.21 -4.27 27.03
CA GLY A 76 11.67 -3.53 28.21
C GLY A 76 10.60 -3.24 29.25
N ARG A 77 9.75 -4.23 29.53
CA ARG A 77 8.69 -4.07 30.54
C ARG A 77 9.04 -4.82 31.81
N ALA A 78 10.33 -4.88 32.10
CA ALA A 78 10.84 -5.58 33.29
C ALA A 78 10.62 -4.77 34.59
N GLY A 79 9.38 -4.45 34.89
CA GLY A 79 9.04 -3.68 36.08
C GLY A 79 8.18 -4.48 37.02
N SER A 80 8.58 -5.74 37.21
CA SER A 80 7.83 -6.70 38.06
C SER A 80 6.41 -6.91 37.54
N GLY A 1 10.30 23.32 28.22
CA GLY A 1 11.65 22.77 27.83
C GLY A 1 11.49 21.57 26.93
N SER A 2 10.25 21.43 26.47
CA SER A 2 9.83 20.35 25.58
C SER A 2 10.49 20.51 24.22
N ARG A 3 10.69 19.39 23.54
CA ARG A 3 11.32 19.39 22.22
C ARG A 3 10.54 18.38 21.38
N SER A 4 10.62 18.52 20.07
CA SER A 4 9.88 17.66 19.12
C SER A 4 8.37 17.84 19.35
N PHE A 5 7.58 16.82 19.04
CA PHE A 5 6.13 16.87 19.16
C PHE A 5 5.66 15.71 20.04
N SER A 6 4.52 15.87 20.68
CA SER A 6 3.96 14.81 21.50
C SER A 6 3.19 13.85 20.63
N LEU A 7 3.35 12.58 20.92
CA LEU A 7 2.72 11.51 20.14
C LEU A 7 1.25 11.39 20.51
N GLY A 8 0.85 12.02 21.60
CA GLY A 8 -0.55 12.00 22.00
C GLY A 8 -1.39 12.75 20.99
N GLU A 9 -0.88 13.88 20.52
CA GLU A 9 -1.61 14.69 19.53
C GLU A 9 -1.73 13.90 18.24
N VAL A 10 -0.65 13.21 17.90
CA VAL A 10 -0.59 12.40 16.68
C VAL A 10 -1.59 11.25 16.75
N SER A 11 -1.85 10.74 17.95
CA SER A 11 -2.80 9.65 18.10
C SER A 11 -4.21 10.12 17.77
N ASP A 12 -4.56 11.32 18.20
CA ASP A 12 -5.88 11.88 17.91
C ASP A 12 -5.93 12.35 16.46
N MET A 13 -4.79 12.78 15.96
CA MET A 13 -4.68 13.20 14.56
C MET A 13 -4.98 12.01 13.66
N ALA A 14 -4.48 10.84 14.02
CA ALA A 14 -4.75 9.63 13.24
C ALA A 14 -6.24 9.25 13.33
N ALA A 15 -6.87 9.57 14.45
CA ALA A 15 -8.29 9.25 14.64
C ALA A 15 -9.17 10.13 13.74
N VAL A 16 -8.88 11.43 13.70
CA VAL A 16 -9.65 12.35 12.87
C VAL A 16 -9.35 12.12 11.39
N GLU A 17 -8.13 11.72 11.08
CA GLU A 17 -7.76 11.35 9.71
C GLU A 17 -8.65 10.19 9.24
N ALA A 18 -8.82 9.20 10.09
CA ALA A 18 -9.67 8.06 9.75
C ALA A 18 -11.14 8.51 9.62
N ALA A 19 -11.53 9.45 10.47
CA ALA A 19 -12.89 9.95 10.46
C ALA A 19 -13.20 10.72 9.17
N GLU A 20 -12.32 11.60 8.74
CA GLU A 20 -12.59 12.38 7.52
C GLU A 20 -12.58 11.48 6.29
N LEU A 21 -11.78 10.42 6.32
CA LEU A 21 -11.75 9.48 5.21
C LEU A 21 -13.12 8.80 5.05
N GLU A 22 -13.76 8.42 6.15
CA GLU A 22 -15.10 7.87 6.03
C GLU A 22 -16.15 8.96 5.76
N MET A 23 -15.92 10.16 6.27
CA MET A 23 -16.83 11.28 6.04
C MET A 23 -16.88 11.63 4.56
N THR A 24 -15.77 11.46 3.87
CA THR A 24 -15.68 11.70 2.42
C THR A 24 -16.70 10.82 1.70
N ARG A 25 -16.90 9.60 2.18
CA ARG A 25 -17.84 8.68 1.54
C ARG A 25 -19.25 9.23 1.69
N GLN A 26 -19.53 9.77 2.87
CA GLN A 26 -20.85 10.31 3.16
C GLN A 26 -21.18 11.51 2.28
N VAL A 27 -20.24 12.43 2.11
CA VAL A 27 -20.50 13.63 1.31
C VAL A 27 -20.68 13.32 -0.17
N LEU A 28 -19.97 12.32 -0.66
CA LEU A 28 -20.12 11.91 -2.05
C LEU A 28 -21.55 11.44 -2.28
N HIS A 29 -22.04 10.58 -1.41
CA HIS A 29 -23.41 10.06 -1.54
C HIS A 29 -24.45 11.15 -1.28
N ALA A 30 -24.11 12.14 -0.47
CA ALA A 30 -25.04 13.22 -0.15
C ALA A 30 -25.33 14.13 -1.34
N GLY A 31 -24.39 14.27 -2.28
CA GLY A 31 -24.66 15.13 -3.42
C GLY A 31 -23.60 15.32 -4.48
N ALA A 32 -22.58 14.47 -4.57
CA ALA A 32 -21.55 14.63 -5.58
C ALA A 32 -21.99 13.95 -6.88
N ARG A 33 -22.55 14.74 -7.79
CA ARG A 33 -22.98 14.21 -9.10
C ARG A 33 -21.75 13.82 -9.90
N GLN A 34 -20.67 14.58 -9.69
CA GLN A 34 -19.34 14.30 -10.26
C GLN A 34 -19.31 14.24 -11.80
N ASP A 35 -20.21 14.98 -12.44
CA ASP A 35 -20.33 14.98 -13.91
C ASP A 35 -19.02 15.34 -14.60
N ASP A 36 -18.34 16.33 -14.05
CA ASP A 36 -17.08 16.86 -14.58
C ASP A 36 -16.11 17.10 -13.43
N ALA A 37 -15.95 16.10 -12.57
CA ALA A 37 -15.08 16.25 -11.40
C ALA A 37 -14.14 15.06 -11.22
N GLU A 38 -13.38 14.75 -12.27
CA GLU A 38 -12.39 13.67 -12.18
C GLU A 38 -11.25 14.10 -11.24
N PRO A 39 -10.55 13.13 -10.60
CA PRO A 39 -9.44 13.49 -9.72
C PRO A 39 -8.12 13.78 -10.44
N GLY A 40 -8.16 13.75 -11.77
CA GLY A 40 -6.98 13.97 -12.58
C GLY A 40 -6.82 12.81 -13.53
N VAL A 41 -6.05 13.04 -14.59
CA VAL A 41 -5.85 12.05 -15.65
C VAL A 41 -5.42 10.66 -15.15
N SER A 42 -6.05 9.65 -15.73
CA SER A 42 -5.80 8.24 -15.43
C SER A 42 -6.16 7.54 -16.74
N GLY A 43 -6.16 6.21 -16.77
CA GLY A 43 -6.54 5.53 -18.00
C GLY A 43 -6.77 4.04 -17.87
N ALA A 44 -5.80 3.33 -17.30
CA ALA A 44 -5.92 1.88 -17.09
C ALA A 44 -5.14 1.50 -15.84
N SER A 45 -3.91 1.97 -15.75
CA SER A 45 -3.12 1.78 -14.56
C SER A 45 -3.66 2.75 -13.52
N ALA A 46 -3.51 2.40 -12.25
CA ALA A 46 -3.97 3.26 -11.15
C ALA A 46 -3.01 4.43 -10.95
N HIS A 47 -2.92 5.33 -11.91
CA HIS A 47 -1.99 6.47 -11.83
C HIS A 47 -1.98 7.14 -10.47
N TRP A 48 -3.15 7.54 -9.98
CA TRP A 48 -3.22 8.24 -8.70
C TRP A 48 -2.82 7.40 -7.51
N GLY A 49 -3.15 6.14 -7.60
CA GLY A 49 -2.83 5.19 -6.56
C GLY A 49 -1.34 4.91 -6.50
N GLN A 50 -0.68 4.97 -7.65
CA GLN A 50 0.76 4.77 -7.70
C GLN A 50 1.45 5.89 -6.97
N ARG A 51 0.92 7.10 -7.06
CA ARG A 51 1.51 8.24 -6.36
C ARG A 51 1.40 8.00 -4.86
N ALA A 52 0.32 7.37 -4.44
CA ALA A 52 0.11 7.08 -3.03
C ALA A 52 1.06 5.98 -2.56
N LEU A 53 1.10 4.89 -3.33
CA LEU A 53 1.92 3.74 -2.93
C LEU A 53 3.41 4.04 -3.00
N GLN A 54 3.83 4.89 -3.91
CA GLN A 54 5.25 5.25 -3.98
C GLN A 54 5.66 6.04 -2.72
N GLY A 55 4.72 6.75 -2.13
CA GLY A 55 4.97 7.46 -0.88
C GLY A 55 5.02 6.42 0.22
N ALA A 56 4.14 5.42 0.13
CA ALA A 56 4.08 4.33 1.11
C ALA A 56 5.45 3.64 1.25
N GLN A 57 6.21 3.57 0.17
CA GLN A 57 7.52 2.95 0.22
C GLN A 57 8.53 3.81 0.97
N ALA A 58 8.47 5.12 0.76
CA ALA A 58 9.40 6.04 1.41
C ALA A 58 9.12 6.06 2.91
N VAL A 59 7.86 6.13 3.27
CA VAL A 59 7.48 6.16 4.69
C VAL A 59 7.75 4.81 5.33
N ALA A 60 7.74 3.73 4.56
CA ALA A 60 7.99 2.39 5.09
C ALA A 60 9.35 2.30 5.79
N ALA A 61 10.31 3.11 5.36
CA ALA A 61 11.62 3.11 6.02
C ALA A 61 11.46 3.61 7.47
N ALA A 62 10.61 4.60 7.67
CA ALA A 62 10.31 5.11 9.01
C ALA A 62 9.47 4.10 9.78
N GLN A 63 8.54 3.43 9.09
CA GLN A 63 7.66 2.47 9.74
C GLN A 63 8.42 1.24 10.26
N ARG A 64 9.29 0.68 9.44
CA ARG A 64 10.08 -0.48 9.86
C ARG A 64 10.97 -0.09 11.03
N LEU A 65 11.34 1.18 11.07
CA LEU A 65 12.14 1.70 12.16
C LEU A 65 11.31 1.84 13.45
N VAL A 66 10.15 2.49 13.39
CA VAL A 66 9.36 2.72 14.61
C VAL A 66 8.93 1.38 15.19
N HIS A 67 8.64 0.44 14.31
CA HIS A 67 8.24 -0.89 14.72
C HIS A 67 9.37 -1.56 15.49
N ALA A 68 10.62 -1.31 15.09
CA ALA A 68 11.75 -1.93 15.78
C ALA A 68 11.75 -1.53 17.25
N ILE A 69 11.51 -0.25 17.54
CA ILE A 69 11.51 0.21 18.93
C ILE A 69 10.27 -0.31 19.64
N ALA A 70 9.16 -0.41 18.93
CA ALA A 70 7.92 -0.91 19.52
C ALA A 70 8.12 -2.33 20.05
N LEU A 71 9.07 -3.06 19.47
CA LEU A 71 9.38 -4.40 19.95
C LEU A 71 10.23 -4.30 21.19
N MET A 72 11.18 -3.39 21.17
CA MET A 72 12.06 -3.21 22.32
C MET A 72 11.29 -2.75 23.54
N THR A 73 10.18 -2.07 23.32
CA THR A 73 9.44 -1.54 24.46
C THR A 73 8.63 -2.64 25.12
N GLN A 74 8.13 -3.58 24.33
CA GLN A 74 7.40 -4.72 24.89
C GLN A 74 8.35 -5.79 25.39
N PHE A 75 9.52 -5.95 24.76
CA PHE A 75 10.50 -6.93 25.24
C PHE A 75 11.11 -6.43 26.54
N GLY A 76 11.30 -5.13 26.64
CA GLY A 76 11.81 -4.53 27.86
C GLY A 76 10.71 -4.27 28.87
N ARG A 77 9.48 -4.69 28.52
CA ARG A 77 8.27 -4.52 29.34
C ARG A 77 8.21 -3.17 30.05
N ALA A 78 8.38 -2.13 29.25
CA ALA A 78 8.38 -0.76 29.75
C ALA A 78 6.98 -0.42 30.28
N GLY A 79 6.93 0.28 31.41
CA GLY A 79 5.66 0.67 32.00
C GLY A 79 4.89 1.64 31.13
N SER A 80 5.63 2.42 30.33
CA SER A 80 5.04 3.41 29.42
C SER A 80 4.44 2.74 28.19
N GLY A 1 6.49 9.28 18.09
CA GLY A 1 5.45 9.75 17.13
C GLY A 1 4.80 8.62 16.36
N SER A 2 4.00 9.00 15.34
CA SER A 2 3.24 8.08 14.48
C SER A 2 2.32 7.19 15.32
N ARG A 3 2.01 6.00 14.83
CA ARG A 3 1.15 5.02 15.53
C ARG A 3 -0.22 5.59 15.91
N SER A 4 -0.66 6.58 15.17
CA SER A 4 -1.99 7.18 15.36
C SER A 4 -2.86 6.44 14.37
N PHE A 5 -4.17 6.43 14.56
CA PHE A 5 -5.05 5.71 13.63
C PHE A 5 -5.08 6.40 12.26
N SER A 6 -4.80 7.71 12.27
CA SER A 6 -4.69 8.59 11.08
C SER A 6 -5.66 8.45 9.91
N LEU A 7 -6.35 9.55 9.65
CA LEU A 7 -7.36 9.61 8.60
C LEU A 7 -6.80 9.22 7.22
N GLY A 8 -5.55 9.56 6.96
CA GLY A 8 -4.93 9.20 5.70
C GLY A 8 -4.64 7.71 5.62
N GLU A 9 -4.24 7.13 6.74
CA GLU A 9 -3.92 5.70 6.79
C GLU A 9 -5.22 4.90 6.68
N VAL A 10 -6.31 5.41 7.23
CA VAL A 10 -7.63 4.75 7.12
C VAL A 10 -8.08 4.68 5.65
N SER A 11 -7.80 5.71 4.88
CA SER A 11 -8.17 5.69 3.46
C SER A 11 -7.41 4.60 2.72
N ASP A 12 -6.16 4.39 3.08
CA ASP A 12 -5.33 3.35 2.47
C ASP A 12 -5.73 1.98 2.99
N MET A 13 -6.17 1.96 4.25
CA MET A 13 -6.61 0.74 4.92
C MET A 13 -7.78 0.15 4.15
N ALA A 14 -8.72 0.99 3.76
CA ALA A 14 -9.91 0.52 3.05
C ALA A 14 -9.53 -0.06 1.68
N ALA A 15 -8.50 0.51 1.06
CA ALA A 15 -8.05 0.05 -0.25
C ALA A 15 -7.37 -1.31 -0.14
N VAL A 16 -6.47 -1.45 0.81
CA VAL A 16 -5.72 -2.70 0.97
C VAL A 16 -6.63 -3.81 1.48
N GLU A 17 -7.58 -3.47 2.34
CA GLU A 17 -8.54 -4.46 2.84
C GLU A 17 -9.28 -5.11 1.68
N ALA A 18 -9.73 -4.30 0.74
CA ALA A 18 -10.45 -4.82 -0.42
C ALA A 18 -9.54 -5.72 -1.26
N ALA A 19 -8.30 -5.30 -1.42
CA ALA A 19 -7.33 -6.06 -2.22
C ALA A 19 -7.02 -7.41 -1.58
N GLU A 20 -6.80 -7.42 -0.27
CA GLU A 20 -6.49 -8.66 0.44
C GLU A 20 -7.66 -9.62 0.33
N LEU A 21 -8.86 -9.07 0.48
CA LEU A 21 -10.07 -9.88 0.39
C LEU A 21 -10.24 -10.52 -0.98
N GLU A 22 -10.00 -9.79 -2.06
CA GLU A 22 -10.15 -10.40 -3.39
C GLU A 22 -8.99 -11.35 -3.69
N MET A 23 -7.80 -11.07 -3.17
CA MET A 23 -6.66 -11.99 -3.34
C MET A 23 -7.02 -13.32 -2.67
N THR A 24 -7.64 -13.23 -1.51
CA THR A 24 -8.07 -14.41 -0.76
C THR A 24 -9.04 -15.25 -1.59
N ARG A 25 -9.86 -14.61 -2.41
CA ARG A 25 -10.82 -15.35 -3.25
C ARG A 25 -10.07 -16.21 -4.26
N GLN A 26 -9.06 -15.63 -4.89
CA GLN A 26 -8.29 -16.37 -5.89
C GLN A 26 -7.58 -17.53 -5.20
N VAL A 27 -7.01 -17.22 -4.05
CA VAL A 27 -6.27 -18.19 -3.22
C VAL A 27 -7.15 -19.36 -2.75
N LEU A 28 -8.38 -19.09 -2.34
CA LEU A 28 -9.27 -20.14 -1.83
C LEU A 28 -9.73 -21.11 -2.90
N HIS A 29 -9.84 -20.64 -4.14
CA HIS A 29 -10.28 -21.49 -5.23
C HIS A 29 -9.10 -22.14 -5.93
N ALA A 30 -8.13 -21.31 -6.33
CA ALA A 30 -6.88 -21.72 -6.97
C ALA A 30 -7.03 -22.86 -8.01
N GLY A 31 -8.09 -22.82 -8.80
CA GLY A 31 -8.34 -23.84 -9.81
C GLY A 31 -7.36 -23.76 -10.97
N ALA A 32 -6.72 -22.62 -11.08
CA ALA A 32 -5.70 -22.37 -12.09
C ALA A 32 -4.87 -21.26 -11.45
N ARG A 33 -3.69 -21.05 -11.98
CA ARG A 33 -2.76 -20.05 -11.45
C ARG A 33 -3.11 -18.63 -11.85
N GLN A 34 -3.86 -18.50 -12.94
CA GLN A 34 -4.19 -17.19 -13.53
C GLN A 34 -2.89 -16.44 -13.91
N ASP A 35 -1.95 -17.16 -14.50
CA ASP A 35 -0.66 -16.56 -14.91
C ASP A 35 -0.91 -15.41 -15.88
N ASP A 36 -1.85 -15.66 -16.79
CA ASP A 36 -2.28 -14.69 -17.80
C ASP A 36 -3.62 -15.21 -18.32
N ALA A 37 -4.56 -15.36 -17.40
CA ALA A 37 -5.88 -15.92 -17.72
C ALA A 37 -6.96 -14.95 -17.28
N GLU A 38 -6.59 -13.68 -17.20
CA GLU A 38 -7.51 -12.64 -16.74
C GLU A 38 -7.85 -11.67 -17.88
N PRO A 39 -8.98 -10.94 -17.77
CA PRO A 39 -9.41 -10.08 -18.87
C PRO A 39 -8.72 -8.71 -18.98
N GLY A 40 -7.65 -8.52 -18.25
CA GLY A 40 -6.95 -7.24 -18.27
C GLY A 40 -7.73 -6.20 -17.50
N VAL A 41 -8.27 -6.64 -16.37
CA VAL A 41 -9.10 -5.80 -15.51
C VAL A 41 -8.27 -4.60 -15.00
N SER A 42 -8.94 -3.46 -14.85
CA SER A 42 -8.32 -2.23 -14.34
C SER A 42 -7.06 -1.78 -15.11
N GLY A 43 -7.05 -2.04 -16.42
CA GLY A 43 -5.92 -1.66 -17.27
C GLY A 43 -5.77 -0.17 -17.56
N ALA A 44 -5.55 0.62 -16.53
CA ALA A 44 -5.33 2.06 -16.66
C ALA A 44 -4.24 2.47 -15.67
N SER A 45 -3.30 3.30 -16.12
CA SER A 45 -2.20 3.70 -15.25
C SER A 45 -2.66 4.72 -14.21
N ALA A 46 -2.64 4.30 -12.95
CA ALA A 46 -2.97 5.18 -11.84
C ALA A 46 -2.03 6.35 -11.88
N HIS A 47 -2.54 7.54 -11.64
CA HIS A 47 -1.73 8.74 -11.61
C HIS A 47 -1.52 9.22 -10.18
N TRP A 48 -2.60 9.59 -9.50
CA TRP A 48 -2.53 10.03 -8.11
C TRP A 48 -2.03 8.91 -7.21
N GLY A 49 -2.34 7.68 -7.60
CA GLY A 49 -1.90 6.51 -6.83
C GLY A 49 -0.38 6.42 -6.77
N GLN A 50 0.29 6.87 -7.82
CA GLN A 50 1.75 6.83 -7.86
C GLN A 50 2.32 7.80 -6.84
N ARG A 51 1.62 8.90 -6.63
CA ARG A 51 2.08 9.92 -5.68
C ARG A 51 1.85 9.42 -4.26
N ALA A 52 0.81 8.61 -4.08
CA ALA A 52 0.56 8.01 -2.79
C ALA A 52 1.61 6.93 -2.52
N LEU A 53 1.87 6.06 -3.49
CA LEU A 53 2.83 4.98 -3.31
C LEU A 53 4.25 5.50 -3.13
N GLN A 54 4.62 6.59 -3.80
CA GLN A 54 5.97 7.13 -3.61
C GLN A 54 6.13 7.64 -2.16
N GLY A 55 5.03 8.02 -1.54
CA GLY A 55 5.06 8.40 -0.14
C GLY A 55 5.15 7.14 0.68
N ALA A 56 4.37 6.12 0.32
CA ALA A 56 4.38 4.84 1.01
C ALA A 56 5.80 4.25 1.08
N GLN A 57 6.55 4.37 -0.01
CA GLN A 57 7.92 3.87 -0.05
C GLN A 57 8.81 4.59 0.97
N ALA A 58 8.68 5.90 1.02
CA ALA A 58 9.51 6.72 1.92
C ALA A 58 9.14 6.45 3.39
N VAL A 59 7.85 6.41 3.68
CA VAL A 59 7.41 6.18 5.05
C VAL A 59 7.70 4.75 5.48
N ALA A 60 7.76 3.81 4.54
CA ALA A 60 8.04 2.42 4.89
C ALA A 60 9.36 2.30 5.65
N ALA A 61 10.33 3.16 5.32
CA ALA A 61 11.62 3.16 6.02
C ALA A 61 11.43 3.62 7.46
N ALA A 62 10.52 4.56 7.67
CA ALA A 62 10.21 5.04 9.01
C ALA A 62 9.39 3.99 9.78
N GLN A 63 8.55 3.24 9.10
CA GLN A 63 7.68 2.27 9.75
C GLN A 63 8.45 1.07 10.26
N ARG A 64 9.32 0.53 9.43
CA ARG A 64 10.15 -0.61 9.83
C ARG A 64 11.03 -0.18 11.00
N LEU A 65 11.35 1.10 11.06
CA LEU A 65 12.13 1.67 12.14
C LEU A 65 11.29 1.82 13.42
N VAL A 66 10.13 2.46 13.36
CA VAL A 66 9.34 2.70 14.57
C VAL A 66 8.91 1.38 15.17
N HIS A 67 8.61 0.42 14.32
CA HIS A 67 8.23 -0.90 14.77
C HIS A 67 9.37 -1.55 15.53
N ALA A 68 10.61 -1.33 15.11
CA ALA A 68 11.74 -1.94 15.79
C ALA A 68 11.76 -1.50 17.26
N ILE A 69 11.56 -0.21 17.51
CA ILE A 69 11.56 0.29 18.89
C ILE A 69 10.31 -0.20 19.63
N ALA A 70 9.20 -0.30 18.92
CA ALA A 70 7.95 -0.76 19.53
C ALA A 70 8.14 -2.16 20.11
N LEU A 71 9.07 -2.92 19.53
CA LEU A 71 9.37 -4.26 20.04
C LEU A 71 10.23 -4.13 21.27
N MET A 72 11.22 -3.27 21.22
CA MET A 72 12.10 -3.07 22.36
C MET A 72 11.34 -2.59 23.58
N THR A 73 10.25 -1.87 23.34
CA THR A 73 9.49 -1.28 24.45
C THR A 73 8.62 -2.31 25.15
N GLN A 74 8.44 -3.46 24.53
CA GLN A 74 7.70 -4.56 25.16
C GLN A 74 8.66 -5.69 25.56
N PHE A 75 9.70 -5.92 24.78
CA PHE A 75 10.68 -6.96 25.09
C PHE A 75 11.45 -6.60 26.35
N GLY A 76 11.61 -5.30 26.61
CA GLY A 76 12.30 -4.85 27.80
C GLY A 76 11.60 -5.20 29.10
N ARG A 77 10.36 -5.65 29.02
CA ARG A 77 9.61 -6.10 30.20
C ARG A 77 8.87 -7.39 29.89
N ALA A 78 9.37 -8.15 28.94
CA ALA A 78 8.73 -9.41 28.56
C ALA A 78 9.18 -10.51 29.53
N GLY A 79 8.28 -11.42 29.84
CA GLY A 79 8.61 -12.54 30.72
C GLY A 79 9.30 -13.67 29.98
N SER A 80 9.54 -13.44 28.68
CA SER A 80 10.18 -14.43 27.79
C SER A 80 9.43 -15.76 27.74
N GLY A 1 -30.75 -9.32 -57.54
CA GLY A 1 -30.79 -10.80 -57.47
C GLY A 1 -31.61 -11.27 -56.29
N SER A 2 -32.31 -10.27 -55.73
CA SER A 2 -33.16 -10.49 -54.56
C SER A 2 -34.39 -11.29 -54.97
N ARG A 3 -35.03 -11.92 -53.98
CA ARG A 3 -36.20 -12.76 -54.22
C ARG A 3 -37.45 -11.90 -54.24
N SER A 4 -37.45 -10.84 -53.44
CA SER A 4 -38.56 -9.92 -53.33
C SER A 4 -37.98 -8.60 -52.86
N PHE A 5 -38.71 -7.51 -53.04
CA PHE A 5 -38.23 -6.19 -52.60
C PHE A 5 -39.31 -5.37 -51.87
N SER A 6 -40.58 -5.72 -52.08
CA SER A 6 -41.74 -5.02 -51.49
C SER A 6 -41.88 -3.54 -51.83
N LEU A 7 -43.12 -3.12 -51.94
CA LEU A 7 -43.43 -1.76 -52.33
C LEU A 7 -43.24 -0.79 -51.17
N GLY A 8 -43.34 -1.30 -49.96
CA GLY A 8 -43.16 -0.44 -48.79
C GLY A 8 -41.70 -0.34 -48.43
N GLU A 9 -41.02 -1.48 -48.43
CA GLU A 9 -39.60 -1.54 -48.04
C GLU A 9 -38.72 -0.75 -48.99
N VAL A 10 -39.16 -0.54 -50.23
CA VAL A 10 -38.43 0.30 -51.19
C VAL A 10 -38.23 1.72 -50.62
N SER A 11 -39.20 2.20 -49.85
CA SER A 11 -39.09 3.54 -49.27
C SER A 11 -38.01 3.57 -48.19
N ASP A 12 -37.95 2.50 -47.42
CA ASP A 12 -36.98 2.39 -46.33
C ASP A 12 -35.61 2.11 -46.91
N MET A 13 -35.59 1.42 -48.04
CA MET A 13 -34.36 1.11 -48.75
C MET A 13 -33.70 2.40 -49.19
N ALA A 14 -34.50 3.31 -49.73
CA ALA A 14 -33.95 4.57 -50.20
C ALA A 14 -33.35 5.37 -49.03
N ALA A 15 -33.96 5.24 -47.86
CA ALA A 15 -33.49 5.94 -46.67
C ALA A 15 -32.16 5.37 -46.17
N VAL A 16 -32.05 4.05 -46.11
CA VAL A 16 -30.81 3.42 -45.62
C VAL A 16 -29.69 3.57 -46.64
N GLU A 17 -30.04 3.58 -47.91
CA GLU A 17 -29.07 3.82 -48.99
C GLU A 17 -28.44 5.20 -48.75
N ALA A 18 -29.25 6.18 -48.40
CA ALA A 18 -28.73 7.52 -48.13
C ALA A 18 -27.88 7.52 -46.85
N ALA A 19 -28.28 6.73 -45.86
CA ALA A 19 -27.53 6.65 -44.60
C ALA A 19 -26.13 6.07 -44.84
N GLU A 20 -26.03 5.02 -45.64
CA GLU A 20 -24.74 4.40 -45.95
C GLU A 20 -23.85 5.43 -46.63
N LEU A 21 -24.45 6.12 -47.59
CA LEU A 21 -23.71 7.14 -48.34
C LEU A 21 -23.23 8.28 -47.44
N GLU A 22 -24.05 8.77 -46.52
CA GLU A 22 -23.59 9.86 -45.66
C GLU A 22 -22.59 9.38 -44.61
N MET A 23 -22.73 8.16 -44.10
CA MET A 23 -21.76 7.62 -43.14
C MET A 23 -20.39 7.56 -43.79
N THR A 24 -20.37 7.16 -45.06
CA THR A 24 -19.13 7.08 -45.83
C THR A 24 -18.38 8.42 -45.84
N ARG A 25 -19.11 9.52 -45.72
CA ARG A 25 -18.48 10.85 -45.74
C ARG A 25 -17.65 11.08 -44.49
N GLN A 26 -18.17 10.71 -43.33
CA GLN A 26 -17.41 10.90 -42.09
C GLN A 26 -16.28 9.87 -42.07
N VAL A 27 -16.61 8.67 -42.52
CA VAL A 27 -15.66 7.55 -42.55
C VAL A 27 -14.39 7.88 -43.35
N LEU A 28 -14.54 8.55 -44.49
CA LEU A 28 -13.39 8.89 -45.32
C LEU A 28 -12.56 10.05 -44.77
N HIS A 29 -13.04 10.71 -43.73
CA HIS A 29 -12.31 11.82 -43.11
C HIS A 29 -11.84 11.44 -41.70
N ALA A 30 -12.26 10.28 -41.23
CA ALA A 30 -11.93 9.84 -39.88
C ALA A 30 -10.64 9.03 -39.84
N GLY A 31 -9.89 9.16 -38.77
CA GLY A 31 -8.65 8.41 -38.59
C GLY A 31 -8.83 7.24 -37.66
N ALA A 32 -10.08 6.95 -37.31
CA ALA A 32 -10.43 5.88 -36.40
C ALA A 32 -11.90 5.60 -36.68
N ARG A 33 -12.38 4.46 -36.24
CA ARG A 33 -13.79 4.07 -36.43
C ARG A 33 -14.76 5.04 -35.73
N GLN A 34 -14.34 5.59 -34.61
CA GLN A 34 -15.15 6.52 -33.79
C GLN A 34 -16.53 5.98 -33.43
N ASP A 35 -16.65 4.66 -33.39
CA ASP A 35 -17.89 3.95 -33.05
C ASP A 35 -18.36 4.36 -31.65
N ASP A 36 -17.39 4.51 -30.76
CA ASP A 36 -17.62 4.96 -29.38
C ASP A 36 -16.29 5.54 -28.89
N ALA A 37 -15.55 6.08 -29.86
CA ALA A 37 -14.20 6.61 -29.63
C ALA A 37 -13.33 5.65 -28.77
N GLU A 38 -13.38 4.36 -29.11
CA GLU A 38 -12.69 3.35 -28.32
C GLU A 38 -11.17 3.59 -28.20
N PRO A 39 -10.58 3.27 -27.03
CA PRO A 39 -9.14 3.47 -26.89
C PRO A 39 -8.32 2.34 -27.52
N GLY A 40 -7.03 2.60 -27.68
CA GLY A 40 -6.10 1.60 -28.17
C GLY A 40 -5.53 0.84 -26.99
N VAL A 41 -4.23 0.55 -27.06
CA VAL A 41 -3.55 -0.15 -25.96
C VAL A 41 -3.73 0.69 -24.67
N SER A 42 -4.02 0.01 -23.58
CA SER A 42 -4.27 0.69 -22.31
C SER A 42 -2.99 1.37 -21.82
N GLY A 43 -3.11 2.62 -21.38
CA GLY A 43 -1.96 3.37 -20.91
C GLY A 43 -1.40 2.87 -19.59
N ALA A 44 -2.21 2.14 -18.83
CA ALA A 44 -1.82 1.56 -17.54
C ALA A 44 -1.07 2.53 -16.61
N SER A 45 -1.48 3.80 -16.64
CA SER A 45 -0.78 4.84 -15.89
C SER A 45 -1.74 5.62 -14.99
N ALA A 46 -1.15 6.33 -14.04
CA ALA A 46 -1.90 7.12 -13.07
C ALA A 46 -0.96 8.25 -12.68
N HIS A 47 -1.48 9.32 -12.09
CA HIS A 47 -0.62 10.43 -11.65
C HIS A 47 -0.46 10.42 -10.13
N TRP A 48 -1.52 10.78 -9.41
CA TRP A 48 -1.46 10.88 -7.96
C TRP A 48 -1.17 9.58 -7.25
N GLY A 49 -1.62 8.49 -7.85
CA GLY A 49 -1.37 7.18 -7.31
C GLY A 49 0.11 6.87 -7.24
N GLN A 50 0.89 7.37 -8.20
CA GLN A 50 2.32 7.14 -8.20
C GLN A 50 2.94 7.89 -7.04
N ARG A 51 2.51 9.13 -6.85
CA ARG A 51 3.06 9.96 -5.77
C ARG A 51 2.72 9.34 -4.43
N ALA A 52 1.54 8.76 -4.33
CA ALA A 52 1.10 8.11 -3.10
C ALA A 52 1.99 6.90 -2.82
N LEU A 53 2.27 6.08 -3.83
CA LEU A 53 3.13 4.91 -3.61
C LEU A 53 4.54 5.36 -3.27
N GLN A 54 5.05 6.42 -3.89
CA GLN A 54 6.38 6.92 -3.57
C GLN A 54 6.44 7.36 -2.11
N GLY A 55 5.35 7.91 -1.62
CA GLY A 55 5.27 8.29 -0.23
C GLY A 55 5.28 7.05 0.62
N ALA A 56 4.49 6.05 0.24
CA ALA A 56 4.42 4.77 0.96
C ALA A 56 5.81 4.13 1.09
N GLN A 57 6.62 4.23 0.06
CA GLN A 57 7.98 3.67 0.11
C GLN A 57 8.85 4.44 1.09
N ALA A 58 8.76 5.77 1.06
CA ALA A 58 9.56 6.62 1.93
C ALA A 58 9.18 6.40 3.39
N VAL A 59 7.88 6.36 3.67
CA VAL A 59 7.41 6.17 5.03
C VAL A 59 7.69 4.75 5.50
N ALA A 60 7.77 3.79 4.58
CA ALA A 60 8.05 2.40 4.97
C ALA A 60 9.38 2.30 5.71
N ALA A 61 10.35 3.13 5.35
CA ALA A 61 11.64 3.14 6.04
C ALA A 61 11.44 3.60 7.49
N ALA A 62 10.55 4.56 7.69
CA ALA A 62 10.22 5.03 9.03
C ALA A 62 9.40 3.98 9.79
N GLN A 63 8.52 3.27 9.09
CA GLN A 63 7.67 2.27 9.73
C GLN A 63 8.47 1.08 10.24
N ARG A 64 9.37 0.56 9.41
CA ARG A 64 10.20 -0.57 9.84
C ARG A 64 11.06 -0.16 11.02
N LEU A 65 11.36 1.13 11.08
CA LEU A 65 12.13 1.69 12.17
C LEU A 65 11.28 1.83 13.44
N VAL A 66 10.11 2.46 13.37
CA VAL A 66 9.31 2.69 14.58
C VAL A 66 8.88 1.36 15.17
N HIS A 67 8.58 0.41 14.31
CA HIS A 67 8.16 -0.90 14.76
C HIS A 67 9.31 -1.58 15.50
N ALA A 68 10.55 -1.33 15.09
CA ALA A 68 11.69 -1.96 15.76
C ALA A 68 11.75 -1.51 17.22
N ILE A 69 11.55 -0.22 17.46
CA ILE A 69 11.61 0.30 18.84
C ILE A 69 10.40 -0.17 19.61
N ALA A 70 9.25 -0.28 18.94
CA ALA A 70 8.03 -0.74 19.58
C ALA A 70 8.25 -2.13 20.19
N LEU A 71 9.19 -2.87 19.63
CA LEU A 71 9.52 -4.20 20.16
C LEU A 71 10.46 -4.05 21.33
N MET A 72 11.44 -3.17 21.19
CA MET A 72 12.41 -2.96 22.26
C MET A 72 11.74 -2.45 23.52
N THR A 73 10.63 -1.76 23.36
CA THR A 73 9.96 -1.15 24.51
C THR A 73 9.13 -2.16 25.28
N GLN A 74 8.86 -3.31 24.66
CA GLN A 74 8.13 -4.38 25.33
C GLN A 74 9.08 -5.52 25.72
N PHE A 75 10.11 -5.79 24.94
CA PHE A 75 11.06 -6.83 25.27
C PHE A 75 11.98 -6.35 26.39
N GLY A 76 12.25 -5.05 26.42
CA GLY A 76 13.12 -4.49 27.45
C GLY A 76 12.49 -4.46 28.83
N ARG A 77 11.24 -4.89 28.94
CA ARG A 77 10.56 -4.95 30.24
C ARG A 77 11.04 -6.15 31.04
N ALA A 78 11.69 -7.08 30.35
CA ALA A 78 12.24 -8.31 30.94
C ALA A 78 11.25 -9.05 31.86
N GLY A 79 9.97 -9.03 31.51
CA GLY A 79 8.94 -9.64 32.33
C GLY A 79 8.85 -11.15 32.18
N SER A 80 9.92 -11.85 32.56
CA SER A 80 10.00 -13.33 32.49
C SER A 80 11.00 -13.89 33.48
N GLY A 1 -24.27 -10.96 -13.12
CA GLY A 1 -23.37 -10.02 -13.84
C GLY A 1 -23.51 -8.57 -13.35
N SER A 2 -23.08 -7.64 -14.22
CA SER A 2 -23.17 -6.22 -13.92
C SER A 2 -24.65 -5.84 -13.87
N ARG A 3 -25.04 -5.07 -12.87
CA ARG A 3 -26.44 -4.71 -12.67
C ARG A 3 -26.49 -3.42 -11.86
N SER A 4 -27.66 -2.79 -11.84
CA SER A 4 -27.86 -1.60 -11.03
C SER A 4 -28.14 -2.08 -9.61
N PHE A 5 -27.96 -1.21 -8.64
CA PHE A 5 -28.16 -1.55 -7.23
C PHE A 5 -28.96 -0.44 -6.57
N SER A 6 -29.40 -0.68 -5.35
CA SER A 6 -30.07 0.34 -4.56
C SER A 6 -29.13 0.59 -3.42
N LEU A 7 -29.26 1.76 -2.82
CA LEU A 7 -28.34 2.18 -1.78
C LEU A 7 -28.57 1.41 -0.48
N GLY A 8 -29.70 0.73 -0.38
CA GLY A 8 -29.95 -0.09 0.79
C GLY A 8 -29.00 -1.27 0.81
N GLU A 9 -28.80 -1.88 -0.36
CA GLU A 9 -27.90 -3.03 -0.48
C GLU A 9 -26.49 -2.57 -0.16
N VAL A 10 -26.12 -1.41 -0.67
CA VAL A 10 -24.78 -0.86 -0.49
C VAL A 10 -24.52 -0.52 0.98
N SER A 11 -25.55 -0.09 1.70
CA SER A 11 -25.38 0.25 3.10
C SER A 11 -25.02 -0.97 3.93
N ASP A 12 -25.66 -2.10 3.67
CA ASP A 12 -25.37 -3.32 4.41
C ASP A 12 -24.06 -3.92 3.93
N MET A 13 -23.80 -3.75 2.64
CA MET A 13 -22.55 -4.23 2.04
C MET A 13 -21.37 -3.50 2.69
N ALA A 14 -21.51 -2.20 2.89
CA ALA A 14 -20.44 -1.42 3.51
C ALA A 14 -20.28 -1.82 4.98
N ALA A 15 -21.39 -2.18 5.63
CA ALA A 15 -21.35 -2.58 7.02
C ALA A 15 -20.57 -3.89 7.20
N VAL A 16 -20.87 -4.88 6.36
CA VAL A 16 -20.19 -6.16 6.46
C VAL A 16 -18.74 -6.04 6.01
N GLU A 17 -18.48 -5.20 5.03
CA GLU A 17 -17.11 -4.94 4.59
C GLU A 17 -16.29 -4.38 5.76
N ALA A 18 -16.86 -3.44 6.49
CA ALA A 18 -16.18 -2.86 7.64
C ALA A 18 -15.99 -3.91 8.74
N ALA A 19 -16.99 -4.77 8.91
CA ALA A 19 -16.94 -5.82 9.91
C ALA A 19 -15.81 -6.81 9.59
N GLU A 20 -15.65 -7.16 8.33
CA GLU A 20 -14.58 -8.08 7.94
C GLU A 20 -13.23 -7.43 8.19
N LEU A 21 -13.13 -6.17 7.82
CA LEU A 21 -11.87 -5.43 7.99
C LEU A 21 -11.45 -5.44 9.45
N GLU A 22 -12.35 -5.18 10.39
CA GLU A 22 -11.98 -5.22 11.80
C GLU A 22 -11.85 -6.64 12.35
N MET A 23 -12.71 -7.58 11.96
CA MET A 23 -12.69 -8.92 12.56
C MET A 23 -11.41 -9.65 12.28
N THR A 24 -10.88 -9.49 11.08
CA THR A 24 -9.71 -10.24 10.67
C THR A 24 -8.52 -10.00 11.61
N ARG A 25 -8.47 -8.83 12.21
CA ARG A 25 -7.37 -8.46 13.11
C ARG A 25 -7.40 -9.36 14.35
N GLN A 26 -8.59 -9.52 14.93
CA GLN A 26 -8.75 -10.39 16.09
C GLN A 26 -8.63 -11.85 15.69
N VAL A 27 -9.24 -12.18 14.55
CA VAL A 27 -9.32 -13.55 14.03
C VAL A 27 -7.96 -14.21 13.85
N LEU A 28 -6.99 -13.48 13.31
CA LEU A 28 -5.65 -14.04 13.08
C LEU A 28 -4.94 -14.39 14.38
N HIS A 29 -5.24 -13.67 15.45
CA HIS A 29 -4.63 -13.92 16.75
C HIS A 29 -5.45 -14.90 17.59
N ALA A 30 -6.65 -15.22 17.13
CA ALA A 30 -7.55 -16.12 17.84
C ALA A 30 -7.63 -17.50 17.17
N GLY A 31 -6.83 -17.67 16.12
CA GLY A 31 -6.86 -18.93 15.38
C GLY A 31 -6.54 -18.70 13.92
N ALA A 32 -7.48 -19.07 13.05
CA ALA A 32 -7.38 -18.94 11.61
C ALA A 32 -6.32 -19.84 10.99
N ARG A 33 -6.50 -20.03 9.70
CA ARG A 33 -5.59 -20.77 8.84
C ARG A 33 -4.92 -19.73 7.99
N GLN A 34 -3.74 -20.04 7.48
CA GLN A 34 -2.97 -19.09 6.68
C GLN A 34 -2.33 -19.86 5.54
N ASP A 35 -2.94 -20.98 5.23
CA ASP A 35 -2.48 -21.90 4.19
C ASP A 35 -2.80 -21.34 2.80
N ASP A 36 -3.74 -20.41 2.77
CA ASP A 36 -4.19 -19.74 1.54
C ASP A 36 -4.65 -18.36 1.97
N ALA A 37 -3.69 -17.45 2.07
CA ALA A 37 -3.97 -16.08 2.47
C ALA A 37 -3.29 -15.07 1.52
N GLU A 38 -3.27 -15.37 0.23
CA GLU A 38 -2.63 -14.47 -0.74
C GLU A 38 -3.60 -13.36 -1.21
N PRO A 39 -3.20 -12.07 -1.07
CA PRO A 39 -4.08 -10.96 -1.43
C PRO A 39 -4.18 -10.61 -2.92
N GLY A 40 -5.35 -10.87 -3.49
CA GLY A 40 -5.62 -10.53 -4.89
C GLY A 40 -5.99 -9.08 -5.14
N VAL A 41 -5.19 -8.16 -4.59
CA VAL A 41 -5.48 -6.71 -4.67
C VAL A 41 -5.58 -6.16 -6.11
N SER A 42 -4.86 -6.76 -7.05
CA SER A 42 -4.93 -6.37 -8.47
C SER A 42 -4.65 -4.86 -8.69
N GLY A 43 -5.37 -4.25 -9.63
CA GLY A 43 -5.24 -2.82 -9.89
C GLY A 43 -4.22 -2.47 -10.95
N ALA A 44 -2.97 -2.31 -10.54
CA ALA A 44 -1.86 -1.93 -11.42
C ALA A 44 -2.16 -0.60 -12.18
N SER A 45 -1.54 -0.44 -13.35
CA SER A 45 -1.73 0.74 -14.22
C SER A 45 -1.61 2.10 -13.53
N ALA A 46 -0.77 2.19 -12.52
CA ALA A 46 -0.60 3.41 -11.76
C ALA A 46 0.17 4.47 -12.52
N HIS A 47 -0.50 5.59 -12.75
CA HIS A 47 0.14 6.75 -13.36
C HIS A 47 0.47 7.76 -12.27
N TRP A 48 -0.52 8.49 -11.79
CA TRP A 48 -0.33 9.44 -10.69
C TRP A 48 0.02 8.69 -9.42
N GLY A 49 -0.46 7.45 -9.36
CA GLY A 49 -0.19 6.55 -8.25
C GLY A 49 1.29 6.37 -7.96
N GLN A 50 2.14 6.48 -8.99
CA GLN A 50 3.58 6.31 -8.80
C GLN A 50 4.14 7.28 -7.79
N ARG A 51 3.63 8.50 -7.77
CA ARG A 51 4.13 9.51 -6.84
C ARG A 51 3.71 9.16 -5.42
N ALA A 52 2.54 8.57 -5.29
CA ALA A 52 2.04 8.17 -3.98
C ALA A 52 2.83 6.96 -3.49
N LEU A 53 3.01 5.97 -4.35
CA LEU A 53 3.71 4.74 -3.97
C LEU A 53 5.16 5.01 -3.68
N GLN A 54 5.81 5.92 -4.40
CA GLN A 54 7.21 6.21 -4.11
C GLN A 54 7.35 6.85 -2.73
N GLY A 55 6.31 7.53 -2.28
CA GLY A 55 6.29 8.07 -0.93
C GLY A 55 6.10 6.92 0.03
N ALA A 56 5.19 6.00 -0.30
CA ALA A 56 4.91 4.83 0.53
C ALA A 56 6.19 4.03 0.82
N GLN A 57 7.05 3.89 -0.18
CA GLN A 57 8.31 3.18 0.00
C GLN A 57 9.24 3.91 0.96
N ALA A 58 9.31 5.23 0.82
CA ALA A 58 10.19 6.04 1.67
C ALA A 58 9.70 6.02 3.13
N VAL A 59 8.40 6.18 3.32
CA VAL A 59 7.85 6.19 4.67
C VAL A 59 7.95 4.80 5.29
N ALA A 60 7.89 3.75 4.47
CA ALA A 60 7.99 2.38 4.99
C ALA A 60 9.29 2.17 5.76
N ALA A 61 10.35 2.86 5.37
CA ALA A 61 11.63 2.77 6.08
C ALA A 61 11.45 3.31 7.51
N ALA A 62 10.68 4.38 7.66
CA ALA A 62 10.38 4.95 8.97
C ALA A 62 9.43 4.04 9.76
N GLN A 63 8.49 3.40 9.07
CA GLN A 63 7.53 2.53 9.73
C GLN A 63 8.20 1.28 10.29
N ARG A 64 9.08 0.67 9.53
CA ARG A 64 9.80 -0.51 10.04
C ARG A 64 10.73 -0.09 11.18
N LEU A 65 11.15 1.17 11.15
CA LEU A 65 11.99 1.73 12.20
C LEU A 65 11.20 1.91 13.48
N VAL A 66 10.02 2.53 13.42
CA VAL A 66 9.24 2.76 14.64
C VAL A 66 8.84 1.42 15.24
N HIS A 67 8.54 0.48 14.36
CA HIS A 67 8.20 -0.86 14.78
C HIS A 67 9.38 -1.51 15.49
N ALA A 68 10.59 -1.24 15.05
CA ALA A 68 11.76 -1.83 15.68
C ALA A 68 11.82 -1.46 17.16
N ILE A 69 11.58 -0.20 17.48
CA ILE A 69 11.63 0.23 18.88
C ILE A 69 10.45 -0.35 19.63
N ALA A 70 9.32 -0.47 18.96
CA ALA A 70 8.12 -1.03 19.57
C ALA A 70 8.43 -2.47 20.05
N LEU A 71 9.36 -3.13 19.37
CA LEU A 71 9.78 -4.47 19.77
C LEU A 71 10.74 -4.40 20.92
N MET A 72 11.69 -3.48 20.85
CA MET A 72 12.67 -3.32 21.92
C MET A 72 12.01 -3.01 23.24
N THR A 73 10.86 -2.37 23.18
CA THR A 73 10.20 -1.93 24.41
C THR A 73 9.45 -3.06 25.08
N GLN A 74 9.25 -4.15 24.37
CA GLN A 74 8.66 -5.35 24.94
C GLN A 74 9.71 -6.44 25.15
N PHE A 75 10.69 -6.55 24.26
CA PHE A 75 11.74 -7.55 24.39
C PHE A 75 12.61 -7.24 25.60
N GLY A 76 12.83 -5.96 25.87
CA GLY A 76 13.64 -5.56 27.02
C GLY A 76 12.96 -5.87 28.35
N ARG A 77 11.70 -6.27 28.30
CA ARG A 77 10.95 -6.62 29.51
C ARG A 77 10.42 -8.05 29.41
N ALA A 78 10.86 -8.80 28.41
CA ALA A 78 10.39 -10.17 28.22
C ALA A 78 10.88 -11.08 29.35
N GLY A 79 12.03 -10.72 29.92
CA GLY A 79 12.59 -11.48 31.03
C GLY A 79 12.13 -10.95 32.38
N SER A 80 11.03 -10.20 32.40
CA SER A 80 10.52 -9.59 33.63
C SER A 80 9.02 -9.27 33.54
N GLY A 1 1.46 -47.61 -0.23
CA GLY A 1 2.50 -47.04 -1.12
C GLY A 1 1.93 -46.15 -2.21
N SER A 2 2.73 -45.94 -3.26
CA SER A 2 2.36 -45.12 -4.42
C SER A 2 3.27 -45.42 -5.60
N ARG A 3 4.58 -45.34 -5.37
CA ARG A 3 5.54 -45.67 -6.44
C ARG A 3 5.71 -47.19 -6.50
N SER A 4 5.63 -47.82 -5.33
CA SER A 4 5.64 -49.27 -5.24
C SER A 4 4.19 -49.71 -5.33
N PHE A 5 3.95 -50.88 -5.93
CA PHE A 5 2.60 -51.41 -6.08
C PHE A 5 2.65 -52.93 -5.97
N SER A 6 1.56 -53.53 -5.53
CA SER A 6 1.49 -54.99 -5.34
C SER A 6 1.00 -55.75 -6.57
N LEU A 7 1.34 -55.21 -7.74
CA LEU A 7 1.04 -55.80 -9.07
C LEU A 7 -0.43 -55.95 -9.47
N GLY A 8 -1.24 -56.61 -8.65
CA GLY A 8 -2.66 -56.76 -8.97
C GLY A 8 -3.35 -55.41 -8.94
N GLU A 9 -2.78 -54.51 -8.17
CA GLU A 9 -3.26 -53.14 -8.04
C GLU A 9 -3.15 -52.39 -9.36
N VAL A 10 -2.18 -52.76 -10.19
CA VAL A 10 -1.98 -52.08 -11.47
C VAL A 10 -3.13 -52.41 -12.42
N SER A 11 -3.74 -53.57 -12.26
CA SER A 11 -4.88 -53.94 -13.10
C SER A 11 -6.06 -53.03 -12.78
N ASP A 12 -6.23 -52.70 -11.51
CA ASP A 12 -7.30 -51.82 -11.07
C ASP A 12 -6.96 -50.38 -11.45
N MET A 13 -5.68 -50.07 -11.43
CA MET A 13 -5.18 -48.73 -11.77
C MET A 13 -5.56 -48.37 -13.21
N ALA A 14 -5.55 -49.37 -14.09
CA ALA A 14 -5.93 -49.14 -15.48
C ALA A 14 -7.41 -48.70 -15.57
N ALA A 15 -8.23 -49.17 -14.66
CA ALA A 15 -9.65 -48.80 -14.63
C ALA A 15 -9.75 -47.35 -14.13
N VAL A 16 -8.91 -46.98 -13.18
CA VAL A 16 -8.89 -45.62 -12.64
C VAL A 16 -8.46 -44.66 -13.74
N GLU A 17 -7.46 -45.04 -14.52
CA GLU A 17 -7.00 -44.20 -15.63
C GLU A 17 -8.15 -43.93 -16.62
N ALA A 18 -8.90 -44.97 -16.94
CA ALA A 18 -10.05 -44.82 -17.84
C ALA A 18 -11.12 -43.93 -17.20
N ALA A 19 -11.31 -44.08 -15.90
CA ALA A 19 -12.30 -43.30 -15.16
C ALA A 19 -11.91 -41.83 -15.14
N GLU A 20 -10.65 -41.51 -14.94
CA GLU A 20 -10.18 -40.12 -14.88
C GLU A 20 -10.45 -39.43 -16.20
N LEU A 21 -10.21 -40.15 -17.28
CA LEU A 21 -10.45 -39.61 -18.62
C LEU A 21 -11.93 -39.23 -18.79
N GLU A 22 -12.85 -40.07 -18.37
CA GLU A 22 -14.27 -39.71 -18.46
C GLU A 22 -14.66 -38.67 -17.41
N MET A 23 -14.00 -38.69 -16.25
CA MET A 23 -14.27 -37.71 -15.20
C MET A 23 -13.93 -36.31 -15.70
N THR A 24 -12.81 -36.19 -16.40
CA THR A 24 -12.37 -34.89 -16.91
C THR A 24 -13.41 -34.29 -17.86
N ARG A 25 -13.95 -35.09 -18.77
CA ARG A 25 -14.95 -34.56 -19.71
C ARG A 25 -16.25 -34.27 -18.98
N GLN A 26 -16.48 -34.92 -17.84
CA GLN A 26 -17.66 -34.63 -17.02
C GLN A 26 -17.54 -33.31 -16.26
N VAL A 27 -16.41 -33.10 -15.58
CA VAL A 27 -16.21 -31.90 -14.74
C VAL A 27 -16.22 -30.61 -15.52
N LEU A 28 -15.78 -30.67 -16.77
CA LEU A 28 -15.77 -29.50 -17.65
C LEU A 28 -17.19 -28.99 -17.94
N HIS A 29 -18.18 -29.83 -17.71
CA HIS A 29 -19.58 -29.45 -17.89
C HIS A 29 -20.29 -29.35 -16.55
N ALA A 30 -19.52 -29.37 -15.47
CA ALA A 30 -20.04 -29.32 -14.11
C ALA A 30 -19.27 -28.28 -13.29
N GLY A 31 -18.93 -27.17 -13.94
CA GLY A 31 -18.20 -26.09 -13.28
C GLY A 31 -19.02 -25.50 -12.14
N ALA A 32 -18.32 -24.93 -11.16
CA ALA A 32 -18.97 -24.39 -9.98
C ALA A 32 -18.13 -23.21 -9.47
N ARG A 33 -18.48 -22.77 -8.27
CA ARG A 33 -17.89 -21.63 -7.58
C ARG A 33 -18.00 -20.28 -8.31
N GLN A 34 -17.41 -19.27 -7.69
CA GLN A 34 -17.39 -17.91 -8.22
C GLN A 34 -16.14 -17.23 -7.67
N ASP A 35 -15.14 -18.05 -7.36
CA ASP A 35 -13.93 -17.59 -6.66
C ASP A 35 -13.17 -16.54 -7.46
N ASP A 36 -13.12 -16.74 -8.76
CA ASP A 36 -12.38 -15.85 -9.67
C ASP A 36 -13.31 -14.92 -10.44
N ALA A 37 -14.51 -14.76 -9.94
CA ALA A 37 -15.55 -13.98 -10.64
C ALA A 37 -15.50 -12.50 -10.30
N GLU A 38 -14.31 -11.94 -10.22
CA GLU A 38 -14.17 -10.50 -9.95
C GLU A 38 -14.59 -9.70 -11.19
N PRO A 39 -15.30 -8.57 -11.01
CA PRO A 39 -15.65 -7.73 -12.15
C PRO A 39 -14.48 -6.84 -12.58
N GLY A 40 -13.38 -6.96 -11.84
CA GLY A 40 -12.18 -6.18 -12.07
C GLY A 40 -11.53 -6.01 -10.72
N VAL A 41 -10.24 -6.35 -10.62
CA VAL A 41 -9.54 -6.29 -9.34
C VAL A 41 -9.53 -4.86 -8.80
N SER A 42 -9.75 -4.74 -7.50
CA SER A 42 -9.76 -3.42 -6.86
C SER A 42 -8.40 -2.75 -6.99
N GLY A 43 -8.40 -1.46 -7.29
CA GLY A 43 -7.16 -0.71 -7.41
C GLY A 43 -6.54 -0.73 -8.80
N ALA A 44 -7.17 -1.41 -9.73
CA ALA A 44 -6.69 -1.46 -11.11
C ALA A 44 -6.63 -0.05 -11.71
N SER A 45 -5.63 0.18 -12.55
CA SER A 45 -5.42 1.45 -13.27
C SER A 45 -5.44 2.70 -12.37
N ALA A 46 -4.97 2.58 -11.14
CA ALA A 46 -4.91 3.72 -10.23
C ALA A 46 -4.02 4.81 -10.78
N HIS A 47 -4.55 6.03 -10.90
CA HIS A 47 -3.73 7.18 -11.31
C HIS A 47 -3.21 7.90 -10.07
N TRP A 48 -4.11 8.54 -9.33
CA TRP A 48 -3.73 9.24 -8.11
C TRP A 48 -3.17 8.29 -7.05
N GLY A 49 -3.60 7.04 -7.13
CA GLY A 49 -3.13 6.01 -6.22
C GLY A 49 -1.62 5.82 -6.31
N GLN A 50 -1.04 6.06 -7.46
CA GLN A 50 0.40 5.93 -7.64
C GLN A 50 1.15 6.91 -6.76
N ARG A 51 0.59 8.10 -6.58
CA ARG A 51 1.26 9.11 -5.75
C ARG A 51 1.20 8.67 -4.30
N ALA A 52 0.13 7.99 -3.94
CA ALA A 52 -0.02 7.48 -2.58
C ALA A 52 0.94 6.31 -2.36
N LEU A 53 0.98 5.36 -3.29
CA LEU A 53 1.82 4.18 -3.12
C LEU A 53 3.30 4.53 -3.18
N GLN A 54 3.68 5.50 -3.98
CA GLN A 54 5.09 5.90 -4.04
C GLN A 54 5.52 6.54 -2.72
N GLY A 55 4.58 7.16 -2.02
CA GLY A 55 4.86 7.74 -0.72
C GLY A 55 4.99 6.62 0.28
N ALA A 56 4.15 5.59 0.13
CA ALA A 56 4.16 4.43 1.01
C ALA A 56 5.55 3.80 1.09
N GLN A 57 6.25 3.78 -0.03
CA GLN A 57 7.59 3.21 -0.07
C GLN A 57 8.59 4.00 0.77
N ALA A 58 8.52 5.33 0.69
CA ALA A 58 9.45 6.18 1.41
C ALA A 58 9.18 6.12 2.91
N VAL A 59 7.91 6.19 3.28
CA VAL A 59 7.53 6.17 4.69
C VAL A 59 7.82 4.81 5.31
N ALA A 60 7.80 3.75 4.49
CA ALA A 60 8.04 2.40 5.00
C ALA A 60 9.37 2.28 5.74
N ALA A 61 10.37 3.06 5.33
CA ALA A 61 11.66 3.04 6.02
C ALA A 61 11.49 3.54 7.47
N ALA A 62 10.65 4.55 7.65
CA ALA A 62 10.36 5.06 9.00
C ALA A 62 9.49 4.06 9.76
N GLN A 63 8.56 3.40 9.07
CA GLN A 63 7.67 2.46 9.72
C GLN A 63 8.41 1.24 10.25
N ARG A 64 9.29 0.67 9.44
CA ARG A 64 10.06 -0.50 9.89
C ARG A 64 10.96 -0.10 11.06
N LEU A 65 11.33 1.17 11.09
CA LEU A 65 12.13 1.71 12.17
C LEU A 65 11.29 1.85 13.45
N VAL A 66 10.13 2.51 13.39
CA VAL A 66 9.35 2.74 14.60
C VAL A 66 8.90 1.40 15.19
N HIS A 67 8.61 0.46 14.32
CA HIS A 67 8.22 -0.86 14.73
C HIS A 67 9.35 -1.54 15.50
N ALA A 68 10.60 -1.29 15.09
CA ALA A 68 11.73 -1.91 15.78
C ALA A 68 11.74 -1.51 17.25
N ILE A 69 11.51 -0.24 17.55
CA ILE A 69 11.51 0.22 18.94
C ILE A 69 10.29 -0.32 19.66
N ALA A 70 9.17 -0.41 18.95
CA ALA A 70 7.93 -0.92 19.54
C ALA A 70 8.15 -2.36 20.07
N LEU A 71 9.09 -3.06 19.46
CA LEU A 71 9.44 -4.41 19.93
C LEU A 71 10.31 -4.32 21.15
N MET A 72 11.27 -3.41 21.12
CA MET A 72 12.18 -3.24 22.25
C MET A 72 11.44 -2.82 23.49
N THR A 73 10.31 -2.17 23.32
CA THR A 73 9.56 -1.67 24.48
C THR A 73 8.76 -2.77 25.16
N GLN A 74 8.54 -3.88 24.46
CA GLN A 74 7.87 -5.04 25.04
C GLN A 74 8.88 -6.13 25.40
N PHE A 75 9.93 -6.29 24.61
CA PHE A 75 10.98 -7.25 24.92
C PHE A 75 11.74 -6.76 26.15
N GLY A 76 11.72 -5.46 26.38
CA GLY A 76 12.36 -4.88 27.56
C GLY A 76 11.60 -5.17 28.85
N ARG A 77 10.52 -5.95 28.75
CA ARG A 77 9.75 -6.37 29.93
C ARG A 77 10.00 -7.85 30.17
N ALA A 78 10.92 -8.40 29.38
CA ALA A 78 11.33 -9.82 29.40
C ALA A 78 10.23 -10.83 29.05
N GLY A 79 9.25 -11.00 29.93
CA GLY A 79 8.18 -11.97 29.71
C GLY A 79 8.61 -13.40 29.98
N SER A 80 9.72 -13.81 29.37
CA SER A 80 10.29 -15.16 29.53
C SER A 80 10.87 -15.41 30.92
N GLY A 1 31.83 8.60 16.04
CA GLY A 1 31.62 9.57 17.14
C GLY A 1 31.99 9.02 18.51
N SER A 2 31.66 9.80 19.55
CA SER A 2 31.90 9.46 20.97
C SER A 2 33.34 9.07 21.30
N ARG A 3 34.29 9.57 20.53
CA ARG A 3 35.71 9.32 20.77
C ARG A 3 36.20 10.40 21.71
N SER A 4 35.78 10.27 22.97
CA SER A 4 36.02 11.27 24.02
C SER A 4 35.22 12.52 23.67
N PHE A 5 35.35 13.57 24.47
CA PHE A 5 34.58 14.79 24.25
C PHE A 5 35.24 15.96 24.96
N SER A 6 34.97 17.16 24.48
CA SER A 6 35.49 18.39 25.07
C SER A 6 34.53 18.93 26.11
N LEU A 7 33.85 18.00 26.78
CA LEU A 7 32.85 18.25 27.85
C LEU A 7 31.57 18.98 27.41
N GLY A 8 31.68 19.99 26.56
CA GLY A 8 30.51 20.70 26.08
C GLY A 8 29.61 19.80 25.26
N GLU A 9 30.20 18.79 24.63
CA GLU A 9 29.44 17.83 23.83
C GLU A 9 28.41 17.12 24.71
N VAL A 10 28.82 16.78 25.92
CA VAL A 10 27.97 16.06 26.86
C VAL A 10 26.90 17.00 27.39
N SER A 11 27.25 18.26 27.58
CA SER A 11 26.30 19.26 28.07
C SER A 11 25.18 19.50 27.06
N ASP A 12 25.54 19.56 25.79
CA ASP A 12 24.55 19.78 24.74
C ASP A 12 23.72 18.52 24.55
N MET A 13 24.35 17.38 24.70
CA MET A 13 23.68 16.09 24.56
C MET A 13 22.60 15.95 25.63
N ALA A 14 22.89 16.43 26.83
CA ALA A 14 21.93 16.38 27.93
C ALA A 14 20.70 17.25 27.60
N ALA A 15 20.91 18.30 26.82
CA ALA A 15 19.81 19.17 26.42
C ALA A 15 18.93 18.43 25.41
N VAL A 16 19.53 17.61 24.56
CA VAL A 16 18.78 16.81 23.58
C VAL A 16 17.92 15.79 24.32
N GLU A 17 18.49 15.15 25.33
CA GLU A 17 17.76 14.18 26.14
C GLU A 17 16.54 14.86 26.80
N ALA A 18 16.75 16.05 27.34
CA ALA A 18 15.65 16.78 27.97
C ALA A 18 14.61 17.18 26.93
N ALA A 19 15.06 17.55 25.74
CA ALA A 19 14.17 18.00 24.67
C ALA A 19 13.22 16.89 24.23
N GLU A 20 13.73 15.68 24.01
CA GLU A 20 12.85 14.60 23.56
C GLU A 20 11.86 14.23 24.66
N LEU A 21 12.28 14.34 25.91
CA LEU A 21 11.39 14.03 27.03
C LEU A 21 10.24 15.03 27.09
N GLU A 22 10.52 16.32 26.93
CA GLU A 22 9.44 17.31 26.95
C GLU A 22 8.60 17.26 25.67
N MET A 23 9.21 16.93 24.54
CA MET A 23 8.45 16.82 23.30
C MET A 23 7.46 15.69 23.43
N THR A 24 7.87 14.60 24.09
CA THR A 24 6.96 13.48 24.33
C THR A 24 5.79 13.94 25.20
N ARG A 25 6.03 14.82 26.15
CA ARG A 25 4.93 15.33 26.97
C ARG A 25 3.99 16.14 26.11
N GLN A 26 4.54 17.02 25.29
CA GLN A 26 3.75 17.89 24.44
C GLN A 26 2.87 17.10 23.48
N VAL A 27 3.41 16.09 22.83
CA VAL A 27 2.62 15.29 21.89
C VAL A 27 1.53 14.47 22.59
N LEU A 28 1.84 13.94 23.77
CA LEU A 28 0.85 13.17 24.51
C LEU A 28 -0.28 14.05 25.02
N HIS A 29 0.04 15.27 25.43
CA HIS A 29 -0.98 16.20 25.93
C HIS A 29 -1.88 16.69 24.79
N ALA A 30 -1.30 16.90 23.61
CA ALA A 30 -2.06 17.35 22.45
C ALA A 30 -2.88 16.21 21.83
N GLY A 31 -2.41 14.99 22.04
CA GLY A 31 -3.05 13.83 21.44
C GLY A 31 -2.59 13.72 20.00
N ALA A 32 -3.33 12.98 19.18
CA ALA A 32 -2.99 12.83 17.80
C ALA A 32 -4.29 12.67 17.02
N ARG A 33 -4.12 12.60 15.72
CA ARG A 33 -5.20 12.58 14.76
C ARG A 33 -4.97 11.46 13.76
N GLN A 34 -6.02 11.03 13.08
CA GLN A 34 -5.91 9.96 12.08
C GLN A 34 -6.72 10.34 10.85
N ASP A 35 -6.88 11.64 10.64
CA ASP A 35 -7.70 12.14 9.54
C ASP A 35 -6.99 11.92 8.20
N ASP A 36 -5.69 11.67 8.26
CA ASP A 36 -4.89 11.46 7.04
C ASP A 36 -4.79 9.97 6.69
N ALA A 37 -5.71 9.19 7.25
CA ALA A 37 -5.69 7.72 7.07
C ALA A 37 -6.50 7.25 5.86
N GLU A 38 -6.79 8.18 4.97
CA GLU A 38 -7.56 7.87 3.77
C GLU A 38 -6.78 6.92 2.84
N PRO A 39 -7.47 5.97 2.20
CA PRO A 39 -6.73 5.01 1.37
C PRO A 39 -6.21 5.58 0.06
N GLY A 40 -4.95 5.24 -0.23
CA GLY A 40 -4.30 5.71 -1.45
C GLY A 40 -3.74 4.60 -2.31
N VAL A 41 -4.47 3.51 -2.42
CA VAL A 41 -4.02 2.33 -3.19
C VAL A 41 -3.83 2.69 -4.68
N SER A 42 -4.61 3.66 -5.16
CA SER A 42 -4.52 4.16 -6.53
C SER A 42 -4.67 3.06 -7.60
N GLY A 43 -4.00 3.24 -8.73
CA GLY A 43 -4.06 2.29 -9.82
C GLY A 43 -3.03 2.67 -10.85
N ALA A 44 -2.88 1.86 -11.91
CA ALA A 44 -1.88 2.14 -12.95
C ALA A 44 -2.15 3.46 -13.69
N SER A 45 -3.42 3.76 -13.92
CA SER A 45 -3.82 4.98 -14.63
C SER A 45 -3.90 6.17 -13.67
N ALA A 46 -2.76 6.55 -13.11
CA ALA A 46 -2.71 7.64 -12.13
C ALA A 46 -1.43 8.43 -12.27
N HIS A 47 -1.50 9.74 -12.01
CA HIS A 47 -0.30 10.56 -11.95
C HIS A 47 0.02 10.90 -10.49
N TRP A 48 -0.91 11.57 -9.83
CA TRP A 48 -0.76 11.97 -8.43
C TRP A 48 -0.62 10.76 -7.50
N GLY A 49 -1.26 9.67 -7.88
CA GLY A 49 -1.20 8.44 -7.11
C GLY A 49 0.21 7.88 -7.05
N GLN A 50 0.98 8.12 -8.09
CA GLN A 50 2.35 7.64 -8.12
C GLN A 50 3.16 8.36 -7.06
N ARG A 51 2.89 9.65 -6.88
CA ARG A 51 3.61 10.42 -5.86
C ARG A 51 3.21 9.94 -4.48
N ALA A 52 1.96 9.56 -4.32
CA ALA A 52 1.47 9.04 -3.05
C ALA A 52 2.19 7.72 -2.74
N LEU A 53 2.32 6.84 -3.73
CA LEU A 53 2.99 5.57 -3.52
C LEU A 53 4.48 5.81 -3.23
N GLN A 54 5.12 6.77 -3.88
CA GLN A 54 6.51 7.09 -3.56
C GLN A 54 6.63 7.51 -2.09
N GLY A 55 5.61 8.18 -1.58
CA GLY A 55 5.57 8.55 -0.18
C GLY A 55 5.48 7.29 0.64
N ALA A 56 4.56 6.40 0.27
CA ALA A 56 4.37 5.13 0.97
C ALA A 56 5.68 4.32 1.07
N GLN A 57 6.49 4.35 0.03
CA GLN A 57 7.77 3.63 0.04
C GLN A 57 8.76 4.30 0.98
N ALA A 58 8.80 5.63 0.96
CA ALA A 58 9.73 6.38 1.80
C ALA A 58 9.37 6.23 3.28
N VAL A 59 8.09 6.33 3.59
CA VAL A 59 7.63 6.21 4.97
C VAL A 59 7.80 4.78 5.46
N ALA A 60 7.78 3.81 4.56
CA ALA A 60 7.95 2.41 4.95
C ALA A 60 9.28 2.23 5.70
N ALA A 61 10.30 2.98 5.33
CA ALA A 61 11.59 2.92 6.02
C ALA A 61 11.43 3.41 7.46
N ALA A 62 10.61 4.43 7.66
CA ALA A 62 10.32 4.95 8.99
C ALA A 62 9.42 3.98 9.77
N GLN A 63 8.52 3.29 9.07
CA GLN A 63 7.61 2.35 9.72
C GLN A 63 8.35 1.14 10.26
N ARG A 64 9.24 0.57 9.46
CA ARG A 64 10.03 -0.58 9.92
C ARG A 64 10.92 -0.14 11.09
N LEU A 65 11.27 1.14 11.09
CA LEU A 65 12.07 1.72 12.17
C LEU A 65 11.25 1.87 13.44
N VAL A 66 10.07 2.49 13.38
CA VAL A 66 9.27 2.70 14.59
C VAL A 66 8.87 1.37 15.18
N HIS A 67 8.61 0.40 14.31
CA HIS A 67 8.27 -0.93 14.72
C HIS A 67 9.42 -1.56 15.50
N ALA A 68 10.65 -1.27 15.10
CA ALA A 68 11.80 -1.84 15.79
C ALA A 68 11.80 -1.42 17.26
N ILE A 69 11.54 -0.16 17.52
CA ILE A 69 11.53 0.33 18.90
C ILE A 69 10.32 -0.21 19.63
N ALA A 70 9.21 -0.36 18.93
CA ALA A 70 8.00 -0.90 19.53
C ALA A 70 8.27 -2.30 20.09
N LEU A 71 9.23 -3.00 19.51
CA LEU A 71 9.61 -4.32 20.01
C LEU A 71 10.48 -4.18 21.22
N MET A 72 11.41 -3.23 21.16
CA MET A 72 12.32 -3.01 22.28
C MET A 72 11.57 -2.58 23.52
N THR A 73 10.45 -1.91 23.33
CA THR A 73 9.73 -1.38 24.48
C THR A 73 8.97 -2.50 25.19
N GLN A 74 8.49 -3.47 24.43
CA GLN A 74 7.83 -4.62 25.06
C GLN A 74 8.88 -5.63 25.55
N PHE A 75 10.01 -5.74 24.86
CA PHE A 75 11.08 -6.64 25.31
C PHE A 75 11.66 -6.14 26.62
N GLY A 76 11.63 -4.83 26.82
CA GLY A 76 12.10 -4.25 28.07
C GLY A 76 11.21 -4.58 29.25
N ARG A 77 10.04 -5.18 28.98
CA ARG A 77 9.12 -5.59 30.04
C ARG A 77 8.96 -7.10 30.05
N ALA A 78 9.41 -7.74 29.00
CA ALA A 78 9.32 -9.19 28.83
C ALA A 78 10.47 -9.67 27.93
N GLY A 79 11.62 -9.92 28.55
CA GLY A 79 12.79 -10.37 27.79
C GLY A 79 12.58 -11.72 27.13
N SER A 80 11.62 -12.49 27.64
CA SER A 80 11.26 -13.81 27.13
C SER A 80 9.83 -14.14 27.52
N GLY A 1 -1.64 -5.58 28.47
CA GLY A 1 -0.74 -4.46 28.88
C GLY A 1 -1.09 -3.20 28.13
N SER A 2 -2.40 -3.17 27.80
CA SER A 2 -3.07 -2.09 27.06
C SER A 2 -2.37 -1.84 25.72
N ARG A 3 -1.83 -2.91 25.16
CA ARG A 3 -1.08 -2.82 23.89
C ARG A 3 -1.30 -4.02 22.98
N SER A 4 -1.82 -5.10 23.53
CA SER A 4 -2.07 -6.32 22.76
C SER A 4 -3.47 -6.29 22.17
N PHE A 5 -4.34 -5.51 22.80
CA PHE A 5 -5.72 -5.33 22.39
C PHE A 5 -6.25 -4.12 23.15
N SER A 6 -7.28 -3.49 22.63
CA SER A 6 -7.92 -2.32 23.25
C SER A 6 -9.13 -2.71 24.10
N LEU A 7 -9.04 -3.86 24.74
CA LEU A 7 -10.04 -4.42 25.67
C LEU A 7 -11.42 -4.76 25.09
N GLY A 8 -12.12 -3.80 24.50
CA GLY A 8 -13.43 -4.07 23.93
C GLY A 8 -13.30 -5.02 22.75
N GLU A 9 -12.12 -4.98 22.14
CA GLU A 9 -11.78 -5.84 21.01
C GLU A 9 -11.82 -7.30 21.42
N VAL A 10 -11.47 -7.60 22.67
CA VAL A 10 -11.45 -8.98 23.17
C VAL A 10 -12.87 -9.54 23.20
N SER A 11 -13.84 -8.70 23.51
CA SER A 11 -15.23 -9.13 23.52
C SER A 11 -15.73 -9.42 22.11
N ASP A 12 -15.30 -8.61 21.16
CA ASP A 12 -15.70 -8.79 19.77
C ASP A 12 -14.98 -10.01 19.19
N MET A 13 -13.76 -10.23 19.65
CA MET A 13 -12.95 -11.37 19.20
C MET A 13 -13.63 -12.69 19.49
N ALA A 14 -14.37 -12.75 20.59
CA ALA A 14 -15.06 -13.98 20.94
C ALA A 14 -16.17 -14.28 19.92
N ALA A 15 -16.74 -13.22 19.34
CA ALA A 15 -17.78 -13.38 18.31
C ALA A 15 -17.10 -13.81 17.01
N VAL A 16 -15.92 -13.26 16.74
CA VAL A 16 -15.16 -13.63 15.54
C VAL A 16 -14.80 -15.11 15.63
N GLU A 17 -14.35 -15.55 16.80
CA GLU A 17 -14.00 -16.95 17.00
C GLU A 17 -15.19 -17.85 16.66
N ALA A 18 -16.37 -17.51 17.14
CA ALA A 18 -17.55 -18.31 16.86
C ALA A 18 -17.87 -18.34 15.36
N ALA A 19 -17.74 -17.19 14.72
CA ALA A 19 -18.03 -17.05 13.30
C ALA A 19 -17.04 -17.83 12.44
N GLU A 20 -15.75 -17.69 12.71
CA GLU A 20 -14.75 -18.37 11.90
C GLU A 20 -14.83 -19.86 12.15
N LEU A 21 -15.21 -20.28 13.35
CA LEU A 21 -15.34 -21.69 13.63
C LEU A 21 -16.45 -22.30 12.79
N GLU A 22 -17.60 -21.64 12.67
CA GLU A 22 -18.67 -22.22 11.85
C GLU A 22 -18.33 -22.16 10.37
N MET A 23 -17.61 -21.14 9.94
CA MET A 23 -17.15 -21.08 8.55
C MET A 23 -16.14 -22.19 8.30
N THR A 24 -15.30 -22.47 9.28
CA THR A 24 -14.33 -23.56 9.17
C THR A 24 -15.05 -24.89 9.00
N ARG A 25 -16.14 -25.10 9.73
CA ARG A 25 -16.91 -26.34 9.60
C ARG A 25 -17.45 -26.46 8.20
N GLN A 26 -17.95 -25.34 7.70
CA GLN A 26 -18.51 -25.30 6.35
C GLN A 26 -17.49 -25.61 5.26
N VAL A 27 -16.31 -25.00 5.33
CA VAL A 27 -15.29 -25.20 4.28
C VAL A 27 -14.65 -26.58 4.32
N LEU A 28 -14.51 -27.14 5.51
CA LEU A 28 -13.94 -28.49 5.66
C LEU A 28 -14.86 -29.58 5.10
N HIS A 29 -16.13 -29.23 4.90
CA HIS A 29 -17.09 -30.17 4.31
C HIS A 29 -17.16 -29.99 2.79
N ALA A 30 -16.43 -29.03 2.27
CA ALA A 30 -16.40 -28.73 0.85
C ALA A 30 -15.10 -29.32 0.25
N GLY A 31 -15.01 -29.35 -1.07
CA GLY A 31 -13.80 -29.87 -1.70
C GLY A 31 -13.67 -29.49 -3.16
N ALA A 32 -12.73 -28.59 -3.45
CA ALA A 32 -12.42 -28.15 -4.79
C ALA A 32 -11.04 -27.51 -4.69
N ARG A 33 -10.61 -26.90 -5.78
CA ARG A 33 -9.30 -26.26 -5.87
C ARG A 33 -9.51 -24.89 -6.48
N GLN A 34 -8.52 -24.02 -6.35
CA GLN A 34 -8.58 -22.68 -6.95
C GLN A 34 -7.23 -22.41 -7.59
N ASP A 35 -6.51 -23.50 -7.83
CA ASP A 35 -5.14 -23.46 -8.32
C ASP A 35 -5.10 -22.89 -9.73
N ASP A 36 -6.13 -23.23 -10.50
CA ASP A 36 -6.25 -22.83 -11.89
C ASP A 36 -7.26 -21.69 -12.03
N ALA A 37 -7.49 -20.96 -10.95
CA ALA A 37 -8.53 -19.93 -10.90
C ALA A 37 -7.98 -18.52 -10.73
N GLU A 38 -6.97 -18.18 -11.50
CA GLU A 38 -6.43 -16.81 -11.48
C GLU A 38 -7.51 -15.84 -11.97
N PRO A 39 -7.62 -14.66 -11.34
CA PRO A 39 -8.68 -13.74 -11.80
C PRO A 39 -8.38 -13.07 -13.14
N GLY A 40 -7.09 -12.98 -13.48
CA GLY A 40 -6.66 -12.38 -14.74
C GLY A 40 -6.80 -10.86 -14.84
N VAL A 41 -8.02 -10.38 -14.72
CA VAL A 41 -8.31 -8.95 -14.82
C VAL A 41 -7.86 -8.23 -13.56
N SER A 42 -7.07 -7.19 -13.75
CA SER A 42 -6.60 -6.35 -12.66
C SER A 42 -6.47 -4.96 -13.25
N GLY A 43 -6.43 -3.94 -12.42
CA GLY A 43 -6.34 -2.57 -12.93
C GLY A 43 -4.92 -2.14 -13.26
N ALA A 44 -4.06 -2.13 -12.25
CA ALA A 44 -2.67 -1.68 -12.38
C ALA A 44 -2.61 -0.28 -13.04
N SER A 45 -1.49 0.02 -13.68
CA SER A 45 -1.28 1.28 -14.43
C SER A 45 -1.88 2.56 -13.82
N ALA A 46 -1.75 2.71 -12.51
CA ALA A 46 -2.27 3.86 -11.80
C ALA A 46 -1.55 5.12 -12.27
N HIS A 47 -2.20 6.28 -12.17
CA HIS A 47 -1.53 7.54 -12.51
C HIS A 47 -1.08 8.24 -11.22
N TRP A 48 -2.00 8.86 -10.50
CA TRP A 48 -1.70 9.54 -9.25
C TRP A 48 -1.23 8.54 -8.18
N GLY A 49 -1.67 7.31 -8.33
CA GLY A 49 -1.29 6.25 -7.42
C GLY A 49 0.21 6.03 -7.38
N GLN A 50 0.91 6.30 -8.47
CA GLN A 50 2.35 6.13 -8.50
C GLN A 50 3.03 7.11 -7.56
N ARG A 51 2.53 8.33 -7.52
CA ARG A 51 3.13 9.34 -6.65
C ARG A 51 2.86 8.96 -5.20
N ALA A 52 1.70 8.38 -4.95
CA ALA A 52 1.36 7.92 -3.62
C ALA A 52 2.29 6.79 -3.19
N LEU A 53 2.58 5.86 -4.10
CA LEU A 53 3.46 4.74 -3.77
C LEU A 53 4.87 5.24 -3.50
N GLN A 54 5.33 6.28 -4.20
CA GLN A 54 6.66 6.83 -3.92
C GLN A 54 6.73 7.31 -2.46
N GLY A 55 5.63 7.85 -1.97
CA GLY A 55 5.56 8.26 -0.58
C GLY A 55 5.58 7.03 0.30
N ALA A 56 4.77 6.04 -0.06
CA ALA A 56 4.69 4.79 0.69
C ALA A 56 6.07 4.14 0.88
N GLN A 57 6.91 4.18 -0.14
CA GLN A 57 8.24 3.62 -0.06
C GLN A 57 9.11 4.38 0.95
N ALA A 58 9.04 5.70 0.90
CA ALA A 58 9.85 6.53 1.79
C ALA A 58 9.41 6.35 3.25
N VAL A 59 8.11 6.35 3.48
CA VAL A 59 7.59 6.20 4.84
C VAL A 59 7.82 4.80 5.35
N ALA A 60 7.87 3.80 4.48
CA ALA A 60 8.07 2.42 4.90
C ALA A 60 9.38 2.27 5.69
N ALA A 61 10.40 3.04 5.32
CA ALA A 61 11.67 3.00 6.03
C ALA A 61 11.48 3.51 7.47
N ALA A 62 10.61 4.49 7.66
CA ALA A 62 10.29 5.01 8.98
C ALA A 62 9.40 4.01 9.76
N GLN A 63 8.48 3.35 9.07
CA GLN A 63 7.57 2.41 9.72
C GLN A 63 8.31 1.20 10.26
N ARG A 64 9.18 0.62 9.47
CA ARG A 64 9.96 -0.55 9.91
C ARG A 64 10.86 -0.12 11.09
N LEU A 65 11.24 1.14 11.09
CA LEU A 65 12.05 1.70 12.16
C LEU A 65 11.23 1.86 13.45
N VAL A 66 10.06 2.50 13.38
CA VAL A 66 9.28 2.73 14.61
C VAL A 66 8.87 1.41 15.22
N HIS A 67 8.57 0.44 14.36
CA HIS A 67 8.20 -0.87 14.81
C HIS A 67 9.37 -1.54 15.53
N ALA A 68 10.59 -1.30 15.08
CA ALA A 68 11.75 -1.90 15.71
C ALA A 68 11.83 -1.50 17.19
N ILE A 69 11.58 -0.24 17.49
CA ILE A 69 11.64 0.22 18.87
C ILE A 69 10.44 -0.30 19.64
N ALA A 70 9.29 -0.41 18.97
CA ALA A 70 8.08 -0.91 19.61
C ALA A 70 8.32 -2.34 20.14
N LEU A 71 9.23 -3.06 19.51
CA LEU A 71 9.56 -4.41 19.95
C LEU A 71 10.45 -4.32 21.18
N MET A 72 11.40 -3.40 21.14
CA MET A 72 12.30 -3.22 22.28
C MET A 72 11.53 -2.77 23.51
N THR A 73 10.43 -2.08 23.31
CA THR A 73 9.65 -1.56 24.43
C THR A 73 8.69 -2.58 25.00
N GLN A 74 8.55 -3.71 24.33
CA GLN A 74 7.75 -4.83 24.85
C GLN A 74 8.65 -5.99 25.30
N PHE A 75 9.81 -6.16 24.69
CA PHE A 75 10.73 -7.18 25.10
C PHE A 75 11.58 -6.73 26.29
N GLY A 76 11.76 -5.43 26.44
CA GLY A 76 12.56 -4.91 27.55
C GLY A 76 14.04 -5.20 27.37
N ARG A 77 14.46 -5.44 26.13
CA ARG A 77 15.86 -5.81 25.83
C ARG A 77 16.64 -4.65 25.21
N ALA A 78 16.25 -3.43 25.55
CA ALA A 78 16.95 -2.25 25.06
C ALA A 78 18.22 -2.08 25.91
N GLY A 79 19.37 -2.41 25.33
CA GLY A 79 20.63 -2.31 26.06
C GLY A 79 20.96 -0.90 26.52
N SER A 80 20.61 0.09 25.69
CA SER A 80 20.84 1.50 26.03
C SER A 80 19.79 2.07 26.97
N GLY A 1 -8.39 56.68 -45.06
CA GLY A 1 -8.95 56.92 -43.69
C GLY A 1 -9.51 55.65 -43.11
N SER A 2 -9.62 54.67 -44.00
CA SER A 2 -10.12 53.36 -43.62
C SER A 2 -9.17 52.72 -42.61
N ARG A 3 -9.77 52.05 -41.62
CA ARG A 3 -9.03 51.35 -40.55
C ARG A 3 -8.09 52.24 -39.73
N SER A 4 -8.37 53.53 -39.65
CA SER A 4 -7.57 54.41 -38.80
C SER A 4 -7.98 54.13 -37.36
N PHE A 5 -7.02 54.12 -36.43
CA PHE A 5 -7.31 53.88 -35.02
C PHE A 5 -6.16 54.44 -34.19
N SER A 6 -6.38 54.63 -32.90
CA SER A 6 -5.35 55.14 -32.01
C SER A 6 -4.51 54.02 -31.42
N LEU A 7 -3.24 54.06 -31.77
CA LEU A 7 -2.28 53.06 -31.35
C LEU A 7 -2.12 53.01 -29.82
N GLY A 8 -2.25 54.17 -29.18
CA GLY A 8 -2.09 54.23 -27.74
C GLY A 8 -3.20 53.50 -27.01
N GLU A 9 -4.41 53.54 -27.53
CA GLU A 9 -5.54 52.87 -26.90
C GLU A 9 -5.36 51.36 -27.02
N VAL A 10 -4.85 50.92 -28.16
CA VAL A 10 -4.60 49.49 -28.38
C VAL A 10 -3.41 49.03 -27.53
N SER A 11 -2.52 49.93 -27.20
CA SER A 11 -1.40 49.57 -26.33
C SER A 11 -1.91 49.22 -24.92
N ASP A 12 -2.91 49.95 -24.46
CA ASP A 12 -3.52 49.68 -23.16
C ASP A 12 -4.42 48.44 -23.27
N MET A 13 -5.03 48.28 -24.44
CA MET A 13 -5.89 47.14 -24.72
C MET A 13 -5.09 45.85 -24.63
N ALA A 14 -3.83 45.90 -25.02
CA ALA A 14 -2.95 44.74 -24.96
C ALA A 14 -2.75 44.29 -23.50
N ALA A 15 -2.82 45.22 -22.56
CA ALA A 15 -2.68 44.87 -21.15
C ALA A 15 -3.94 44.11 -20.70
N VAL A 16 -5.09 44.53 -21.22
CA VAL A 16 -6.35 43.86 -20.91
C VAL A 16 -6.35 42.47 -21.52
N GLU A 17 -5.88 42.35 -22.76
CA GLU A 17 -5.78 41.06 -23.43
C GLU A 17 -4.86 40.14 -22.64
N ALA A 18 -3.75 40.68 -22.15
CA ALA A 18 -2.81 39.87 -21.37
C ALA A 18 -3.48 39.36 -20.09
N ALA A 19 -4.28 40.20 -19.45
CA ALA A 19 -4.98 39.80 -18.23
C ALA A 19 -5.98 38.68 -18.52
N GLU A 20 -6.75 38.84 -19.60
CA GLU A 20 -7.73 37.83 -19.99
C GLU A 20 -7.03 36.51 -20.29
N LEU A 21 -5.95 36.61 -21.04
CA LEU A 21 -5.18 35.44 -21.40
C LEU A 21 -4.59 34.75 -20.18
N GLU A 22 -3.99 35.48 -19.26
CA GLU A 22 -3.38 34.81 -18.10
C GLU A 22 -4.45 34.22 -17.19
N MET A 23 -5.61 34.84 -17.10
CA MET A 23 -6.71 34.27 -16.30
C MET A 23 -7.15 32.97 -16.95
N THR A 24 -7.30 32.99 -18.27
CA THR A 24 -7.69 31.79 -19.01
C THR A 24 -6.64 30.69 -18.82
N ARG A 25 -5.37 31.05 -18.82
CA ARG A 25 -4.33 30.03 -18.59
C ARG A 25 -4.40 29.51 -17.18
N GLN A 26 -4.66 30.41 -16.24
CA GLN A 26 -4.75 30.02 -14.84
C GLN A 26 -5.87 29.02 -14.58
N VAL A 27 -7.03 29.22 -15.20
CA VAL A 27 -8.17 28.31 -15.02
C VAL A 27 -7.99 26.99 -15.77
N LEU A 28 -7.32 27.05 -16.92
CA LEU A 28 -7.03 25.84 -17.69
C LEU A 28 -5.98 24.97 -16.99
N HIS A 29 -4.98 25.58 -16.38
CA HIS A 29 -3.95 24.84 -15.66
C HIS A 29 -4.53 24.38 -14.32
N ALA A 30 -4.97 25.36 -13.53
CA ALA A 30 -5.59 25.17 -12.22
C ALA A 30 -4.85 24.17 -11.29
N GLY A 31 -5.60 23.60 -10.35
CA GLY A 31 -5.03 22.63 -9.42
C GLY A 31 -5.18 21.22 -9.97
N ALA A 32 -4.82 20.23 -9.17
CA ALA A 32 -4.91 18.82 -9.57
C ALA A 32 -6.36 18.27 -9.53
N ARG A 33 -7.33 19.16 -9.44
CA ARG A 33 -8.73 18.82 -9.35
C ARG A 33 -8.98 17.72 -8.32
N GLN A 34 -9.68 16.67 -8.72
CA GLN A 34 -9.96 15.53 -7.84
C GLN A 34 -9.31 14.29 -8.47
N ASP A 35 -8.26 14.56 -9.25
CA ASP A 35 -7.45 13.60 -10.02
C ASP A 35 -8.24 12.86 -11.12
N ASP A 36 -9.21 12.08 -10.71
CA ASP A 36 -10.08 11.31 -11.63
C ASP A 36 -11.54 11.38 -11.20
N ALA A 37 -11.77 12.25 -10.25
CA ALA A 37 -13.08 12.53 -9.65
C ALA A 37 -13.81 11.32 -9.07
N GLU A 38 -13.07 10.27 -8.80
CA GLU A 38 -13.64 9.07 -8.22
C GLU A 38 -13.92 9.28 -6.71
N PRO A 39 -14.95 8.63 -6.15
CA PRO A 39 -15.26 8.82 -4.73
C PRO A 39 -14.38 7.98 -3.80
N GLY A 40 -13.58 7.12 -4.40
CA GLY A 40 -12.70 6.22 -3.68
C GLY A 40 -12.13 5.40 -4.81
N VAL A 41 -11.11 4.59 -4.57
CA VAL A 41 -10.48 3.82 -5.66
C VAL A 41 -11.47 2.86 -6.30
N SER A 42 -11.90 3.19 -7.51
CA SER A 42 -12.89 2.41 -8.25
C SER A 42 -12.27 1.22 -8.95
N GLY A 43 -10.95 1.25 -9.08
CA GLY A 43 -10.23 0.18 -9.77
C GLY A 43 -9.27 0.77 -10.78
N ALA A 44 -9.40 0.36 -12.03
CA ALA A 44 -8.55 0.82 -13.15
C ALA A 44 -7.04 0.59 -12.92
N SER A 45 -6.73 -0.31 -11.99
CA SER A 45 -5.36 -0.64 -11.56
C SER A 45 -4.65 0.56 -10.94
N ALA A 46 -3.42 0.36 -10.51
CA ALA A 46 -2.67 1.45 -9.87
C ALA A 46 -2.10 2.42 -10.92
N HIS A 47 -2.88 3.42 -11.31
CA HIS A 47 -2.35 4.47 -12.18
C HIS A 47 -1.82 5.60 -11.28
N TRP A 48 -2.72 6.40 -10.74
CA TRP A 48 -2.37 7.46 -9.78
C TRP A 48 -1.72 6.83 -8.55
N GLY A 49 -2.15 5.61 -8.27
CA GLY A 49 -1.62 4.82 -7.17
C GLY A 49 -0.12 4.69 -7.17
N GLN A 50 0.53 4.75 -8.32
CA GLN A 50 1.98 4.62 -8.38
C GLN A 50 2.66 5.73 -7.62
N ARG A 51 2.14 6.94 -7.72
CA ARG A 51 2.75 8.09 -7.04
C ARG A 51 2.60 7.91 -5.54
N ALA A 52 1.43 7.40 -5.15
CA ALA A 52 1.15 7.15 -3.75
C ALA A 52 2.05 6.04 -3.19
N LEU A 53 2.24 4.98 -3.96
CA LEU A 53 3.07 3.86 -3.50
C LEU A 53 4.51 4.30 -3.32
N GLN A 54 5.02 5.18 -4.16
CA GLN A 54 6.38 5.67 -3.94
C GLN A 54 6.51 6.35 -2.58
N GLY A 55 5.46 7.03 -2.16
CA GLY A 55 5.43 7.64 -0.85
C GLY A 55 5.40 6.53 0.18
N ALA A 56 4.53 5.55 -0.03
CA ALA A 56 4.40 4.41 0.87
C ALA A 56 5.74 3.69 1.10
N GLN A 57 6.56 3.58 0.08
CA GLN A 57 7.87 2.94 0.22
C GLN A 57 8.84 3.83 1.02
N ALA A 58 8.80 5.13 0.76
CA ALA A 58 9.70 6.05 1.47
C ALA A 58 9.35 6.07 2.97
N VAL A 59 8.06 6.14 3.26
CA VAL A 59 7.61 6.17 4.65
C VAL A 59 7.84 4.81 5.31
N ALA A 60 7.82 3.74 4.53
CA ALA A 60 8.03 2.39 5.08
C ALA A 60 9.38 2.29 5.80
N ALA A 61 10.36 3.06 5.37
CA ALA A 61 11.66 3.06 6.03
C ALA A 61 11.51 3.58 7.47
N ALA A 62 10.65 4.56 7.67
CA ALA A 62 10.34 5.07 9.00
C ALA A 62 9.45 4.08 9.78
N GLN A 63 8.56 3.40 9.08
CA GLN A 63 7.64 2.47 9.74
C GLN A 63 8.34 1.25 10.27
N ARG A 64 9.23 0.67 9.47
CA ARG A 64 10.00 -0.50 9.91
C ARG A 64 10.88 -0.10 11.08
N LEU A 65 11.25 1.17 11.10
CA LEU A 65 12.06 1.72 12.19
C LEU A 65 11.24 1.87 13.47
N VAL A 66 10.08 2.51 13.41
CA VAL A 66 9.29 2.74 14.63
C VAL A 66 8.87 1.41 15.22
N HIS A 67 8.57 0.46 14.34
CA HIS A 67 8.19 -0.87 14.75
C HIS A 67 9.34 -1.54 15.49
N ALA A 68 10.57 -1.30 15.06
CA ALA A 68 11.72 -1.92 15.70
C ALA A 68 11.77 -1.54 17.18
N ILE A 69 11.56 -0.25 17.49
CA ILE A 69 11.61 0.19 18.88
C ILE A 69 10.41 -0.34 19.64
N ALA A 70 9.27 -0.43 18.96
CA ALA A 70 8.05 -0.93 19.59
C ALA A 70 8.28 -2.37 20.11
N LEU A 71 9.21 -3.07 19.48
CA LEU A 71 9.56 -4.43 19.93
C LEU A 71 10.49 -4.35 21.10
N MET A 72 11.45 -3.44 21.03
CA MET A 72 12.42 -3.28 22.10
C MET A 72 11.76 -2.87 23.39
N THR A 73 10.63 -2.20 23.29
CA THR A 73 9.98 -1.70 24.50
C THR A 73 9.23 -2.83 25.18
N GLN A 74 8.64 -3.71 24.41
CA GLN A 74 7.94 -4.86 24.99
C GLN A 74 8.92 -5.96 25.40
N PHE A 75 10.05 -6.07 24.72
CA PHE A 75 11.05 -7.07 25.09
C PHE A 75 11.87 -6.61 26.28
N GLY A 76 12.07 -5.30 26.39
CA GLY A 76 12.81 -4.73 27.50
C GLY A 76 12.03 -4.79 28.79
N ARG A 77 10.71 -4.95 28.67
CA ARG A 77 9.78 -5.10 29.79
C ARG A 77 9.95 -4.03 30.87
N ALA A 78 10.32 -2.83 30.45
CA ALA A 78 10.56 -1.72 31.36
C ALA A 78 10.01 -0.46 30.71
N GLY A 79 9.63 0.51 31.52
CA GLY A 79 9.07 1.76 31.00
C GLY A 79 7.61 1.59 30.62
N SER A 80 7.36 0.68 29.68
CA SER A 80 6.02 0.38 29.16
C SER A 80 5.38 1.62 28.53
N GLY A 1 -22.72 13.32 39.55
CA GLY A 1 -22.28 14.33 38.53
C GLY A 1 -21.18 13.78 37.65
N SER A 2 -20.91 12.49 37.90
CA SER A 2 -19.84 11.70 37.28
C SER A 2 -20.09 11.36 35.80
N ARG A 3 -21.04 12.06 35.20
CA ARG A 3 -21.36 11.90 33.78
C ARG A 3 -21.87 13.24 33.26
N SER A 4 -21.32 14.30 33.82
CA SER A 4 -21.72 15.65 33.48
C SER A 4 -20.53 16.59 33.56
N PHE A 5 -20.76 17.86 33.29
CA PHE A 5 -19.72 18.87 33.29
C PHE A 5 -19.30 19.32 34.71
N SER A 6 -18.96 18.37 35.57
CA SER A 6 -18.56 18.65 36.95
C SER A 6 -17.07 18.98 37.06
N LEU A 7 -16.51 19.46 35.95
CA LEU A 7 -15.11 19.89 35.79
C LEU A 7 -14.03 18.81 35.96
N GLY A 8 -14.11 17.99 37.00
CA GLY A 8 -13.15 16.92 37.19
C GLY A 8 -13.28 15.91 36.07
N GLU A 9 -14.52 15.58 35.73
CA GLU A 9 -14.80 14.63 34.65
C GLU A 9 -14.27 15.17 33.33
N VAL A 10 -14.39 16.47 33.15
CA VAL A 10 -13.95 17.13 31.92
C VAL A 10 -12.43 17.10 31.82
N SER A 11 -11.78 17.21 32.96
CA SER A 11 -10.32 17.17 33.00
C SER A 11 -9.83 15.77 32.67
N ASP A 12 -10.56 14.77 33.13
CA ASP A 12 -10.21 13.38 32.84
C ASP A 12 -10.49 13.08 31.37
N MET A 13 -11.50 13.72 30.82
CA MET A 13 -11.85 13.55 29.40
C MET A 13 -10.67 13.94 28.51
N ALA A 14 -9.90 14.94 28.94
CA ALA A 14 -8.73 15.38 28.18
C ALA A 14 -7.66 14.27 28.19
N ALA A 15 -7.60 13.51 29.27
CA ALA A 15 -6.65 12.41 29.37
C ALA A 15 -7.10 11.26 28.46
N VAL A 16 -8.41 11.05 28.37
CA VAL A 16 -8.96 10.01 27.50
C VAL A 16 -8.64 10.38 26.05
N GLU A 17 -8.83 11.65 25.70
CA GLU A 17 -8.50 12.11 24.33
C GLU A 17 -7.03 11.86 24.03
N ALA A 18 -6.16 12.20 24.96
CA ALA A 18 -4.73 11.99 24.77
C ALA A 18 -4.42 10.49 24.61
N ALA A 19 -5.10 9.66 25.37
CA ALA A 19 -4.91 8.22 25.30
C ALA A 19 -5.35 7.68 23.94
N GLU A 20 -6.51 8.11 23.46
CA GLU A 20 -7.03 7.65 22.16
C GLU A 20 -6.08 8.04 21.05
N LEU A 21 -5.60 9.27 21.12
CA LEU A 21 -4.65 9.79 20.14
C LEU A 21 -3.36 8.97 20.14
N GLU A 22 -2.84 8.60 21.32
CA GLU A 22 -1.62 7.81 21.36
C GLU A 22 -1.90 6.36 20.94
N MET A 23 -3.09 5.85 21.23
CA MET A 23 -3.47 4.51 20.82
C MET A 23 -3.49 4.46 19.30
N THR A 24 -4.09 5.45 18.67
CA THR A 24 -4.21 5.49 17.22
C THR A 24 -2.86 5.46 16.52
N ARG A 25 -1.89 6.24 16.98
CA ARG A 25 -0.57 6.23 16.34
C ARG A 25 0.10 4.87 16.57
N GLN A 26 -0.18 4.23 17.69
CA GLN A 26 0.41 2.92 17.97
C GLN A 26 -0.19 1.80 17.12
N VAL A 27 -1.50 1.76 16.98
CA VAL A 27 -2.17 0.68 16.24
C VAL A 27 -1.84 0.69 14.75
N LEU A 28 -1.65 1.87 14.20
CA LEU A 28 -1.31 2.01 12.77
C LEU A 28 0.09 1.48 12.45
N HIS A 29 0.96 1.44 13.45
CA HIS A 29 2.33 0.97 13.25
C HIS A 29 2.50 -0.49 13.65
N ALA A 30 1.46 -1.08 14.22
CA ALA A 30 1.54 -2.43 14.78
C ALA A 30 0.75 -3.49 13.99
N GLY A 31 1.05 -4.75 14.28
CA GLY A 31 0.35 -5.86 13.66
C GLY A 31 1.04 -6.34 12.40
N ALA A 32 0.41 -7.30 11.73
CA ALA A 32 0.93 -7.86 10.49
C ALA A 32 -0.23 -8.10 9.53
N ARG A 33 -0.60 -7.06 8.81
CA ARG A 33 -1.68 -7.11 7.83
C ARG A 33 -1.10 -6.80 6.48
N GLN A 34 -1.69 -7.33 5.42
CA GLN A 34 -1.17 -7.15 4.06
C GLN A 34 -2.30 -6.83 3.08
N ASP A 35 -3.36 -6.22 3.61
CA ASP A 35 -4.54 -5.88 2.81
C ASP A 35 -4.19 -4.99 1.62
N ASP A 36 -3.16 -4.16 1.77
CA ASP A 36 -2.74 -3.22 0.72
C ASP A 36 -1.30 -3.50 0.32
N ALA A 37 -0.83 -4.69 0.64
CA ALA A 37 0.57 -5.05 0.44
C ALA A 37 0.71 -6.23 -0.51
N GLU A 38 -0.01 -6.19 -1.62
CA GLU A 38 0.13 -7.23 -2.62
C GLU A 38 1.57 -7.22 -3.15
N PRO A 39 2.19 -8.41 -3.32
CA PRO A 39 3.57 -8.41 -3.82
C PRO A 39 3.65 -8.16 -5.32
N GLY A 40 2.49 -8.08 -5.97
CA GLY A 40 2.42 -7.84 -7.40
C GLY A 40 1.05 -7.33 -7.76
N VAL A 41 0.81 -6.04 -7.50
CA VAL A 41 -0.49 -5.43 -7.78
C VAL A 41 -0.79 -5.62 -9.26
N SER A 42 -1.97 -6.14 -9.54
CA SER A 42 -2.37 -6.50 -10.90
C SER A 42 -3.68 -5.82 -11.29
N GLY A 43 -4.05 -5.95 -12.56
CA GLY A 43 -5.29 -5.36 -13.06
C GLY A 43 -5.10 -3.93 -13.52
N ALA A 44 -4.55 -3.09 -12.65
CA ALA A 44 -4.29 -1.69 -12.99
C ALA A 44 -3.00 -1.22 -12.33
N SER A 45 -2.19 -0.51 -13.09
CA SER A 45 -0.92 0.01 -12.59
C SER A 45 -1.09 1.37 -11.89
N ALA A 46 -2.34 1.85 -11.88
CA ALA A 46 -2.74 3.14 -11.30
C ALA A 46 -2.11 4.36 -12.02
N HIS A 47 -2.72 5.53 -11.84
CA HIS A 47 -2.13 6.76 -12.39
C HIS A 47 -1.51 7.59 -11.27
N TRP A 48 -2.34 8.27 -10.49
CA TRP A 48 -1.87 9.07 -9.34
C TRP A 48 -1.34 8.16 -8.24
N GLY A 49 -1.84 6.93 -8.21
CA GLY A 49 -1.41 5.94 -7.23
C GLY A 49 0.07 5.69 -7.27
N GLN A 50 0.67 5.81 -8.45
CA GLN A 50 2.11 5.59 -8.59
C GLN A 50 2.90 6.60 -7.76
N ARG A 51 2.41 7.82 -7.65
CA ARG A 51 3.11 8.82 -6.83
C ARG A 51 2.85 8.54 -5.36
N ALA A 52 1.66 8.07 -5.05
CA ALA A 52 1.32 7.73 -3.67
C ALA A 52 2.17 6.57 -3.17
N LEU A 53 2.38 5.55 -3.99
CA LEU A 53 3.19 4.41 -3.60
C LEU A 53 4.64 4.84 -3.36
N GLN A 54 5.13 5.81 -4.12
CA GLN A 54 6.50 6.30 -3.87
C GLN A 54 6.60 6.89 -2.47
N GLY A 55 5.50 7.46 -1.99
CA GLY A 55 5.46 7.97 -0.63
C GLY A 55 5.45 6.79 0.32
N ALA A 56 4.62 5.80 0.03
CA ALA A 56 4.51 4.59 0.85
C ALA A 56 5.89 3.93 1.03
N GLN A 57 6.69 3.91 -0.01
CA GLN A 57 8.03 3.33 0.05
C GLN A 57 8.93 4.13 0.99
N ALA A 58 8.87 5.45 0.89
CA ALA A 58 9.70 6.33 1.71
C ALA A 58 9.31 6.23 3.19
N VAL A 59 8.01 6.24 3.46
CA VAL A 59 7.53 6.16 4.83
C VAL A 59 7.79 4.77 5.39
N ALA A 60 7.80 3.75 4.56
CA ALA A 60 8.05 2.37 5.01
C ALA A 60 9.39 2.26 5.75
N ALA A 61 10.37 3.05 5.35
CA ALA A 61 11.66 3.05 6.04
C ALA A 61 11.48 3.54 7.48
N ALA A 62 10.63 4.54 7.67
CA ALA A 62 10.32 5.05 9.00
C ALA A 62 9.45 4.05 9.78
N GLN A 63 8.57 3.35 9.07
CA GLN A 63 7.68 2.38 9.72
C GLN A 63 8.44 1.18 10.25
N ARG A 64 9.33 0.62 9.45
CA ARG A 64 10.11 -0.53 9.90
C ARG A 64 11.00 -0.12 11.06
N LEU A 65 11.32 1.17 11.10
CA LEU A 65 12.11 1.73 12.18
C LEU A 65 11.26 1.87 13.45
N VAL A 66 10.09 2.50 13.38
CA VAL A 66 9.29 2.73 14.59
C VAL A 66 8.86 1.41 15.19
N HIS A 67 8.52 0.45 14.34
CA HIS A 67 8.11 -0.85 14.79
C HIS A 67 9.27 -1.56 15.48
N ALA A 68 10.50 -1.27 15.07
CA ALA A 68 11.64 -1.92 15.70
C ALA A 68 11.72 -1.52 17.18
N ILE A 69 11.53 -0.25 17.48
CA ILE A 69 11.62 0.21 18.88
C ILE A 69 10.41 -0.30 19.64
N ALA A 70 9.28 -0.42 18.97
CA ALA A 70 8.07 -0.93 19.60
C ALA A 70 8.35 -2.36 20.14
N LEU A 71 9.27 -3.05 19.51
CA LEU A 71 9.67 -4.39 19.98
C LEU A 71 10.66 -4.28 21.11
N MET A 72 11.61 -3.38 20.98
CA MET A 72 12.63 -3.20 22.01
C MET A 72 12.05 -2.78 23.31
N THR A 73 10.90 -2.15 23.27
CA THR A 73 10.31 -1.64 24.49
C THR A 73 9.63 -2.75 25.26
N GLN A 74 9.00 -3.68 24.55
CA GLN A 74 8.38 -4.83 25.20
C GLN A 74 9.43 -5.89 25.56
N PHE A 75 10.49 -6.01 24.75
CA PHE A 75 11.54 -6.97 25.04
C PHE A 75 12.46 -6.44 26.14
N GLY A 76 12.50 -5.14 26.32
CA GLY A 76 13.31 -4.53 27.36
C GLY A 76 12.72 -4.71 28.74
N ARG A 77 11.47 -5.15 28.78
CA ARG A 77 10.74 -5.44 30.02
C ARG A 77 10.93 -4.36 31.10
N ALA A 78 10.82 -3.11 30.68
CA ALA A 78 11.01 -1.98 31.58
C ALA A 78 9.94 -1.94 32.67
N GLY A 79 10.25 -1.26 33.76
CA GLY A 79 9.33 -1.16 34.89
C GLY A 79 10.13 -1.11 36.18
N SER A 80 11.25 -1.85 36.16
CA SER A 80 12.18 -1.90 37.29
C SER A 80 12.99 -0.62 37.38
N GLY A 1 -11.13 10.73 1.81
CA GLY A 1 -12.30 10.40 0.94
C GLY A 1 -12.55 8.91 0.90
N SER A 2 -11.85 8.24 1.82
CA SER A 2 -11.90 6.80 1.98
C SER A 2 -11.72 6.47 3.45
N ARG A 3 -12.19 5.29 3.86
CA ARG A 3 -12.11 4.86 5.25
C ARG A 3 -11.96 3.35 5.25
N SER A 4 -11.37 2.81 6.31
CA SER A 4 -11.17 1.36 6.46
C SER A 4 -10.44 0.74 5.26
N PHE A 5 -9.40 1.41 4.79
CA PHE A 5 -8.61 0.94 3.64
C PHE A 5 -7.19 0.52 4.05
N SER A 6 -6.85 0.75 5.32
CA SER A 6 -5.54 0.40 5.89
C SER A 6 -4.37 0.91 5.05
N LEU A 7 -3.22 0.29 5.21
CA LEU A 7 -2.01 0.68 4.49
C LEU A 7 -1.39 -0.56 3.84
N GLY A 8 -1.54 -1.71 4.48
CA GLY A 8 -1.05 -2.94 3.90
C GLY A 8 -1.93 -3.29 2.72
N GLU A 9 -3.23 -3.15 2.90
CA GLU A 9 -4.20 -3.45 1.85
C GLU A 9 -4.03 -2.51 0.66
N VAL A 10 -3.47 -1.33 0.88
CA VAL A 10 -3.21 -0.38 -0.21
C VAL A 10 -2.13 -0.95 -1.12
N SER A 11 -1.20 -1.69 -0.55
CA SER A 11 -0.14 -2.31 -1.34
C SER A 11 -0.73 -3.42 -2.20
N ASP A 12 -1.71 -4.12 -1.65
CA ASP A 12 -2.39 -5.20 -2.36
C ASP A 12 -3.31 -4.61 -3.42
N MET A 13 -3.82 -3.42 -3.17
CA MET A 13 -4.70 -2.72 -4.10
C MET A 13 -3.99 -2.44 -5.42
N ALA A 14 -2.68 -2.23 -5.36
CA ALA A 14 -1.89 -1.97 -6.56
C ALA A 14 -1.90 -3.21 -7.48
N ALA A 15 -1.97 -4.39 -6.87
CA ALA A 15 -2.03 -5.62 -7.64
C ALA A 15 -3.41 -5.76 -8.28
N VAL A 16 -4.45 -5.31 -7.58
CA VAL A 16 -5.82 -5.34 -8.09
C VAL A 16 -5.92 -4.40 -9.29
N GLU A 17 -5.33 -3.21 -9.19
CA GLU A 17 -5.35 -2.26 -10.30
C GLU A 17 -4.78 -2.92 -11.55
N ALA A 18 -3.65 -3.60 -11.40
CA ALA A 18 -3.01 -4.27 -12.53
C ALA A 18 -3.86 -5.44 -13.04
N ALA A 19 -4.47 -6.17 -12.11
CA ALA A 19 -5.28 -7.33 -12.45
C ALA A 19 -6.49 -6.93 -13.28
N GLU A 20 -7.17 -5.86 -12.88
CA GLU A 20 -8.37 -5.41 -13.60
C GLU A 20 -7.99 -4.97 -15.01
N LEU A 21 -6.87 -4.28 -15.12
CA LEU A 21 -6.39 -3.82 -16.42
C LEU A 21 -6.10 -4.99 -17.35
N GLU A 22 -5.46 -6.04 -16.86
CA GLU A 22 -5.20 -7.21 -17.71
C GLU A 22 -6.49 -8.00 -17.95
N MET A 23 -7.40 -8.02 -16.98
CA MET A 23 -8.68 -8.72 -17.13
C MET A 23 -9.44 -8.08 -18.30
N THR A 24 -9.39 -6.76 -18.37
CA THR A 24 -10.05 -6.01 -19.44
C THR A 24 -9.43 -6.40 -20.79
N ARG A 25 -8.13 -6.62 -20.82
CA ARG A 25 -7.51 -7.05 -22.08
C ARG A 25 -7.98 -8.45 -22.42
N GLN A 26 -8.00 -9.32 -21.44
CA GLN A 26 -8.40 -10.71 -21.64
C GLN A 26 -9.83 -10.86 -22.15
N VAL A 27 -10.75 -10.07 -21.61
CA VAL A 27 -12.14 -10.16 -22.08
C VAL A 27 -12.28 -9.67 -23.52
N LEU A 28 -11.47 -8.69 -23.90
CA LEU A 28 -11.46 -8.17 -25.28
C LEU A 28 -10.73 -9.11 -26.23
N HIS A 29 -9.83 -9.93 -25.71
CA HIS A 29 -9.11 -10.92 -26.53
C HIS A 29 -9.99 -12.14 -26.79
N ALA A 30 -11.06 -12.25 -26.01
CA ALA A 30 -11.99 -13.37 -26.11
C ALA A 30 -13.28 -12.88 -26.76
N GLY A 31 -14.15 -13.80 -27.15
CA GLY A 31 -15.42 -13.41 -27.73
C GLY A 31 -15.89 -14.32 -28.84
N ALA A 32 -16.29 -13.69 -29.94
CA ALA A 32 -16.82 -14.39 -31.10
C ALA A 32 -16.20 -13.78 -32.36
N ARG A 33 -17.06 -13.13 -33.11
CA ARG A 33 -16.66 -12.42 -34.32
C ARG A 33 -15.70 -11.28 -33.98
N GLN A 34 -14.43 -11.46 -34.32
CA GLN A 34 -13.42 -10.39 -34.20
C GLN A 34 -13.50 -9.51 -35.46
N ASP A 35 -14.66 -9.56 -36.08
CA ASP A 35 -14.98 -8.92 -37.35
C ASP A 35 -15.09 -7.40 -37.21
N ASP A 36 -15.34 -6.97 -35.97
CA ASP A 36 -15.51 -5.54 -35.65
C ASP A 36 -14.66 -5.26 -34.41
N ALA A 37 -13.46 -5.84 -34.41
CA ALA A 37 -12.55 -5.75 -33.28
C ALA A 37 -11.31 -5.02 -33.76
N GLU A 38 -11.52 -3.84 -34.32
CA GLU A 38 -10.42 -3.03 -34.83
C GLU A 38 -9.36 -2.80 -33.72
N PRO A 39 -8.06 -2.99 -34.05
CA PRO A 39 -7.04 -2.89 -33.01
C PRO A 39 -6.67 -1.46 -32.59
N GLY A 40 -6.89 -1.16 -31.33
CA GLY A 40 -6.56 0.16 -30.80
C GLY A 40 -6.78 0.23 -29.30
N VAL A 41 -6.01 -0.57 -28.55
CA VAL A 41 -6.16 -0.68 -27.09
C VAL A 41 -6.16 0.67 -26.38
N SER A 42 -5.20 1.53 -26.73
CA SER A 42 -5.11 2.91 -26.19
C SER A 42 -5.25 3.02 -24.66
N GLY A 43 -4.78 2.01 -23.94
CA GLY A 43 -4.94 1.98 -22.49
C GLY A 43 -4.00 2.89 -21.73
N ALA A 44 -4.34 3.09 -20.46
CA ALA A 44 -3.56 3.93 -19.54
C ALA A 44 -3.54 3.20 -18.20
N SER A 45 -2.89 3.77 -17.21
CA SER A 45 -2.79 3.16 -15.89
C SER A 45 -2.77 4.27 -14.85
N ALA A 46 -2.75 3.91 -13.57
CA ALA A 46 -2.78 4.87 -12.49
C ALA A 46 -1.60 5.84 -12.57
N HIS A 47 -1.89 7.12 -12.40
CA HIS A 47 -0.83 8.14 -12.35
C HIS A 47 -0.63 8.56 -10.90
N TRP A 48 -1.71 8.97 -10.25
CA TRP A 48 -1.65 9.44 -8.88
C TRP A 48 -1.29 8.36 -7.89
N GLY A 49 -1.71 7.15 -8.20
CA GLY A 49 -1.37 5.99 -7.36
C GLY A 49 0.13 5.76 -7.35
N GLN A 50 0.79 6.04 -8.46
CA GLN A 50 2.24 5.88 -8.54
C GLN A 50 2.91 6.92 -7.66
N ARG A 51 2.39 8.14 -7.69
CA ARG A 51 2.96 9.21 -6.85
C ARG A 51 2.76 8.84 -5.38
N ALA A 52 1.64 8.20 -5.08
CA ALA A 52 1.36 7.77 -3.73
C ALA A 52 2.33 6.67 -3.31
N LEU A 53 2.65 5.72 -4.20
CA LEU A 53 3.58 4.66 -3.84
C LEU A 53 4.96 5.22 -3.55
N GLN A 54 5.36 6.28 -4.25
CA GLN A 54 6.66 6.91 -3.98
C GLN A 54 6.71 7.42 -2.54
N GLY A 55 5.59 7.86 -2.02
CA GLY A 55 5.51 8.28 -0.64
C GLY A 55 5.54 7.06 0.26
N ALA A 56 4.79 6.03 -0.12
CA ALA A 56 4.72 4.78 0.64
C ALA A 56 6.12 4.19 0.86
N GLN A 57 6.98 4.28 -0.14
CA GLN A 57 8.35 3.77 -0.04
C GLN A 57 9.14 4.55 1.02
N ALA A 58 9.02 5.87 0.99
CA ALA A 58 9.76 6.72 1.91
C ALA A 58 9.28 6.50 3.35
N VAL A 59 7.97 6.45 3.55
CA VAL A 59 7.43 6.26 4.89
C VAL A 59 7.71 4.86 5.39
N ALA A 60 7.78 3.86 4.50
CA ALA A 60 8.05 2.48 4.91
C ALA A 60 9.35 2.36 5.68
N ALA A 61 10.35 3.16 5.31
CA ALA A 61 11.63 3.15 6.01
C ALA A 61 11.43 3.61 7.47
N ALA A 62 10.55 4.58 7.68
CA ALA A 62 10.24 5.05 9.02
C ALA A 62 9.38 4.02 9.77
N GLN A 63 8.51 3.30 9.06
CA GLN A 63 7.63 2.32 9.70
C GLN A 63 8.41 1.11 10.20
N ARG A 64 9.31 0.59 9.39
CA ARG A 64 10.12 -0.57 9.80
C ARG A 64 11.00 -0.16 10.98
N LEU A 65 11.31 1.13 11.05
CA LEU A 65 12.09 1.69 12.13
C LEU A 65 11.26 1.81 13.41
N VAL A 66 10.10 2.44 13.35
CA VAL A 66 9.32 2.69 14.57
C VAL A 66 8.89 1.36 15.19
N HIS A 67 8.57 0.40 14.35
CA HIS A 67 8.18 -0.90 14.80
C HIS A 67 9.32 -1.57 15.55
N ALA A 68 10.56 -1.33 15.12
CA ALA A 68 11.70 -1.96 15.78
C ALA A 68 11.75 -1.52 17.25
N ILE A 69 11.56 -0.23 17.52
CA ILE A 69 11.62 0.27 18.90
C ILE A 69 10.42 -0.22 19.67
N ALA A 70 9.27 -0.32 19.01
CA ALA A 70 8.05 -0.79 19.66
C ALA A 70 8.26 -2.20 20.23
N LEU A 71 9.19 -2.94 19.63
CA LEU A 71 9.52 -4.28 20.13
C LEU A 71 10.49 -4.16 21.29
N MET A 72 11.48 -3.31 21.14
CA MET A 72 12.48 -3.14 22.20
C MET A 72 11.85 -2.68 23.49
N THR A 73 10.75 -1.97 23.39
CA THR A 73 10.15 -1.42 24.60
C THR A 73 9.42 -2.52 25.34
N GLN A 74 8.79 -3.43 24.62
CA GLN A 74 8.08 -4.54 25.25
C GLN A 74 8.97 -5.74 25.56
N PHE A 75 10.12 -5.85 24.92
CA PHE A 75 11.06 -6.90 25.23
C PHE A 75 12.00 -6.49 26.36
N GLY A 76 12.38 -5.22 26.38
CA GLY A 76 13.33 -4.75 27.38
C GLY A 76 12.69 -4.35 28.68
N ARG A 77 11.50 -3.76 28.58
CA ARG A 77 10.65 -3.33 29.68
C ARG A 77 11.28 -2.42 30.74
N ALA A 78 12.50 -1.96 30.47
CA ALA A 78 13.24 -1.07 31.36
C ALA A 78 12.75 0.39 31.20
N GLY A 79 11.45 0.60 31.37
CA GLY A 79 10.87 1.92 31.21
C GLY A 79 11.05 2.80 32.43
N SER A 80 12.31 3.04 32.80
CA SER A 80 12.69 3.83 33.98
C SER A 80 12.18 3.19 35.28
N GLY A 1 4.36 -9.61 11.63
CA GLY A 1 5.25 -9.78 12.81
C GLY A 1 5.80 -11.19 12.94
N SER A 2 6.10 -11.61 14.18
CA SER A 2 6.62 -12.96 14.45
C SER A 2 5.56 -14.04 14.20
N ARG A 3 4.33 -13.62 13.97
CA ARG A 3 3.22 -14.52 13.66
C ARG A 3 2.23 -13.65 12.92
N SER A 4 1.32 -14.28 12.19
CA SER A 4 0.29 -13.58 11.39
C SER A 4 0.94 -12.46 10.55
N PHE A 5 0.63 -11.21 10.84
CA PHE A 5 1.17 -10.09 10.10
C PHE A 5 1.11 -8.86 11.00
N SER A 6 1.75 -7.78 10.57
CA SER A 6 1.71 -6.50 11.27
C SER A 6 1.33 -5.49 10.23
N LEU A 7 0.54 -4.51 10.64
CA LEU A 7 -0.10 -3.56 9.73
C LEU A 7 0.87 -2.74 8.88
N GLY A 8 2.03 -2.39 9.43
CA GLY A 8 3.01 -1.64 8.66
C GLY A 8 3.51 -2.47 7.49
N GLU A 9 3.76 -3.74 7.73
CA GLU A 9 4.26 -4.64 6.70
C GLU A 9 3.18 -4.90 5.65
N VAL A 10 1.93 -5.03 6.09
CA VAL A 10 0.79 -5.24 5.17
C VAL A 10 0.65 -4.05 4.22
N SER A 11 0.93 -2.85 4.70
CA SER A 11 0.83 -1.67 3.85
C SER A 11 1.84 -1.73 2.71
N ASP A 12 3.05 -2.19 3.02
CA ASP A 12 4.11 -2.32 2.01
C ASP A 12 3.85 -3.53 1.13
N MET A 13 3.21 -4.55 1.71
CA MET A 13 2.87 -5.76 0.97
C MET A 13 1.89 -5.42 -0.16
N ALA A 14 0.92 -4.57 0.13
CA ALA A 14 -0.04 -4.15 -0.89
C ALA A 14 0.67 -3.35 -2.00
N ALA A 15 1.70 -2.60 -1.63
CA ALA A 15 2.43 -1.80 -2.58
C ALA A 15 3.27 -2.67 -3.52
N VAL A 16 3.96 -3.67 -2.96
CA VAL A 16 4.79 -4.55 -3.78
C VAL A 16 3.93 -5.48 -4.63
N GLU A 17 2.78 -5.86 -4.11
CA GLU A 17 1.83 -6.67 -4.87
C GLU A 17 1.45 -5.93 -6.14
N ALA A 18 1.18 -4.64 -6.03
CA ALA A 18 0.84 -3.82 -7.19
C ALA A 18 2.02 -3.71 -8.15
N ALA A 19 3.24 -3.64 -7.60
CA ALA A 19 4.44 -3.55 -8.42
C ALA A 19 4.66 -4.85 -9.20
N GLU A 20 4.43 -5.99 -8.56
CA GLU A 20 4.57 -7.28 -9.22
C GLU A 20 3.58 -7.38 -10.35
N LEU A 21 2.35 -6.95 -10.09
CA LEU A 21 1.31 -6.98 -11.11
C LEU A 21 1.67 -6.13 -12.33
N GLU A 22 2.21 -4.94 -12.13
CA GLU A 22 2.57 -4.12 -13.29
C GLU A 22 3.84 -4.68 -13.97
N MET A 23 4.75 -5.28 -13.22
CA MET A 23 5.92 -5.92 -13.82
C MET A 23 5.52 -7.15 -14.64
N THR A 24 4.48 -7.83 -14.21
CA THR A 24 4.00 -9.03 -14.89
C THR A 24 3.68 -8.75 -16.36
N ARG A 25 3.05 -7.61 -16.67
CA ARG A 25 2.71 -7.34 -18.07
C ARG A 25 3.97 -7.07 -18.88
N GLN A 26 5.03 -6.58 -18.26
CA GLN A 26 6.27 -6.31 -18.98
C GLN A 26 6.97 -7.62 -19.33
N VAL A 27 7.04 -8.53 -18.37
CA VAL A 27 7.77 -9.80 -18.57
C VAL A 27 7.07 -10.73 -19.55
N LEU A 28 5.76 -10.66 -19.59
CA LEU A 28 4.97 -11.46 -20.53
C LEU A 28 5.14 -10.98 -21.97
N HIS A 29 5.74 -9.80 -22.15
CA HIS A 29 5.99 -9.26 -23.48
C HIS A 29 7.48 -9.29 -23.80
N ALA A 30 8.29 -9.72 -22.84
CA ALA A 30 9.73 -9.77 -23.02
C ALA A 30 10.12 -10.97 -23.89
N GLY A 31 11.15 -10.79 -24.71
CA GLY A 31 11.58 -11.87 -25.59
C GLY A 31 12.89 -11.49 -26.25
N ALA A 32 13.40 -12.38 -27.10
CA ALA A 32 14.63 -12.14 -27.81
C ALA A 32 14.25 -11.59 -29.17
N ARG A 33 15.24 -11.59 -30.06
CA ARG A 33 15.16 -11.14 -31.46
C ARG A 33 14.89 -9.66 -31.69
N GLN A 34 13.93 -9.09 -30.97
CA GLN A 34 13.56 -7.67 -31.07
C GLN A 34 13.20 -7.26 -32.50
N ASP A 35 12.57 -8.18 -33.22
CA ASP A 35 12.16 -7.96 -34.62
C ASP A 35 11.10 -6.87 -34.73
N ASP A 36 10.27 -6.80 -33.69
CA ASP A 36 9.16 -5.86 -33.61
C ASP A 36 8.85 -5.73 -32.13
N ALA A 37 9.52 -4.78 -31.49
CA ALA A 37 9.29 -4.49 -30.08
C ALA A 37 9.15 -2.97 -29.88
N GLU A 38 8.42 -2.32 -30.77
CA GLU A 38 8.20 -0.88 -30.66
C GLU A 38 7.23 -0.58 -29.51
N PRO A 39 7.47 0.51 -28.77
CA PRO A 39 6.57 0.80 -27.66
C PRO A 39 5.23 1.37 -28.11
N GLY A 40 4.21 1.10 -27.33
CA GLY A 40 2.87 1.57 -27.62
C GLY A 40 2.20 2.01 -26.34
N VAL A 41 1.66 3.20 -26.35
CA VAL A 41 0.98 3.75 -25.18
C VAL A 41 -0.25 2.88 -24.88
N SER A 42 -0.27 2.30 -23.69
CA SER A 42 -1.34 1.38 -23.29
C SER A 42 -2.30 2.05 -22.32
N GLY A 43 -2.62 3.31 -22.55
CA GLY A 43 -3.49 4.06 -21.66
C GLY A 43 -2.74 4.75 -20.55
N ALA A 44 -1.41 4.56 -20.56
CA ALA A 44 -0.49 5.12 -19.57
C ALA A 44 -0.70 4.53 -18.16
N SER A 45 0.07 5.03 -17.21
CA SER A 45 0.02 4.55 -15.82
C SER A 45 -0.83 5.48 -14.96
N ALA A 46 -1.07 5.06 -13.73
CA ALA A 46 -1.79 5.87 -12.75
C ALA A 46 -1.01 7.17 -12.52
N HIS A 47 -1.69 8.21 -12.06
CA HIS A 47 -1.02 9.48 -11.76
C HIS A 47 -0.86 9.70 -10.26
N TRP A 48 -1.95 10.05 -9.58
CA TRP A 48 -1.90 10.34 -8.14
C TRP A 48 -1.43 9.13 -7.33
N GLY A 49 -1.75 7.94 -7.82
CA GLY A 49 -1.35 6.72 -7.15
C GLY A 49 0.16 6.59 -7.06
N GLN A 50 0.88 7.07 -8.07
CA GLN A 50 2.33 6.98 -8.07
C GLN A 50 2.89 7.87 -6.97
N ARG A 51 2.36 9.07 -6.86
CA ARG A 51 2.86 10.00 -5.85
C ARG A 51 2.60 9.44 -4.47
N ALA A 52 1.48 8.75 -4.31
CA ALA A 52 1.15 8.10 -3.06
C ALA A 52 2.10 6.94 -2.75
N LEU A 53 2.34 6.06 -3.71
CA LEU A 53 3.20 4.90 -3.48
C LEU A 53 4.65 5.33 -3.25
N GLN A 54 5.12 6.35 -3.94
CA GLN A 54 6.48 6.86 -3.70
C GLN A 54 6.61 7.34 -2.26
N GLY A 55 5.52 7.87 -1.73
CA GLY A 55 5.51 8.29 -0.35
C GLY A 55 5.49 7.07 0.54
N ALA A 56 4.62 6.11 0.24
CA ALA A 56 4.48 4.89 1.03
C ALA A 56 5.82 4.15 1.22
N GLN A 57 6.63 4.13 0.17
CA GLN A 57 7.90 3.47 0.22
C GLN A 57 8.94 4.21 1.03
N ALA A 58 8.92 5.54 0.89
CA ALA A 58 9.82 6.37 1.64
C ALA A 58 9.49 6.28 3.14
N VAL A 59 8.20 6.30 3.47
CA VAL A 59 7.78 6.22 4.86
C VAL A 59 7.94 4.82 5.39
N ALA A 60 7.91 3.81 4.54
CA ALA A 60 8.05 2.41 4.98
C ALA A 60 9.35 2.22 5.77
N ALA A 61 10.41 2.92 5.39
CA ALA A 61 11.68 2.85 6.11
C ALA A 61 11.49 3.39 7.55
N ALA A 62 10.69 4.43 7.70
CA ALA A 62 10.38 4.98 9.01
C ALA A 62 9.44 4.06 9.79
N GLN A 63 8.53 3.39 9.09
CA GLN A 63 7.58 2.48 9.75
C GLN A 63 8.28 1.26 10.31
N ARG A 64 9.13 0.62 9.52
CA ARG A 64 9.86 -0.54 10.01
C ARG A 64 10.79 -0.13 11.13
N LEU A 65 11.20 1.13 11.13
CA LEU A 65 12.03 1.69 12.17
C LEU A 65 11.21 1.85 13.47
N VAL A 66 10.05 2.47 13.41
CA VAL A 66 9.26 2.69 14.62
C VAL A 66 8.85 1.35 15.19
N HIS A 67 8.58 0.41 14.30
CA HIS A 67 8.21 -0.93 14.69
C HIS A 67 9.37 -1.58 15.44
N ALA A 68 10.60 -1.30 15.05
CA ALA A 68 11.75 -1.88 15.72
C ALA A 68 11.78 -1.44 17.20
N ILE A 69 11.56 -0.15 17.47
CA ILE A 69 11.59 0.34 18.84
C ILE A 69 10.40 -0.19 19.60
N ALA A 70 9.26 -0.34 18.93
CA ALA A 70 8.07 -0.86 19.56
C ALA A 70 8.36 -2.26 20.13
N LEU A 71 9.31 -2.95 19.51
CA LEU A 71 9.71 -4.28 20.00
C LEU A 71 10.67 -4.14 21.15
N MET A 72 11.60 -3.21 21.03
CA MET A 72 12.58 -2.98 22.08
C MET A 72 11.93 -2.57 23.37
N THR A 73 10.78 -1.94 23.27
CA THR A 73 10.13 -1.44 24.48
C THR A 73 9.43 -2.56 25.22
N GLN A 74 8.87 -3.52 24.49
CA GLN A 74 8.24 -4.68 25.12
C GLN A 74 9.30 -5.72 25.53
N PHE A 75 10.45 -5.72 24.88
CA PHE A 75 11.53 -6.62 25.25
C PHE A 75 12.40 -6.03 26.36
N GLY A 76 12.19 -4.75 26.63
CA GLY A 76 12.99 -4.04 27.62
C GLY A 76 14.26 -3.51 26.98
N ARG A 77 14.89 -4.35 26.16
CA ARG A 77 16.10 -3.98 25.41
C ARG A 77 16.04 -4.58 24.03
N ALA A 78 16.15 -5.88 24.04
CA ALA A 78 16.13 -6.71 22.84
C ALA A 78 15.78 -8.12 23.30
N GLY A 79 15.47 -9.01 22.37
CA GLY A 79 15.16 -10.38 22.72
C GLY A 79 14.97 -11.25 21.49
N SER A 80 14.25 -10.74 20.49
CA SER A 80 14.04 -11.48 19.23
C SER A 80 15.30 -11.51 18.38
N GLY A 1 -47.84 -26.64 -2.60
CA GLY A 1 -47.73 -28.09 -2.28
C GLY A 1 -47.30 -28.35 -0.84
N SER A 2 -47.01 -29.62 -0.53
CA SER A 2 -46.57 -30.00 0.81
C SER A 2 -45.06 -29.99 0.87
N ARG A 3 -44.52 -29.55 2.02
CA ARG A 3 -43.07 -29.42 2.27
C ARG A 3 -42.44 -28.36 1.35
N SER A 4 -41.13 -28.26 1.41
CA SER A 4 -40.38 -27.32 0.57
C SER A 4 -39.01 -27.93 0.26
N PHE A 5 -38.42 -28.52 1.28
CA PHE A 5 -37.14 -29.21 1.17
C PHE A 5 -37.14 -30.21 2.32
N SER A 6 -36.14 -31.08 2.37
CA SER A 6 -35.99 -32.02 3.46
C SER A 6 -34.71 -31.63 4.17
N LEU A 7 -34.66 -31.95 5.45
CA LEU A 7 -33.55 -31.51 6.30
C LEU A 7 -32.26 -32.24 5.98
N GLY A 8 -32.36 -33.42 5.40
CA GLY A 8 -31.17 -34.17 5.03
C GLY A 8 -30.42 -33.46 3.92
N GLU A 9 -31.16 -32.86 3.00
CA GLU A 9 -30.55 -32.17 1.87
C GLU A 9 -29.78 -30.96 2.36
N VAL A 10 -30.32 -30.30 3.38
CA VAL A 10 -29.69 -29.12 3.97
C VAL A 10 -28.36 -29.50 4.65
N SER A 11 -28.31 -30.68 5.25
CA SER A 11 -27.07 -31.13 5.88
C SER A 11 -25.98 -31.35 4.82
N ASP A 12 -26.37 -31.88 3.67
CA ASP A 12 -25.43 -32.13 2.58
C ASP A 12 -25.09 -30.81 1.89
N MET A 13 -26.04 -29.89 1.89
CA MET A 13 -25.84 -28.56 1.31
C MET A 13 -24.69 -27.87 2.03
N ALA A 14 -24.64 -28.01 3.35
CA ALA A 14 -23.57 -27.42 4.14
C ALA A 14 -22.21 -28.07 3.81
N ALA A 15 -22.23 -29.36 3.51
CA ALA A 15 -21.01 -30.09 3.20
C ALA A 15 -20.46 -29.68 1.83
N VAL A 16 -21.33 -29.63 0.83
CA VAL A 16 -20.90 -29.28 -0.53
C VAL A 16 -20.49 -27.81 -0.59
N GLU A 17 -21.15 -26.97 0.19
CA GLU A 17 -20.77 -25.55 0.28
C GLU A 17 -19.32 -25.44 0.73
N ALA A 18 -18.94 -26.22 1.73
CA ALA A 18 -17.57 -26.20 2.22
C ALA A 18 -16.60 -26.69 1.13
N ALA A 19 -17.01 -27.70 0.38
CA ALA A 19 -16.18 -28.24 -0.69
C ALA A 19 -15.98 -27.20 -1.80
N GLU A 20 -17.05 -26.50 -2.17
CA GLU A 20 -16.97 -25.47 -3.19
C GLU A 20 -16.05 -24.36 -2.73
N LEU A 21 -16.23 -23.95 -1.49
CA LEU A 21 -15.40 -22.90 -0.90
C LEU A 21 -13.90 -23.25 -0.90
N GLU A 22 -13.54 -24.49 -0.59
CA GLU A 22 -12.12 -24.87 -0.66
C GLU A 22 -11.65 -25.07 -2.12
N MET A 23 -12.53 -25.54 -2.98
CA MET A 23 -12.17 -25.71 -4.40
C MET A 23 -11.96 -24.35 -5.05
N THR A 24 -12.73 -23.36 -4.63
CA THR A 24 -12.61 -21.99 -5.14
C THR A 24 -11.17 -21.49 -5.00
N ARG A 25 -10.49 -21.94 -3.96
CA ARG A 25 -9.11 -21.50 -3.71
C ARG A 25 -8.20 -22.02 -4.81
N GLN A 26 -8.40 -23.27 -5.20
CA GLN A 26 -7.57 -23.89 -6.23
C GLN A 26 -7.96 -23.29 -7.58
N VAL A 27 -9.25 -23.06 -7.74
CA VAL A 27 -9.83 -22.47 -8.93
C VAL A 27 -9.23 -21.09 -9.22
N LEU A 28 -9.07 -20.28 -8.18
CA LEU A 28 -8.48 -18.95 -8.33
C LEU A 28 -7.03 -19.04 -8.81
N HIS A 29 -6.31 -20.04 -8.31
CA HIS A 29 -4.91 -20.25 -8.70
C HIS A 29 -4.80 -20.83 -10.12
N ALA A 30 -5.91 -21.36 -10.61
CA ALA A 30 -5.97 -21.95 -11.96
C ALA A 30 -6.69 -20.99 -12.92
N GLY A 31 -6.80 -19.73 -12.54
CA GLY A 31 -7.46 -18.73 -13.35
C GLY A 31 -6.57 -18.16 -14.44
N ALA A 32 -6.96 -17.01 -14.96
CA ALA A 32 -6.22 -16.35 -16.00
C ALA A 32 -6.36 -14.86 -15.70
N ARG A 33 -5.37 -14.11 -16.14
CA ARG A 33 -5.32 -12.67 -15.92
C ARG A 33 -6.47 -11.97 -16.66
N GLN A 34 -6.94 -10.86 -16.11
CA GLN A 34 -8.00 -10.07 -16.74
C GLN A 34 -7.35 -8.92 -17.51
N ASP A 35 -6.19 -9.22 -18.08
CA ASP A 35 -5.36 -8.29 -18.86
C ASP A 35 -5.00 -7.01 -18.14
N ASP A 36 -5.07 -7.12 -16.83
CA ASP A 36 -4.73 -6.05 -15.87
C ASP A 36 -5.69 -4.86 -15.99
N ALA A 37 -6.91 -5.14 -16.44
CA ALA A 37 -7.98 -4.15 -16.57
C ALA A 37 -8.62 -3.84 -15.20
N GLU A 38 -7.78 -3.83 -14.17
CA GLU A 38 -8.21 -3.61 -12.81
C GLU A 38 -8.51 -2.12 -12.60
N PRO A 39 -9.36 -1.80 -11.60
CA PRO A 39 -9.70 -0.39 -11.38
C PRO A 39 -8.57 0.43 -10.75
N GLY A 40 -8.82 1.73 -10.64
CA GLY A 40 -7.83 2.68 -10.14
C GLY A 40 -7.12 2.39 -8.84
N VAL A 41 -7.75 1.59 -8.01
CA VAL A 41 -7.18 1.18 -6.72
C VAL A 41 -5.85 0.45 -6.91
N SER A 42 -5.67 -0.22 -8.04
CA SER A 42 -4.44 -0.96 -8.34
C SER A 42 -3.38 -0.05 -8.97
N GLY A 43 -3.68 1.24 -9.05
CA GLY A 43 -2.76 2.20 -9.63
C GLY A 43 -3.05 2.50 -11.08
N ALA A 44 -4.00 1.78 -11.67
CA ALA A 44 -4.39 1.96 -13.07
C ALA A 44 -4.86 3.40 -13.32
N SER A 45 -4.08 4.12 -14.13
CA SER A 45 -4.31 5.54 -14.47
C SER A 45 -4.41 6.49 -13.26
N ALA A 46 -4.10 5.97 -12.08
CA ALA A 46 -4.20 6.74 -10.84
C ALA A 46 -2.99 7.63 -10.62
N HIS A 47 -2.68 8.51 -11.56
CA HIS A 47 -1.48 9.37 -11.47
C HIS A 47 -1.24 9.96 -10.08
N TRP A 48 -2.21 10.64 -9.52
CA TRP A 48 -2.06 11.23 -8.19
C TRP A 48 -1.89 10.19 -7.08
N GLY A 49 -2.52 9.04 -7.27
CA GLY A 49 -2.40 7.94 -6.31
C GLY A 49 -1.02 7.34 -6.36
N GLN A 50 -0.40 7.33 -7.54
CA GLN A 50 0.96 6.82 -7.67
C GLN A 50 1.90 7.72 -6.88
N ARG A 51 1.63 9.01 -6.84
CA ARG A 51 2.48 9.93 -6.08
C ARG A 51 2.34 9.63 -4.59
N ALA A 52 1.16 9.20 -4.18
CA ALA A 52 0.94 8.83 -2.79
C ALA A 52 1.68 7.53 -2.47
N LEU A 53 1.74 6.59 -3.40
CA LEU A 53 2.45 5.34 -3.17
C LEU A 53 3.95 5.63 -3.07
N GLN A 54 4.45 6.60 -3.81
CA GLN A 54 5.87 6.99 -3.66
C GLN A 54 6.13 7.44 -2.22
N GLY A 55 5.14 8.08 -1.63
CA GLY A 55 5.24 8.49 -0.24
C GLY A 55 5.23 7.26 0.64
N ALA A 56 4.33 6.32 0.35
CA ALA A 56 4.22 5.07 1.10
C ALA A 56 5.56 4.32 1.16
N GLN A 57 6.31 4.34 0.07
CA GLN A 57 7.62 3.69 0.04
C GLN A 57 8.62 4.42 0.94
N ALA A 58 8.60 5.74 0.90
CA ALA A 58 9.54 6.53 1.69
C ALA A 58 9.25 6.38 3.18
N VAL A 59 7.98 6.44 3.54
CA VAL A 59 7.58 6.32 4.94
C VAL A 59 7.81 4.90 5.45
N ALA A 60 7.78 3.92 4.55
CA ALA A 60 8.00 2.53 4.95
C ALA A 60 9.33 2.36 5.69
N ALA A 61 10.34 3.14 5.32
CA ALA A 61 11.63 3.10 6.01
C ALA A 61 11.47 3.55 7.46
N ALA A 62 10.62 4.54 7.68
CA ALA A 62 10.32 5.02 9.03
C ALA A 62 9.44 4.00 9.77
N GLN A 63 8.55 3.33 9.06
CA GLN A 63 7.67 2.35 9.68
C GLN A 63 8.42 1.13 10.19
N ARG A 64 9.30 0.59 9.37
CA ARG A 64 10.10 -0.57 9.79
C ARG A 64 10.98 -0.16 10.97
N LEU A 65 11.32 1.12 11.03
CA LEU A 65 12.11 1.67 12.12
C LEU A 65 11.27 1.79 13.40
N VAL A 66 10.10 2.41 13.34
CA VAL A 66 9.30 2.64 14.55
C VAL A 66 8.89 1.32 15.16
N HIS A 67 8.62 0.34 14.30
CA HIS A 67 8.25 -0.98 14.74
C HIS A 67 9.38 -1.60 15.54
N ALA A 68 10.63 -1.33 15.15
CA ALA A 68 11.76 -1.90 15.87
C ALA A 68 11.75 -1.43 17.33
N ILE A 69 11.51 -0.15 17.56
CA ILE A 69 11.49 0.37 18.94
C ILE A 69 10.27 -0.13 19.67
N ALA A 70 9.17 -0.31 18.96
CA ALA A 70 7.94 -0.81 19.56
C ALA A 70 8.22 -2.20 20.18
N LEU A 71 9.18 -2.92 19.61
CA LEU A 71 9.55 -4.23 20.16
C LEU A 71 10.45 -4.04 21.36
N MET A 72 11.42 -3.15 21.24
CA MET A 72 12.35 -2.90 22.33
C MET A 72 11.63 -2.42 23.57
N THR A 73 10.53 -1.71 23.36
CA THR A 73 9.83 -1.11 24.49
C THR A 73 9.03 -2.15 25.24
N GLN A 74 8.54 -3.16 24.55
CA GLN A 74 7.86 -4.26 25.23
C GLN A 74 8.86 -5.31 25.73
N PHE A 75 9.98 -5.48 25.03
CA PHE A 75 11.00 -6.44 25.46
C PHE A 75 11.62 -5.96 26.77
N GLY A 76 11.90 -4.67 26.84
CA GLY A 76 12.48 -4.09 28.04
C GLY A 76 11.42 -3.64 29.03
N ARG A 77 10.16 -3.86 28.65
CA ARG A 77 8.97 -3.47 29.45
C ARG A 77 8.90 -1.98 29.82
N ALA A 78 9.74 -1.17 29.17
CA ALA A 78 9.77 0.27 29.41
C ALA A 78 8.48 0.92 28.89
N GLY A 79 7.83 0.27 27.95
CA GLY A 79 6.58 0.77 27.41
C GLY A 79 5.38 0.32 28.23
N SER A 80 5.66 -0.16 29.46
CA SER A 80 4.62 -0.64 30.37
C SER A 80 5.05 -0.48 31.83
N GLY A 1 -16.02 -23.77 -61.11
CA GLY A 1 -14.75 -23.22 -60.56
C GLY A 1 -14.98 -22.12 -59.52
N SER A 2 -13.88 -21.45 -59.15
CA SER A 2 -13.88 -20.33 -58.19
C SER A 2 -14.54 -20.67 -56.84
N ARG A 3 -14.44 -21.95 -56.46
CA ARG A 3 -15.02 -22.50 -55.21
C ARG A 3 -16.54 -22.40 -55.11
N SER A 4 -17.21 -23.53 -55.18
CA SER A 4 -18.67 -23.56 -55.09
C SER A 4 -19.10 -23.63 -53.65
N PHE A 5 -20.42 -23.57 -53.45
CA PHE A 5 -21.01 -23.62 -52.13
C PHE A 5 -21.04 -25.04 -51.52
N SER A 6 -19.91 -25.71 -51.55
CA SER A 6 -19.78 -27.06 -51.00
C SER A 6 -19.51 -27.04 -49.51
N LEU A 7 -19.93 -25.96 -48.87
CA LEU A 7 -19.82 -25.69 -47.43
C LEU A 7 -18.37 -25.60 -46.91
N GLY A 8 -17.61 -26.68 -46.96
CA GLY A 8 -16.24 -26.67 -46.48
C GLY A 8 -15.38 -25.72 -47.29
N GLU A 9 -15.66 -25.63 -48.58
CA GLU A 9 -14.91 -24.73 -49.47
C GLU A 9 -15.15 -23.28 -49.05
N VAL A 10 -16.36 -23.00 -48.58
CA VAL A 10 -16.75 -21.66 -48.15
C VAL A 10 -16.11 -21.32 -46.81
N SER A 11 -16.09 -22.28 -45.90
CA SER A 11 -15.47 -22.06 -44.58
C SER A 11 -13.98 -21.79 -44.74
N ASP A 12 -13.35 -22.51 -45.65
CA ASP A 12 -11.93 -22.33 -45.92
C ASP A 12 -11.69 -21.04 -46.70
N MET A 13 -12.69 -20.58 -47.43
CA MET A 13 -12.57 -19.33 -48.17
C MET A 13 -12.41 -18.21 -47.15
N ALA A 14 -13.25 -18.23 -46.11
CA ALA A 14 -13.20 -17.20 -45.09
C ALA A 14 -11.85 -17.24 -44.35
N ALA A 15 -11.30 -18.44 -44.20
CA ALA A 15 -10.02 -18.61 -43.52
C ALA A 15 -8.88 -17.98 -44.31
N VAL A 16 -8.81 -18.27 -45.61
CA VAL A 16 -7.73 -17.76 -46.45
C VAL A 16 -7.91 -16.26 -46.69
N GLU A 17 -9.15 -15.81 -46.80
CA GLU A 17 -9.45 -14.39 -46.96
C GLU A 17 -8.89 -13.61 -45.76
N ALA A 18 -9.16 -14.10 -44.56
CA ALA A 18 -8.67 -13.43 -43.35
C ALA A 18 -7.14 -13.45 -43.32
N ALA A 19 -6.57 -14.56 -43.73
CA ALA A 19 -5.12 -14.72 -43.72
C ALA A 19 -4.45 -13.76 -44.70
N GLU A 20 -4.95 -13.68 -45.93
CA GLU A 20 -4.32 -12.80 -46.92
C GLU A 20 -4.54 -11.34 -46.55
N LEU A 21 -5.65 -11.02 -45.90
CA LEU A 21 -5.89 -9.64 -45.45
C LEU A 21 -4.86 -9.22 -44.41
N GLU A 22 -4.54 -10.08 -43.45
CA GLU A 22 -3.52 -9.72 -42.47
C GLU A 22 -2.13 -9.74 -43.12
N MET A 23 -1.93 -10.64 -44.07
CA MET A 23 -0.64 -10.70 -44.79
C MET A 23 -0.42 -9.37 -45.51
N THR A 24 -1.48 -8.84 -46.10
CA THR A 24 -1.43 -7.56 -46.80
C THR A 24 -1.10 -6.44 -45.82
N ARG A 25 -1.64 -6.50 -44.61
CA ARG A 25 -1.30 -5.48 -43.62
C ARG A 25 0.16 -5.57 -43.27
N GLN A 26 0.61 -6.79 -43.02
CA GLN A 26 1.99 -7.03 -42.63
C GLN A 26 2.98 -6.50 -43.66
N VAL A 27 2.72 -6.74 -44.94
CA VAL A 27 3.62 -6.25 -45.99
C VAL A 27 3.58 -4.73 -46.17
N LEU A 28 2.39 -4.13 -46.01
CA LEU A 28 2.25 -2.68 -46.13
C LEU A 28 2.88 -1.92 -44.96
N HIS A 29 2.80 -2.49 -43.76
CA HIS A 29 3.38 -1.85 -42.58
C HIS A 29 4.90 -2.08 -42.52
N ALA A 30 5.40 -3.04 -43.29
CA ALA A 30 6.82 -3.35 -43.28
C ALA A 30 7.65 -2.21 -43.86
N GLY A 31 8.71 -1.84 -43.15
CA GLY A 31 9.59 -0.78 -43.61
C GLY A 31 10.20 -0.05 -42.44
N ALA A 32 11.08 0.89 -42.74
CA ALA A 32 11.79 1.66 -41.71
C ALA A 32 10.99 2.88 -41.23
N ARG A 33 9.68 2.83 -41.37
CA ARG A 33 8.83 3.98 -40.98
C ARG A 33 8.84 4.24 -39.49
N GLN A 34 8.56 3.20 -38.72
CA GLN A 34 8.55 3.24 -37.25
C GLN A 34 7.68 4.36 -36.64
N ASP A 35 6.65 4.77 -37.35
CA ASP A 35 5.78 5.88 -36.90
C ASP A 35 4.89 5.48 -35.73
N ASP A 36 4.51 4.21 -35.71
CA ASP A 36 3.54 3.68 -34.75
C ASP A 36 4.07 2.47 -33.98
N ALA A 37 5.39 2.34 -33.96
CA ALA A 37 6.04 1.18 -33.34
C ALA A 37 6.37 1.45 -31.87
N GLU A 38 5.42 2.01 -31.14
CA GLU A 38 5.60 2.27 -29.71
C GLU A 38 5.59 0.96 -28.92
N PRO A 39 6.39 0.88 -27.84
CA PRO A 39 6.43 -0.37 -27.08
C PRO A 39 5.23 -0.56 -26.17
N GLY A 40 5.04 -1.80 -25.74
CA GLY A 40 3.92 -2.16 -24.86
C GLY A 40 4.09 -1.74 -23.40
N VAL A 41 4.48 -0.50 -23.18
CA VAL A 41 4.67 0.05 -21.83
C VAL A 41 3.31 0.47 -21.24
N SER A 42 2.31 0.53 -22.12
CA SER A 42 0.97 0.93 -21.72
C SER A 42 0.33 -0.07 -20.74
N GLY A 43 -0.54 0.44 -19.89
CA GLY A 43 -1.22 -0.40 -18.90
C GLY A 43 -0.79 -0.05 -17.49
N ALA A 44 0.47 0.31 -17.33
CA ALA A 44 1.01 0.73 -16.04
C ALA A 44 0.73 2.22 -15.79
N SER A 45 -0.09 2.80 -16.64
CA SER A 45 -0.42 4.22 -16.61
C SER A 45 -1.29 4.62 -15.41
N ALA A 46 -0.70 5.38 -14.50
CA ALA A 46 -1.42 5.91 -13.33
C ALA A 46 -0.76 7.24 -12.99
N HIS A 47 -1.52 8.16 -12.42
CA HIS A 47 -0.96 9.46 -11.99
C HIS A 47 -0.81 9.53 -10.46
N TRP A 48 -1.91 9.74 -9.76
CA TRP A 48 -1.89 9.87 -8.31
C TRP A 48 -1.34 8.64 -7.61
N GLY A 49 -1.49 7.48 -8.23
CA GLY A 49 -0.98 6.25 -7.66
C GLY A 49 0.54 6.28 -7.57
N GLN A 50 1.19 6.94 -8.53
CA GLN A 50 2.64 7.03 -8.50
C GLN A 50 3.05 7.89 -7.31
N ARG A 51 2.37 9.01 -7.14
CA ARG A 51 2.71 9.93 -6.06
C ARG A 51 2.49 9.27 -4.71
N ALA A 52 1.44 8.46 -4.62
CA ALA A 52 1.14 7.73 -3.40
C ALA A 52 2.26 6.74 -3.09
N LEU A 53 2.72 6.02 -4.10
CA LEU A 53 3.77 5.03 -3.89
C LEU A 53 5.09 5.73 -3.50
N GLN A 54 5.39 6.88 -4.08
CA GLN A 54 6.61 7.60 -3.69
C GLN A 54 6.60 7.91 -2.21
N GLY A 55 5.44 8.25 -1.68
CA GLY A 55 5.31 8.50 -0.26
C GLY A 55 5.44 7.20 0.50
N ALA A 56 4.74 6.17 0.03
CA ALA A 56 4.75 4.85 0.67
C ALA A 56 6.17 4.31 0.86
N GLN A 57 7.03 4.54 -0.12
CA GLN A 57 8.41 4.07 -0.05
C GLN A 57 9.17 4.79 1.08
N ALA A 58 9.05 6.11 1.12
CA ALA A 58 9.76 6.90 2.10
C ALA A 58 9.26 6.59 3.52
N VAL A 59 7.95 6.49 3.69
CA VAL A 59 7.40 6.22 5.01
C VAL A 59 7.70 4.80 5.43
N ALA A 60 7.79 3.85 4.50
CA ALA A 60 8.06 2.45 4.84
C ALA A 60 9.35 2.31 5.64
N ALA A 61 10.35 3.10 5.29
CA ALA A 61 11.63 3.08 6.01
C ALA A 61 11.41 3.54 7.46
N ALA A 62 10.54 4.52 7.65
CA ALA A 62 10.22 5.00 8.99
C ALA A 62 9.37 3.99 9.75
N GLN A 63 8.45 3.32 9.07
CA GLN A 63 7.58 2.33 9.72
C GLN A 63 8.37 1.14 10.24
N ARG A 64 9.25 0.59 9.42
CA ARG A 64 10.05 -0.56 9.84
C ARG A 64 10.95 -0.15 11.00
N LEU A 65 11.29 1.12 11.04
CA LEU A 65 12.09 1.68 12.12
C LEU A 65 11.27 1.81 13.40
N VAL A 66 10.11 2.46 13.35
CA VAL A 66 9.32 2.70 14.58
C VAL A 66 8.90 1.37 15.18
N HIS A 67 8.60 0.41 14.34
CA HIS A 67 8.20 -0.90 14.78
C HIS A 67 9.34 -1.56 15.54
N ALA A 68 10.58 -1.31 15.13
CA ALA A 68 11.71 -1.92 15.80
C ALA A 68 11.74 -1.50 17.28
N ILE A 69 11.56 -0.21 17.54
CA ILE A 69 11.60 0.28 18.92
C ILE A 69 10.38 -0.21 19.68
N ALA A 70 9.26 -0.31 19.00
CA ALA A 70 8.03 -0.78 19.62
C ALA A 70 8.23 -2.18 20.19
N LEU A 71 9.16 -2.93 19.61
CA LEU A 71 9.50 -4.27 20.14
C LEU A 71 10.44 -4.17 21.31
N MET A 72 11.43 -3.30 21.16
CA MET A 72 12.46 -3.11 22.20
C MET A 72 11.87 -2.68 23.50
N THR A 73 10.70 -2.08 23.45
CA THR A 73 10.07 -1.60 24.68
C THR A 73 9.39 -2.73 25.42
N GLN A 74 9.01 -3.77 24.69
CA GLN A 74 8.37 -4.96 25.28
C GLN A 74 9.45 -5.89 25.77
N PHE A 75 10.54 -5.95 25.02
CA PHE A 75 11.71 -6.70 25.43
C PHE A 75 12.29 -5.98 26.64
N GLY A 76 12.01 -4.69 26.75
CA GLY A 76 12.53 -3.86 27.82
C GLY A 76 11.65 -3.82 29.05
N ARG A 77 10.67 -4.69 29.12
CA ARG A 77 9.75 -4.72 30.27
C ARG A 77 10.43 -5.36 31.47
N ALA A 78 11.62 -5.88 31.23
CA ALA A 78 12.45 -6.50 32.28
C ALA A 78 11.67 -7.56 33.07
N GLY A 79 10.97 -8.41 32.34
CA GLY A 79 10.16 -9.44 32.96
C GLY A 79 8.80 -8.91 33.38
N SER A 80 8.80 -7.71 33.98
CA SER A 80 7.59 -7.03 34.47
C SER A 80 6.82 -7.87 35.49
N GLY A 1 -39.17 -31.01 -7.05
CA GLY A 1 -38.27 -30.74 -5.88
C GLY A 1 -39.00 -30.75 -4.55
N SER A 2 -40.26 -31.16 -4.64
CA SER A 2 -41.11 -31.25 -3.46
C SER A 2 -40.54 -32.30 -2.52
N ARG A 3 -40.24 -31.90 -1.29
CA ARG A 3 -39.63 -32.76 -0.27
C ARG A 3 -38.27 -33.29 -0.76
N SER A 4 -37.51 -32.38 -1.39
CA SER A 4 -36.15 -32.62 -1.90
C SER A 4 -36.12 -33.51 -3.15
N PHE A 5 -34.97 -34.12 -3.40
CA PHE A 5 -34.76 -34.93 -4.61
C PHE A 5 -35.72 -36.13 -4.68
N SER A 6 -36.13 -36.44 -5.90
CA SER A 6 -37.05 -37.56 -6.16
C SER A 6 -36.35 -38.61 -7.01
N LEU A 7 -35.17 -38.99 -6.54
CA LEU A 7 -34.31 -40.05 -7.13
C LEU A 7 -33.79 -39.83 -8.56
N GLY A 8 -34.68 -39.63 -9.53
CA GLY A 8 -34.23 -39.41 -10.90
C GLY A 8 -33.49 -38.09 -10.96
N GLU A 9 -33.91 -37.17 -10.10
CA GLU A 9 -33.30 -35.85 -9.98
C GLU A 9 -31.81 -35.94 -9.69
N VAL A 10 -31.40 -36.96 -8.96
CA VAL A 10 -30.00 -37.12 -8.55
C VAL A 10 -29.10 -37.37 -9.76
N SER A 11 -29.62 -38.08 -10.75
CA SER A 11 -28.83 -38.39 -11.94
C SER A 11 -28.57 -37.12 -12.75
N ASP A 12 -29.60 -36.30 -12.88
CA ASP A 12 -29.48 -35.05 -13.65
C ASP A 12 -28.72 -34.02 -12.84
N MET A 13 -28.83 -34.11 -11.52
CA MET A 13 -28.08 -33.23 -10.63
C MET A 13 -26.59 -33.51 -10.80
N ALA A 14 -26.22 -34.77 -10.93
CA ALA A 14 -24.82 -35.13 -11.13
C ALA A 14 -24.31 -34.59 -12.47
N ALA A 15 -25.18 -34.55 -13.47
CA ALA A 15 -24.81 -34.06 -14.78
C ALA A 15 -24.60 -32.54 -14.77
N VAL A 16 -25.50 -31.80 -14.14
CA VAL A 16 -25.38 -30.35 -14.08
C VAL A 16 -24.24 -29.94 -13.17
N GLU A 17 -23.98 -30.72 -12.13
CA GLU A 17 -22.83 -30.49 -11.25
C GLU A 17 -21.55 -30.53 -12.07
N ALA A 18 -21.44 -31.49 -12.97
CA ALA A 18 -20.26 -31.61 -13.81
C ALA A 18 -20.14 -30.38 -14.73
N ALA A 19 -21.27 -29.89 -15.22
CA ALA A 19 -21.29 -28.72 -16.07
C ALA A 19 -20.86 -27.47 -15.29
N GLU A 20 -21.35 -27.33 -14.06
CA GLU A 20 -20.99 -26.20 -13.20
C GLU A 20 -19.50 -26.23 -12.95
N LEU A 21 -18.99 -27.41 -12.64
CA LEU A 21 -17.56 -27.57 -12.37
C LEU A 21 -16.70 -27.19 -13.57
N GLU A 22 -17.07 -27.60 -14.79
CA GLU A 22 -16.27 -27.21 -15.95
C GLU A 22 -16.46 -25.74 -16.32
N MET A 23 -17.64 -25.19 -16.11
CA MET A 23 -17.87 -23.76 -16.36
C MET A 23 -17.03 -22.95 -15.38
N THR A 24 -16.93 -23.44 -14.15
CA THR A 24 -16.09 -22.79 -13.13
C THR A 24 -14.64 -22.75 -13.62
N ARG A 25 -14.19 -23.80 -14.28
CA ARG A 25 -12.81 -23.81 -14.79
C ARG A 25 -12.66 -22.74 -15.85
N GLN A 26 -13.64 -22.63 -16.73
CA GLN A 26 -13.59 -21.65 -17.81
C GLN A 26 -13.61 -20.21 -17.32
N VAL A 27 -14.46 -19.89 -16.36
CA VAL A 27 -14.51 -18.51 -15.85
C VAL A 27 -13.23 -18.14 -15.11
N LEU A 28 -12.63 -19.12 -14.46
CA LEU A 28 -11.34 -18.93 -13.78
C LEU A 28 -10.17 -18.83 -14.75
N HIS A 29 -10.41 -19.02 -16.03
CA HIS A 29 -9.39 -18.84 -17.06
C HIS A 29 -9.70 -17.60 -17.91
N ALA A 30 -10.86 -17.02 -17.68
CA ALA A 30 -11.27 -15.82 -18.38
C ALA A 30 -10.80 -14.64 -17.56
N GLY A 31 -10.89 -13.43 -18.11
CA GLY A 31 -10.53 -12.25 -17.36
C GLY A 31 -11.66 -11.96 -16.39
N ALA A 32 -11.33 -11.50 -15.19
CA ALA A 32 -12.33 -11.16 -14.20
C ALA A 32 -12.69 -9.68 -14.39
N ARG A 33 -13.09 -9.04 -13.31
CA ARG A 33 -13.39 -7.61 -13.35
C ARG A 33 -12.10 -6.86 -13.61
N GLN A 34 -12.20 -5.66 -14.16
CA GLN A 34 -11.03 -4.84 -14.44
C GLN A 34 -10.89 -3.74 -13.38
N ASP A 35 -11.54 -3.98 -12.24
CA ASP A 35 -11.62 -2.99 -11.16
C ASP A 35 -10.23 -2.55 -10.67
N ASP A 36 -9.33 -3.52 -10.58
CA ASP A 36 -7.97 -3.29 -10.07
C ASP A 36 -6.94 -3.62 -11.15
N ALA A 37 -7.38 -3.64 -12.39
CA ALA A 37 -6.54 -4.03 -13.51
C ALA A 37 -6.44 -2.87 -14.51
N GLU A 38 -6.08 -1.72 -13.98
CA GLU A 38 -5.92 -0.52 -14.80
C GLU A 38 -4.91 -0.79 -15.93
N PRO A 39 -5.11 -0.18 -17.13
CA PRO A 39 -4.19 -0.43 -18.24
C PRO A 39 -2.85 0.31 -18.15
N GLY A 40 -2.06 -0.10 -17.18
CA GLY A 40 -0.75 0.48 -16.96
C GLY A 40 -0.24 0.36 -15.54
N VAL A 41 0.08 -0.85 -15.10
CA VAL A 41 0.61 -1.07 -13.75
C VAL A 41 2.10 -1.41 -13.85
N SER A 42 2.95 -0.43 -13.59
CA SER A 42 4.40 -0.60 -13.64
C SER A 42 5.01 0.54 -12.86
N GLY A 43 6.31 0.50 -12.63
CA GLY A 43 6.97 1.59 -11.92
C GLY A 43 7.24 2.81 -12.80
N ALA A 44 6.84 2.73 -14.06
CA ALA A 44 7.08 3.81 -15.02
C ALA A 44 5.77 4.37 -15.58
N SER A 45 4.64 3.88 -15.08
CA SER A 45 3.33 4.33 -15.57
C SER A 45 2.68 5.23 -14.53
N ALA A 46 1.62 5.91 -14.95
CA ALA A 46 0.85 6.88 -14.14
C ALA A 46 1.69 8.12 -13.79
N HIS A 47 1.04 9.18 -13.33
CA HIS A 47 1.76 10.36 -12.85
C HIS A 47 1.61 10.51 -11.33
N TRP A 48 0.39 10.79 -10.90
CA TRP A 48 0.08 11.00 -9.49
C TRP A 48 0.42 9.81 -8.63
N GLY A 49 0.09 8.65 -9.16
CA GLY A 49 0.34 7.39 -8.50
C GLY A 49 1.81 7.15 -8.20
N GLN A 50 2.70 7.62 -9.05
CA GLN A 50 4.14 7.43 -8.82
C GLN A 50 4.54 8.14 -7.55
N ARG A 51 4.09 9.37 -7.38
CA ARG A 51 4.45 10.14 -6.18
C ARG A 51 3.84 9.51 -4.95
N ALA A 52 2.65 8.94 -5.09
CA ALA A 52 2.00 8.27 -3.98
C ALA A 52 2.81 7.04 -3.56
N LEU A 53 3.22 6.22 -4.54
CA LEU A 53 3.99 5.03 -4.23
C LEU A 53 5.35 5.41 -3.65
N GLN A 54 6.00 6.45 -4.18
CA GLN A 54 7.27 6.89 -3.64
C GLN A 54 7.13 7.36 -2.19
N GLY A 55 5.96 7.89 -1.86
CA GLY A 55 5.68 8.27 -0.50
C GLY A 55 5.60 7.03 0.34
N ALA A 56 4.86 6.03 -0.12
CA ALA A 56 4.72 4.77 0.58
C ALA A 56 6.09 4.11 0.85
N GLN A 57 7.00 4.22 -0.11
CA GLN A 57 8.34 3.66 0.05
C GLN A 57 9.11 4.42 1.14
N ALA A 58 9.03 5.74 1.10
CA ALA A 58 9.75 6.58 2.05
C ALA A 58 9.22 6.36 3.47
N VAL A 59 7.91 6.31 3.62
CA VAL A 59 7.33 6.12 4.95
C VAL A 59 7.61 4.71 5.43
N ALA A 60 7.69 3.73 4.53
CA ALA A 60 7.94 2.35 4.94
C ALA A 60 9.27 2.24 5.70
N ALA A 61 10.25 3.03 5.30
CA ALA A 61 11.54 3.02 5.99
C ALA A 61 11.36 3.53 7.42
N ALA A 62 10.49 4.50 7.62
CA ALA A 62 10.19 5.01 8.96
C ALA A 62 9.35 4.00 9.75
N GLN A 63 8.43 3.31 9.09
CA GLN A 63 7.56 2.34 9.77
C GLN A 63 8.35 1.16 10.29
N ARG A 64 9.24 0.60 9.47
CA ARG A 64 10.05 -0.54 9.91
C ARG A 64 10.96 -0.12 11.05
N LEU A 65 11.29 1.16 11.08
CA LEU A 65 12.11 1.73 12.14
C LEU A 65 11.29 1.87 13.43
N VAL A 66 10.13 2.50 13.38
CA VAL A 66 9.35 2.75 14.60
C VAL A 66 8.92 1.42 15.21
N HIS A 67 8.59 0.46 14.35
CA HIS A 67 8.20 -0.85 14.81
C HIS A 67 9.35 -1.55 15.51
N ALA A 68 10.59 -1.28 15.10
CA ALA A 68 11.75 -1.92 15.74
C ALA A 68 11.81 -1.52 17.21
N ILE A 69 11.57 -0.25 17.51
CA ILE A 69 11.62 0.23 18.88
C ILE A 69 10.41 -0.31 19.64
N ALA A 70 9.28 -0.42 18.95
CA ALA A 70 8.06 -0.93 19.57
C ALA A 70 8.30 -2.35 20.12
N LEU A 71 9.23 -3.06 19.52
CA LEU A 71 9.57 -4.40 20.01
C LEU A 71 10.43 -4.29 21.24
N MET A 72 11.36 -3.36 21.22
CA MET A 72 12.25 -3.16 22.35
C MET A 72 11.48 -2.70 23.56
N THR A 73 10.37 -2.02 23.35
CA THR A 73 9.62 -1.50 24.48
C THR A 73 8.80 -2.61 25.12
N GLN A 74 8.30 -3.54 24.32
CA GLN A 74 7.56 -4.66 24.89
C GLN A 74 8.52 -5.70 25.48
N PHE A 75 9.70 -5.86 24.87
CA PHE A 75 10.68 -6.80 25.40
C PHE A 75 11.28 -6.25 26.69
N GLY A 76 11.41 -4.93 26.76
CA GLY A 76 11.90 -4.29 27.97
C GLY A 76 10.80 -4.08 28.99
N ARG A 77 9.65 -4.70 28.75
CA ARG A 77 8.47 -4.63 29.61
C ARG A 77 8.08 -3.22 30.01
N ALA A 78 8.27 -2.28 29.10
CA ALA A 78 7.96 -0.87 29.32
C ALA A 78 6.78 -0.45 28.44
N GLY A 79 6.16 -1.43 27.81
CA GLY A 79 5.00 -1.17 26.96
C GLY A 79 3.74 -0.95 27.77
N SER A 80 3.68 0.20 28.45
CA SER A 80 2.53 0.59 29.29
C SER A 80 1.42 1.25 28.49
N GLY A 1 -21.17 46.39 -21.43
CA GLY A 1 -20.25 45.21 -21.60
C GLY A 1 -18.80 45.60 -21.78
N SER A 2 -18.57 46.92 -21.67
CA SER A 2 -17.23 47.49 -21.81
C SER A 2 -16.51 47.44 -20.47
N ARG A 3 -15.18 47.36 -20.52
CA ARG A 3 -14.36 47.34 -19.30
C ARG A 3 -13.34 48.46 -19.41
N SER A 4 -12.87 48.93 -18.26
CA SER A 4 -11.89 49.99 -18.18
C SER A 4 -10.91 49.54 -17.12
N PHE A 5 -9.69 50.07 -17.14
CA PHE A 5 -8.67 49.66 -16.17
C PHE A 5 -7.52 50.64 -15.98
N SER A 6 -7.25 51.49 -16.97
CA SER A 6 -6.12 52.45 -16.98
C SER A 6 -4.74 51.78 -17.02
N LEU A 7 -3.91 52.34 -17.87
CA LEU A 7 -2.59 51.79 -18.12
C LEU A 7 -1.65 51.86 -16.92
N GLY A 8 -1.77 52.92 -16.12
CA GLY A 8 -0.91 53.06 -14.98
C GLY A 8 -1.31 52.11 -13.86
N GLU A 9 -2.61 51.97 -13.67
CA GLU A 9 -3.16 51.13 -12.61
C GLU A 9 -2.81 49.68 -12.85
N VAL A 10 -2.71 49.26 -14.11
CA VAL A 10 -2.34 47.88 -14.44
C VAL A 10 -0.94 47.55 -13.92
N SER A 11 -0.05 48.54 -13.85
CA SER A 11 1.30 48.29 -13.35
C SER A 11 1.26 47.90 -11.88
N ASP A 12 0.41 48.57 -11.13
CA ASP A 12 0.23 48.28 -9.70
C ASP A 12 -0.60 47.01 -9.54
N MET A 13 -1.51 46.79 -10.47
CA MET A 13 -2.38 45.61 -10.46
C MET A 13 -1.55 44.34 -10.59
N ALA A 14 -0.49 44.40 -11.39
CA ALA A 14 0.40 43.26 -11.57
C ALA A 14 1.07 42.86 -10.25
N ALA A 15 1.31 43.83 -9.38
CA ALA A 15 1.90 43.54 -8.08
C ALA A 15 0.87 42.83 -7.20
N VAL A 16 -0.40 43.22 -7.33
CA VAL A 16 -1.47 42.58 -6.56
C VAL A 16 -1.64 41.15 -7.04
N GLU A 17 -1.62 40.95 -8.35
CA GLU A 17 -1.74 39.60 -8.92
C GLU A 17 -0.62 38.71 -8.39
N ALA A 18 0.60 39.22 -8.38
CA ALA A 18 1.74 38.45 -7.89
C ALA A 18 1.57 38.11 -6.40
N ALA A 19 1.09 39.08 -5.63
CA ALA A 19 0.91 38.90 -4.20
C ALA A 19 -0.17 37.86 -3.87
N GLU A 20 -1.30 37.92 -4.54
CA GLU A 20 -2.37 36.97 -4.24
C GLU A 20 -1.97 35.58 -4.73
N LEU A 21 -1.20 35.51 -5.80
CA LEU A 21 -0.74 34.22 -6.30
C LEU A 21 0.14 33.56 -5.25
N GLU A 22 1.08 34.28 -4.66
CA GLU A 22 1.95 33.64 -3.68
C GLU A 22 1.26 33.35 -2.36
N MET A 23 0.36 34.22 -1.90
CA MET A 23 -0.32 33.95 -0.62
C MET A 23 -1.17 32.70 -0.73
N THR A 24 -1.77 32.49 -1.89
CA THR A 24 -2.61 31.33 -2.09
C THR A 24 -1.76 30.06 -2.06
N ARG A 25 -0.56 30.12 -2.62
CA ARG A 25 0.32 28.95 -2.61
C ARG A 25 0.68 28.63 -1.18
N GLN A 26 1.01 29.67 -0.44
CA GLN A 26 1.41 29.52 0.95
C GLN A 26 0.32 28.87 1.81
N VAL A 27 -0.92 29.33 1.68
CA VAL A 27 -2.01 28.74 2.48
C VAL A 27 -2.33 27.32 2.02
N LEU A 28 -2.27 27.08 0.72
CA LEU A 28 -2.55 25.76 0.18
C LEU A 28 -1.50 24.75 0.61
N HIS A 29 -0.23 25.12 0.58
CA HIS A 29 0.83 24.20 0.98
C HIS A 29 0.70 23.83 2.45
N ALA A 30 0.28 24.76 3.28
CA ALA A 30 0.14 24.53 4.72
C ALA A 30 -0.89 23.43 5.05
N GLY A 31 -1.91 23.29 4.23
CA GLY A 31 -2.96 22.30 4.48
C GLY A 31 -3.09 21.28 3.35
N ALA A 32 -2.00 21.10 2.61
CA ALA A 32 -1.92 20.27 1.39
C ALA A 32 -2.68 20.94 0.23
N ARG A 33 -1.96 21.20 -0.84
CA ARG A 33 -2.50 21.93 -1.99
C ARG A 33 -3.67 21.25 -2.69
N GLN A 34 -4.53 22.06 -3.27
CA GLN A 34 -5.70 21.59 -4.01
C GLN A 34 -5.58 22.08 -5.46
N ASP A 35 -4.34 22.34 -5.86
CA ASP A 35 -4.00 22.82 -7.21
C ASP A 35 -4.48 21.83 -8.28
N ASP A 36 -4.43 20.56 -7.91
CA ASP A 36 -4.88 19.45 -8.75
C ASP A 36 -5.13 18.33 -7.77
N ALA A 37 -6.36 18.21 -7.33
CA ALA A 37 -6.77 17.15 -6.42
C ALA A 37 -8.18 16.67 -6.76
N GLU A 38 -8.51 16.68 -8.04
CA GLU A 38 -9.86 16.29 -8.48
C GLU A 38 -10.14 14.79 -8.26
N PRO A 39 -11.31 14.46 -7.66
CA PRO A 39 -11.62 13.04 -7.47
C PRO A 39 -12.18 12.37 -8.72
N GLY A 40 -11.89 11.09 -8.88
CA GLY A 40 -12.39 10.34 -9.99
C GLY A 40 -11.41 9.27 -10.37
N VAL A 41 -11.80 8.50 -11.36
CA VAL A 41 -10.97 7.46 -11.93
C VAL A 41 -11.13 7.58 -13.45
N SER A 42 -10.04 7.43 -14.17
CA SER A 42 -10.04 7.59 -15.63
C SER A 42 -9.69 6.29 -16.30
N GLY A 43 -9.92 6.19 -17.60
CA GLY A 43 -9.58 4.99 -18.37
C GLY A 43 -8.11 4.98 -18.75
N ALA A 44 -7.23 5.23 -17.78
CA ALA A 44 -5.80 5.31 -17.99
C ALA A 44 -5.12 4.86 -16.71
N SER A 45 -3.81 4.71 -16.74
CA SER A 45 -3.04 4.34 -15.56
C SER A 45 -3.08 5.49 -14.56
N ALA A 46 -3.08 5.17 -13.27
CA ALA A 46 -3.07 6.22 -12.25
C ALA A 46 -1.79 7.01 -12.35
N HIS A 47 -1.91 8.32 -12.23
CA HIS A 47 -0.75 9.20 -12.25
C HIS A 47 -0.43 9.68 -10.84
N TRP A 48 -1.39 10.34 -10.19
CA TRP A 48 -1.17 10.84 -8.83
C TRP A 48 -0.84 9.72 -7.85
N GLY A 49 -1.49 8.58 -8.05
CA GLY A 49 -1.27 7.41 -7.21
C GLY A 49 0.16 6.91 -7.26
N GLN A 50 0.82 7.07 -8.39
CA GLN A 50 2.21 6.64 -8.53
C GLN A 50 3.10 7.57 -7.73
N ARG A 51 2.79 8.86 -7.77
CA ARG A 51 3.57 9.85 -7.00
C ARG A 51 3.39 9.56 -5.52
N ALA A 52 2.19 9.12 -5.15
CA ALA A 52 1.91 8.78 -3.76
C ALA A 52 2.70 7.53 -3.32
N LEU A 53 2.87 6.56 -4.20
CA LEU A 53 3.60 5.34 -3.83
C LEU A 53 5.06 5.69 -3.57
N GLN A 54 5.61 6.68 -4.25
CA GLN A 54 6.98 7.11 -3.98
C GLN A 54 7.13 7.57 -2.53
N GLY A 55 6.08 8.18 -1.99
CA GLY A 55 6.08 8.59 -0.60
C GLY A 55 5.96 7.37 0.28
N ALA A 56 5.12 6.42 -0.13
CA ALA A 56 4.91 5.18 0.62
C ALA A 56 6.25 4.44 0.84
N GLN A 57 7.11 4.46 -0.16
CA GLN A 57 8.42 3.82 -0.04
C GLN A 57 9.27 4.50 1.02
N ALA A 58 9.27 5.83 1.02
CA ALA A 58 10.08 6.59 1.97
C ALA A 58 9.57 6.38 3.39
N VAL A 59 8.26 6.43 3.58
CA VAL A 59 7.70 6.27 4.91
C VAL A 59 7.86 4.83 5.39
N ALA A 60 7.89 3.86 4.48
CA ALA A 60 8.06 2.46 4.86
C ALA A 60 9.34 2.25 5.66
N ALA A 61 10.38 3.01 5.32
CA ALA A 61 11.65 2.93 6.05
C ALA A 61 11.44 3.43 7.50
N ALA A 62 10.61 4.44 7.66
CA ALA A 62 10.29 4.96 9.00
C ALA A 62 9.37 3.99 9.76
N GLN A 63 8.46 3.33 9.06
CA GLN A 63 7.55 2.40 9.71
C GLN A 63 8.28 1.18 10.25
N ARG A 64 9.17 0.60 9.45
CA ARG A 64 9.93 -0.55 9.92
C ARG A 64 10.84 -0.14 11.07
N LEU A 65 11.22 1.13 11.09
CA LEU A 65 12.03 1.69 12.16
C LEU A 65 11.21 1.85 13.45
N VAL A 66 10.03 2.47 13.37
CA VAL A 66 9.24 2.70 14.59
C VAL A 66 8.85 1.36 15.20
N HIS A 67 8.56 0.39 14.35
CA HIS A 67 8.20 -0.93 14.80
C HIS A 67 9.38 -1.59 15.52
N ALA A 68 10.60 -1.30 15.10
CA ALA A 68 11.76 -1.88 15.76
C ALA A 68 11.83 -1.44 17.22
N ILE A 69 11.56 -0.16 17.47
CA ILE A 69 11.60 0.36 18.84
C ILE A 69 10.42 -0.19 19.62
N ALA A 70 9.29 -0.38 18.95
CA ALA A 70 8.10 -0.91 19.59
C ALA A 70 8.42 -2.31 20.16
N LEU A 71 9.39 -2.98 19.57
CA LEU A 71 9.82 -4.29 20.09
C LEU A 71 10.75 -4.10 21.26
N MET A 72 11.66 -3.14 21.15
CA MET A 72 12.61 -2.88 22.24
C MET A 72 11.90 -2.49 23.51
N THR A 73 10.74 -1.90 23.38
CA THR A 73 10.03 -1.42 24.57
C THR A 73 9.37 -2.57 25.31
N GLN A 74 8.86 -3.55 24.57
CA GLN A 74 8.27 -4.73 25.20
C GLN A 74 9.38 -5.70 25.63
N PHE A 75 10.52 -5.71 24.93
CA PHE A 75 11.65 -6.53 25.32
C PHE A 75 12.19 -6.01 26.65
N GLY A 76 12.15 -4.69 26.81
CA GLY A 76 12.59 -4.06 28.05
C GLY A 76 11.56 -4.12 29.15
N ARG A 77 10.47 -4.86 28.92
CA ARG A 77 9.39 -5.06 29.89
C ARG A 77 8.92 -3.76 30.54
N ALA A 78 8.72 -2.74 29.71
CA ALA A 78 8.27 -1.44 30.21
C ALA A 78 6.91 -1.57 30.91
N GLY A 79 6.85 -1.14 32.16
CA GLY A 79 5.61 -1.19 32.93
C GLY A 79 4.75 0.04 32.72
N SER A 80 4.76 0.57 31.50
CA SER A 80 4.02 1.78 31.13
C SER A 80 3.99 1.96 29.62
N GLY A 1 23.82 -4.02 14.93
CA GLY A 1 23.60 -5.27 15.72
C GLY A 1 22.21 -5.82 15.48
N SER A 2 21.43 -4.95 14.86
CA SER A 2 20.05 -5.25 14.50
C SER A 2 20.05 -6.09 13.23
N ARG A 3 19.58 -7.34 13.34
CA ARG A 3 19.54 -8.24 12.17
C ARG A 3 18.71 -7.67 11.04
N SER A 4 17.61 -7.00 11.43
CA SER A 4 16.64 -6.38 10.50
C SER A 4 15.81 -7.37 9.66
N PHE A 5 16.42 -8.48 9.27
CA PHE A 5 15.77 -9.56 8.54
C PHE A 5 16.68 -10.77 8.77
N SER A 6 16.28 -11.95 8.35
CA SER A 6 17.11 -13.14 8.52
C SER A 6 17.70 -13.51 7.18
N LEU A 7 18.87 -14.14 7.19
CA LEU A 7 19.59 -14.43 5.95
C LEU A 7 19.44 -15.86 5.44
N GLY A 8 19.07 -16.79 6.32
CA GLY A 8 18.96 -18.18 5.90
C GLY A 8 17.79 -18.34 4.96
N GLU A 9 16.67 -17.76 5.36
CA GLU A 9 15.44 -17.80 4.57
C GLU A 9 15.64 -17.13 3.22
N VAL A 10 16.43 -16.06 3.19
CA VAL A 10 16.74 -15.36 1.95
C VAL A 10 17.63 -16.23 1.05
N SER A 11 18.49 -17.04 1.63
CA SER A 11 19.35 -17.91 0.84
C SER A 11 18.52 -18.97 0.14
N ASP A 12 17.50 -19.48 0.82
CA ASP A 12 16.60 -20.48 0.23
C ASP A 12 15.68 -19.79 -0.78
N MET A 13 15.33 -18.55 -0.49
CA MET A 13 14.46 -17.76 -1.35
C MET A 13 15.14 -17.49 -2.69
N ALA A 14 16.45 -17.33 -2.68
CA ALA A 14 17.20 -17.10 -3.92
C ALA A 14 17.04 -18.28 -4.89
N ALA A 15 16.86 -19.48 -4.35
CA ALA A 15 16.66 -20.66 -5.19
C ALA A 15 15.26 -20.59 -5.82
N VAL A 16 14.30 -20.07 -5.08
CA VAL A 16 12.93 -19.91 -5.57
C VAL A 16 12.90 -18.85 -6.66
N GLU A 17 13.62 -17.76 -6.43
CA GLU A 17 13.72 -16.67 -7.41
C GLU A 17 14.29 -17.21 -8.73
N ALA A 18 15.32 -18.03 -8.64
CA ALA A 18 15.91 -18.61 -9.85
C ALA A 18 14.92 -19.54 -10.55
N ALA A 19 14.17 -20.31 -9.79
CA ALA A 19 13.21 -21.26 -10.34
C ALA A 19 12.07 -20.55 -11.05
N GLU A 20 11.52 -19.51 -10.44
CA GLU A 20 10.41 -18.81 -11.07
C GLU A 20 10.89 -18.05 -12.29
N LEU A 21 12.14 -17.59 -12.29
CA LEU A 21 12.69 -16.90 -13.45
C LEU A 21 12.77 -17.82 -14.66
N GLU A 22 13.23 -19.05 -14.49
CA GLU A 22 13.32 -19.95 -15.63
C GLU A 22 11.92 -20.41 -16.07
N MET A 23 10.99 -20.54 -15.14
CA MET A 23 9.62 -20.89 -15.50
C MET A 23 8.98 -19.75 -16.27
N THR A 24 9.25 -18.51 -15.87
CA THR A 24 8.72 -17.34 -16.57
C THR A 24 9.20 -17.32 -18.02
N ARG A 25 10.46 -17.67 -18.25
CA ARG A 25 10.97 -17.71 -19.62
C ARG A 25 10.20 -18.73 -20.41
N GLN A 26 10.05 -19.90 -19.81
CA GLN A 26 9.36 -21.00 -20.48
C GLN A 26 7.91 -20.68 -20.84
N VAL A 27 7.18 -20.05 -19.94
CA VAL A 27 5.76 -19.72 -20.23
C VAL A 27 5.63 -18.61 -21.27
N LEU A 28 6.52 -17.62 -21.23
CA LEU A 28 6.47 -16.54 -22.21
C LEU A 28 6.78 -17.07 -23.60
N HIS A 29 7.76 -17.96 -23.73
CA HIS A 29 8.09 -18.53 -25.03
C HIS A 29 6.97 -19.44 -25.55
N ALA A 30 6.24 -20.07 -24.64
CA ALA A 30 5.11 -20.92 -25.01
C ALA A 30 3.88 -20.06 -25.37
N GLY A 31 3.90 -18.81 -24.95
CA GLY A 31 2.78 -17.90 -25.16
C GLY A 31 1.97 -17.77 -23.89
N ALA A 32 1.98 -16.59 -23.30
CA ALA A 32 1.28 -16.35 -22.06
C ALA A 32 0.69 -14.94 -22.13
N ARG A 33 -0.51 -14.82 -21.58
CA ARG A 33 -1.24 -13.56 -21.52
C ARG A 33 -1.22 -12.84 -22.87
N GLN A 34 -0.97 -11.53 -22.84
CA GLN A 34 -0.78 -10.74 -24.05
C GLN A 34 0.65 -10.21 -23.90
N ASP A 35 1.54 -11.19 -23.67
CA ASP A 35 2.99 -11.02 -23.47
C ASP A 35 3.34 -10.28 -22.18
N ASP A 36 2.98 -9.02 -22.12
CA ASP A 36 3.34 -8.14 -20.99
C ASP A 36 2.13 -7.40 -20.42
N ALA A 37 1.02 -8.10 -20.37
CA ALA A 37 -0.24 -7.56 -19.86
C ALA A 37 -0.48 -8.22 -18.51
N GLU A 38 0.47 -8.05 -17.61
CA GLU A 38 0.41 -8.71 -16.31
C GLU A 38 0.41 -7.75 -15.09
N PRO A 39 -0.15 -8.21 -13.95
CA PRO A 39 -0.25 -7.34 -12.76
C PRO A 39 1.05 -7.20 -11.95
N GLY A 40 2.13 -7.86 -12.38
CA GLY A 40 3.41 -7.76 -11.73
C GLY A 40 4.12 -6.46 -12.04
N VAL A 41 3.51 -5.37 -11.58
CA VAL A 41 3.97 -4.01 -11.73
C VAL A 41 4.39 -3.68 -13.21
N SER A 42 3.73 -4.34 -14.15
CA SER A 42 3.97 -4.11 -15.57
C SER A 42 2.98 -3.06 -16.11
N GLY A 43 2.73 -3.04 -17.40
CA GLY A 43 1.85 -2.04 -18.01
C GLY A 43 0.40 -2.07 -17.54
N ALA A 44 -0.03 -3.14 -16.90
CA ALA A 44 -1.39 -3.25 -16.37
C ALA A 44 -1.53 -2.56 -14.99
N SER A 45 -0.50 -1.83 -14.59
CA SER A 45 -0.50 -1.16 -13.29
C SER A 45 -1.40 0.08 -13.20
N ALA A 46 -1.69 0.44 -11.97
CA ALA A 46 -2.44 1.65 -11.64
C ALA A 46 -1.63 2.86 -12.08
N HIS A 47 -2.26 4.02 -12.26
CA HIS A 47 -1.52 5.25 -12.54
C HIS A 47 -1.38 6.12 -11.28
N TRP A 48 -2.47 6.67 -10.81
CA TRP A 48 -2.46 7.55 -9.64
C TRP A 48 -2.00 6.81 -8.37
N GLY A 49 -2.26 5.51 -8.33
CA GLY A 49 -1.86 4.69 -7.20
C GLY A 49 -0.36 4.66 -7.03
N GLN A 50 0.37 4.80 -8.12
CA GLN A 50 1.83 4.78 -8.08
C GLN A 50 2.36 5.95 -7.28
N ARG A 51 1.71 7.10 -7.41
CA ARG A 51 2.15 8.30 -6.71
C ARG A 51 2.05 8.06 -5.21
N ALA A 52 1.01 7.34 -4.81
CA ALA A 52 0.81 6.99 -3.41
C ALA A 52 1.85 5.95 -2.97
N LEU A 53 2.11 4.94 -3.79
CA LEU A 53 3.07 3.90 -3.42
C LEU A 53 4.48 4.46 -3.31
N GLN A 54 4.83 5.44 -4.14
CA GLN A 54 6.14 6.09 -4.03
C GLN A 54 6.33 6.67 -2.62
N GLY A 55 5.26 7.20 -2.07
CA GLY A 55 5.30 7.72 -0.73
C GLY A 55 5.35 6.58 0.26
N ALA A 56 4.53 5.56 0.04
CA ALA A 56 4.48 4.39 0.91
C ALA A 56 5.86 3.75 1.08
N GLN A 57 6.64 3.70 0.02
CA GLN A 57 7.99 3.14 0.08
C GLN A 57 8.91 3.98 0.97
N ALA A 58 8.85 5.30 0.79
CA ALA A 58 9.71 6.19 1.55
C ALA A 58 9.36 6.14 3.05
N VAL A 59 8.07 6.16 3.35
CA VAL A 59 7.62 6.13 4.74
C VAL A 59 7.86 4.75 5.34
N ALA A 60 7.87 3.70 4.54
CA ALA A 60 8.06 2.33 5.04
C ALA A 60 9.38 2.20 5.81
N ALA A 61 10.40 2.95 5.41
CA ALA A 61 11.67 2.92 6.12
C ALA A 61 11.48 3.44 7.55
N ALA A 62 10.66 4.48 7.70
CA ALA A 62 10.35 5.04 9.01
C ALA A 62 9.44 4.09 9.79
N GLN A 63 8.55 3.39 9.10
CA GLN A 63 7.62 2.47 9.77
C GLN A 63 8.34 1.26 10.31
N ARG A 64 9.20 0.65 9.52
CA ARG A 64 9.96 -0.51 9.99
C ARG A 64 10.87 -0.10 11.14
N LEU A 65 11.25 1.16 11.13
CA LEU A 65 12.06 1.73 12.19
C LEU A 65 11.24 1.89 13.47
N VAL A 66 10.09 2.54 13.42
CA VAL A 66 9.31 2.78 14.64
C VAL A 66 8.87 1.44 15.22
N HIS A 67 8.55 0.51 14.34
CA HIS A 67 8.16 -0.82 14.76
C HIS A 67 9.31 -1.50 15.47
N ALA A 68 10.55 -1.27 15.01
CA ALA A 68 11.70 -1.91 15.65
C ALA A 68 11.76 -1.54 17.12
N ILE A 69 11.57 -0.27 17.45
CA ILE A 69 11.63 0.16 18.84
C ILE A 69 10.43 -0.37 19.61
N ALA A 70 9.29 -0.44 18.96
CA ALA A 70 8.07 -0.95 19.59
C ALA A 70 8.30 -2.40 20.06
N LEU A 71 9.20 -3.09 19.38
CA LEU A 71 9.55 -4.46 19.78
C LEU A 71 10.51 -4.43 20.93
N MET A 72 11.48 -3.54 20.87
CA MET A 72 12.47 -3.41 21.94
C MET A 72 11.80 -3.06 23.24
N THR A 73 10.69 -2.34 23.17
CA THR A 73 10.05 -1.88 24.39
C THR A 73 9.31 -3.03 25.06
N GLN A 74 8.76 -3.93 24.26
CA GLN A 74 8.08 -5.09 24.84
C GLN A 74 9.07 -6.21 25.18
N PHE A 75 10.17 -6.34 24.44
CA PHE A 75 11.16 -7.35 24.72
C PHE A 75 12.03 -6.99 25.91
N GLY A 76 12.15 -5.70 26.19
CA GLY A 76 12.95 -5.26 27.31
C GLY A 76 12.37 -5.70 28.65
N ARG A 77 11.07 -5.93 28.68
CA ARG A 77 10.33 -6.42 29.85
C ARG A 77 10.72 -5.73 31.17
N ALA A 78 10.97 -4.43 31.10
CA ALA A 78 11.37 -3.65 32.26
C ALA A 78 10.17 -3.37 33.16
N GLY A 79 10.45 -2.81 34.34
CA GLY A 79 9.39 -2.48 35.29
C GLY A 79 9.87 -2.54 36.72
N SER A 80 10.72 -3.52 37.03
CA SER A 80 11.27 -3.72 38.38
C SER A 80 12.33 -2.68 38.79
N GLY A 1 -14.05 -2.85 14.79
CA GLY A 1 -12.66 -3.04 15.28
C GLY A 1 -12.50 -4.33 16.09
N SER A 2 -11.34 -4.49 16.73
CA SER A 2 -11.10 -5.68 17.55
C SER A 2 -12.05 -5.69 18.73
N ARG A 3 -12.54 -6.88 19.08
CA ARG A 3 -13.51 -7.03 20.17
C ARG A 3 -12.89 -6.77 21.54
N SER A 4 -11.58 -6.93 21.64
CA SER A 4 -10.86 -6.70 22.89
C SER A 4 -9.40 -6.50 22.53
N PHE A 5 -8.72 -5.61 23.23
CA PHE A 5 -7.32 -5.31 22.95
C PHE A 5 -6.71 -4.60 24.16
N SER A 6 -5.40 -4.46 24.13
CA SER A 6 -4.67 -3.70 25.13
C SER A 6 -3.87 -2.76 24.26
N LEU A 7 -3.53 -1.60 24.78
CA LEU A 7 -2.93 -0.53 23.97
C LEU A 7 -1.61 -0.91 23.30
N GLY A 8 -0.80 -1.75 23.93
CA GLY A 8 0.45 -2.17 23.32
C GLY A 8 0.20 -3.04 22.09
N GLU A 9 -0.82 -3.88 22.18
CA GLU A 9 -1.17 -4.80 21.10
C GLU A 9 -1.61 -4.05 19.86
N VAL A 10 -2.23 -2.89 20.05
CA VAL A 10 -2.73 -2.10 18.92
C VAL A 10 -1.56 -1.64 18.04
N SER A 11 -0.39 -1.47 18.63
CA SER A 11 0.78 -1.04 17.85
C SER A 11 1.19 -2.14 16.86
N ASP A 12 1.16 -3.38 17.32
CA ASP A 12 1.51 -4.53 16.48
C ASP A 12 0.36 -4.81 15.51
N MET A 13 -0.85 -4.58 16.00
CA MET A 13 -2.05 -4.78 15.19
C MET A 13 -1.98 -3.89 13.95
N ALA A 14 -1.58 -2.64 14.15
CA ALA A 14 -1.48 -1.71 13.03
C ALA A 14 -0.39 -2.16 12.06
N ALA A 15 0.67 -2.73 12.58
CA ALA A 15 1.77 -3.18 11.75
C ALA A 15 1.38 -4.39 10.89
N VAL A 16 0.73 -5.37 11.50
CA VAL A 16 0.34 -6.58 10.77
C VAL A 16 -0.78 -6.27 9.78
N GLU A 17 -1.71 -5.39 10.17
CA GLU A 17 -2.78 -4.99 9.27
C GLU A 17 -2.19 -4.31 8.04
N ALA A 18 -1.21 -3.44 8.24
CA ALA A 18 -0.56 -2.76 7.13
C ALA A 18 0.15 -3.76 6.22
N ALA A 19 0.78 -4.76 6.83
CA ALA A 19 1.49 -5.79 6.08
C ALA A 19 0.53 -6.59 5.21
N GLU A 20 -0.59 -7.00 5.78
CA GLU A 20 -1.59 -7.77 5.04
C GLU A 20 -2.11 -6.94 3.88
N LEU A 21 -2.45 -5.70 4.18
CA LEU A 21 -2.97 -4.79 3.17
C LEU A 21 -2.02 -4.61 1.99
N GLU A 22 -0.72 -4.48 2.24
CA GLU A 22 0.22 -4.34 1.14
C GLU A 22 0.49 -5.67 0.43
N MET A 23 0.57 -6.78 1.16
CA MET A 23 0.83 -8.07 0.54
C MET A 23 -0.31 -8.46 -0.38
N THR A 24 -1.54 -8.15 0.02
CA THR A 24 -2.73 -8.46 -0.76
C THR A 24 -2.62 -7.90 -2.19
N ARG A 25 -1.95 -6.78 -2.35
CA ARG A 25 -1.81 -6.17 -3.68
C ARG A 25 -0.95 -7.02 -4.59
N GLN A 26 0.17 -7.52 -4.08
CA GLN A 26 1.06 -8.36 -4.87
C GLN A 26 0.41 -9.72 -5.10
N VAL A 27 -0.36 -10.14 -4.11
CA VAL A 27 -1.12 -11.38 -4.18
C VAL A 27 -2.16 -11.30 -5.32
N LEU A 28 -2.79 -10.15 -5.47
CA LEU A 28 -3.77 -9.95 -6.55
C LEU A 28 -3.11 -9.81 -7.91
N HIS A 29 -1.81 -9.58 -7.92
CA HIS A 29 -1.04 -9.49 -9.17
C HIS A 29 -0.43 -10.85 -9.53
N ALA A 30 -0.68 -11.85 -8.70
CA ALA A 30 -0.13 -13.19 -8.93
C ALA A 30 -1.19 -14.06 -9.61
N GLY A 31 -1.05 -14.24 -10.91
CA GLY A 31 -2.00 -15.02 -11.69
C GLY A 31 -1.44 -16.28 -12.31
N ALA A 32 -2.20 -16.82 -13.25
CA ALA A 32 -1.85 -18.04 -13.99
C ALA A 32 -2.72 -17.92 -15.23
N ARG A 33 -2.53 -18.79 -16.20
CA ARG A 33 -3.23 -18.77 -17.46
C ARG A 33 -3.13 -17.37 -18.10
N GLN A 34 -4.26 -16.78 -18.46
CA GLN A 34 -4.29 -15.45 -19.09
C GLN A 34 -5.69 -14.86 -18.92
N ASP A 35 -6.37 -15.25 -17.86
CA ASP A 35 -7.75 -14.82 -17.63
C ASP A 35 -7.75 -13.40 -17.10
N ASP A 36 -6.68 -13.09 -16.38
CA ASP A 36 -6.46 -11.80 -15.74
C ASP A 36 -5.46 -10.95 -16.52
N ALA A 37 -5.28 -11.30 -17.78
CA ALA A 37 -4.26 -10.66 -18.62
C ALA A 37 -4.82 -9.60 -19.59
N GLU A 38 -5.98 -9.06 -19.27
CA GLU A 38 -6.56 -8.01 -20.12
C GLU A 38 -5.74 -6.71 -20.02
N PRO A 39 -5.49 -6.04 -21.15
CA PRO A 39 -4.72 -4.79 -21.07
C PRO A 39 -5.55 -3.59 -20.59
N GLY A 40 -6.87 -3.76 -20.55
CA GLY A 40 -7.76 -2.69 -20.17
C GLY A 40 -8.09 -1.81 -21.36
N VAL A 41 -9.29 -1.24 -21.37
CA VAL A 41 -9.71 -0.38 -22.47
C VAL A 41 -9.04 1.00 -22.38
N SER A 42 -9.03 1.57 -21.19
CA SER A 42 -8.42 2.88 -20.95
C SER A 42 -8.04 3.02 -19.47
N GLY A 43 -6.95 2.39 -19.06
CA GLY A 43 -6.56 2.41 -17.67
C GLY A 43 -5.26 1.68 -17.45
N ALA A 44 -5.08 1.15 -16.24
CA ALA A 44 -3.90 0.36 -15.83
C ALA A 44 -2.51 1.06 -15.86
N SER A 45 -2.43 2.24 -16.44
CA SER A 45 -1.16 2.97 -16.52
C SER A 45 -0.67 3.53 -15.18
N ALA A 46 -1.52 4.34 -14.56
CA ALA A 46 -1.28 5.03 -13.28
C ALA A 46 -0.09 6.03 -13.29
N HIS A 47 -0.39 7.28 -12.98
CA HIS A 47 0.65 8.31 -12.91
C HIS A 47 0.91 8.77 -11.47
N TRP A 48 -0.06 9.47 -10.90
CA TRP A 48 0.06 9.97 -9.52
C TRP A 48 0.12 8.82 -8.53
N GLY A 49 -0.47 7.69 -8.89
CA GLY A 49 -0.44 6.51 -8.04
C GLY A 49 0.97 5.99 -7.86
N GLN A 50 1.80 6.11 -8.89
CA GLN A 50 3.19 5.66 -8.80
C GLN A 50 3.91 6.50 -7.76
N ARG A 51 3.64 7.79 -7.77
CA ARG A 51 4.30 8.70 -6.84
C ARG A 51 3.82 8.43 -5.43
N ALA A 52 2.55 8.09 -5.29
CA ALA A 52 2.00 7.75 -3.99
C ALA A 52 2.68 6.51 -3.44
N LEU A 53 2.91 5.51 -4.28
CA LEU A 53 3.59 4.29 -3.83
C LEU A 53 5.04 4.59 -3.50
N GLN A 54 5.69 5.49 -4.24
CA GLN A 54 7.07 5.86 -3.89
C GLN A 54 7.11 6.52 -2.51
N GLY A 55 6.05 7.22 -2.16
CA GLY A 55 5.94 7.80 -0.84
C GLY A 55 5.80 6.68 0.16
N ALA A 56 4.97 5.70 -0.15
CA ALA A 56 4.77 4.53 0.71
C ALA A 56 6.10 3.82 1.00
N GLN A 57 6.95 3.71 -0.02
CA GLN A 57 8.26 3.07 0.16
C GLN A 57 9.14 3.89 1.09
N ALA A 58 9.10 5.21 0.93
CA ALA A 58 9.92 6.10 1.74
C ALA A 58 9.47 6.06 3.20
N VAL A 59 8.16 6.11 3.43
CA VAL A 59 7.64 6.08 4.79
C VAL A 59 7.84 4.69 5.39
N ALA A 60 7.87 3.65 4.56
CA ALA A 60 8.07 2.29 5.07
C ALA A 60 9.40 2.18 5.81
N ALA A 61 10.39 2.96 5.40
CA ALA A 61 11.68 2.99 6.09
C ALA A 61 11.48 3.51 7.52
N ALA A 62 10.59 4.47 7.69
CA ALA A 62 10.26 5.00 9.01
C ALA A 62 9.38 4.03 9.79
N GLN A 63 8.47 3.32 9.11
CA GLN A 63 7.58 2.38 9.78
C GLN A 63 8.34 1.18 10.32
N ARG A 64 9.21 0.60 9.52
CA ARG A 64 10.01 -0.54 9.97
C ARG A 64 10.91 -0.10 11.13
N LEU A 65 11.25 1.18 11.14
CA LEU A 65 12.05 1.77 12.20
C LEU A 65 11.22 1.91 13.48
N VAL A 66 10.06 2.53 13.42
CA VAL A 66 9.27 2.77 14.63
C VAL A 66 8.85 1.45 15.24
N HIS A 67 8.51 0.49 14.39
CA HIS A 67 8.14 -0.82 14.86
C HIS A 67 9.33 -1.50 15.50
N ALA A 68 10.54 -1.27 15.01
CA ALA A 68 11.71 -1.91 15.58
C ALA A 68 11.82 -1.54 17.06
N ILE A 69 11.60 -0.27 17.39
CA ILE A 69 11.70 0.17 18.78
C ILE A 69 10.52 -0.35 19.57
N ALA A 70 9.36 -0.42 18.95
CA ALA A 70 8.16 -0.91 19.62
C ALA A 70 8.44 -2.33 20.12
N LEU A 71 9.19 -3.09 19.34
CA LEU A 71 9.53 -4.46 19.73
C LEU A 71 10.49 -4.42 20.90
N MET A 72 11.43 -3.51 20.85
CA MET A 72 12.39 -3.39 21.94
C MET A 72 11.73 -3.00 23.24
N THR A 73 10.57 -2.38 23.16
CA THR A 73 9.89 -1.94 24.38
C THR A 73 9.10 -3.10 24.98
N GLN A 74 8.52 -3.96 24.16
CA GLN A 74 7.80 -5.11 24.68
C GLN A 74 8.79 -6.21 25.10
N PHE A 75 9.95 -6.29 24.45
CA PHE A 75 10.95 -7.27 24.82
C PHE A 75 11.78 -6.81 26.01
N GLY A 76 11.75 -5.51 26.29
CA GLY A 76 12.54 -4.96 27.39
C GLY A 76 14.03 -5.05 27.15
N ARG A 77 14.41 -5.24 25.89
CA ARG A 77 15.82 -5.47 25.53
C ARG A 77 16.61 -4.17 25.44
N ALA A 78 15.90 -3.06 25.49
CA ALA A 78 16.49 -1.72 25.43
C ALA A 78 17.46 -1.62 24.23
N GLY A 79 18.69 -1.17 24.46
CA GLY A 79 19.67 -1.06 23.39
C GLY A 79 19.61 0.25 22.62
N SER A 80 18.81 1.19 23.09
CA SER A 80 18.68 2.53 22.47
C SER A 80 18.26 3.57 23.48
N GLY A 1 15.16 4.85 55.29
CA GLY A 1 15.17 4.51 53.83
C GLY A 1 13.86 3.85 53.38
N SER A 2 13.83 3.46 52.10
CA SER A 2 12.64 2.80 51.55
C SER A 2 12.45 1.44 52.19
N ARG A 3 11.21 1.04 52.39
CA ARG A 3 10.86 -0.23 53.04
C ARG A 3 9.89 -0.96 52.12
N SER A 4 10.39 -1.34 50.96
CA SER A 4 9.63 -2.00 49.88
C SER A 4 8.64 -1.00 49.26
N PHE A 5 7.93 -1.44 48.24
CA PHE A 5 6.98 -0.60 47.54
C PHE A 5 5.63 -0.59 48.26
N SER A 6 4.87 0.48 48.10
CA SER A 6 3.53 0.54 48.66
C SER A 6 2.61 -0.15 47.68
N LEU A 7 1.60 -0.80 48.20
CA LEU A 7 0.68 -1.58 47.38
C LEU A 7 -0.24 -0.66 46.57
N GLY A 8 -0.37 0.58 47.00
CA GLY A 8 -1.14 1.55 46.25
C GLY A 8 -0.44 1.86 44.93
N GLU A 9 0.89 1.87 44.94
CA GLU A 9 1.65 2.18 43.74
C GLU A 9 1.42 1.09 42.71
N VAL A 10 1.28 -0.14 43.17
CA VAL A 10 1.01 -1.28 42.30
C VAL A 10 -0.40 -1.16 41.73
N SER A 11 -1.32 -0.66 42.54
CA SER A 11 -2.70 -0.48 42.10
C SER A 11 -2.78 0.60 41.03
N ASP A 12 -2.02 1.67 41.21
CA ASP A 12 -1.98 2.76 40.24
C ASP A 12 -1.27 2.28 38.99
N MET A 13 -0.29 1.42 39.14
CA MET A 13 0.45 0.86 38.00
C MET A 13 -0.48 0.04 37.13
N ALA A 14 -1.42 -0.66 37.76
CA ALA A 14 -2.38 -1.47 37.02
C ALA A 14 -3.29 -0.56 36.18
N ALA A 15 -3.55 0.64 36.66
CA ALA A 15 -4.37 1.60 35.90
C ALA A 15 -3.57 2.07 34.68
N VAL A 16 -2.27 2.25 34.85
CA VAL A 16 -1.40 2.65 33.73
C VAL A 16 -1.39 1.51 32.71
N GLU A 17 -1.23 0.28 33.19
CA GLU A 17 -1.21 -0.88 32.30
C GLU A 17 -2.50 -0.95 31.51
N ALA A 18 -3.63 -0.72 32.15
CA ALA A 18 -4.93 -0.75 31.46
C ALA A 18 -4.97 0.29 30.33
N ALA A 19 -4.44 1.47 30.59
CA ALA A 19 -4.42 2.54 29.59
C ALA A 19 -3.52 2.16 28.41
N GLU A 20 -2.37 1.57 28.67
CA GLU A 20 -1.47 1.16 27.59
C GLU A 20 -2.09 0.04 26.79
N LEU A 21 -2.69 -0.87 27.52
CA LEU A 21 -3.33 -2.02 26.90
C LEU A 21 -4.42 -1.56 25.94
N GLU A 22 -5.27 -0.63 26.34
CA GLU A 22 -6.32 -0.15 25.44
C GLU A 22 -5.80 0.77 24.32
N MET A 23 -4.77 1.58 24.59
CA MET A 23 -4.25 2.47 23.54
C MET A 23 -3.63 1.66 22.44
N THR A 24 -3.04 0.53 22.80
CA THR A 24 -2.40 -0.29 21.81
C THR A 24 -3.44 -0.87 20.85
N ARG A 25 -4.64 -1.16 21.36
CA ARG A 25 -5.69 -1.68 20.49
C ARG A 25 -6.10 -0.58 19.53
N GLN A 26 -6.19 0.63 20.05
CA GLN A 26 -6.61 1.77 19.24
C GLN A 26 -5.65 2.02 18.08
N VAL A 27 -4.35 1.99 18.34
CA VAL A 27 -3.37 2.24 17.27
C VAL A 27 -3.29 1.11 16.25
N LEU A 28 -3.42 -0.13 16.71
CA LEU A 28 -3.37 -1.29 15.81
C LEU A 28 -4.56 -1.34 14.86
N HIS A 29 -5.71 -0.83 15.30
CA HIS A 29 -6.90 -0.81 14.46
C HIS A 29 -7.05 0.48 13.66
N ALA A 30 -6.13 1.42 13.86
CA ALA A 30 -6.18 2.71 13.18
C ALA A 30 -5.64 2.67 11.73
N GLY A 31 -5.84 1.56 11.02
CA GLY A 31 -5.37 1.45 9.65
C GLY A 31 -6.09 0.36 8.89
N ALA A 32 -6.10 0.47 7.57
CA ALA A 32 -6.76 -0.46 6.69
C ALA A 32 -6.13 -0.18 5.32
N ARG A 33 -6.60 -0.87 4.30
CA ARG A 33 -6.14 -0.65 2.93
C ARG A 33 -6.55 0.75 2.50
N GLN A 34 -5.64 1.50 1.89
CA GLN A 34 -6.01 2.79 1.29
C GLN A 34 -6.47 2.46 -0.14
N ASP A 35 -7.50 1.63 -0.19
CA ASP A 35 -8.15 1.07 -1.38
C ASP A 35 -7.25 0.26 -2.31
N ASP A 36 -6.31 0.94 -2.92
CA ASP A 36 -5.45 0.38 -3.98
C ASP A 36 -3.96 0.62 -3.81
N ALA A 37 -3.61 1.09 -2.63
CA ALA A 37 -2.23 1.45 -2.29
C ALA A 37 -1.44 0.23 -1.82
N GLU A 38 -1.61 -0.86 -2.55
CA GLU A 38 -0.95 -2.11 -2.25
C GLU A 38 0.51 -2.06 -2.72
N PRO A 39 1.39 -2.91 -2.14
CA PRO A 39 2.80 -2.90 -2.55
C PRO A 39 3.08 -3.64 -3.87
N GLY A 40 2.03 -4.15 -4.50
CA GLY A 40 2.15 -4.84 -5.76
C GLY A 40 1.30 -4.14 -6.78
N VAL A 41 0.98 -4.83 -7.86
CA VAL A 41 0.15 -4.25 -8.91
C VAL A 41 -1.31 -4.35 -8.48
N SER A 42 -1.94 -3.20 -8.29
CA SER A 42 -3.35 -3.14 -7.89
C SER A 42 -3.97 -1.87 -8.46
N GLY A 43 -3.42 -0.72 -8.09
CA GLY A 43 -3.88 0.56 -8.59
C GLY A 43 -3.44 0.86 -10.01
N ALA A 44 -3.91 0.05 -10.97
CA ALA A 44 -3.56 0.24 -12.38
C ALA A 44 -4.06 1.58 -12.91
N SER A 45 -5.15 2.07 -12.35
CA SER A 45 -5.76 3.35 -12.75
C SER A 45 -5.46 4.45 -11.73
N ALA A 46 -4.55 4.18 -10.81
CA ALA A 46 -4.22 5.15 -9.76
C ALA A 46 -3.68 6.44 -10.32
N HIS A 47 -4.29 7.53 -9.90
CA HIS A 47 -3.84 8.87 -10.27
C HIS A 47 -3.17 9.47 -9.05
N TRP A 48 -3.97 9.92 -8.09
CA TRP A 48 -3.46 10.46 -6.84
C TRP A 48 -2.77 9.36 -6.04
N GLY A 49 -3.19 8.12 -6.29
CA GLY A 49 -2.60 6.95 -5.66
C GLY A 49 -1.11 6.87 -5.94
N GLN A 50 -0.66 7.33 -7.10
CA GLN A 50 0.76 7.29 -7.42
C GLN A 50 1.55 8.13 -6.43
N ARG A 51 1.05 9.30 -6.09
CA ARG A 51 1.76 10.17 -5.16
C ARG A 51 1.69 9.58 -3.76
N ALA A 52 0.57 8.92 -3.46
CA ALA A 52 0.42 8.27 -2.18
C ALA A 52 1.45 7.14 -2.05
N LEU A 53 1.62 6.35 -3.10
CA LEU A 53 2.57 5.25 -3.07
C LEU A 53 3.99 5.79 -2.95
N GLN A 54 4.31 6.90 -3.61
CA GLN A 54 5.65 7.48 -3.46
C GLN A 54 5.90 7.84 -2.00
N GLY A 55 4.87 8.31 -1.32
CA GLY A 55 4.97 8.61 0.09
C GLY A 55 5.14 7.32 0.86
N ALA A 56 4.35 6.32 0.51
CA ALA A 56 4.38 5.00 1.16
C ALA A 56 5.79 4.41 1.18
N GLN A 57 6.52 4.57 0.09
CA GLN A 57 7.88 4.05 0.01
C GLN A 57 8.81 4.75 0.99
N ALA A 58 8.70 6.07 1.07
CA ALA A 58 9.56 6.86 1.93
C ALA A 58 9.25 6.58 3.41
N VAL A 59 7.96 6.55 3.73
CA VAL A 59 7.54 6.31 5.11
C VAL A 59 7.81 4.88 5.52
N ALA A 60 7.85 3.96 4.58
CA ALA A 60 8.10 2.55 4.90
C ALA A 60 9.42 2.38 5.66
N ALA A 61 10.41 3.20 5.34
CA ALA A 61 11.69 3.15 6.04
C ALA A 61 11.48 3.59 7.51
N ALA A 62 10.63 4.57 7.72
CA ALA A 62 10.30 5.03 9.06
C ALA A 62 9.43 4.00 9.80
N GLN A 63 8.56 3.31 9.08
CA GLN A 63 7.68 2.32 9.70
C GLN A 63 8.44 1.10 10.17
N ARG A 64 9.32 0.56 9.34
CA ARG A 64 10.13 -0.60 9.74
C ARG A 64 11.01 -0.21 10.92
N LEU A 65 11.33 1.08 11.00
CA LEU A 65 12.10 1.64 12.10
C LEU A 65 11.26 1.76 13.38
N VAL A 66 10.09 2.40 13.32
CA VAL A 66 9.29 2.62 14.53
C VAL A 66 8.88 1.30 15.14
N HIS A 67 8.60 0.33 14.29
CA HIS A 67 8.23 -0.99 14.74
C HIS A 67 9.36 -1.61 15.54
N ALA A 68 10.60 -1.35 15.14
CA ALA A 68 11.74 -1.91 15.85
C ALA A 68 11.75 -1.43 17.31
N ILE A 69 11.52 -0.15 17.52
CA ILE A 69 11.52 0.41 18.88
C ILE A 69 10.30 -0.08 19.64
N ALA A 70 9.18 -0.26 18.95
CA ALA A 70 7.96 -0.73 19.59
C ALA A 70 8.23 -2.11 20.22
N LEU A 71 9.18 -2.84 19.68
CA LEU A 71 9.57 -4.14 20.24
C LEU A 71 10.46 -3.91 21.43
N MET A 72 11.41 -2.99 21.29
CA MET A 72 12.33 -2.69 22.38
C MET A 72 11.61 -2.18 23.60
N THR A 73 10.47 -1.55 23.39
CA THR A 73 9.76 -0.97 24.52
C THR A 73 9.02 -2.04 25.29
N GLN A 74 8.49 -3.04 24.60
CA GLN A 74 7.83 -4.15 25.30
C GLN A 74 8.87 -5.13 25.85
N PHE A 75 10.01 -5.27 25.18
CA PHE A 75 11.08 -6.11 25.70
C PHE A 75 11.69 -5.44 26.92
N GLY A 76 11.57 -4.11 26.98
CA GLY A 76 12.06 -3.34 28.12
C GLY A 76 11.16 -3.47 29.34
N ARG A 77 10.09 -4.26 29.22
CA ARG A 77 9.17 -4.53 30.32
C ARG A 77 9.39 -6.00 30.67
N ALA A 78 10.61 -6.45 30.40
CA ALA A 78 11.03 -7.83 30.62
C ALA A 78 10.18 -8.83 29.82
N GLY A 79 9.73 -8.40 28.64
CA GLY A 79 8.94 -9.25 27.77
C GLY A 79 9.81 -10.25 27.02
N SER A 80 10.52 -11.09 27.77
CA SER A 80 11.44 -12.10 27.24
C SER A 80 10.72 -13.28 26.60
N GLY A 1 -16.96 -15.46 -12.49
CA GLY A 1 -17.24 -14.17 -13.21
C GLY A 1 -17.53 -14.37 -14.69
N SER A 2 -17.63 -13.26 -15.42
CA SER A 2 -17.90 -13.29 -16.85
C SER A 2 -17.30 -12.05 -17.49
N ARG A 3 -17.43 -11.92 -18.79
CA ARG A 3 -16.95 -10.75 -19.53
C ARG A 3 -18.11 -10.22 -20.35
N SER A 4 -19.06 -9.61 -19.66
CA SER A 4 -20.27 -9.08 -20.28
C SER A 4 -20.68 -7.85 -19.51
N PHE A 5 -21.49 -7.00 -20.12
CA PHE A 5 -21.95 -5.75 -19.51
C PHE A 5 -23.39 -5.53 -19.95
N SER A 6 -24.09 -4.65 -19.25
CA SER A 6 -25.44 -4.25 -19.64
C SER A 6 -25.33 -2.90 -20.32
N LEU A 7 -26.37 -2.55 -21.06
CA LEU A 7 -26.36 -1.32 -21.83
C LEU A 7 -26.53 -0.10 -20.92
N GLY A 8 -26.92 -0.32 -19.69
CA GLY A 8 -27.04 0.77 -18.73
C GLY A 8 -25.64 1.26 -18.40
N GLU A 9 -24.72 0.32 -18.23
CA GLU A 9 -23.34 0.66 -17.90
C GLU A 9 -22.70 1.43 -19.06
N VAL A 10 -23.08 1.08 -20.28
CA VAL A 10 -22.57 1.78 -21.46
C VAL A 10 -23.13 3.19 -21.53
N SER A 11 -24.37 3.36 -21.11
CA SER A 11 -24.99 4.68 -21.11
C SER A 11 -24.30 5.57 -20.07
N ASP A 12 -23.95 4.98 -18.94
CA ASP A 12 -23.26 5.70 -17.88
C ASP A 12 -21.82 5.97 -18.28
N MET A 13 -21.24 5.10 -19.09
CA MET A 13 -19.85 5.24 -19.54
C MET A 13 -19.64 6.54 -20.29
N ALA A 14 -20.64 6.98 -21.04
CA ALA A 14 -20.54 8.24 -21.78
C ALA A 14 -20.32 9.41 -20.81
N ALA A 15 -20.90 9.33 -19.62
CA ALA A 15 -20.73 10.37 -18.62
C ALA A 15 -19.33 10.28 -18.00
N VAL A 16 -18.81 9.07 -17.86
CA VAL A 16 -17.47 8.85 -17.31
C VAL A 16 -16.44 9.44 -18.28
N GLU A 17 -16.64 9.21 -19.57
CA GLU A 17 -15.73 9.75 -20.59
C GLU A 17 -15.68 11.28 -20.49
N ALA A 18 -16.83 11.91 -20.34
CA ALA A 18 -16.90 13.36 -20.20
C ALA A 18 -16.22 13.81 -18.91
N ALA A 19 -16.42 13.06 -17.84
CA ALA A 19 -15.83 13.38 -16.55
C ALA A 19 -14.30 13.30 -16.63
N GLU A 20 -13.77 12.28 -17.27
CA GLU A 20 -12.31 12.13 -17.40
C GLU A 20 -11.75 13.30 -18.16
N LEU A 21 -12.43 13.66 -19.23
CA LEU A 21 -11.99 14.79 -20.05
C LEU A 21 -11.89 16.07 -19.24
N GLU A 22 -12.88 16.39 -18.42
CA GLU A 22 -12.79 17.60 -17.58
C GLU A 22 -11.82 17.42 -16.40
N MET A 23 -11.75 16.23 -15.82
CA MET A 23 -10.86 15.97 -14.68
C MET A 23 -9.42 16.12 -15.10
N THR A 24 -9.09 15.71 -16.32
CA THR A 24 -7.73 15.82 -16.86
C THR A 24 -7.21 17.26 -16.74
N ARG A 25 -8.10 18.22 -16.88
CA ARG A 25 -7.70 19.63 -16.82
C ARG A 25 -7.25 19.99 -15.40
N GLN A 26 -7.99 19.51 -14.42
CA GLN A 26 -7.66 19.80 -13.02
C GLN A 26 -6.40 19.03 -12.64
N VAL A 27 -6.31 17.82 -13.18
CA VAL A 27 -5.20 16.90 -12.95
C VAL A 27 -3.87 17.49 -13.44
N LEU A 28 -3.90 18.22 -14.55
CA LEU A 28 -2.69 18.84 -15.09
C LEU A 28 -2.16 19.97 -14.20
N HIS A 29 -2.99 20.41 -13.27
CA HIS A 29 -2.61 21.46 -12.31
C HIS A 29 -2.57 20.88 -10.90
N ALA A 30 -2.50 19.57 -10.79
CA ALA A 30 -2.50 18.89 -9.50
C ALA A 30 -1.65 17.60 -9.58
N GLY A 31 -1.90 16.68 -8.67
CA GLY A 31 -1.18 15.43 -8.62
C GLY A 31 -1.05 15.03 -7.17
N ALA A 32 -0.34 13.93 -6.91
CA ALA A 32 -0.08 13.45 -5.54
C ALA A 32 -1.35 13.35 -4.68
N ARG A 33 -2.22 12.46 -5.10
CA ARG A 33 -3.45 12.16 -4.38
C ARG A 33 -3.23 10.87 -3.62
N GLN A 34 -3.80 10.82 -2.43
CA GLN A 34 -3.73 9.66 -1.55
C GLN A 34 -4.85 9.85 -0.55
N ASP A 35 -5.85 10.61 -0.97
CA ASP A 35 -6.94 11.07 -0.14
C ASP A 35 -7.88 9.91 0.19
N ASP A 36 -7.87 8.93 -0.68
CA ASP A 36 -8.66 7.70 -0.57
C ASP A 36 -7.70 6.54 -0.45
N ALA A 37 -6.44 6.92 -0.24
CA ALA A 37 -5.31 6.00 -0.20
C ALA A 37 -5.28 5.05 -1.43
N GLU A 38 -5.46 5.62 -2.61
CA GLU A 38 -5.44 4.86 -3.86
C GLU A 38 -4.16 4.00 -4.01
N PRO A 39 -4.28 2.85 -4.73
CA PRO A 39 -3.13 1.95 -4.83
C PRO A 39 -2.00 2.43 -5.74
N GLY A 40 -0.89 1.71 -5.68
CA GLY A 40 0.27 2.04 -6.50
C GLY A 40 1.41 1.09 -6.21
N VAL A 41 1.59 0.77 -4.94
CA VAL A 41 2.62 -0.19 -4.52
C VAL A 41 2.32 -1.56 -5.14
N SER A 42 1.03 -1.84 -5.28
CA SER A 42 0.55 -3.11 -5.84
C SER A 42 0.83 -3.29 -7.34
N GLY A 43 1.01 -2.19 -8.07
CA GLY A 43 1.26 -2.29 -9.50
C GLY A 43 1.24 -0.93 -10.17
N ALA A 44 1.77 -0.87 -11.38
CA ALA A 44 1.86 0.39 -12.14
C ALA A 44 0.50 0.88 -12.67
N SER A 45 -0.55 0.10 -12.45
CA SER A 45 -1.91 0.46 -12.90
C SER A 45 -2.55 1.46 -11.96
N ALA A 46 -2.00 2.66 -11.91
CA ALA A 46 -2.47 3.75 -11.06
C ALA A 46 -2.04 5.03 -11.75
N HIS A 47 -2.71 6.14 -11.48
CA HIS A 47 -2.32 7.41 -12.10
C HIS A 47 -1.62 8.30 -11.06
N TRP A 48 -2.37 8.92 -10.17
CA TRP A 48 -1.79 9.77 -9.13
C TRP A 48 -1.21 8.90 -8.03
N GLY A 49 -1.76 7.69 -7.92
CA GLY A 49 -1.27 6.66 -7.03
C GLY A 49 0.21 6.38 -7.18
N GLN A 50 0.75 6.58 -8.38
CA GLN A 50 2.17 6.38 -8.59
C GLN A 50 2.97 7.32 -7.68
N ARG A 51 2.45 8.51 -7.45
CA ARG A 51 3.13 9.48 -6.58
C ARG A 51 2.93 9.07 -5.13
N ALA A 52 1.76 8.51 -4.84
CA ALA A 52 1.46 8.03 -3.50
C ALA A 52 2.40 6.88 -3.13
N LEU A 53 2.69 6.01 -4.09
CA LEU A 53 3.58 4.89 -3.84
C LEU A 53 4.98 5.40 -3.53
N GLN A 54 5.42 6.47 -4.17
CA GLN A 54 6.74 7.03 -3.88
C GLN A 54 6.81 7.45 -2.42
N GLY A 55 5.71 7.97 -1.91
CA GLY A 55 5.64 8.33 -0.50
C GLY A 55 5.61 7.07 0.34
N ALA A 56 4.78 6.12 -0.03
CA ALA A 56 4.64 4.86 0.69
C ALA A 56 5.99 4.14 0.89
N GLN A 57 6.85 4.20 -0.11
CA GLN A 57 8.17 3.58 0.01
C GLN A 57 9.05 4.32 1.02
N ALA A 58 9.02 5.65 0.95
CA ALA A 58 9.83 6.47 1.84
C ALA A 58 9.37 6.32 3.29
N VAL A 59 8.07 6.35 3.51
CA VAL A 59 7.54 6.23 4.86
C VAL A 59 7.76 4.81 5.38
N ALA A 60 7.76 3.82 4.50
CA ALA A 60 7.98 2.43 4.93
C ALA A 60 9.30 2.27 5.68
N ALA A 61 10.31 3.04 5.30
CA ALA A 61 11.60 3.00 5.99
C ALA A 61 11.43 3.49 7.43
N ALA A 62 10.59 4.50 7.63
CA ALA A 62 10.29 5.00 8.97
C ALA A 62 9.41 4.00 9.74
N GLN A 63 8.50 3.35 9.06
CA GLN A 63 7.59 2.39 9.71
C GLN A 63 8.35 1.18 10.24
N ARG A 64 9.24 0.62 9.43
CA ARG A 64 10.02 -0.54 9.88
C ARG A 64 10.92 -0.12 11.04
N LEU A 65 11.27 1.15 11.08
CA LEU A 65 12.08 1.69 12.15
C LEU A 65 11.25 1.85 13.44
N VAL A 66 10.08 2.48 13.37
CA VAL A 66 9.30 2.72 14.59
C VAL A 66 8.89 1.39 15.20
N HIS A 67 8.60 0.43 14.35
CA HIS A 67 8.23 -0.89 14.77
C HIS A 67 9.38 -1.54 15.53
N ALA A 68 10.61 -1.28 15.11
CA ALA A 68 11.75 -1.87 15.78
C ALA A 68 11.77 -1.47 17.25
N ILE A 69 11.55 -0.21 17.54
CA ILE A 69 11.58 0.26 18.94
C ILE A 69 10.37 -0.28 19.68
N ALA A 70 9.24 -0.39 19.00
CA ALA A 70 8.02 -0.90 19.61
C ALA A 70 8.26 -2.33 20.13
N LEU A 71 9.18 -3.04 19.51
CA LEU A 71 9.55 -4.38 19.96
C LEU A 71 10.47 -4.30 21.15
N MET A 72 11.43 -3.39 21.08
CA MET A 72 12.39 -3.22 22.17
C MET A 72 11.72 -2.84 23.45
N THR A 73 10.58 -2.19 23.36
CA THR A 73 9.94 -1.72 24.58
C THR A 73 9.23 -2.89 25.28
N GLN A 74 8.65 -3.78 24.50
CA GLN A 74 7.97 -4.94 25.08
C GLN A 74 8.98 -6.05 25.41
N PHE A 75 10.13 -6.07 24.75
CA PHE A 75 11.15 -7.04 25.07
C PHE A 75 11.93 -6.59 26.30
N GLY A 76 12.17 -5.29 26.41
CA GLY A 76 12.90 -4.74 27.55
C GLY A 76 12.09 -4.83 28.83
N ARG A 77 10.80 -4.50 28.72
CA ARG A 77 9.82 -4.58 29.84
C ARG A 77 10.36 -4.16 31.21
N ALA A 78 11.08 -3.05 31.22
CA ALA A 78 11.73 -2.51 32.41
C ALA A 78 11.57 -0.99 32.43
N GLY A 79 12.45 -0.31 33.14
CA GLY A 79 12.38 1.16 33.22
C GLY A 79 11.43 1.64 34.29
N SER A 80 11.44 0.95 35.44
CA SER A 80 10.55 1.22 36.59
C SER A 80 10.79 2.56 37.34
N GLY A 1 -32.05 53.66 -12.88
CA GLY A 1 -31.88 54.14 -14.29
C GLY A 1 -32.43 55.55 -14.43
N SER A 2 -33.12 55.92 -13.36
CA SER A 2 -33.81 57.22 -13.23
C SER A 2 -32.84 58.39 -13.06
N ARG A 3 -31.54 58.08 -12.99
CA ARG A 3 -30.44 59.05 -12.80
C ARG A 3 -30.53 59.71 -11.41
N SER A 4 -29.48 60.47 -11.08
CA SER A 4 -29.34 61.13 -9.78
C SER A 4 -29.34 60.08 -8.67
N PHE A 5 -29.63 60.49 -7.45
CA PHE A 5 -29.72 59.58 -6.31
C PHE A 5 -30.54 60.28 -5.23
N SER A 6 -31.31 59.51 -4.50
CA SER A 6 -32.16 60.03 -3.42
C SER A 6 -31.46 59.98 -2.08
N LEU A 7 -30.16 60.24 -2.13
CA LEU A 7 -29.25 60.28 -0.96
C LEU A 7 -29.04 58.97 -0.21
N GLY A 8 -30.10 58.25 0.13
CA GLY A 8 -29.95 56.97 0.80
C GLY A 8 -29.26 55.98 -0.14
N GLU A 9 -29.51 56.16 -1.43
CA GLU A 9 -28.92 55.31 -2.45
C GLU A 9 -27.41 55.45 -2.51
N VAL A 10 -26.86 56.52 -1.95
CA VAL A 10 -25.40 56.71 -1.93
C VAL A 10 -24.82 55.75 -0.88
N SER A 11 -25.55 55.54 0.20
CA SER A 11 -25.11 54.61 1.23
C SER A 11 -25.21 53.18 0.69
N ASP A 12 -26.25 52.93 -0.08
CA ASP A 12 -26.44 51.62 -0.69
C ASP A 12 -25.35 51.36 -1.72
N MET A 13 -24.93 52.42 -2.40
CA MET A 13 -23.88 52.33 -3.42
C MET A 13 -22.57 51.84 -2.81
N ALA A 14 -22.28 52.29 -1.60
CA ALA A 14 -21.07 51.90 -0.91
C ALA A 14 -21.10 50.39 -0.60
N ALA A 15 -22.29 49.86 -0.35
CA ALA A 15 -22.44 48.44 -0.08
C ALA A 15 -22.19 47.65 -1.37
N VAL A 16 -22.62 48.19 -2.51
CA VAL A 16 -22.39 47.52 -3.80
C VAL A 16 -20.90 47.50 -4.08
N GLU A 17 -20.22 48.61 -3.87
CA GLU A 17 -18.78 48.68 -4.11
C GLU A 17 -18.06 47.68 -3.21
N ALA A 18 -18.45 47.61 -1.95
CA ALA A 18 -17.83 46.68 -1.01
C ALA A 18 -18.06 45.23 -1.47
N ALA A 19 -19.27 44.94 -1.95
CA ALA A 19 -19.60 43.60 -2.40
C ALA A 19 -18.74 43.18 -3.58
N GLU A 20 -18.54 44.08 -4.54
CA GLU A 20 -17.73 43.77 -5.71
C GLU A 20 -16.28 43.56 -5.31
N LEU A 21 -15.81 44.41 -4.40
CA LEU A 21 -14.43 44.32 -3.93
C LEU A 21 -14.19 42.99 -3.22
N GLU A 22 -15.10 42.58 -2.34
CA GLU A 22 -14.90 41.32 -1.63
C GLU A 22 -15.19 40.09 -2.48
N MET A 23 -16.13 40.16 -3.43
CA MET A 23 -16.46 38.99 -4.24
C MET A 23 -15.28 38.60 -5.09
N THR A 24 -14.54 39.57 -5.55
CA THR A 24 -13.40 39.30 -6.40
C THR A 24 -12.32 38.56 -5.61
N ARG A 25 -12.18 38.89 -4.33
CA ARG A 25 -11.19 38.20 -3.49
C ARG A 25 -11.67 36.78 -3.26
N GLN A 26 -12.97 36.65 -3.07
CA GLN A 26 -13.59 35.35 -2.82
C GLN A 26 -13.45 34.39 -3.99
N VAL A 27 -13.61 34.85 -5.22
CA VAL A 27 -13.48 33.97 -6.39
C VAL A 27 -12.04 33.60 -6.70
N LEU A 28 -11.11 34.51 -6.44
CA LEU A 28 -9.70 34.25 -6.70
C LEU A 28 -9.15 33.18 -5.76
N HIS A 29 -9.53 33.24 -4.49
CA HIS A 29 -9.06 32.25 -3.52
C HIS A 29 -9.94 31.00 -3.60
N ALA A 30 -11.25 31.21 -3.45
CA ALA A 30 -12.26 30.17 -3.49
C ALA A 30 -11.97 28.98 -2.55
N GLY A 31 -12.54 27.83 -2.85
CA GLY A 31 -12.36 26.65 -2.02
C GLY A 31 -13.40 25.63 -2.41
N ALA A 32 -13.76 24.74 -1.49
CA ALA A 32 -14.81 23.72 -1.71
C ALA A 32 -14.65 22.94 -3.02
N ARG A 33 -13.44 22.47 -3.27
CA ARG A 33 -13.16 21.69 -4.47
C ARG A 33 -13.78 20.32 -4.26
N GLN A 34 -14.47 19.82 -5.27
CA GLN A 34 -15.18 18.54 -5.21
C GLN A 34 -14.46 17.54 -6.14
N ASP A 35 -13.16 17.75 -6.27
CA ASP A 35 -12.32 16.97 -7.19
C ASP A 35 -12.17 15.51 -6.76
N ASP A 36 -12.17 15.29 -5.45
CA ASP A 36 -11.96 13.95 -4.88
C ASP A 36 -13.27 13.37 -4.35
N ALA A 37 -14.31 13.45 -5.18
CA ALA A 37 -15.62 12.93 -4.82
C ALA A 37 -16.03 11.83 -5.79
N GLU A 38 -15.05 11.22 -6.43
CA GLU A 38 -15.35 10.17 -7.39
C GLU A 38 -15.74 8.87 -6.67
N PRO A 39 -16.56 8.01 -7.29
CA PRO A 39 -16.94 6.73 -6.68
C PRO A 39 -15.89 5.64 -6.90
N GLY A 40 -14.64 6.03 -6.74
CA GLY A 40 -13.51 5.16 -7.00
C GLY A 40 -12.22 5.60 -6.33
N VAL A 41 -11.13 5.56 -7.08
CA VAL A 41 -9.80 5.91 -6.56
C VAL A 41 -9.06 6.86 -7.52
N SER A 42 -9.21 6.65 -8.82
CA SER A 42 -8.54 7.48 -9.84
C SER A 42 -9.16 7.19 -11.21
N GLY A 43 -10.47 6.99 -11.23
CA GLY A 43 -11.19 6.59 -12.44
C GLY A 43 -10.96 5.12 -12.74
N ALA A 44 -9.81 4.85 -13.36
CA ALA A 44 -9.39 3.51 -13.69
C ALA A 44 -7.86 3.58 -13.65
N SER A 45 -7.22 2.51 -13.18
CA SER A 45 -5.75 2.47 -12.98
C SER A 45 -5.35 3.49 -11.91
N ALA A 46 -4.06 3.65 -11.69
CA ALA A 46 -3.55 4.58 -10.69
C ALA A 46 -2.76 5.66 -11.34
N HIS A 47 -3.32 6.87 -11.28
CA HIS A 47 -2.67 8.03 -11.81
C HIS A 47 -2.02 8.84 -10.69
N TRP A 48 -2.82 9.51 -9.88
CA TRP A 48 -2.29 10.29 -8.76
C TRP A 48 -1.66 9.35 -7.73
N GLY A 49 -2.18 8.14 -7.68
CA GLY A 49 -1.66 7.10 -6.80
C GLY A 49 -0.18 6.84 -6.98
N GLN A 50 0.34 7.05 -8.20
CA GLN A 50 1.76 6.82 -8.46
C GLN A 50 2.62 7.73 -7.60
N ARG A 51 2.17 8.95 -7.38
CA ARG A 51 2.94 9.91 -6.61
C ARG A 51 2.83 9.56 -5.14
N ALA A 52 1.67 9.07 -4.75
CA ALA A 52 1.44 8.65 -3.38
C ALA A 52 2.31 7.44 -3.01
N LEU A 53 2.53 6.53 -3.96
CA LEU A 53 3.34 5.34 -3.69
C LEU A 53 4.77 5.75 -3.39
N GLN A 54 5.26 6.82 -4.01
CA GLN A 54 6.63 7.29 -3.72
C GLN A 54 6.74 7.71 -2.26
N GLY A 55 5.66 8.27 -1.73
CA GLY A 55 5.62 8.64 -0.33
C GLY A 55 5.61 7.36 0.50
N ALA A 56 4.78 6.40 0.09
CA ALA A 56 4.66 5.13 0.80
C ALA A 56 6.03 4.43 0.93
N GLN A 57 6.85 4.51 -0.10
CA GLN A 57 8.19 3.92 -0.06
C GLN A 57 9.06 4.60 0.99
N ALA A 58 9.04 5.93 1.01
CA ALA A 58 9.87 6.68 1.94
C ALA A 58 9.42 6.46 3.39
N VAL A 59 8.12 6.49 3.62
CA VAL A 59 7.60 6.30 4.97
C VAL A 59 7.81 4.87 5.43
N ALA A 60 7.83 3.91 4.52
CA ALA A 60 8.02 2.50 4.88
C ALA A 60 9.32 2.32 5.67
N ALA A 61 10.34 3.08 5.32
CA ALA A 61 11.62 3.01 6.03
C ALA A 61 11.43 3.48 7.48
N ALA A 62 10.60 4.49 7.67
CA ALA A 62 10.29 5.00 9.01
C ALA A 62 9.39 4.01 9.77
N GLN A 63 8.47 3.36 9.07
CA GLN A 63 7.57 2.40 9.70
C GLN A 63 8.31 1.18 10.22
N ARG A 64 9.19 0.61 9.40
CA ARG A 64 9.96 -0.56 9.84
C ARG A 64 10.88 -0.16 11.00
N LEU A 65 11.25 1.12 11.02
CA LEU A 65 12.06 1.67 12.09
C LEU A 65 11.25 1.81 13.39
N VAL A 66 10.08 2.43 13.34
CA VAL A 66 9.29 2.66 14.57
C VAL A 66 8.90 1.32 15.18
N HIS A 67 8.63 0.36 14.31
CA HIS A 67 8.27 -0.97 14.75
C HIS A 67 9.42 -1.60 15.54
N ALA A 68 10.66 -1.32 15.15
CA ALA A 68 11.81 -1.88 15.86
C ALA A 68 11.80 -1.42 17.32
N ILE A 69 11.52 -0.14 17.55
CA ILE A 69 11.49 0.39 18.92
C ILE A 69 10.29 -0.16 19.66
N ALA A 70 9.19 -0.35 18.94
CA ALA A 70 7.98 -0.88 19.56
C ALA A 70 8.26 -2.26 20.17
N LEU A 71 9.25 -2.97 19.64
CA LEU A 71 9.66 -4.25 20.20
C LEU A 71 10.50 -4.02 21.43
N MET A 72 11.41 -3.06 21.36
CA MET A 72 12.28 -2.76 22.49
C MET A 72 11.48 -2.30 23.69
N THR A 73 10.33 -1.70 23.43
CA THR A 73 9.52 -1.15 24.53
C THR A 73 8.74 -2.23 25.26
N GLN A 74 8.63 -3.40 24.66
CA GLN A 74 7.96 -4.54 25.31
C GLN A 74 8.98 -5.60 25.75
N PHE A 75 10.12 -5.69 25.09
CA PHE A 75 11.16 -6.63 25.46
C PHE A 75 12.05 -6.08 26.58
N GLY A 76 12.20 -4.77 26.64
CA GLY A 76 13.06 -4.17 27.65
C GLY A 76 12.58 -4.34 29.08
N ARG A 77 11.26 -4.38 29.24
CA ARG A 77 10.59 -4.61 30.53
C ARG A 77 11.11 -3.77 31.71
N ALA A 78 11.62 -2.59 31.40
CA ALA A 78 12.15 -1.69 32.41
C ALA A 78 11.02 -0.84 32.99
N GLY A 79 11.29 -0.15 34.10
CA GLY A 79 10.31 0.73 34.71
C GLY A 79 9.56 0.10 35.87
N SER A 80 9.79 -1.20 36.09
CA SER A 80 9.16 -1.95 37.19
C SER A 80 7.62 -1.96 37.07
N GLY A 1 -0.06 3.04 3.36
CA GLY A 1 -0.89 2.39 4.40
C GLY A 1 -2.38 2.70 4.24
N SER A 2 -3.18 2.29 5.22
CA SER A 2 -4.62 2.54 5.18
C SER A 2 -4.87 4.03 5.38
N ARG A 3 -5.88 4.57 4.70
CA ARG A 3 -6.22 5.99 4.82
C ARG A 3 -6.75 6.30 6.20
N SER A 4 -7.30 5.28 6.86
CA SER A 4 -7.93 5.39 8.18
C SER A 4 -9.18 6.26 8.10
N PHE A 5 -9.84 6.46 9.22
CA PHE A 5 -11.06 7.27 9.30
C PHE A 5 -11.33 7.57 10.77
N SER A 6 -12.09 8.63 11.01
CA SER A 6 -12.49 9.02 12.37
C SER A 6 -13.94 8.63 12.63
N LEU A 7 -14.29 7.44 12.16
CA LEU A 7 -15.62 6.80 12.31
C LEU A 7 -16.81 7.53 11.67
N GLY A 8 -17.03 8.79 11.99
CA GLY A 8 -18.12 9.54 11.35
C GLY A 8 -17.78 9.74 9.89
N GLU A 9 -16.48 9.73 9.63
CA GLU A 9 -15.94 9.87 8.29
C GLU A 9 -16.38 8.71 7.40
N VAL A 10 -16.65 7.57 8.01
CA VAL A 10 -17.04 6.39 7.23
C VAL A 10 -18.40 6.61 6.58
N SER A 11 -19.26 7.39 7.22
CA SER A 11 -20.58 7.68 6.66
C SER A 11 -20.43 8.50 5.38
N ASP A 12 -19.51 9.44 5.39
CA ASP A 12 -19.28 10.28 4.20
C ASP A 12 -18.59 9.45 3.13
N MET A 13 -17.68 8.58 3.57
CA MET A 13 -16.93 7.75 2.64
C MET A 13 -17.88 6.83 1.90
N ALA A 14 -18.89 6.34 2.61
CA ALA A 14 -19.90 5.46 2.04
C ALA A 14 -20.70 6.22 0.98
N ALA A 15 -20.89 7.52 1.17
CA ALA A 15 -21.63 8.33 0.20
C ALA A 15 -20.79 8.48 -1.07
N VAL A 16 -19.48 8.65 -0.90
CA VAL A 16 -18.56 8.77 -2.03
C VAL A 16 -18.53 7.44 -2.80
N GLU A 17 -18.42 6.35 -2.06
CA GLU A 17 -18.40 5.02 -2.67
C GLU A 17 -19.71 4.77 -3.43
N ALA A 18 -20.83 5.17 -2.85
CA ALA A 18 -22.13 5.01 -3.48
C ALA A 18 -22.20 5.86 -4.76
N ALA A 19 -21.60 7.05 -4.72
CA ALA A 19 -21.60 7.93 -5.89
C ALA A 19 -20.83 7.28 -7.05
N GLU A 20 -19.68 6.69 -6.75
CA GLU A 20 -18.89 6.04 -7.79
C GLU A 20 -19.67 4.85 -8.34
N LEU A 21 -20.25 4.08 -7.44
CA LEU A 21 -21.03 2.92 -7.83
C LEU A 21 -22.22 3.30 -8.69
N GLU A 22 -22.93 4.36 -8.33
CA GLU A 22 -24.09 4.73 -9.12
C GLU A 22 -23.71 5.34 -10.46
N MET A 23 -22.58 6.06 -10.52
CA MET A 23 -22.10 6.63 -11.79
C MET A 23 -21.64 5.54 -12.73
N THR A 24 -21.04 4.48 -12.17
CA THR A 24 -20.58 3.33 -12.96
C THR A 24 -21.70 2.76 -13.82
N ARG A 25 -22.93 2.89 -13.35
CA ARG A 25 -24.10 2.38 -14.08
C ARG A 25 -24.28 3.08 -15.41
N GLN A 26 -24.10 4.38 -15.43
CA GLN A 26 -24.22 5.14 -16.67
C GLN A 26 -23.00 4.89 -17.53
N VAL A 27 -21.85 4.79 -16.89
CA VAL A 27 -20.58 4.52 -17.56
C VAL A 27 -20.64 3.19 -18.33
N LEU A 28 -21.26 2.18 -17.75
CA LEU A 28 -21.41 0.87 -18.39
C LEU A 28 -22.30 0.91 -19.63
N HIS A 29 -23.12 1.95 -19.74
CA HIS A 29 -24.03 2.11 -20.87
C HIS A 29 -23.44 3.06 -21.93
N ALA A 30 -22.22 3.52 -21.70
CA ALA A 30 -21.56 4.46 -22.59
C ALA A 30 -20.49 3.74 -23.43
N GLY A 31 -20.02 4.40 -24.48
CA GLY A 31 -18.95 3.83 -25.29
C GLY A 31 -17.68 3.82 -24.47
N ALA A 32 -16.83 2.81 -24.65
CA ALA A 32 -15.61 2.67 -23.89
C ALA A 32 -14.49 2.17 -24.79
N ARG A 33 -13.40 1.82 -24.14
CA ARG A 33 -12.19 1.36 -24.81
C ARG A 33 -12.17 -0.16 -24.96
N GLN A 34 -11.32 -0.63 -25.87
CA GLN A 34 -11.13 -2.05 -26.12
C GLN A 34 -9.79 -2.43 -25.49
N ASP A 35 -9.51 -1.76 -24.38
CA ASP A 35 -8.27 -1.85 -23.59
C ASP A 35 -7.01 -1.33 -24.29
N ASP A 36 -6.87 -1.66 -25.56
CA ASP A 36 -5.76 -1.25 -26.44
C ASP A 36 -6.04 0.16 -26.95
N ALA A 37 -6.21 1.04 -25.99
CA ALA A 37 -6.40 2.46 -26.23
C ALA A 37 -5.20 3.22 -25.64
N GLU A 38 -4.00 2.77 -26.00
CA GLU A 38 -2.77 3.38 -25.53
C GLU A 38 -2.28 4.40 -26.56
N PRO A 39 -1.38 5.33 -26.18
CA PRO A 39 -0.90 6.31 -27.15
C PRO A 39 0.06 5.72 -28.18
N GLY A 40 0.25 6.45 -29.28
CA GLY A 40 1.10 5.97 -30.37
C GLY A 40 2.59 5.99 -30.10
N VAL A 41 2.95 6.52 -28.95
CA VAL A 41 4.32 6.56 -28.50
C VAL A 41 4.34 6.17 -27.02
N SER A 42 5.00 5.06 -26.73
CA SER A 42 5.07 4.47 -25.38
C SER A 42 3.66 4.10 -24.87
N GLY A 43 3.58 3.64 -23.64
CA GLY A 43 2.29 3.27 -23.05
C GLY A 43 1.83 4.34 -22.08
N ALA A 44 0.62 4.18 -21.54
CA ALA A 44 0.09 5.13 -20.57
C ALA A 44 1.03 5.21 -19.34
N SER A 45 1.17 6.40 -18.79
CA SER A 45 2.04 6.61 -17.62
C SER A 45 1.32 7.43 -16.55
N ALA A 46 1.59 7.12 -15.29
CA ALA A 46 0.99 7.86 -14.18
C ALA A 46 1.98 8.90 -13.71
N HIS A 47 1.45 10.02 -13.24
CA HIS A 47 2.30 11.13 -12.78
C HIS A 47 2.27 11.36 -11.27
N TRP A 48 1.24 12.01 -10.77
CA TRP A 48 1.10 12.28 -9.35
C TRP A 48 0.98 11.01 -8.50
N GLY A 49 0.44 9.96 -9.09
CA GLY A 49 0.32 8.69 -8.40
C GLY A 49 1.69 8.12 -8.05
N GLN A 50 2.69 8.37 -8.90
CA GLN A 50 4.03 7.86 -8.63
C GLN A 50 4.59 8.57 -7.44
N ARG A 51 4.34 9.86 -7.35
CA ARG A 51 4.87 10.65 -6.22
C ARG A 51 4.28 10.14 -4.91
N ALA A 52 3.01 9.76 -4.94
CA ALA A 52 2.36 9.23 -3.76
C ALA A 52 2.99 7.90 -3.35
N LEU A 53 3.20 6.99 -4.32
CA LEU A 53 3.79 5.70 -4.01
C LEU A 53 5.23 5.87 -3.51
N GLN A 54 5.97 6.82 -4.06
CA GLN A 54 7.34 7.06 -3.59
C GLN A 54 7.36 7.52 -2.14
N GLY A 55 6.31 8.25 -1.76
CA GLY A 55 6.16 8.66 -0.37
C GLY A 55 5.98 7.42 0.47
N ALA A 56 5.11 6.53 0.02
CA ALA A 56 4.85 5.25 0.71
C ALA A 56 6.14 4.45 0.92
N GLN A 57 7.02 4.45 -0.08
CA GLN A 57 8.29 3.75 0.04
C GLN A 57 9.19 4.39 1.10
N ALA A 58 9.24 5.71 1.10
CA ALA A 58 10.09 6.44 2.07
C ALA A 58 9.57 6.25 3.49
N VAL A 59 8.27 6.36 3.68
CA VAL A 59 7.70 6.19 5.01
C VAL A 59 7.80 4.76 5.47
N ALA A 60 7.84 3.80 4.55
CA ALA A 60 7.95 2.39 4.93
C ALA A 60 9.24 2.15 5.72
N ALA A 61 10.30 2.87 5.35
CA ALA A 61 11.56 2.76 6.07
C ALA A 61 11.38 3.28 7.50
N ALA A 62 10.59 4.32 7.64
CA ALA A 62 10.30 4.89 8.96
C ALA A 62 9.37 3.97 9.76
N GLN A 63 8.47 3.26 9.07
CA GLN A 63 7.53 2.37 9.74
C GLN A 63 8.25 1.16 10.30
N ARG A 64 9.14 0.57 9.53
CA ARG A 64 9.90 -0.58 10.04
C ARG A 64 10.82 -0.13 11.18
N LEU A 65 11.21 1.14 11.14
CA LEU A 65 12.03 1.73 12.20
C LEU A 65 11.21 1.91 13.48
N VAL A 66 10.04 2.52 13.40
CA VAL A 66 9.25 2.73 14.61
C VAL A 66 8.84 1.39 15.21
N HIS A 67 8.56 0.43 14.35
CA HIS A 67 8.22 -0.89 14.78
C HIS A 67 9.40 -1.55 15.49
N ALA A 68 10.62 -1.27 15.05
CA ALA A 68 11.80 -1.84 15.68
C ALA A 68 11.87 -1.43 17.16
N ILE A 69 11.59 -0.16 17.44
CA ILE A 69 11.65 0.33 18.81
C ILE A 69 10.48 -0.24 19.60
N ALA A 70 9.34 -0.39 18.93
CA ALA A 70 8.16 -0.96 19.55
C ALA A 70 8.46 -2.38 20.06
N LEU A 71 9.43 -3.04 19.45
CA LEU A 71 9.85 -4.37 19.92
C LEU A 71 10.72 -4.22 21.14
N MET A 72 11.61 -3.24 21.12
CA MET A 72 12.50 -3.04 22.25
C MET A 72 11.72 -2.65 23.49
N THR A 73 10.59 -1.99 23.29
CA THR A 73 9.81 -1.53 24.44
C THR A 73 9.07 -2.69 25.06
N GLN A 74 8.59 -3.62 24.25
CA GLN A 74 7.91 -4.80 24.78
C GLN A 74 8.93 -5.84 25.26
N PHE A 75 10.13 -5.86 24.70
CA PHE A 75 11.16 -6.78 25.17
C PHE A 75 11.65 -6.39 26.57
N GLY A 76 11.58 -5.10 26.87
CA GLY A 76 11.96 -4.62 28.18
C GLY A 76 10.95 -5.02 29.24
N ARG A 77 9.75 -5.37 28.79
CA ARG A 77 8.65 -5.83 29.64
C ARG A 77 8.37 -4.96 30.86
N ALA A 78 8.61 -3.65 30.71
CA ALA A 78 8.38 -2.71 31.81
C ALA A 78 6.92 -2.73 32.29
N GLY A 79 6.01 -2.87 31.34
CA GLY A 79 4.58 -2.94 31.66
C GLY A 79 4.10 -4.36 31.85
N SER A 80 4.97 -5.24 32.36
CA SER A 80 4.64 -6.66 32.56
C SER A 80 4.77 -7.11 34.00
N GLY A 1 15.68 9.71 32.50
CA GLY A 1 16.99 9.00 32.67
C GLY A 1 18.14 9.91 32.30
N SER A 2 17.73 10.97 31.60
CA SER A 2 18.57 12.04 31.05
C SER A 2 19.57 11.52 30.02
N ARG A 3 20.41 12.40 29.51
CA ARG A 3 21.42 12.05 28.51
C ARG A 3 22.56 13.04 28.66
N SER A 4 23.78 12.62 28.42
CA SER A 4 24.93 13.53 28.42
C SER A 4 24.86 14.28 27.10
N PHE A 5 25.27 15.53 27.06
CA PHE A 5 25.23 16.29 25.81
C PHE A 5 26.34 15.82 24.86
N SER A 6 27.39 15.23 25.44
CA SER A 6 28.54 14.63 24.74
C SER A 6 29.22 15.38 23.59
N LEU A 7 30.50 15.63 23.78
CA LEU A 7 31.31 16.38 22.82
C LEU A 7 31.31 15.73 21.43
N GLY A 8 31.23 14.40 21.38
CA GLY A 8 31.16 13.71 20.11
C GLY A 8 29.82 13.96 19.42
N GLU A 9 28.75 13.93 20.19
CA GLU A 9 27.41 14.14 19.64
C GLU A 9 27.25 15.59 19.18
N VAL A 10 27.93 16.51 19.85
CA VAL A 10 27.93 17.92 19.43
C VAL A 10 28.54 18.05 18.02
N SER A 11 29.51 17.20 17.72
CA SER A 11 30.13 17.24 16.39
C SER A 11 29.14 16.76 15.33
N ASP A 12 28.36 15.73 15.67
CA ASP A 12 27.35 15.20 14.74
C ASP A 12 26.21 16.18 14.61
N MET A 13 25.94 16.88 15.71
CA MET A 13 24.88 17.89 15.73
C MET A 13 25.22 18.98 14.74
N ALA A 14 26.47 19.42 14.75
CA ALA A 14 26.88 20.49 13.87
C ALA A 14 26.71 20.09 12.40
N ALA A 15 26.96 18.83 12.11
CA ALA A 15 26.84 18.31 10.75
C ALA A 15 25.37 18.27 10.30
N VAL A 16 24.50 17.72 11.13
CA VAL A 16 23.10 17.57 10.76
C VAL A 16 22.39 18.93 10.74
N GLU A 17 22.77 19.81 11.65
CA GLU A 17 22.21 21.16 11.70
C GLU A 17 22.51 21.87 10.38
N ALA A 18 23.75 21.78 9.92
CA ALA A 18 24.12 22.43 8.67
C ALA A 18 23.33 21.84 7.50
N ALA A 19 23.16 20.52 7.53
CA ALA A 19 22.43 19.82 6.47
C ALA A 19 20.95 20.23 6.44
N GLU A 20 20.28 20.25 7.58
CA GLU A 20 18.86 20.60 7.58
C GLU A 20 18.68 22.08 7.27
N LEU A 21 19.64 22.92 7.67
CA LEU A 21 19.55 24.34 7.37
C LEU A 21 19.55 24.56 5.87
N GLU A 22 20.42 23.88 5.13
CA GLU A 22 20.42 24.03 3.66
C GLU A 22 19.21 23.34 3.01
N MET A 23 18.78 22.21 3.55
CA MET A 23 17.62 21.50 3.00
C MET A 23 16.35 22.32 3.20
N THR A 24 16.29 23.09 4.28
CA THR A 24 15.15 23.97 4.53
C THR A 24 15.03 24.97 3.38
N ARG A 25 16.15 25.44 2.85
CA ARG A 25 16.08 26.39 1.73
C ARG A 25 15.51 25.66 0.54
N GLN A 26 15.98 24.45 0.31
CA GLN A 26 15.55 23.67 -0.85
C GLN A 26 14.05 23.37 -0.82
N VAL A 27 13.52 22.97 0.32
CA VAL A 27 12.10 22.63 0.42
C VAL A 27 11.21 23.87 0.31
N LEU A 28 11.62 24.98 0.93
CA LEU A 28 10.83 26.21 0.85
C LEU A 28 10.79 26.76 -0.56
N HIS A 29 11.88 26.61 -1.30
CA HIS A 29 11.93 27.08 -2.68
C HIS A 29 11.11 26.17 -3.59
N ALA A 30 10.98 24.90 -3.19
CA ALA A 30 10.20 23.93 -3.97
C ALA A 30 8.70 24.15 -3.79
N GLY A 31 8.27 24.43 -2.56
CA GLY A 31 6.86 24.66 -2.28
C GLY A 31 6.39 24.02 -0.99
N ALA A 32 5.18 23.50 -1.01
CA ALA A 32 4.58 22.85 0.13
C ALA A 32 3.57 21.88 -0.47
N ARG A 33 2.95 21.09 0.40
CA ARG A 33 1.93 20.14 0.00
C ARG A 33 0.73 20.88 -0.58
N GLN A 34 -0.04 20.21 -1.44
CA GLN A 34 -1.25 20.78 -2.03
C GLN A 34 -2.45 20.69 -1.09
N ASP A 35 -2.11 20.28 0.11
CA ASP A 35 -3.00 19.93 1.22
C ASP A 35 -3.90 18.71 0.92
N ASP A 36 -4.43 18.64 -0.29
CA ASP A 36 -5.17 17.48 -0.83
C ASP A 36 -4.17 16.35 -1.17
N ALA A 37 -3.21 16.14 -0.28
CA ALA A 37 -2.18 15.11 -0.43
C ALA A 37 -2.45 13.92 0.49
N GLU A 38 -3.69 13.81 0.94
CA GLU A 38 -4.09 12.75 1.85
C GLU A 38 -4.04 11.36 1.20
N PRO A 39 -3.68 10.32 1.96
CA PRO A 39 -3.66 8.98 1.38
C PRO A 39 -5.07 8.38 1.30
N GLY A 40 -5.20 7.29 0.57
CA GLY A 40 -6.49 6.63 0.44
C GLY A 40 -6.62 5.91 -0.88
N VAL A 41 -6.10 6.53 -1.93
CA VAL A 41 -6.11 5.92 -3.26
C VAL A 41 -5.26 4.65 -3.19
N SER A 42 -5.82 3.52 -3.62
CA SER A 42 -5.13 2.25 -3.58
C SER A 42 -3.89 2.26 -4.46
N GLY A 43 -2.85 1.54 -4.03
CA GLY A 43 -1.62 1.45 -4.78
C GLY A 43 -1.61 0.27 -5.74
N ALA A 44 -0.42 -0.23 -6.04
CA ALA A 44 -0.20 -1.37 -6.95
C ALA A 44 -0.79 -1.11 -8.35
N SER A 45 -1.86 -1.80 -8.70
CA SER A 45 -2.49 -1.65 -10.02
C SER A 45 -3.36 -0.40 -10.06
N ALA A 46 -2.72 0.75 -10.17
CA ALA A 46 -3.40 2.04 -10.14
C ALA A 46 -2.70 3.06 -11.01
N HIS A 47 -3.36 4.21 -11.21
CA HIS A 47 -2.76 5.33 -11.93
C HIS A 47 -2.26 6.36 -10.91
N TRP A 48 -3.17 7.13 -10.32
CA TRP A 48 -2.82 8.11 -9.28
C TRP A 48 -2.21 7.40 -8.07
N GLY A 49 -2.66 6.17 -7.88
CA GLY A 49 -2.19 5.31 -6.81
C GLY A 49 -0.69 5.12 -6.80
N GLN A 50 -0.05 5.19 -7.96
CA GLN A 50 1.40 5.03 -8.05
C GLN A 50 2.10 6.09 -7.20
N ARG A 51 1.56 7.29 -7.14
CA ARG A 51 2.15 8.37 -6.34
C ARG A 51 1.97 8.05 -4.87
N ALA A 52 0.86 7.41 -4.56
CA ALA A 52 0.57 7.04 -3.18
C ALA A 52 1.51 5.90 -2.77
N LEU A 53 1.69 4.91 -3.64
CA LEU A 53 2.53 3.77 -3.31
C LEU A 53 3.98 4.20 -3.22
N GLN A 54 4.42 5.12 -4.07
CA GLN A 54 5.82 5.55 -4.00
C GLN A 54 6.09 6.28 -2.68
N GLY A 55 5.07 6.93 -2.14
CA GLY A 55 5.19 7.55 -0.84
C GLY A 55 5.21 6.45 0.20
N ALA A 56 4.32 5.47 0.06
CA ALA A 56 4.24 4.34 0.98
C ALA A 56 5.58 3.63 1.16
N GLN A 57 6.33 3.50 0.08
CA GLN A 57 7.65 2.88 0.14
C GLN A 57 8.65 3.71 0.95
N ALA A 58 8.62 5.02 0.75
CA ALA A 58 9.56 5.91 1.44
C ALA A 58 9.23 5.96 2.93
N VAL A 59 7.96 6.13 3.26
CA VAL A 59 7.53 6.18 4.66
C VAL A 59 7.78 4.84 5.32
N ALA A 60 7.71 3.75 4.57
CA ALA A 60 7.94 2.42 5.12
C ALA A 60 9.29 2.30 5.81
N ALA A 61 10.28 3.09 5.37
CA ALA A 61 11.59 3.08 6.02
C ALA A 61 11.46 3.58 7.47
N ALA A 62 10.62 4.58 7.67
CA ALA A 62 10.34 5.10 9.01
C ALA A 62 9.47 4.10 9.79
N GLN A 63 8.60 3.38 9.09
CA GLN A 63 7.66 2.47 9.74
C GLN A 63 8.37 1.24 10.29
N ARG A 64 9.24 0.65 9.48
CA ARG A 64 10.01 -0.52 9.90
C ARG A 64 10.92 -0.10 11.07
N LEU A 65 11.29 1.17 11.09
CA LEU A 65 12.10 1.71 12.16
C LEU A 65 11.28 1.85 13.44
N VAL A 66 10.12 2.51 13.40
CA VAL A 66 9.34 2.73 14.61
C VAL A 66 8.91 1.39 15.20
N HIS A 67 8.63 0.45 14.32
CA HIS A 67 8.25 -0.88 14.73
C HIS A 67 9.38 -1.56 15.48
N ALA A 68 10.62 -1.31 15.08
CA ALA A 68 11.77 -1.92 15.74
C ALA A 68 11.79 -1.53 17.23
N ILE A 69 11.54 -0.25 17.52
CA ILE A 69 11.56 0.20 18.90
C ILE A 69 10.32 -0.32 19.62
N ALA A 70 9.21 -0.42 18.92
CA ALA A 70 7.97 -0.91 19.53
C ALA A 70 8.17 -2.34 20.05
N LEU A 71 9.08 -3.07 19.43
CA LEU A 71 9.39 -4.43 19.89
C LEU A 71 10.23 -4.34 21.14
N MET A 72 11.17 -3.43 21.13
CA MET A 72 12.05 -3.25 22.28
C MET A 72 11.29 -2.81 23.49
N THR A 73 10.19 -2.12 23.28
CA THR A 73 9.44 -1.59 24.41
C THR A 73 8.56 -2.67 25.01
N GLN A 74 8.04 -3.56 24.18
CA GLN A 74 7.22 -4.67 24.70
C GLN A 74 8.13 -5.77 25.26
N PHE A 75 9.36 -5.89 24.76
CA PHE A 75 10.30 -6.86 25.30
C PHE A 75 11.01 -6.33 26.53
N GLY A 76 10.87 -5.04 26.79
CA GLY A 76 11.55 -4.42 27.92
C GLY A 76 13.06 -4.51 27.75
N ARG A 77 13.48 -4.61 26.49
CA ARG A 77 14.86 -4.86 26.08
C ARG A 77 15.55 -5.97 26.86
N ALA A 78 14.78 -6.94 27.34
CA ALA A 78 15.33 -8.07 28.06
C ALA A 78 16.06 -9.00 27.08
N GLY A 79 17.10 -9.66 27.55
CA GLY A 79 17.86 -10.56 26.70
C GLY A 79 17.26 -11.96 26.68
N SER A 80 16.07 -12.10 27.24
CA SER A 80 15.33 -13.37 27.32
C SER A 80 13.85 -13.11 27.50
N GLY A 1 24.33 -22.69 -6.41
CA GLY A 1 23.66 -23.54 -7.43
C GLY A 1 24.57 -24.64 -7.97
N SER A 2 23.95 -25.77 -8.36
CA SER A 2 24.68 -26.95 -8.83
C SER A 2 25.06 -26.87 -10.31
N ARG A 3 25.27 -25.67 -10.84
CA ARG A 3 25.60 -25.51 -12.25
C ARG A 3 26.97 -26.11 -12.56
N SER A 4 27.89 -25.92 -11.61
CA SER A 4 29.30 -26.36 -11.72
C SER A 4 30.00 -25.73 -12.93
N PHE A 5 31.26 -26.06 -13.14
CA PHE A 5 32.03 -25.54 -14.26
C PHE A 5 33.23 -26.42 -14.49
N SER A 6 33.77 -26.38 -15.70
CA SER A 6 34.97 -27.14 -16.07
C SER A 6 36.05 -26.18 -16.53
N LEU A 7 36.22 -25.14 -15.71
CA LEU A 7 37.23 -24.06 -15.89
C LEU A 7 37.08 -23.18 -17.14
N GLY A 8 37.06 -23.77 -18.33
CA GLY A 8 36.86 -22.97 -19.54
C GLY A 8 35.47 -22.37 -19.48
N GLU A 9 34.57 -23.13 -18.88
CA GLU A 9 33.19 -22.70 -18.65
C GLU A 9 33.11 -21.34 -17.93
N VAL A 10 34.05 -21.09 -17.04
CA VAL A 10 34.07 -19.83 -16.28
C VAL A 10 34.42 -18.67 -17.21
N SER A 11 35.33 -18.90 -18.15
CA SER A 11 35.74 -17.84 -19.07
C SER A 11 34.68 -17.58 -20.11
N ASP A 12 33.97 -18.63 -20.51
CA ASP A 12 32.89 -18.48 -21.48
C ASP A 12 31.75 -17.75 -20.79
N MET A 13 31.60 -18.01 -19.50
CA MET A 13 30.53 -17.40 -18.70
C MET A 13 30.83 -15.92 -18.50
N ALA A 14 32.11 -15.57 -18.37
CA ALA A 14 32.52 -14.19 -18.21
C ALA A 14 32.17 -13.39 -19.47
N ALA A 15 32.21 -14.06 -20.63
CA ALA A 15 31.84 -13.41 -21.87
C ALA A 15 30.34 -13.11 -21.88
N VAL A 16 29.54 -14.01 -21.31
CA VAL A 16 28.10 -13.81 -21.20
C VAL A 16 27.82 -12.64 -20.28
N GLU A 17 28.52 -12.59 -19.15
CA GLU A 17 28.35 -11.50 -18.19
C GLU A 17 28.65 -10.16 -18.87
N ALA A 18 29.71 -10.11 -19.65
CA ALA A 18 30.09 -8.88 -20.36
C ALA A 18 29.00 -8.50 -21.39
N ALA A 19 28.44 -9.51 -22.05
CA ALA A 19 27.41 -9.28 -23.05
C ALA A 19 26.14 -8.74 -22.38
N GLU A 20 25.76 -9.31 -21.25
CA GLU A 20 24.55 -8.86 -20.54
C GLU A 20 24.74 -7.42 -20.10
N LEU A 21 25.93 -7.10 -19.62
CA LEU A 21 26.24 -5.75 -19.19
C LEU A 21 26.09 -4.76 -20.33
N GLU A 22 26.59 -5.08 -21.52
CA GLU A 22 26.43 -4.15 -22.64
C GLU A 22 25.01 -4.12 -23.20
N MET A 23 24.32 -5.25 -23.21
CA MET A 23 22.94 -5.29 -23.69
C MET A 23 22.08 -4.41 -22.80
N THR A 24 22.36 -4.41 -21.51
CA THR A 24 21.63 -3.55 -20.57
C THR A 24 21.79 -2.08 -20.94
N ARG A 25 22.97 -1.67 -21.37
CA ARG A 25 23.19 -0.28 -21.75
C ARG A 25 22.34 0.03 -22.96
N GLN A 26 22.41 -0.85 -23.93
CA GLN A 26 21.69 -0.70 -25.19
C GLN A 26 20.17 -0.60 -25.00
N VAL A 27 19.60 -1.49 -24.19
CA VAL A 27 18.15 -1.46 -23.97
C VAL A 27 17.70 -0.21 -23.21
N LEU A 28 18.51 0.25 -22.28
CA LEU A 28 18.19 1.47 -21.54
C LEU A 28 18.25 2.70 -22.43
N HIS A 29 19.19 2.73 -23.36
CA HIS A 29 19.31 3.85 -24.30
C HIS A 29 18.13 3.87 -25.27
N ALA A 30 17.68 2.70 -25.69
CA ALA A 30 16.54 2.60 -26.62
C ALA A 30 15.19 2.77 -25.90
N GLY A 31 15.22 2.67 -24.57
CA GLY A 31 14.00 2.74 -23.78
C GLY A 31 13.61 4.14 -23.36
N ALA A 32 12.43 4.24 -22.74
CA ALA A 32 11.90 5.48 -22.26
C ALA A 32 11.25 5.14 -20.93
N ARG A 33 11.30 6.08 -20.01
CA ARG A 33 10.74 5.90 -18.67
C ARG A 33 9.22 6.05 -18.79
N GLN A 34 8.49 5.20 -18.10
CA GLN A 34 7.03 5.18 -18.16
C GLN A 34 6.45 5.36 -16.76
N ASP A 35 7.03 6.29 -16.01
CA ASP A 35 6.60 6.57 -14.64
C ASP A 35 5.17 7.08 -14.61
N ASP A 36 4.80 7.82 -15.66
CA ASP A 36 3.46 8.38 -15.79
C ASP A 36 3.03 8.29 -17.25
N ALA A 37 2.68 7.09 -17.67
CA ALA A 37 2.28 6.82 -19.05
C ALA A 37 0.91 6.13 -19.06
N GLU A 38 -0.03 6.67 -18.31
CA GLU A 38 -1.36 6.09 -18.25
C GLU A 38 -2.10 6.30 -19.57
N PRO A 39 -3.04 5.40 -19.91
CA PRO A 39 -3.78 5.54 -21.17
C PRO A 39 -4.90 6.58 -21.10
N GLY A 40 -5.04 7.23 -19.96
CA GLY A 40 -6.07 8.24 -19.77
C GLY A 40 -7.42 7.66 -19.41
N VAL A 41 -7.75 6.53 -20.01
CA VAL A 41 -9.01 5.85 -19.77
C VAL A 41 -8.77 4.40 -19.33
N SER A 42 -9.20 4.10 -18.12
CA SER A 42 -9.11 2.75 -17.54
C SER A 42 -7.68 2.19 -17.49
N GLY A 43 -7.55 0.87 -17.54
CA GLY A 43 -6.26 0.22 -17.44
C GLY A 43 -5.96 -0.06 -15.98
N ALA A 44 -4.73 -0.40 -15.67
CA ALA A 44 -4.31 -0.68 -14.28
C ALA A 44 -3.56 0.55 -13.76
N SER A 45 -3.77 1.67 -14.43
CA SER A 45 -3.08 2.91 -14.11
C SER A 45 -3.80 3.74 -13.06
N ALA A 46 -3.12 4.76 -12.57
CA ALA A 46 -3.65 5.65 -11.56
C ALA A 46 -2.81 6.90 -11.66
N HIS A 47 -3.31 8.02 -11.17
CA HIS A 47 -2.53 9.26 -11.09
C HIS A 47 -2.12 9.48 -9.63
N TRP A 48 -3.05 9.93 -8.81
CA TRP A 48 -2.76 10.25 -7.40
C TRP A 48 -2.32 9.01 -6.62
N GLY A 49 -2.78 7.85 -7.06
CA GLY A 49 -2.41 6.61 -6.41
C GLY A 49 -0.92 6.34 -6.52
N GLN A 50 -0.31 6.74 -7.63
CA GLN A 50 1.12 6.56 -7.82
C GLN A 50 1.86 7.39 -6.81
N ARG A 51 1.48 8.66 -6.75
CA ARG A 51 2.17 9.62 -5.90
C ARG A 51 2.01 9.23 -4.43
N ALA A 52 0.86 8.66 -4.11
CA ALA A 52 0.62 8.16 -2.76
C ALA A 52 1.55 6.97 -2.45
N LEU A 53 1.74 6.07 -3.41
CA LEU A 53 2.61 4.92 -3.19
C LEU A 53 4.06 5.37 -3.09
N GLN A 54 4.45 6.41 -3.82
CA GLN A 54 5.82 6.93 -3.70
C GLN A 54 6.06 7.41 -2.27
N GLY A 55 5.03 7.97 -1.66
CA GLY A 55 5.10 8.37 -0.27
C GLY A 55 5.19 7.14 0.60
N ALA A 56 4.37 6.14 0.30
CA ALA A 56 4.35 4.87 1.04
C ALA A 56 5.75 4.24 1.12
N GLN A 57 6.49 4.31 0.04
CA GLN A 57 7.86 3.77 0.02
C GLN A 57 8.78 4.53 0.97
N ALA A 58 8.69 5.85 0.96
CA ALA A 58 9.55 6.68 1.81
C ALA A 58 9.21 6.47 3.29
N VAL A 59 7.93 6.46 3.60
CA VAL A 59 7.50 6.28 4.99
C VAL A 59 7.78 4.86 5.46
N ALA A 60 7.82 3.89 4.56
CA ALA A 60 8.08 2.50 4.94
C ALA A 60 9.41 2.37 5.70
N ALA A 61 10.39 3.19 5.34
CA ALA A 61 11.67 3.18 6.04
C ALA A 61 11.48 3.62 7.50
N ALA A 62 10.60 4.59 7.71
CA ALA A 62 10.29 5.04 9.06
C ALA A 62 9.43 4.00 9.79
N GLN A 63 8.60 3.27 9.08
CA GLN A 63 7.72 2.28 9.70
C GLN A 63 8.49 1.06 10.19
N ARG A 64 9.40 0.55 9.37
CA ARG A 64 10.21 -0.60 9.78
C ARG A 64 11.06 -0.19 10.98
N LEU A 65 11.35 1.10 11.06
CA LEU A 65 12.11 1.67 12.16
C LEU A 65 11.26 1.79 13.43
N VAL A 66 10.09 2.43 13.35
CA VAL A 66 9.28 2.66 14.55
C VAL A 66 8.85 1.35 15.16
N HIS A 67 8.55 0.38 14.32
CA HIS A 67 8.16 -0.94 14.77
C HIS A 67 9.31 -1.59 15.53
N ALA A 68 10.55 -1.35 15.11
CA ALA A 68 11.68 -1.96 15.78
C ALA A 68 11.73 -1.50 17.24
N ILE A 69 11.54 -0.21 17.47
CA ILE A 69 11.60 0.32 18.84
C ILE A 69 10.39 -0.15 19.62
N ALA A 70 9.25 -0.26 18.97
CA ALA A 70 8.03 -0.71 19.62
C ALA A 70 8.26 -2.09 20.24
N LEU A 71 9.18 -2.84 19.66
CA LEU A 71 9.53 -4.16 20.20
C LEU A 71 10.50 -4.01 21.35
N MET A 72 11.48 -3.14 21.18
CA MET A 72 12.47 -2.92 22.23
C MET A 72 11.82 -2.41 23.49
N THR A 73 10.72 -1.70 23.35
CA THR A 73 10.08 -1.08 24.51
C THR A 73 9.30 -2.08 25.34
N GLN A 74 9.01 -3.23 24.76
CA GLN A 74 8.34 -4.30 25.49
C GLN A 74 9.34 -5.40 25.85
N PHE A 75 10.34 -5.65 25.01
CA PHE A 75 11.36 -6.65 25.31
C PHE A 75 12.24 -6.17 26.45
N GLY A 76 12.50 -4.87 26.50
CA GLY A 76 13.32 -4.31 27.57
C GLY A 76 12.58 -4.20 28.89
N ARG A 77 11.32 -4.63 28.90
CA ARG A 77 10.48 -4.61 30.10
C ARG A 77 9.73 -5.94 30.19
N ALA A 78 10.30 -6.97 29.61
CA ALA A 78 9.64 -8.28 29.59
C ALA A 78 9.71 -8.92 30.98
N GLY A 79 8.56 -9.40 31.44
CA GLY A 79 8.48 -10.07 32.73
C GLY A 79 8.03 -11.50 32.56
N SER A 80 8.44 -12.11 31.46
CA SER A 80 8.05 -13.48 31.12
C SER A 80 8.83 -14.50 31.94
N GLY A 1 14.38 9.25 -10.94
CA GLY A 1 15.74 9.77 -11.29
C GLY A 1 15.73 11.24 -11.67
N SER A 2 16.79 11.67 -12.36
CA SER A 2 16.88 13.07 -12.79
C SER A 2 15.84 13.30 -13.88
N ARG A 3 15.14 14.43 -13.78
CA ARG A 3 14.11 14.83 -14.75
C ARG A 3 12.95 13.82 -14.86
N SER A 4 12.76 12.98 -13.85
CA SER A 4 11.67 11.98 -13.85
C SER A 4 10.32 12.57 -13.43
N PHE A 5 9.92 13.66 -14.06
CA PHE A 5 8.67 14.33 -13.72
C PHE A 5 8.17 15.15 -14.91
N SER A 6 6.89 15.51 -14.86
CA SER A 6 6.28 16.37 -15.86
C SER A 6 6.09 17.71 -15.21
N LEU A 7 6.12 18.75 -16.02
CA LEU A 7 6.06 20.12 -15.52
C LEU A 7 4.73 20.44 -14.84
N GLY A 8 3.67 19.77 -15.26
CA GLY A 8 2.38 19.98 -14.63
C GLY A 8 2.38 19.50 -13.19
N GLU A 9 3.12 18.43 -12.92
CA GLU A 9 3.19 17.87 -11.56
C GLU A 9 3.87 18.86 -10.63
N VAL A 10 4.75 19.70 -11.18
CA VAL A 10 5.43 20.70 -10.37
C VAL A 10 4.44 21.81 -9.97
N SER A 11 3.48 22.09 -10.84
CA SER A 11 2.44 23.07 -10.53
C SER A 11 1.52 22.50 -9.46
N ASP A 12 1.24 21.22 -9.54
CA ASP A 12 0.39 20.54 -8.56
C ASP A 12 1.11 20.49 -7.23
N MET A 13 2.42 20.35 -7.29
CA MET A 13 3.26 20.29 -6.09
C MET A 13 3.12 21.59 -5.30
N ALA A 14 3.13 22.72 -6.00
CA ALA A 14 3.03 24.01 -5.34
C ALA A 14 1.67 24.17 -4.67
N ALA A 15 0.64 23.61 -5.29
CA ALA A 15 -0.71 23.71 -4.77
C ALA A 15 -0.87 22.88 -3.49
N VAL A 16 -0.39 21.65 -3.52
CA VAL A 16 -0.54 20.74 -2.38
C VAL A 16 0.35 21.18 -1.22
N GLU A 17 1.52 21.69 -1.51
CA GLU A 17 2.44 22.19 -0.48
C GLU A 17 1.76 23.23 0.40
N ALA A 18 1.02 24.14 -0.21
CA ALA A 18 0.32 25.17 0.55
C ALA A 18 -0.73 24.54 1.49
N ALA A 19 -1.39 23.50 1.00
CA ALA A 19 -2.39 22.80 1.79
C ALA A 19 -1.74 22.02 2.94
N GLU A 20 -0.61 21.37 2.67
CA GLU A 20 0.08 20.59 3.70
C GLU A 20 0.48 21.49 4.85
N LEU A 21 0.93 22.69 4.51
CA LEU A 21 1.34 23.64 5.53
C LEU A 21 0.18 23.99 6.46
N GLU A 22 -1.00 24.29 5.93
CA GLU A 22 -2.12 24.61 6.80
C GLU A 22 -2.69 23.37 7.50
N MET A 23 -2.63 22.22 6.85
CA MET A 23 -3.12 20.98 7.45
C MET A 23 -2.25 20.60 8.64
N THR A 24 -0.94 20.82 8.52
CA THR A 24 -0.03 20.53 9.63
C THR A 24 -0.42 21.30 10.89
N ARG A 25 -0.87 22.53 10.71
CA ARG A 25 -1.31 23.36 11.83
C ARG A 25 -2.54 22.73 12.46
N GLN A 26 -3.45 22.34 11.59
CA GLN A 26 -4.72 21.76 12.01
C GLN A 26 -4.59 20.41 12.73
N VAL A 27 -3.75 19.50 12.23
CA VAL A 27 -3.60 18.18 12.84
C VAL A 27 -2.97 18.23 14.22
N LEU A 28 -2.15 19.24 14.44
CA LEU A 28 -1.50 19.45 15.74
C LEU A 28 -2.50 19.97 16.79
N HIS A 29 -3.70 20.31 16.36
CA HIS A 29 -4.75 20.77 17.27
C HIS A 29 -5.85 19.72 17.39
N ALA A 30 -5.70 18.62 16.65
CA ALA A 30 -6.68 17.55 16.66
C ALA A 30 -6.33 16.53 17.76
N GLY A 31 -7.24 15.59 18.02
CA GLY A 31 -6.99 14.57 19.04
C GLY A 31 -5.78 13.72 18.69
N ALA A 32 -5.60 13.50 17.40
CA ALA A 32 -4.43 12.82 16.85
C ALA A 32 -4.42 13.28 15.42
N ARG A 33 -3.28 13.09 14.77
CA ARG A 33 -3.06 13.56 13.41
C ARG A 33 -3.62 12.68 12.31
N GLN A 34 -3.53 11.37 12.50
CA GLN A 34 -4.03 10.36 11.54
C GLN A 34 -3.39 10.54 10.13
N ASP A 35 -2.13 10.94 10.12
CA ASP A 35 -1.40 11.26 8.88
C ASP A 35 -1.28 10.12 7.87
N ASP A 36 -1.12 8.91 8.38
CA ASP A 36 -0.77 7.74 7.56
C ASP A 36 -1.76 6.58 7.64
N ALA A 37 -3.00 6.89 7.97
CA ALA A 37 -4.02 5.85 8.16
C ALA A 37 -5.10 5.91 7.07
N GLU A 38 -4.68 5.98 5.81
CA GLU A 38 -5.65 6.00 4.72
C GLU A 38 -6.33 4.63 4.61
N PRO A 39 -7.62 4.60 4.20
CA PRO A 39 -8.33 3.34 4.00
C PRO A 39 -8.10 2.74 2.62
N GLY A 40 -6.83 2.59 2.30
CA GLY A 40 -6.43 2.08 1.02
C GLY A 40 -5.06 1.48 1.14
N VAL A 41 -4.58 1.05 0.00
CA VAL A 41 -3.29 0.37 -0.15
C VAL A 41 -2.27 1.36 -0.76
N SER A 42 -2.75 2.57 -1.01
CA SER A 42 -1.96 3.68 -1.56
C SER A 42 -1.17 3.36 -2.84
N GLY A 43 -1.58 2.40 -3.65
CA GLY A 43 -0.80 2.09 -4.84
C GLY A 43 -1.34 1.06 -5.80
N ALA A 44 -0.53 0.83 -6.84
CA ALA A 44 -0.80 -0.10 -7.96
C ALA A 44 -1.96 0.33 -8.87
N SER A 45 -1.95 -0.19 -10.09
CA SER A 45 -2.99 0.08 -11.11
C SER A 45 -3.35 1.57 -11.23
N ALA A 46 -2.36 2.44 -11.23
CA ALA A 46 -2.60 3.87 -11.21
C ALA A 46 -1.55 4.66 -11.99
N HIS A 47 -1.92 5.89 -12.35
CA HIS A 47 -0.99 6.82 -12.99
C HIS A 47 -0.49 7.80 -11.91
N TRP A 48 -1.34 8.73 -11.49
CA TRP A 48 -1.01 9.67 -10.41
C TRP A 48 -0.73 8.94 -9.10
N GLY A 49 -1.41 7.82 -8.93
CA GLY A 49 -1.22 6.93 -7.78
C GLY A 49 0.22 6.52 -7.56
N GLN A 50 1.01 6.45 -8.61
CA GLN A 50 2.42 6.07 -8.48
C GLN A 50 3.18 7.00 -7.53
N ARG A 51 2.77 8.26 -7.47
CA ARG A 51 3.41 9.21 -6.56
C ARG A 51 3.08 8.84 -5.12
N ALA A 52 1.88 8.30 -4.93
CA ALA A 52 1.46 7.89 -3.60
C ALA A 52 2.22 6.62 -3.20
N LEU A 53 2.28 5.65 -4.11
CA LEU A 53 2.93 4.38 -3.80
C LEU A 53 4.42 4.56 -3.59
N GLN A 54 5.05 5.47 -4.33
CA GLN A 54 6.47 5.71 -4.13
C GLN A 54 6.72 6.38 -2.78
N GLY A 55 5.74 7.14 -2.29
CA GLY A 55 5.81 7.72 -0.97
C GLY A 55 5.66 6.61 0.05
N ALA A 56 4.76 5.67 -0.22
CA ALA A 56 4.52 4.53 0.66
C ALA A 56 5.82 3.75 0.94
N GLN A 57 6.73 3.74 -0.02
CA GLN A 57 8.01 3.06 0.16
C GLN A 57 8.96 3.87 1.04
N ALA A 58 8.93 5.19 0.87
CA ALA A 58 9.80 6.07 1.63
C ALA A 58 9.37 6.06 3.10
N VAL A 59 8.07 6.16 3.33
CA VAL A 59 7.55 6.16 4.69
C VAL A 59 7.77 4.79 5.32
N ALA A 60 7.75 3.72 4.53
CA ALA A 60 7.96 2.37 5.06
C ALA A 60 9.30 2.24 5.77
N ALA A 61 10.30 3.03 5.37
CA ALA A 61 11.59 3.03 6.04
C ALA A 61 11.42 3.54 7.48
N ALA A 62 10.57 4.53 7.67
CA ALA A 62 10.28 5.06 9.00
C ALA A 62 9.41 4.06 9.77
N GLN A 63 8.47 3.43 9.10
CA GLN A 63 7.58 2.47 9.74
C GLN A 63 8.32 1.24 10.27
N ARG A 64 9.21 0.68 9.46
CA ARG A 64 9.98 -0.49 9.91
C ARG A 64 10.89 -0.09 11.06
N LEU A 65 11.26 1.18 11.10
CA LEU A 65 12.09 1.71 12.17
C LEU A 65 11.26 1.86 13.45
N VAL A 66 10.10 2.50 13.40
CA VAL A 66 9.31 2.72 14.62
C VAL A 66 8.91 1.38 15.21
N HIS A 67 8.61 0.44 14.33
CA HIS A 67 8.23 -0.88 14.73
C HIS A 67 9.38 -1.54 15.49
N ALA A 68 10.61 -1.29 15.07
CA ALA A 68 11.76 -1.89 15.74
C ALA A 68 11.79 -1.50 17.22
N ILE A 69 11.56 -0.23 17.52
CA ILE A 69 11.60 0.21 18.91
C ILE A 69 10.36 -0.31 19.65
N ALA A 70 9.24 -0.41 18.95
CA ALA A 70 8.02 -0.91 19.56
C ALA A 70 8.26 -2.33 20.09
N LEU A 71 9.16 -3.06 19.45
CA LEU A 71 9.51 -4.41 19.90
C LEU A 71 10.41 -4.32 21.11
N MET A 72 11.38 -3.44 21.05
CA MET A 72 12.32 -3.28 22.16
C MET A 72 11.63 -2.84 23.41
N THR A 73 10.51 -2.16 23.25
CA THR A 73 9.83 -1.63 24.42
C THR A 73 9.00 -2.72 25.08
N GLN A 74 8.42 -3.61 24.27
CA GLN A 74 7.67 -4.71 24.85
C GLN A 74 8.61 -5.80 25.36
N PHE A 75 9.77 -5.97 24.72
CA PHE A 75 10.74 -6.93 25.19
C PHE A 75 11.38 -6.39 26.47
N GLY A 76 11.47 -5.07 26.56
CA GLY A 76 11.99 -4.43 27.75
C GLY A 76 10.95 -4.28 28.84
N ARG A 77 9.78 -4.91 28.64
CA ARG A 77 8.65 -4.94 29.58
C ARG A 77 8.30 -3.55 30.07
N ALA A 78 8.51 -2.62 29.16
CA ALA A 78 8.21 -1.21 29.35
C ALA A 78 8.85 -0.59 30.59
N GLY A 79 9.97 -1.15 31.02
CA GLY A 79 10.68 -0.64 32.19
C GLY A 79 11.56 0.54 31.85
N SER A 80 10.95 1.59 31.29
CA SER A 80 11.63 2.82 30.85
C SER A 80 12.84 2.54 29.96
N GLY A 1 -3.35 -14.69 56.68
CA GLY A 1 -3.73 -13.73 55.61
C GLY A 1 -3.01 -14.00 54.29
N SER A 2 -3.60 -13.53 53.19
CA SER A 2 -3.01 -13.70 51.87
C SER A 2 -1.69 -12.96 51.78
N ARG A 3 -0.71 -13.57 51.10
CA ARG A 3 0.59 -12.93 50.89
C ARG A 3 0.95 -12.91 49.41
N SER A 4 0.20 -13.63 48.60
CA SER A 4 0.42 -13.65 47.16
C SER A 4 -0.11 -12.35 46.55
N PHE A 5 -1.01 -11.70 47.29
CA PHE A 5 -1.60 -10.43 46.91
C PHE A 5 -2.16 -9.84 48.18
N SER A 6 -2.21 -8.52 48.26
CA SER A 6 -2.75 -7.82 49.44
C SER A 6 -4.18 -7.34 49.20
N LEU A 7 -4.95 -8.21 48.56
CA LEU A 7 -6.40 -8.04 48.28
C LEU A 7 -6.84 -6.90 47.37
N GLY A 8 -6.39 -5.67 47.60
CA GLY A 8 -6.77 -4.58 46.71
C GLY A 8 -6.18 -4.81 45.34
N GLU A 9 -5.03 -5.47 45.35
CA GLU A 9 -4.29 -5.81 44.13
C GLU A 9 -5.02 -6.81 43.25
N VAL A 10 -5.96 -7.56 43.83
CA VAL A 10 -6.74 -8.54 43.08
C VAL A 10 -7.55 -7.82 41.99
N SER A 11 -7.88 -6.56 42.23
CA SER A 11 -8.62 -5.77 41.24
C SER A 11 -7.77 -5.50 40.00
N ASP A 12 -6.50 -5.19 40.23
CA ASP A 12 -5.56 -4.89 39.15
C ASP A 12 -5.16 -6.18 38.46
N MET A 13 -5.14 -7.25 39.24
CA MET A 13 -4.82 -8.58 38.72
C MET A 13 -5.83 -8.94 37.66
N ALA A 14 -7.11 -8.72 37.95
CA ALA A 14 -8.15 -9.06 36.99
C ALA A 14 -8.01 -8.27 35.69
N ALA A 15 -7.52 -7.03 35.80
CA ALA A 15 -7.35 -6.18 34.63
C ALA A 15 -6.20 -6.68 33.74
N VAL A 16 -5.06 -6.98 34.35
CA VAL A 16 -3.90 -7.45 33.60
C VAL A 16 -4.14 -8.86 33.05
N GLU A 17 -4.85 -9.67 33.80
CA GLU A 17 -5.22 -11.02 33.35
C GLU A 17 -6.03 -10.91 32.06
N ALA A 18 -6.97 -9.98 32.02
CA ALA A 18 -7.78 -9.78 30.82
C ALA A 18 -6.90 -9.31 29.65
N ALA A 19 -5.90 -8.48 29.96
CA ALA A 19 -4.99 -7.97 28.95
C ALA A 19 -4.14 -9.12 28.39
N GLU A 20 -3.64 -10.00 29.25
CA GLU A 20 -2.82 -11.14 28.81
C GLU A 20 -3.63 -12.04 27.90
N LEU A 21 -4.88 -12.25 28.28
CA LEU A 21 -5.79 -13.08 27.49
C LEU A 21 -5.98 -12.48 26.09
N GLU A 22 -6.09 -11.16 26.00
CA GLU A 22 -6.24 -10.55 24.68
C GLU A 22 -4.90 -10.57 23.93
N MET A 23 -3.79 -10.44 24.65
CA MET A 23 -2.45 -10.46 24.06
C MET A 23 -2.17 -11.80 23.41
N THR A 24 -2.77 -12.85 23.95
CA THR A 24 -2.57 -14.21 23.45
C THR A 24 -2.86 -14.32 21.95
N ARG A 25 -3.84 -13.61 21.43
CA ARG A 25 -4.15 -13.73 20.00
C ARG A 25 -3.01 -13.20 19.13
N GLN A 26 -2.32 -12.18 19.62
CA GLN A 26 -1.21 -11.56 18.89
C GLN A 26 0.07 -12.40 18.90
N VAL A 27 0.47 -12.87 20.08
CA VAL A 27 1.75 -13.59 20.24
C VAL A 27 1.85 -14.90 19.47
N LEU A 28 0.73 -15.56 19.27
CA LEU A 28 0.69 -16.83 18.53
C LEU A 28 1.09 -16.70 17.05
N HIS A 29 1.21 -15.47 16.57
CA HIS A 29 1.60 -15.19 15.19
C HIS A 29 2.90 -14.41 15.10
N ALA A 30 3.65 -14.35 16.21
CA ALA A 30 4.91 -13.62 16.26
C ALA A 30 6.01 -14.58 16.73
N GLY A 31 7.21 -14.41 16.19
CA GLY A 31 8.34 -15.28 16.55
C GLY A 31 8.20 -16.65 15.89
N ALA A 32 7.18 -16.78 15.06
CA ALA A 32 6.84 -18.01 14.38
C ALA A 32 5.99 -17.53 13.22
N ARG A 33 5.66 -18.44 12.30
CA ARG A 33 4.83 -18.19 11.11
C ARG A 33 5.40 -17.23 10.05
N GLN A 34 6.21 -16.26 10.48
CA GLN A 34 6.88 -15.27 9.62
C GLN A 34 5.93 -14.27 8.98
N ASP A 35 4.78 -14.08 9.60
CA ASP A 35 3.84 -13.05 9.18
C ASP A 35 4.42 -11.74 9.72
N ASP A 36 5.17 -11.90 10.80
CA ASP A 36 5.81 -10.79 11.52
C ASP A 36 7.19 -10.48 10.99
N ALA A 37 7.48 -11.02 9.82
CA ALA A 37 8.77 -10.83 9.15
C ALA A 37 8.69 -9.69 8.15
N GLU A 38 7.62 -8.90 8.29
CA GLU A 38 7.28 -7.75 7.41
C GLU A 38 7.96 -7.71 6.00
N PRO A 39 7.52 -8.58 5.09
CA PRO A 39 7.98 -8.77 3.70
C PRO A 39 8.10 -7.50 2.86
N GLY A 40 7.19 -6.55 3.07
CA GLY A 40 7.20 -5.32 2.29
C GLY A 40 6.97 -5.56 0.81
N VAL A 41 6.19 -6.59 0.53
CA VAL A 41 5.90 -7.02 -0.83
C VAL A 41 5.29 -5.86 -1.65
N SER A 42 5.81 -5.69 -2.86
CA SER A 42 5.39 -4.63 -3.75
C SER A 42 5.41 -5.18 -5.17
N GLY A 43 4.83 -4.48 -6.13
CA GLY A 43 4.83 -4.94 -7.51
C GLY A 43 3.63 -4.57 -8.34
N ALA A 44 2.55 -4.13 -7.70
CA ALA A 44 1.35 -3.73 -8.44
C ALA A 44 1.65 -2.52 -9.35
N SER A 45 1.25 -2.63 -10.61
CA SER A 45 1.47 -1.56 -11.58
C SER A 45 0.54 -0.38 -11.30
N ALA A 46 1.03 0.82 -11.50
CA ALA A 46 0.23 2.02 -11.29
C ALA A 46 0.76 3.18 -12.14
N HIS A 47 -0.14 4.07 -12.55
CA HIS A 47 0.25 5.25 -13.33
C HIS A 47 0.49 6.44 -12.37
N TRP A 48 -0.58 7.03 -11.88
CA TRP A 48 -0.50 8.15 -10.94
C TRP A 48 0.04 7.66 -9.60
N GLY A 49 -0.19 6.37 -9.38
CA GLY A 49 0.29 5.68 -8.19
C GLY A 49 1.77 5.82 -7.95
N GLN A 50 2.56 5.99 -9.00
CA GLN A 50 4.01 6.15 -8.86
C GLN A 50 4.39 7.29 -7.91
N ARG A 51 3.66 8.39 -7.95
CA ARG A 51 3.95 9.52 -7.07
C ARG A 51 3.61 9.15 -5.64
N ALA A 52 2.61 8.31 -5.48
CA ALA A 52 2.22 7.83 -4.16
C ALA A 52 3.28 6.85 -3.64
N LEU A 53 3.66 5.89 -4.48
CA LEU A 53 4.59 4.84 -4.06
C LEU A 53 5.96 5.39 -3.75
N GLN A 54 6.41 6.39 -4.49
CA GLN A 54 7.73 6.95 -4.22
C GLN A 54 7.81 7.53 -2.80
N GLY A 55 6.67 7.97 -2.27
CA GLY A 55 6.63 8.43 -0.89
C GLY A 55 6.46 7.23 0.02
N ALA A 56 5.61 6.28 -0.40
CA ALA A 56 5.34 5.07 0.39
C ALA A 56 6.62 4.30 0.74
N GLN A 57 7.54 4.24 -0.20
CA GLN A 57 8.81 3.56 0.03
C GLN A 57 9.64 4.26 1.11
N ALA A 58 9.69 5.58 1.03
CA ALA A 58 10.49 6.37 1.98
C ALA A 58 9.88 6.27 3.38
N VAL A 59 8.57 6.38 3.47
CA VAL A 59 7.92 6.31 4.78
C VAL A 59 7.97 4.89 5.32
N ALA A 60 7.97 3.88 4.46
CA ALA A 60 8.00 2.48 4.92
C ALA A 60 9.25 2.22 5.76
N ALA A 61 10.36 2.84 5.41
CA ALA A 61 11.58 2.68 6.17
C ALA A 61 11.38 3.26 7.58
N ALA A 62 10.63 4.34 7.70
CA ALA A 62 10.33 4.95 8.99
C ALA A 62 9.34 4.10 9.79
N GLN A 63 8.41 3.46 9.11
CA GLN A 63 7.41 2.62 9.76
C GLN A 63 8.04 1.36 10.33
N ARG A 64 8.94 0.74 9.59
CA ARG A 64 9.62 -0.45 10.12
C ARG A 64 10.60 -0.04 11.20
N LEU A 65 11.08 1.19 11.10
CA LEU A 65 11.97 1.74 12.13
C LEU A 65 11.19 1.87 13.43
N VAL A 66 10.02 2.48 13.39
CA VAL A 66 9.25 2.69 14.63
C VAL A 66 8.87 1.35 15.22
N HIS A 67 8.58 0.41 14.34
CA HIS A 67 8.25 -0.94 14.73
C HIS A 67 9.42 -1.57 15.47
N ALA A 68 10.64 -1.30 15.05
CA ALA A 68 11.81 -1.87 15.70
C ALA A 68 11.87 -1.46 17.17
N ILE A 69 11.62 -0.19 17.47
CA ILE A 69 11.68 0.27 18.86
C ILE A 69 10.50 -0.28 19.63
N ALA A 70 9.35 -0.41 18.97
CA ALA A 70 8.15 -0.93 19.61
C ALA A 70 8.44 -2.35 20.15
N LEU A 71 9.35 -3.06 19.50
CA LEU A 71 9.73 -4.39 19.97
C LEU A 71 10.65 -4.26 21.15
N MET A 72 11.59 -3.34 21.06
CA MET A 72 12.55 -3.12 22.14
C MET A 72 11.88 -2.68 23.40
N THR A 73 10.72 -2.07 23.28
CA THR A 73 10.04 -1.55 24.46
C THR A 73 9.26 -2.66 25.14
N GLN A 74 8.72 -3.60 24.37
CA GLN A 74 8.02 -4.73 24.97
C GLN A 74 9.03 -5.78 25.45
N PHE A 75 10.18 -5.90 24.80
CA PHE A 75 11.19 -6.83 25.24
C PHE A 75 11.94 -6.27 26.44
N GLY A 76 12.02 -4.95 26.52
CA GLY A 76 12.76 -4.31 27.60
C GLY A 76 14.26 -4.46 27.44
N ARG A 77 14.72 -4.67 26.21
CA ARG A 77 16.15 -4.91 25.93
C ARG A 77 16.74 -3.83 25.03
N ALA A 78 16.20 -2.63 25.10
CA ALA A 78 16.69 -1.52 24.29
C ALA A 78 18.16 -1.25 24.65
N GLY A 79 19.04 -1.28 23.65
CA GLY A 79 20.47 -1.07 23.89
C GLY A 79 20.88 0.38 23.94
N SER A 80 19.95 1.27 24.32
CA SER A 80 20.18 2.72 24.42
C SER A 80 19.14 3.39 25.31
#